data_8XZ8
#
_entry.id   8XZ8
#
_cell.length_a   1.00
_cell.length_b   1.00
_cell.length_c   1.00
_cell.angle_alpha   90.00
_cell.angle_beta   90.00
_cell.angle_gamma   90.00
#
_symmetry.space_group_name_H-M   'P 1'
#
loop_
_entity.id
_entity.type
_entity.pdbx_description
1 polymer 'Angiotensin-converting enzyme'
2 polymer 'Spike glycoprotein'
3 branched beta-D-mannopyranose-(1-4)-2-acetamido-2-deoxy-beta-D-glucopyranose
4 non-polymer 'ZINC ION'
5 non-polymer 'CHLORIDE ION'
6 non-polymer 2-acetamido-2-deoxy-beta-D-glucopyranose
#
loop_
_entity_poly.entity_id
_entity_poly.type
_entity_poly.pdbx_seq_one_letter_code
_entity_poly.pdbx_strand_id
1 'polypeptide(L)'
;MTGSFWLLLSLVAVTAAQSTTEEQAKTFLEKFNHEAEDLSYQSSLASWNYNTNITDENVQKMNEARAKWSAFYEEQSRMA
KTYSLEEIQNLTLKRQLKALQHSGTSALSAEKSKRLNTILNKMSTIYSTGKVLDPNTQECLALEPGLDDIMENSRDYNRR
LWAWEGWRAEVGKQLRPLYEEYVVLENEMARANNYEDYGDYWRGDYEVTGAGDYDYSRDQLMKDVERTFAEIKPLYEQLH
AYVRAKLMHTYPSYISPTGCLPAHLLGDMWGRFWTNLYSLTVPFEHKPSIDVTEKMENQSWDAERIFKEAEKFFVSISLP
YMTQGFWDNSMLTEPGDGRKVVCHPTAWDLGKGDFRIKMCTKVTMDDFLTAHHEMGHIQYDMAYAAQPYLLRNGANEGFH
EAVGEIMSLSAATPHYLKALGLLAPDFHEDNETEINFLLKQALTIVGTLPFTYMLEKWRWMVFKGEIPKQQWMEKWWEMK
REIVGVVEPLPHDETYCDPACLFHVAEDYSFIRYYTRTIYQFQFHEALCKTAKHEGALFKCDISNSTEAGQRLLQMLRLG
KSEPWTLALENIVGIKTMDVKPLLNYFEPLFTWLKEQNRNSFVGWSTEWTPYSDQSIKVRISLKSALGENAYEWNDNEMY
LFQSSVAYAMRKYFSEARNETVLFGEDNVWVSDKKPRISFKFFVTSPNNVSDIIPRTEVENAIRLSRDRFNDVFQLDDNS
LEFLGIQPTLGPPYEPPVTIWLIIFGVVMGVVVIGIVVLIFTGIRNRRKKNQASSEENPYGSVDLNKGENNSGFQNIDDV
QTSL
;
A
2 'polypeptide(L)'
;ATMFVFLVLLPLVSSQCVMPLFNLITTTQSYTNSFTRGVYYPDKVFRSSVLHLTQDLFLPFFSNVTWFHAISGTNGTKRF
DNPVLPFNDGVYFASTEKSNIIRGWIFGTTLDSKTQSLLIVNNATNVFIKVCEFQFCNDPFLDVYHKNNKSWMESESGVY
SSANNCTFEYVSQPFLMDLEGKQGNFKNLREFVFKNIDGYFKIYSKHTPIIGRDFPQGFSALEPLVDLPIGINITRFQTL
LALNRSYLTPGDSSSGWTAGAADYYVGYLQPRTFLLKYNENGTITDAVDCALDPLSETKCTLKSFTVEKGIYQTSNFRVQ
PTESIVRFPNVTNLCPFHEVFNATRFASVYAWNRTRISNCVADYSVLYNFAPFFAFKCYGVSPTKLNDLCFTNVYADSFV
IKGNEVSQIAPGQTGNIADYNYKLPDDFTGCVIAWNSNKLDSKHSGNYDYWYRLFRKSKLKPFERDISTEIYQAGNKPCK
GKGPNCYFPLQSYGFRPTYGVGHQPYRVVVLSFELLHAPATVCGPKKSTNLVKNKCVNFNFNGLTGTGVLTKSNKKFLPF
QQFGRDIVDTTDAVRDPQTLEILDITPCSFGGVSVITPGTNTSNQVAVLYQGVNCTEVSVAIHADQLTPTWRVYSTGSNV
FQTRAGCLIGAEYVNNSYECDIPIGAGICASYQTQTKSRRAAASVASQSIIAYTMSLGAENSVAYSNNSIAIPTNFTISV
TTEILPVSMTKTSVDCTMYICGDSTECSNLLLQYGSFCTQLKRALTGIAVEQDKNTQEVFAQVKQIYKTPPIKYFGGFNF
SQILPDPSKPSKRSPIEDLLFNKVTLADAGFIKQYGDCLGDIAARDLICAQKFNGLTVLPPLLTDEMIAQYTSALLAGTI
TSGWTFGAGPALQIPFPMQMAYRFNGIGVTQNVLYENQKLIANQFNSAIGKIQDSLFSTPSALGKLQDVVNHNAQALNTL
VKQLSSKFGAISSVLNDILSRLDPPEAEVQIDRLITGRLQSLQTYVTQQLIRAAEIRASANLAATKMSECVLGQSKRVDF
CGKGYHLMSFPQSAPHGVVFLHVTYVPAQEKNFTTAPAICHDGKAHFPREGVFVSNGTHWFVTQRNFYEPQIITTDNTFV
SGNCDVVIGIVNNTVYDPLQLELDSFKEELDKYFKNHTSPDVDLGDISGINASVVNIQKEIDRLNEVAKNLNESLIDLQE
LGKYEQ
;
B,C,D
#
loop_
_chem_comp.id
_chem_comp.type
_chem_comp.name
_chem_comp.formula
BMA D-saccharide, beta linking beta-D-mannopyranose 'C6 H12 O6'
CL non-polymer 'CHLORIDE ION' 'Cl -1'
NAG D-saccharide, beta linking 2-acetamido-2-deoxy-beta-D-glucopyranose 'C8 H15 N O6'
ZN non-polymer 'ZINC ION' 'Zn 2'
#
# COMPACT_ATOMS: atom_id res chain seq x y z
N SER A 19 14.97 -21.83 -66.31
CA SER A 19 14.41 -21.98 -67.65
C SER A 19 15.39 -21.49 -68.72
N THR A 20 15.88 -20.26 -68.55
CA THR A 20 16.83 -19.69 -69.48
C THR A 20 18.20 -20.36 -69.34
N THR A 21 19.02 -20.22 -70.38
CA THR A 21 20.35 -20.82 -70.37
C THR A 21 21.25 -20.24 -69.31
N GLU A 22 20.97 -19.01 -68.85
CA GLU A 22 21.82 -18.38 -67.84
C GLU A 22 21.78 -19.15 -66.51
N GLU A 23 20.58 -19.57 -66.10
CA GLU A 23 20.47 -20.33 -64.86
C GLU A 23 21.18 -21.68 -64.95
N GLN A 24 21.05 -22.36 -66.08
CA GLN A 24 21.78 -23.62 -66.27
C GLN A 24 23.29 -23.39 -66.24
N ALA A 25 23.75 -22.31 -66.88
CA ALA A 25 25.17 -21.99 -66.85
C ALA A 25 25.64 -21.72 -65.42
N LYS A 26 24.86 -20.98 -64.63
CA LYS A 26 25.27 -20.69 -63.26
C LYS A 26 25.31 -21.97 -62.42
N THR A 27 24.32 -22.84 -62.58
CA THR A 27 24.32 -24.10 -61.84
C THR A 27 25.54 -24.95 -62.21
N PHE A 28 25.84 -25.04 -63.51
CA PHE A 28 26.98 -25.84 -63.93
C PHE A 28 28.30 -25.21 -63.48
N LEU A 29 28.36 -23.88 -63.42
CA LEU A 29 29.58 -23.26 -62.89
C LEU A 29 29.75 -23.52 -61.41
N GLU A 30 28.66 -23.54 -60.64
CA GLU A 30 28.80 -23.91 -59.23
C GLU A 30 29.29 -25.34 -59.10
N LYS A 31 28.71 -26.26 -59.89
CA LYS A 31 29.19 -27.64 -59.89
C LYS A 31 30.67 -27.74 -60.26
N PHE A 32 31.06 -27.07 -61.33
CA PHE A 32 32.45 -27.07 -61.77
C PHE A 32 33.36 -26.47 -60.72
N ASN A 33 32.95 -25.34 -60.13
CA ASN A 33 33.71 -24.72 -59.06
C ASN A 33 34.03 -25.75 -57.98
N HIS A 34 32.99 -26.37 -57.41
CA HIS A 34 33.21 -27.28 -56.28
C HIS A 34 34.05 -28.49 -56.69
N GLU A 35 33.67 -29.13 -57.80
CA GLU A 35 34.32 -30.40 -58.14
C GLU A 35 35.77 -30.16 -58.58
N ALA A 36 35.99 -29.13 -59.41
CA ALA A 36 37.34 -28.76 -59.80
C ALA A 36 38.16 -28.28 -58.62
N GLU A 37 37.53 -27.64 -57.62
CA GLU A 37 38.26 -27.30 -56.40
C GLU A 37 38.75 -28.55 -55.70
N ASP A 38 37.87 -29.54 -55.52
CA ASP A 38 38.29 -30.78 -54.89
C ASP A 38 39.47 -31.40 -55.62
N LEU A 39 39.33 -31.56 -56.94
CA LEU A 39 40.36 -32.25 -57.71
C LEU A 39 41.65 -31.43 -57.79
N SER A 40 41.55 -30.11 -57.91
CA SER A 40 42.74 -29.27 -57.98
C SER A 40 43.45 -29.23 -56.64
N TYR A 41 42.71 -29.25 -55.53
CA TYR A 41 43.34 -29.31 -54.22
C TYR A 41 44.11 -30.61 -54.09
N GLN A 42 43.51 -31.73 -54.50
CA GLN A 42 44.22 -33.01 -54.45
C GLN A 42 45.48 -32.96 -55.30
N SER A 43 45.37 -32.41 -56.52
CA SER A 43 46.51 -32.37 -57.43
C SER A 43 47.62 -31.47 -56.90
N SER A 44 47.25 -30.33 -56.30
CA SER A 44 48.26 -29.41 -55.78
C SER A 44 48.92 -29.93 -54.52
N LEU A 45 48.18 -30.63 -53.66
CA LEU A 45 48.81 -31.32 -52.54
C LEU A 45 49.76 -32.40 -53.04
N ALA A 46 49.38 -33.11 -54.10
CA ALA A 46 50.29 -34.08 -54.71
C ALA A 46 51.53 -33.40 -55.26
N SER A 47 51.37 -32.20 -55.84
CA SER A 47 52.52 -31.45 -56.34
C SER A 47 53.45 -31.04 -55.21
N TRP A 48 52.90 -30.61 -54.09
CA TRP A 48 53.75 -30.29 -52.93
C TRP A 48 54.41 -31.54 -52.37
N ASN A 49 53.72 -32.68 -52.42
CA ASN A 49 54.35 -33.95 -52.07
C ASN A 49 55.53 -34.24 -53.00
N TYR A 50 55.35 -34.00 -54.30
CA TYR A 50 56.48 -34.09 -55.24
C TYR A 50 57.63 -33.19 -54.81
N ASN A 51 57.30 -31.96 -54.42
CA ASN A 51 58.34 -31.00 -54.06
C ASN A 51 59.10 -31.44 -52.81
N THR A 52 58.42 -32.09 -51.87
CA THR A 52 59.06 -32.47 -50.62
C THR A 52 59.68 -33.88 -50.67
N ASN A 53 58.85 -34.91 -50.86
CA ASN A 53 59.29 -36.30 -50.88
C ASN A 53 59.06 -36.86 -52.28
N ILE A 54 60.13 -37.25 -52.96
CA ILE A 54 60.09 -37.58 -54.38
C ILE A 54 60.06 -39.10 -54.60
N THR A 55 59.57 -39.86 -53.62
CA THR A 55 59.57 -41.31 -53.72
C THR A 55 58.67 -41.79 -54.88
N ASP A 56 58.96 -43.00 -55.36
CA ASP A 56 58.17 -43.58 -56.43
C ASP A 56 56.70 -43.75 -56.03
N GLU A 57 56.44 -43.93 -54.74
CA GLU A 57 55.06 -44.06 -54.27
C GLU A 57 54.27 -42.79 -54.57
N ASN A 58 54.79 -41.63 -54.19
CA ASN A 58 54.06 -40.40 -54.49
C ASN A 58 54.17 -40.04 -55.96
N VAL A 59 55.18 -40.56 -56.68
CA VAL A 59 55.20 -40.42 -58.13
C VAL A 59 53.97 -41.07 -58.73
N GLN A 60 53.69 -42.32 -58.35
CA GLN A 60 52.48 -42.99 -58.84
C GLN A 60 51.22 -42.29 -58.34
N LYS A 61 51.23 -41.84 -57.08
CA LYS A 61 50.08 -41.13 -56.53
C LYS A 61 49.74 -39.90 -57.36
N MET A 62 50.76 -39.10 -57.69
CA MET A 62 50.56 -37.94 -58.55
C MET A 62 50.12 -38.37 -59.94
N ASN A 63 50.63 -39.51 -60.42
CA ASN A 63 50.19 -40.01 -61.72
C ASN A 63 48.68 -40.21 -61.75
N GLU A 64 48.15 -40.97 -60.79
CA GLU A 64 46.70 -41.20 -60.78
C GLU A 64 45.92 -39.93 -60.47
N ALA A 65 46.45 -39.07 -59.59
CA ALA A 65 45.75 -37.84 -59.25
C ALA A 65 45.62 -36.93 -60.47
N ARG A 66 46.71 -36.77 -61.22
CA ARG A 66 46.68 -35.95 -62.42
C ARG A 66 45.80 -36.58 -63.50
N ALA A 67 45.82 -37.91 -63.61
CA ALA A 67 44.92 -38.58 -64.56
C ALA A 67 43.46 -38.28 -64.22
N LYS A 68 43.11 -38.40 -62.94
CA LYS A 68 41.73 -38.14 -62.53
C LYS A 68 41.36 -36.68 -62.73
N TRP A 69 42.26 -35.75 -62.39
CA TRP A 69 41.97 -34.33 -62.58
C TRP A 69 41.79 -34.00 -64.06
N SER A 70 42.65 -34.53 -64.92
CA SER A 70 42.51 -34.27 -66.35
C SER A 70 41.23 -34.87 -66.89
N ALA A 71 40.87 -36.08 -66.46
CA ALA A 71 39.64 -36.70 -66.92
C ALA A 71 38.43 -35.89 -66.47
N PHE A 72 38.42 -35.43 -65.22
CA PHE A 72 37.31 -34.61 -64.72
C PHE A 72 37.21 -33.30 -65.48
N TYR A 73 38.34 -32.63 -65.71
CA TYR A 73 38.32 -31.37 -66.45
C TYR A 73 37.81 -31.59 -67.87
N GLU A 74 38.27 -32.65 -68.54
CA GLU A 74 37.82 -32.92 -69.90
C GLU A 74 36.33 -33.22 -69.93
N GLU A 75 35.83 -34.03 -68.99
CA GLU A 75 34.41 -34.36 -68.97
C GLU A 75 33.56 -33.12 -68.70
N GLN A 76 33.99 -32.28 -67.76
CA GLN A 76 33.26 -31.05 -67.48
C GLN A 76 33.24 -30.14 -68.70
N SER A 77 34.37 -30.01 -69.39
CA SER A 77 34.41 -29.19 -70.60
C SER A 77 33.47 -29.76 -71.68
N ARG A 78 33.50 -31.08 -71.87
CA ARG A 78 32.65 -31.71 -72.88
C ARG A 78 31.18 -31.46 -72.59
N MET A 79 30.77 -31.62 -71.32
CA MET A 79 29.38 -31.37 -70.98
C MET A 79 29.07 -29.87 -71.02
N ALA A 80 30.09 -29.02 -70.92
CA ALA A 80 29.89 -27.59 -71.08
C ALA A 80 29.76 -27.16 -72.53
N LYS A 81 30.24 -27.98 -73.47
CA LYS A 81 30.16 -27.62 -74.89
C LYS A 81 28.72 -27.50 -75.37
N THR A 82 27.76 -28.04 -74.64
CA THR A 82 26.35 -27.94 -75.04
C THR A 82 25.79 -26.54 -74.82
N TYR A 83 26.52 -25.65 -74.17
CA TYR A 83 26.04 -24.31 -73.88
C TYR A 83 26.50 -23.33 -74.94
N SER A 84 25.69 -22.30 -75.19
CA SER A 84 25.97 -21.30 -76.19
C SER A 84 26.34 -19.97 -75.54
N LEU A 85 27.29 -19.27 -76.15
CA LEU A 85 27.76 -17.99 -75.61
C LEU A 85 26.89 -16.81 -76.01
N GLU A 86 26.00 -16.98 -76.98
CA GLU A 86 25.20 -15.86 -77.48
C GLU A 86 24.01 -15.52 -76.59
N GLU A 87 23.48 -16.49 -75.83
CA GLU A 87 22.24 -16.31 -75.10
C GLU A 87 22.48 -15.99 -73.62
N ILE A 88 23.68 -15.55 -73.27
CA ILE A 88 24.07 -15.25 -71.90
C ILE A 88 24.66 -13.84 -71.84
N GLN A 89 24.20 -13.03 -70.90
CA GLN A 89 24.55 -11.62 -70.83
C GLN A 89 25.53 -11.26 -69.72
N ASN A 90 25.53 -11.99 -68.60
CA ASN A 90 26.42 -11.67 -67.49
C ASN A 90 27.88 -11.84 -67.92
N LEU A 91 28.70 -10.82 -67.62
CA LEU A 91 30.09 -10.83 -68.09
C LEU A 91 30.92 -11.89 -67.38
N THR A 92 30.76 -12.01 -66.05
CA THR A 92 31.54 -12.99 -65.31
C THR A 92 31.22 -14.40 -65.77
N LEU A 93 29.93 -14.72 -65.90
CA LEU A 93 29.52 -16.05 -66.36
C LEU A 93 29.95 -16.28 -67.80
N LYS A 94 29.87 -15.24 -68.63
CA LYS A 94 30.32 -15.35 -70.02
C LYS A 94 31.80 -15.73 -70.09
N ARG A 95 32.65 -15.01 -69.34
CA ARG A 95 34.07 -15.32 -69.37
C ARG A 95 34.34 -16.70 -68.76
N GLN A 96 33.54 -17.11 -67.78
CA GLN A 96 33.71 -18.45 -67.22
C GLN A 96 33.41 -19.53 -68.26
N LEU A 97 32.30 -19.38 -69.01
CA LEU A 97 32.02 -20.34 -70.06
C LEU A 97 33.07 -20.30 -71.16
N LYS A 98 33.59 -19.10 -71.48
CA LYS A 98 34.66 -19.02 -72.47
C LYS A 98 35.89 -19.79 -72.01
N ALA A 99 36.25 -19.67 -70.74
CA ALA A 99 37.35 -20.46 -70.20
C ALA A 99 37.04 -21.95 -70.23
N LEU A 100 35.76 -22.31 -70.03
CA LEU A 100 35.37 -23.72 -70.09
C LEU A 100 35.49 -24.28 -71.50
N GLN A 101 35.17 -23.48 -72.52
CA GLN A 101 35.10 -23.94 -73.89
C GLN A 101 36.47 -24.09 -74.56
N HIS A 102 37.55 -23.75 -73.87
CA HIS A 102 38.87 -23.92 -74.46
C HIS A 102 39.24 -25.39 -74.49
N SER A 103 38.85 -26.08 -75.56
CA SER A 103 39.09 -27.51 -75.67
C SER A 103 40.59 -27.82 -75.71
N GLY A 104 41.35 -27.07 -76.50
CA GLY A 104 42.77 -27.32 -76.59
C GLY A 104 43.06 -28.52 -77.47
N THR A 105 43.59 -29.58 -76.86
CA THR A 105 44.01 -30.76 -77.63
C THR A 105 42.84 -31.61 -78.10
N SER A 106 41.69 -31.53 -77.42
CA SER A 106 40.58 -32.42 -77.73
C SER A 106 39.80 -31.99 -78.97
N ALA A 107 40.04 -30.79 -79.50
CA ALA A 107 39.32 -30.37 -80.69
C ALA A 107 39.75 -31.17 -81.92
N LEU A 108 40.91 -31.79 -81.87
CA LEU A 108 41.48 -32.51 -83.00
C LEU A 108 41.37 -34.02 -82.75
N SER A 109 41.81 -34.81 -83.73
CA SER A 109 41.57 -36.25 -83.68
C SER A 109 42.44 -36.91 -82.63
N ALA A 110 42.02 -38.13 -82.23
CA ALA A 110 42.71 -38.84 -81.17
C ALA A 110 44.12 -39.25 -81.58
N GLU A 111 44.28 -39.75 -82.82
CA GLU A 111 45.61 -40.14 -83.28
C GLU A 111 46.55 -38.95 -83.33
N LYS A 112 46.06 -37.81 -83.83
CA LYS A 112 46.90 -36.61 -83.89
C LYS A 112 47.24 -36.12 -82.48
N SER A 113 46.28 -36.17 -81.56
CA SER A 113 46.54 -35.72 -80.20
C SER A 113 47.56 -36.60 -79.49
N LYS A 114 47.46 -37.92 -79.66
CA LYS A 114 48.44 -38.80 -79.03
C LYS A 114 49.80 -38.64 -79.69
N ARG A 115 49.84 -38.38 -81.00
CA ARG A 115 51.10 -38.06 -81.64
C ARG A 115 51.72 -36.81 -81.02
N LEU A 116 50.91 -35.78 -80.83
CA LEU A 116 51.43 -34.52 -80.27
C LEU A 116 51.95 -34.72 -78.85
N ASN A 117 51.22 -35.49 -78.03
CA ASN A 117 51.67 -35.67 -76.65
C ASN A 117 52.92 -36.54 -76.59
N THR A 118 53.03 -37.54 -77.47
CA THR A 118 54.25 -38.33 -77.53
C THR A 118 55.44 -37.48 -77.95
N ILE A 119 55.24 -36.58 -78.92
CA ILE A 119 56.36 -35.73 -79.33
C ILE A 119 56.73 -34.74 -78.22
N LEU A 120 55.76 -34.25 -77.44
CA LEU A 120 56.11 -33.37 -76.33
C LEU A 120 56.89 -34.12 -75.26
N ASN A 121 56.51 -35.38 -75.00
CA ASN A 121 57.31 -36.20 -74.09
C ASN A 121 58.71 -36.43 -74.64
N LYS A 122 58.81 -36.61 -75.97
CA LYS A 122 60.12 -36.73 -76.61
C LYS A 122 60.96 -35.48 -76.39
N MET A 123 60.35 -34.30 -76.54
CA MET A 123 61.04 -33.05 -76.27
C MET A 123 61.55 -33.00 -74.85
N SER A 124 60.68 -33.34 -73.88
CA SER A 124 61.07 -33.29 -72.48
C SER A 124 62.25 -34.22 -72.22
N THR A 125 62.18 -35.45 -72.74
CA THR A 125 63.26 -36.41 -72.53
C THR A 125 64.56 -35.94 -73.16
N ILE A 126 64.49 -35.41 -74.39
CA ILE A 126 65.70 -34.98 -75.09
C ILE A 126 66.35 -33.81 -74.38
N TYR A 127 65.56 -32.82 -73.95
CA TYR A 127 66.13 -31.67 -73.27
C TYR A 127 66.67 -32.04 -71.89
N SER A 128 65.97 -32.92 -71.17
CA SER A 128 66.46 -33.34 -69.86
C SER A 128 67.70 -34.23 -69.96
N THR A 129 67.89 -34.90 -71.10
CA THR A 129 69.03 -35.81 -71.28
C THR A 129 70.01 -35.30 -72.33
N GLY A 130 69.94 -34.02 -72.68
CA GLY A 130 70.85 -33.47 -73.67
C GLY A 130 72.29 -33.42 -73.17
N LYS A 131 73.14 -34.27 -73.73
CA LYS A 131 74.54 -34.37 -73.34
C LYS A 131 75.43 -34.18 -74.57
N VAL A 132 76.47 -33.36 -74.42
CA VAL A 132 77.38 -33.04 -75.51
C VAL A 132 78.78 -33.47 -75.11
N LEU A 133 79.53 -33.99 -76.08
CA LEU A 133 80.88 -34.51 -75.84
C LEU A 133 81.92 -33.56 -76.44
N ASP A 134 82.95 -33.26 -75.65
CA ASP A 134 84.09 -32.48 -76.11
C ASP A 134 84.91 -33.31 -77.08
N PRO A 135 85.97 -32.74 -77.68
CA PRO A 135 86.87 -33.57 -78.50
C PRO A 135 87.42 -34.76 -77.74
N ASN A 136 87.65 -34.64 -76.44
CA ASN A 136 87.89 -35.79 -75.57
C ASN A 136 86.57 -36.18 -74.93
N THR A 137 86.02 -37.32 -75.32
CA THR A 137 84.70 -37.75 -74.86
C THR A 137 84.69 -38.26 -73.42
N GLN A 138 85.78 -38.11 -72.66
CA GLN A 138 85.78 -38.56 -71.28
C GLN A 138 84.85 -37.72 -70.41
N GLU A 139 84.65 -36.46 -70.76
CA GLU A 139 83.81 -35.55 -70.00
C GLU A 139 82.36 -35.75 -70.43
N CYS A 140 81.45 -35.73 -69.47
CA CYS A 140 80.02 -35.82 -69.74
C CYS A 140 79.32 -34.63 -69.09
N LEU A 141 78.85 -33.71 -69.96
CA LEU A 141 78.08 -32.53 -69.49
C LEU A 141 76.62 -32.74 -69.88
N ALA A 142 75.69 -32.01 -69.25
CA ALA A 142 74.25 -32.17 -69.57
C ALA A 142 73.49 -30.94 -69.05
N LEU A 143 73.58 -29.82 -69.77
CA LEU A 143 72.82 -28.58 -69.43
C LEU A 143 73.11 -28.04 -68.02
N GLU A 144 73.35 -28.92 -67.03
CA GLU A 144 73.52 -28.44 -65.63
C GLU A 144 74.97 -28.56 -65.16
N PRO A 145 75.63 -29.74 -65.17
CA PRO A 145 77.00 -29.86 -64.63
C PRO A 145 77.95 -28.79 -65.20
N GLY A 146 77.62 -28.26 -66.38
CA GLY A 146 78.46 -27.21 -66.99
C GLY A 146 77.60 -26.07 -67.51
N LEU A 147 77.66 -25.81 -68.82
CA LEU A 147 76.82 -24.75 -69.44
C LEU A 147 76.72 -23.55 -68.50
N ASP A 148 75.72 -23.55 -67.60
CA ASP A 148 75.54 -22.40 -66.74
C ASP A 148 76.85 -22.02 -66.04
N ASP A 149 77.49 -22.99 -65.38
CA ASP A 149 78.71 -22.66 -64.65
C ASP A 149 79.86 -22.35 -65.60
N ILE A 150 79.92 -23.00 -66.76
CA ILE A 150 80.94 -22.66 -67.74
C ILE A 150 80.82 -21.20 -68.16
N MET A 151 79.59 -20.77 -68.51
CA MET A 151 79.39 -19.40 -68.96
C MET A 151 79.64 -18.40 -67.83
N GLU A 152 79.21 -18.73 -66.61
CA GLU A 152 79.25 -17.77 -65.51
C GLU A 152 80.56 -17.78 -64.73
N ASN A 153 81.47 -18.71 -65.02
CA ASN A 153 82.75 -18.75 -64.33
C ASN A 153 83.96 -18.72 -65.25
N SER A 154 83.84 -19.21 -66.49
CA SER A 154 84.96 -19.25 -67.42
C SER A 154 84.86 -18.09 -68.41
N ARG A 155 85.99 -17.44 -68.65
CA ARG A 155 86.07 -16.30 -69.56
C ARG A 155 86.76 -16.65 -70.88
N ASP A 156 86.82 -17.94 -71.21
CA ASP A 156 87.50 -18.38 -72.41
C ASP A 156 86.56 -18.35 -73.62
N TYR A 157 87.08 -17.84 -74.74
CA TYR A 157 86.28 -17.80 -75.97
C TYR A 157 86.11 -19.18 -76.57
N ASN A 158 87.19 -19.96 -76.62
CA ASN A 158 87.14 -21.26 -77.30
C ASN A 158 86.17 -22.21 -76.62
N ARG A 159 86.19 -22.26 -75.28
CA ARG A 159 85.31 -23.17 -74.56
C ARG A 159 83.85 -22.84 -74.83
N ARG A 160 83.47 -21.57 -74.67
CA ARG A 160 82.08 -21.18 -74.88
C ARG A 160 81.65 -21.43 -76.32
N LEU A 161 82.50 -21.08 -77.29
CA LEU A 161 82.15 -21.27 -78.68
C LEU A 161 81.93 -22.74 -78.99
N TRP A 162 82.89 -23.60 -78.64
CA TRP A 162 82.78 -25.01 -78.96
C TRP A 162 81.59 -25.65 -78.26
N ALA A 163 81.43 -25.39 -76.96
CA ALA A 163 80.35 -26.04 -76.21
C ALA A 163 79.00 -25.63 -76.74
N TRP A 164 78.76 -24.32 -76.90
CA TRP A 164 77.47 -23.86 -77.37
C TRP A 164 77.19 -24.31 -78.79
N GLU A 165 78.21 -24.28 -79.66
CA GLU A 165 78.01 -24.73 -81.05
C GLU A 165 77.63 -26.20 -81.09
N GLY A 166 78.36 -27.05 -80.34
CA GLY A 166 78.04 -28.47 -80.36
C GLY A 166 76.67 -28.77 -79.78
N TRP A 167 76.32 -28.13 -78.66
CA TRP A 167 75.01 -28.36 -78.07
C TRP A 167 73.89 -27.92 -79.01
N ARG A 168 74.03 -26.73 -79.61
CA ARG A 168 73.02 -26.26 -80.54
C ARG A 168 72.90 -27.20 -81.74
N ALA A 169 74.03 -27.66 -82.28
CA ALA A 169 73.99 -28.56 -83.42
C ALA A 169 73.27 -29.85 -83.08
N GLU A 170 73.57 -30.45 -81.93
CA GLU A 170 72.95 -31.73 -81.61
C GLU A 170 71.46 -31.58 -81.30
N VAL A 171 71.08 -30.52 -80.58
CA VAL A 171 69.66 -30.35 -80.27
C VAL A 171 68.85 -30.06 -81.53
N GLY A 172 69.39 -29.22 -82.42
CA GLY A 172 68.74 -29.01 -83.71
C GLY A 172 68.62 -30.31 -84.49
N LYS A 173 69.71 -31.07 -84.57
CA LYS A 173 69.69 -32.34 -85.29
C LYS A 173 68.62 -33.27 -84.74
N GLN A 174 68.37 -33.23 -83.44
CA GLN A 174 67.40 -34.13 -82.84
C GLN A 174 65.99 -33.56 -82.76
N LEU A 175 65.76 -32.29 -83.12
CA LEU A 175 64.41 -31.76 -83.00
C LEU A 175 63.93 -30.90 -84.19
N ARG A 176 64.69 -30.82 -85.29
CA ARG A 176 64.21 -30.05 -86.44
C ARG A 176 62.87 -30.55 -86.97
N PRO A 177 62.73 -31.80 -87.43
CA PRO A 177 61.43 -32.21 -87.99
C PRO A 177 60.33 -32.25 -86.95
N LEU A 178 60.68 -32.45 -85.68
CA LEU A 178 59.68 -32.33 -84.62
C LEU A 178 59.11 -30.92 -84.57
N TYR A 179 59.97 -29.91 -84.67
CA TYR A 179 59.49 -28.54 -84.66
C TYR A 179 58.65 -28.25 -85.91
N GLU A 180 59.04 -28.81 -87.05
CA GLU A 180 58.26 -28.60 -88.28
C GLU A 180 56.85 -29.19 -88.14
N GLU A 181 56.76 -30.45 -87.73
CA GLU A 181 55.44 -31.04 -87.53
C GLU A 181 54.67 -30.33 -86.42
N TYR A 182 55.38 -29.72 -85.47
CA TYR A 182 54.71 -28.90 -84.46
C TYR A 182 54.07 -27.67 -85.08
N VAL A 183 54.79 -27.00 -85.98
CA VAL A 183 54.20 -25.86 -86.69
C VAL A 183 52.93 -26.30 -87.40
N VAL A 184 53.02 -27.43 -88.12
CA VAL A 184 51.88 -27.92 -88.89
C VAL A 184 50.70 -28.23 -87.97
N LEU A 185 50.95 -29.00 -86.91
CA LEU A 185 49.86 -29.46 -86.04
C LEU A 185 49.26 -28.31 -85.23
N GLU A 186 50.07 -27.37 -84.76
CA GLU A 186 49.55 -26.22 -84.04
C GLU A 186 48.72 -25.33 -84.96
N ASN A 187 49.16 -25.14 -86.21
CA ASN A 187 48.34 -24.41 -87.16
C ASN A 187 47.01 -25.10 -87.39
N GLU A 188 47.02 -26.43 -87.54
CA GLU A 188 45.77 -27.16 -87.74
C GLU A 188 44.86 -27.06 -86.51
N MET A 189 45.43 -27.15 -85.31
CA MET A 189 44.65 -27.02 -84.09
C MET A 189 43.99 -25.65 -84.01
N ALA A 190 44.76 -24.60 -84.28
CA ALA A 190 44.21 -23.25 -84.24
C ALA A 190 43.11 -23.07 -85.27
N ARG A 191 43.31 -23.60 -86.49
CA ARG A 191 42.28 -23.50 -87.51
C ARG A 191 41.02 -24.25 -87.09
N ALA A 192 41.17 -25.41 -86.46
CA ALA A 192 40.01 -26.17 -86.01
C ALA A 192 39.32 -25.53 -84.81
N ASN A 193 40.02 -24.67 -84.06
CA ASN A 193 39.43 -24.01 -82.90
C ASN A 193 39.08 -22.55 -83.17
N ASN A 194 38.70 -22.24 -84.42
CA ASN A 194 38.25 -20.89 -84.80
C ASN A 194 39.33 -19.84 -84.54
N TYR A 195 40.57 -20.17 -84.88
CA TYR A 195 41.69 -19.23 -84.86
C TYR A 195 42.43 -19.30 -86.19
N GLU A 196 42.84 -18.14 -86.70
CA GLU A 196 43.58 -18.11 -87.95
C GLU A 196 44.90 -18.85 -87.82
N ASP A 197 45.61 -18.64 -86.71
CA ASP A 197 46.92 -19.25 -86.51
C ASP A 197 47.13 -19.48 -85.02
N TYR A 198 48.12 -20.32 -84.70
CA TYR A 198 48.46 -20.53 -83.29
C TYR A 198 48.97 -19.26 -82.65
N GLY A 199 49.44 -18.31 -83.46
CA GLY A 199 49.71 -16.98 -82.93
C GLY A 199 48.47 -16.34 -82.35
N ASP A 200 47.35 -16.40 -83.09
CA ASP A 200 46.08 -15.94 -82.55
C ASP A 200 45.62 -16.78 -81.37
N TYR A 201 45.91 -18.08 -81.40
CA TYR A 201 45.61 -18.94 -80.25
C TYR A 201 46.29 -18.42 -78.99
N TRP A 202 47.59 -18.13 -79.07
CA TRP A 202 48.31 -17.58 -77.93
C TRP A 202 47.85 -16.17 -77.59
N ARG A 203 47.45 -15.38 -78.59
CA ARG A 203 46.92 -14.04 -78.33
C ARG A 203 45.55 -14.06 -77.69
N GLY A 204 44.85 -15.19 -77.73
CA GLY A 204 43.49 -15.25 -77.22
C GLY A 204 43.36 -15.00 -75.73
N ASP A 205 44.47 -15.09 -74.98
CA ASP A 205 44.42 -14.83 -73.55
C ASP A 205 44.05 -13.37 -73.26
N TYR A 206 44.59 -12.45 -74.05
CA TYR A 206 44.34 -11.03 -73.86
C TYR A 206 43.06 -10.55 -74.54
N GLU A 207 42.34 -11.43 -75.22
CA GLU A 207 41.09 -11.04 -75.87
C GLU A 207 40.06 -10.66 -74.81
N VAL A 208 39.48 -9.48 -74.95
CA VAL A 208 38.43 -9.00 -74.06
C VAL A 208 37.30 -8.40 -74.90
N THR A 209 36.09 -8.90 -74.69
CA THR A 209 34.92 -8.44 -75.42
C THR A 209 33.75 -8.29 -74.46
N GLY A 210 32.79 -7.48 -74.85
CA GLY A 210 31.63 -7.23 -74.02
C GLY A 210 31.85 -6.22 -72.91
N ALA A 211 32.99 -5.53 -72.91
CA ALA A 211 33.30 -4.52 -71.90
C ALA A 211 33.54 -3.20 -72.63
N GLY A 212 32.60 -2.27 -72.50
CA GLY A 212 32.76 -0.98 -73.13
C GLY A 212 33.97 -0.23 -72.60
N ASP A 213 34.65 0.45 -73.51
CA ASP A 213 35.87 1.22 -73.20
C ASP A 213 36.99 0.30 -72.74
N TYR A 214 36.81 -1.02 -72.89
CA TYR A 214 37.82 -1.98 -72.46
C TYR A 214 37.99 -3.13 -73.46
N ASP A 215 37.61 -2.94 -74.72
CA ASP A 215 37.73 -3.98 -75.73
C ASP A 215 39.08 -3.91 -76.42
N TYR A 216 39.73 -5.07 -76.55
CA TYR A 216 41.05 -5.17 -77.16
C TYR A 216 41.11 -6.40 -78.05
N SER A 217 41.57 -6.22 -79.28
CA SER A 217 41.62 -7.29 -80.26
C SER A 217 42.98 -7.99 -80.20
N ARG A 218 43.22 -8.87 -81.17
CA ARG A 218 44.48 -9.62 -81.21
C ARG A 218 45.63 -8.79 -81.76
N ASP A 219 45.33 -7.71 -82.48
CA ASP A 219 46.37 -6.87 -83.08
C ASP A 219 46.62 -5.58 -82.31
N GLN A 220 45.73 -5.22 -81.38
CA GLN A 220 45.97 -4.03 -80.57
C GLN A 220 47.22 -4.19 -79.71
N LEU A 221 47.41 -5.38 -79.14
CA LEU A 221 48.64 -5.66 -78.41
C LEU A 221 49.85 -5.62 -79.34
N MET A 222 49.69 -6.03 -80.60
CA MET A 222 50.77 -5.94 -81.55
C MET A 222 51.16 -4.48 -81.81
N LYS A 223 50.16 -3.61 -81.96
CA LYS A 223 50.43 -2.19 -82.13
C LYS A 223 51.10 -1.60 -80.89
N ASP A 224 50.67 -2.03 -79.70
CA ASP A 224 51.30 -1.57 -78.47
C ASP A 224 52.76 -2.02 -78.41
N VAL A 225 53.04 -3.26 -78.82
CA VAL A 225 54.41 -3.76 -78.82
C VAL A 225 55.27 -3.00 -79.82
N GLU A 226 54.71 -2.67 -80.99
CA GLU A 226 55.45 -1.87 -81.95
C GLU A 226 55.71 -0.45 -81.43
N ARG A 227 54.76 0.11 -80.69
CA ARG A 227 54.99 1.40 -80.06
C ARG A 227 56.11 1.31 -79.02
N THR A 228 56.14 0.22 -78.24
CA THR A 228 57.23 0.01 -77.31
C THR A 228 58.56 -0.10 -78.03
N PHE A 229 58.58 -0.81 -79.16
CA PHE A 229 59.80 -0.85 -79.98
C PHE A 229 60.24 0.56 -80.36
N ALA A 230 59.32 1.34 -80.91
CA ALA A 230 59.67 2.68 -81.39
C ALA A 230 60.17 3.58 -80.26
N GLU A 231 59.60 3.45 -79.07
CA GLU A 231 60.00 4.29 -77.95
C GLU A 231 61.13 3.69 -77.12
N ILE A 232 61.58 2.47 -77.43
CA ILE A 232 62.62 1.83 -76.66
C ILE A 232 63.94 1.72 -77.42
N LYS A 233 63.91 1.65 -78.76
CA LYS A 233 65.11 1.36 -79.55
C LYS A 233 66.36 2.16 -79.17
N PRO A 234 66.32 3.50 -79.04
CA PRO A 234 67.59 4.21 -78.76
C PRO A 234 68.27 3.80 -77.46
N LEU A 235 67.49 3.56 -76.41
CA LEU A 235 68.09 3.17 -75.13
C LEU A 235 68.81 1.84 -75.26
N TYR A 236 68.17 0.86 -75.89
CA TYR A 236 68.80 -0.45 -76.06
C TYR A 236 70.00 -0.37 -76.99
N GLU A 237 69.94 0.45 -78.04
CA GLU A 237 71.09 0.62 -78.92
C GLU A 237 72.28 1.19 -78.16
N GLN A 238 72.04 2.20 -77.32
CA GLN A 238 73.12 2.78 -76.52
C GLN A 238 73.67 1.76 -75.53
N LEU A 239 72.81 0.97 -74.88
CA LEU A 239 73.31 -0.04 -73.96
C LEU A 239 74.10 -1.12 -74.69
N HIS A 240 73.67 -1.49 -75.90
CA HIS A 240 74.44 -2.43 -76.70
C HIS A 240 75.81 -1.86 -77.05
N ALA A 241 75.86 -0.56 -77.37
CA ALA A 241 77.14 0.08 -77.65
C ALA A 241 78.05 0.04 -76.45
N TYR A 242 77.52 0.33 -75.25
CA TYR A 242 78.34 0.27 -74.05
C TYR A 242 78.83 -1.13 -73.75
N VAL A 243 77.96 -2.13 -73.89
CA VAL A 243 78.35 -3.51 -73.63
C VAL A 243 79.44 -3.94 -74.60
N ARG A 244 79.26 -3.62 -75.89
CA ARG A 244 80.26 -4.01 -76.88
C ARG A 244 81.57 -3.26 -76.66
N ALA A 245 81.51 -2.00 -76.22
CA ALA A 245 82.74 -1.26 -75.96
C ALA A 245 83.50 -1.84 -74.77
N LYS A 246 82.78 -2.23 -73.72
CA LYS A 246 83.43 -2.90 -72.61
C LYS A 246 84.01 -4.24 -73.05
N LEU A 247 83.33 -4.93 -73.96
CA LEU A 247 83.89 -6.14 -74.54
C LEU A 247 85.15 -5.85 -75.34
N MET A 248 85.22 -4.70 -76.00
CA MET A 248 86.45 -4.30 -76.70
C MET A 248 87.57 -4.10 -75.71
N HIS A 249 87.29 -3.39 -74.62
CA HIS A 249 88.32 -3.11 -73.62
C HIS A 249 88.83 -4.41 -72.99
N THR A 250 87.94 -5.38 -72.77
CA THR A 250 88.37 -6.67 -72.24
C THR A 250 89.10 -7.52 -73.26
N TYR A 251 88.63 -7.54 -74.51
CA TYR A 251 89.23 -8.34 -75.58
C TYR A 251 89.14 -7.52 -76.86
N PRO A 252 90.25 -6.91 -77.30
CA PRO A 252 90.17 -5.96 -78.43
C PRO A 252 90.27 -6.61 -79.80
N SER A 253 90.85 -7.80 -79.88
CA SER A 253 91.14 -8.43 -81.18
C SER A 253 90.04 -9.33 -81.68
N TYR A 254 88.95 -9.50 -80.93
CA TYR A 254 87.87 -10.40 -81.33
C TYR A 254 86.57 -9.70 -81.67
N ILE A 255 86.50 -8.37 -81.55
CA ILE A 255 85.28 -7.61 -81.83
C ILE A 255 85.63 -6.39 -82.67
N SER A 256 84.80 -6.12 -83.70
CA SER A 256 84.86 -4.99 -84.62
C SER A 256 84.30 -3.73 -83.98
N PRO A 257 84.92 -2.58 -84.25
CA PRO A 257 84.48 -1.35 -83.56
C PRO A 257 83.10 -0.86 -83.98
N THR A 258 82.53 -1.39 -85.06
CA THR A 258 81.21 -0.98 -85.53
C THR A 258 80.24 -2.13 -85.69
N GLY A 259 80.70 -3.32 -86.09
CA GLY A 259 79.82 -4.43 -86.32
C GLY A 259 79.22 -4.99 -85.04
N CYS A 260 78.20 -5.80 -85.22
CA CYS A 260 77.49 -6.40 -84.10
C CYS A 260 78.34 -7.48 -83.44
N LEU A 261 77.92 -7.88 -82.24
CA LEU A 261 78.70 -8.90 -81.48
C LEU A 261 78.13 -10.30 -81.71
N PRO A 262 78.96 -11.36 -81.68
CA PRO A 262 78.48 -12.74 -81.84
C PRO A 262 77.48 -13.13 -80.74
N ALA A 263 76.58 -14.06 -81.04
CA ALA A 263 75.56 -14.46 -80.07
C ALA A 263 76.17 -14.96 -78.77
N HIS A 264 77.34 -15.61 -78.83
CA HIS A 264 77.94 -16.25 -77.66
C HIS A 264 78.68 -15.26 -76.76
N LEU A 265 78.48 -13.95 -76.96
CA LEU A 265 79.09 -12.92 -76.13
C LEU A 265 78.04 -12.06 -75.44
N LEU A 266 76.96 -12.69 -74.97
CA LEU A 266 75.90 -11.98 -74.26
C LEU A 266 75.89 -12.23 -72.77
N GLY A 267 76.63 -13.23 -72.28
CA GLY A 267 76.82 -13.45 -70.87
C GLY A 267 76.14 -14.68 -70.29
N ASP A 268 75.14 -15.23 -70.98
CA ASP A 268 74.40 -16.38 -70.44
C ASP A 268 74.21 -17.40 -71.56
N MET A 269 73.32 -18.36 -71.29
CA MET A 269 73.19 -19.52 -72.16
C MET A 269 72.78 -19.14 -73.58
N TRP A 270 71.80 -18.24 -73.71
CA TRP A 270 71.25 -17.94 -75.03
C TRP A 270 70.98 -16.45 -75.22
N GLY A 271 71.67 -15.59 -74.48
CA GLY A 271 71.48 -14.16 -74.63
C GLY A 271 70.30 -13.59 -73.88
N ARG A 272 69.68 -14.37 -73.00
CA ARG A 272 68.49 -13.88 -72.29
C ARG A 272 68.88 -12.86 -71.22
N PHE A 273 69.92 -13.13 -70.45
CA PHE A 273 70.32 -12.29 -69.33
C PHE A 273 71.74 -11.79 -69.50
N TRP A 274 71.97 -10.53 -69.16
CA TRP A 274 73.30 -9.95 -69.10
C TRP A 274 73.79 -9.79 -67.68
N THR A 275 73.21 -10.53 -66.74
CA THR A 275 73.57 -10.40 -65.32
C THR A 275 75.02 -10.81 -65.08
N ASN A 276 75.47 -11.88 -65.72
CA ASN A 276 76.81 -12.39 -65.49
C ASN A 276 77.90 -11.47 -66.02
N LEU A 277 77.54 -10.45 -66.81
CA LEU A 277 78.53 -9.49 -67.32
C LEU A 277 78.91 -8.43 -66.29
N TYR A 278 78.54 -8.59 -65.03
CA TYR A 278 78.79 -7.55 -64.04
C TYR A 278 80.28 -7.32 -63.82
N SER A 279 81.04 -8.40 -63.62
CA SER A 279 82.45 -8.27 -63.29
C SER A 279 83.25 -7.60 -64.39
N LEU A 280 82.74 -7.59 -65.62
CA LEU A 280 83.42 -6.95 -66.74
C LEU A 280 82.77 -5.63 -67.14
N THR A 281 81.54 -5.35 -66.69
CA THR A 281 80.83 -4.14 -67.07
C THR A 281 80.65 -3.16 -65.92
N VAL A 282 81.22 -3.44 -64.75
CA VAL A 282 81.14 -2.47 -63.65
C VAL A 282 81.94 -1.22 -64.01
N PRO A 283 81.37 -0.02 -63.91
CA PRO A 283 82.11 1.19 -64.31
C PRO A 283 83.10 1.66 -63.25
N PHE A 284 82.88 1.27 -62.00
CA PHE A 284 83.75 1.66 -60.88
C PHE A 284 83.87 0.46 -59.94
N GLU A 285 84.95 -0.31 -60.08
CA GLU A 285 85.12 -1.54 -59.32
C GLU A 285 85.62 -1.31 -57.90
N HIS A 286 86.14 -0.12 -57.60
CA HIS A 286 86.67 0.15 -56.26
C HIS A 286 85.55 0.31 -55.22
N LYS A 287 84.42 0.89 -55.61
CA LYS A 287 83.36 1.17 -54.66
C LYS A 287 82.74 -0.14 -54.15
N PRO A 288 82.31 -0.17 -52.89
CA PRO A 288 81.70 -1.39 -52.35
C PRO A 288 80.22 -1.49 -52.67
N SER A 289 79.80 -2.63 -53.23
CA SER A 289 78.40 -2.84 -53.52
C SER A 289 77.59 -3.00 -52.24
N ILE A 290 76.29 -2.77 -52.34
CA ILE A 290 75.41 -2.85 -51.18
C ILE A 290 75.28 -4.32 -50.79
N ASP A 291 75.95 -4.71 -49.71
CA ASP A 291 75.95 -6.10 -49.24
C ASP A 291 75.54 -6.11 -47.78
N VAL A 292 74.46 -6.83 -47.47
CA VAL A 292 74.01 -7.04 -46.10
C VAL A 292 74.32 -8.47 -45.63
N THR A 293 75.07 -9.23 -46.43
CA THR A 293 75.32 -10.63 -46.09
C THR A 293 76.12 -10.73 -44.80
N GLU A 294 77.27 -10.04 -44.75
CA GLU A 294 78.09 -10.07 -43.53
C GLU A 294 77.29 -9.59 -42.33
N LYS A 295 76.36 -8.66 -42.55
CA LYS A 295 75.51 -8.20 -41.44
C LYS A 295 74.55 -9.27 -40.97
N MET A 296 73.99 -10.08 -41.88
CA MET A 296 73.07 -11.11 -41.38
C MET A 296 73.80 -12.30 -40.79
N GLU A 297 75.08 -12.52 -41.11
CA GLU A 297 75.86 -13.39 -40.22
C GLU A 297 76.28 -12.67 -38.93
N ASN A 298 76.34 -11.35 -38.90
CA ASN A 298 76.51 -10.66 -37.63
C ASN A 298 75.33 -10.95 -36.71
N GLN A 299 74.12 -10.93 -37.25
CA GLN A 299 72.91 -11.14 -36.48
C GLN A 299 72.46 -12.60 -36.44
N SER A 300 73.12 -13.48 -37.20
CA SER A 300 72.76 -14.90 -37.28
C SER A 300 71.32 -15.07 -37.76
N TRP A 301 71.10 -14.66 -39.02
CA TRP A 301 69.78 -14.67 -39.61
C TRP A 301 69.35 -16.09 -39.97
N ASP A 302 68.05 -16.35 -39.88
CA ASP A 302 67.50 -17.66 -40.19
C ASP A 302 66.28 -17.50 -41.10
N ALA A 303 65.74 -18.63 -41.56
CA ALA A 303 64.60 -18.61 -42.46
C ALA A 303 63.34 -18.13 -41.75
N GLU A 304 63.14 -18.53 -40.50
CA GLU A 304 61.98 -18.05 -39.75
C GLU A 304 62.05 -16.53 -39.60
N ARG A 305 63.24 -16.01 -39.30
CA ARG A 305 63.40 -14.56 -39.18
C ARG A 305 63.21 -13.87 -40.53
N ILE A 306 63.66 -14.50 -41.62
CA ILE A 306 63.51 -13.88 -42.94
C ILE A 306 62.03 -13.79 -43.31
N PHE A 307 61.26 -14.83 -42.98
CA PHE A 307 59.83 -14.79 -43.27
C PHE A 307 59.09 -13.84 -42.33
N LYS A 308 59.54 -13.73 -41.08
CA LYS A 308 58.95 -12.74 -40.18
C LYS A 308 59.22 -11.32 -40.66
N GLU A 309 60.43 -11.08 -41.18
CA GLU A 309 60.74 -9.76 -41.74
C GLU A 309 59.90 -9.47 -42.98
N ALA A 310 59.72 -10.47 -43.84
CA ALA A 310 58.84 -10.30 -45.00
C ALA A 310 57.42 -9.98 -44.56
N GLU A 311 56.92 -10.67 -43.53
CA GLU A 311 55.57 -10.40 -43.05
C GLU A 311 55.47 -9.03 -42.38
N LYS A 312 56.54 -8.58 -41.73
CA LYS A 312 56.55 -7.22 -41.20
C LYS A 312 56.45 -6.21 -42.33
N PHE A 313 57.20 -6.41 -43.41
CA PHE A 313 57.10 -5.53 -44.57
C PHE A 313 55.69 -5.55 -45.16
N PHE A 314 55.08 -6.73 -45.23
CA PHE A 314 53.74 -6.84 -45.80
C PHE A 314 52.67 -6.24 -44.90
N VAL A 315 52.86 -6.32 -43.58
CA VAL A 315 51.95 -5.66 -42.65
C VAL A 315 52.09 -4.14 -42.77
N SER A 316 53.31 -3.67 -43.02
CA SER A 316 53.55 -2.24 -43.18
C SER A 316 52.86 -1.69 -44.42
N ILE A 317 52.28 -2.56 -45.25
CA ILE A 317 51.55 -2.15 -46.44
C ILE A 317 50.12 -2.65 -46.36
N SER A 318 49.65 -2.91 -45.14
CA SER A 318 48.27 -3.28 -44.80
C SER A 318 47.86 -4.65 -45.32
N LEU A 319 48.75 -5.38 -45.98
CA LEU A 319 48.43 -6.73 -46.40
C LEU A 319 48.34 -7.65 -45.16
N PRO A 320 47.56 -8.72 -45.23
CA PRO A 320 47.25 -9.48 -44.02
C PRO A 320 48.44 -10.30 -43.54
N TYR A 321 48.27 -10.83 -42.33
CA TYR A 321 49.35 -11.53 -41.63
C TYR A 321 49.55 -12.93 -42.22
N MET A 322 50.39 -13.72 -41.53
CA MET A 322 50.70 -15.08 -41.92
C MET A 322 49.80 -16.02 -41.11
N THR A 323 48.92 -16.74 -41.79
CA THR A 323 48.08 -17.69 -41.10
C THR A 323 48.94 -18.83 -40.53
N GLN A 324 48.46 -19.40 -39.43
CA GLN A 324 49.25 -20.41 -38.72
C GLN A 324 49.57 -21.61 -39.59
N GLY A 325 48.70 -21.92 -40.56
CA GLY A 325 48.97 -23.03 -41.45
C GLY A 325 50.25 -22.87 -42.23
N PHE A 326 50.60 -21.62 -42.59
CA PHE A 326 51.85 -21.35 -43.28
C PHE A 326 53.03 -21.89 -42.49
N TRP A 327 53.23 -21.37 -41.27
CA TRP A 327 54.34 -21.84 -40.45
C TRP A 327 54.22 -23.32 -40.12
N ASP A 328 53.00 -23.83 -39.98
CA ASP A 328 52.83 -25.22 -39.55
C ASP A 328 53.24 -26.20 -40.64
N ASN A 329 52.79 -25.99 -41.87
CA ASN A 329 52.99 -26.99 -42.92
C ASN A 329 54.03 -26.60 -43.96
N SER A 330 54.19 -25.31 -44.26
CA SER A 330 55.19 -24.90 -45.24
C SER A 330 56.59 -25.19 -44.71
N MET A 331 57.45 -25.69 -45.58
CA MET A 331 58.81 -26.06 -45.20
C MET A 331 59.76 -24.92 -45.54
N LEU A 332 60.51 -24.47 -44.53
CA LEU A 332 61.33 -23.28 -44.65
C LEU A 332 62.83 -23.55 -44.66
N THR A 333 63.26 -24.81 -44.62
CA THR A 333 64.67 -25.14 -44.65
C THR A 333 64.85 -26.49 -45.33
N GLU A 334 66.05 -26.71 -45.84
CA GLU A 334 66.37 -27.96 -46.52
C GLU A 334 66.26 -29.14 -45.55
N PRO A 335 65.80 -30.31 -46.02
CA PRO A 335 65.64 -31.48 -45.14
C PRO A 335 66.92 -32.30 -44.99
N GLY A 336 68.05 -31.63 -44.75
CA GLY A 336 69.29 -32.35 -44.57
C GLY A 336 69.70 -33.12 -45.81
N ASP A 337 70.26 -34.31 -45.59
CA ASP A 337 70.67 -35.20 -46.66
C ASP A 337 69.84 -36.47 -46.76
N GLY A 338 68.92 -36.70 -45.81
CA GLY A 338 68.08 -37.88 -45.89
C GLY A 338 67.13 -37.85 -47.08
N ARG A 339 66.65 -36.66 -47.43
CA ARG A 339 65.74 -36.47 -48.55
C ARG A 339 66.26 -35.34 -49.43
N LYS A 340 65.98 -35.43 -50.73
CA LYS A 340 66.36 -34.38 -51.67
C LYS A 340 65.12 -33.63 -52.12
N VAL A 341 65.23 -32.31 -52.21
CA VAL A 341 64.11 -31.44 -52.55
C VAL A 341 64.55 -30.51 -53.67
N VAL A 342 63.77 -30.47 -54.75
CA VAL A 342 63.92 -29.43 -55.76
C VAL A 342 63.33 -28.16 -55.19
N CYS A 343 64.15 -27.11 -55.09
CA CYS A 343 63.78 -25.93 -54.32
C CYS A 343 63.91 -24.66 -55.14
N HIS A 344 63.55 -24.72 -56.40
CA HIS A 344 63.35 -23.50 -57.17
C HIS A 344 62.19 -22.73 -56.55
N PRO A 345 62.37 -21.43 -56.24
CA PRO A 345 61.31 -20.69 -55.55
C PRO A 345 60.00 -20.73 -56.30
N THR A 346 59.00 -21.40 -55.73
CA THR A 346 57.74 -21.64 -56.40
C THR A 346 56.62 -21.69 -55.36
N ALA A 347 55.40 -21.43 -55.81
CA ALA A 347 54.24 -21.48 -54.93
C ALA A 347 53.00 -21.66 -55.79
N TRP A 348 52.34 -22.81 -55.65
CA TRP A 348 51.11 -23.09 -56.37
C TRP A 348 49.91 -22.64 -55.54
N ASP A 349 48.73 -22.76 -56.13
CA ASP A 349 47.48 -22.29 -55.52
C ASP A 349 46.74 -23.51 -54.95
N LEU A 350 47.00 -23.81 -53.68
CA LEU A 350 46.21 -24.84 -53.00
C LEU A 350 44.78 -24.36 -52.79
N GLY A 351 44.61 -23.29 -52.00
CA GLY A 351 43.31 -22.68 -51.81
C GLY A 351 42.74 -22.98 -50.43
N LYS A 352 41.52 -22.46 -50.22
CA LYS A 352 40.81 -22.58 -48.95
C LYS A 352 41.66 -22.07 -47.78
N GLY A 353 42.40 -21.00 -48.01
CA GLY A 353 43.30 -20.46 -47.02
C GLY A 353 44.57 -21.25 -46.83
N ASP A 354 44.74 -22.36 -47.56
CA ASP A 354 45.94 -23.19 -47.48
C ASP A 354 46.89 -22.75 -48.59
N PHE A 355 48.01 -22.16 -48.20
CA PHE A 355 49.12 -21.88 -49.10
C PHE A 355 50.42 -22.17 -48.36
N ARG A 356 51.48 -22.43 -49.13
CA ARG A 356 52.74 -22.84 -48.52
C ARG A 356 53.88 -22.56 -49.49
N ILE A 357 55.09 -22.55 -48.96
CA ILE A 357 56.29 -22.18 -49.70
C ILE A 357 57.35 -23.26 -49.54
N LYS A 358 57.94 -23.67 -50.66
CA LYS A 358 59.09 -24.57 -50.67
C LYS A 358 60.22 -23.93 -51.47
N MET A 359 61.32 -23.63 -50.79
CA MET A 359 62.51 -23.10 -51.44
C MET A 359 63.69 -23.23 -50.49
N CYS A 360 64.89 -23.34 -51.05
CA CYS A 360 66.08 -23.49 -50.24
C CYS A 360 66.45 -22.15 -49.62
N THR A 361 66.55 -22.12 -48.29
CA THR A 361 66.89 -20.90 -47.56
C THR A 361 68.38 -20.95 -47.20
N LYS A 362 69.20 -20.28 -48.01
CA LYS A 362 70.61 -20.10 -47.71
C LYS A 362 70.84 -18.69 -47.19
N VAL A 363 72.04 -18.46 -46.68
CA VAL A 363 72.40 -17.14 -46.12
C VAL A 363 72.89 -16.31 -47.29
N THR A 364 71.95 -15.75 -48.04
CA THR A 364 72.26 -15.00 -49.25
C THR A 364 71.26 -13.86 -49.41
N MET A 365 71.49 -13.02 -50.41
CA MET A 365 70.69 -11.84 -50.72
C MET A 365 69.75 -12.06 -51.92
N ASP A 366 70.19 -12.86 -52.89
CA ASP A 366 69.26 -13.36 -53.89
C ASP A 366 68.13 -14.16 -53.26
N ASP A 367 68.42 -14.85 -52.15
CA ASP A 367 67.36 -15.49 -51.39
C ASP A 367 66.38 -14.47 -50.84
N PHE A 368 66.86 -13.28 -50.48
CA PHE A 368 65.95 -12.22 -50.08
C PHE A 368 65.01 -11.85 -51.21
N LEU A 369 65.55 -11.67 -52.43
CA LEU A 369 64.67 -11.37 -53.57
C LEU A 369 63.68 -12.50 -53.83
N THR A 370 64.14 -13.75 -53.81
CA THR A 370 63.25 -14.87 -54.13
C THR A 370 62.13 -14.99 -53.10
N ALA A 371 62.46 -14.83 -51.82
CA ALA A 371 61.45 -14.88 -50.78
C ALA A 371 60.45 -13.74 -50.96
N HIS A 372 60.93 -12.53 -51.22
CA HIS A 372 60.00 -11.42 -51.39
C HIS A 372 59.11 -11.62 -52.61
N HIS A 373 59.68 -12.11 -53.72
CA HIS A 373 58.92 -12.33 -54.94
C HIS A 373 57.83 -13.37 -54.72
N GLU A 374 58.18 -14.51 -54.10
CA GLU A 374 57.17 -15.53 -53.90
C GLU A 374 56.19 -15.15 -52.81
N MET A 375 56.57 -14.28 -51.87
CA MET A 375 55.60 -13.79 -50.89
C MET A 375 54.59 -12.84 -51.54
N GLY A 376 55.05 -11.97 -52.44
CA GLY A 376 54.11 -11.19 -53.22
C GLY A 376 53.20 -12.06 -54.06
N HIS A 377 53.76 -13.14 -54.62
CA HIS A 377 52.95 -14.10 -55.36
C HIS A 377 51.88 -14.73 -54.45
N ILE A 378 52.27 -15.10 -53.23
CA ILE A 378 51.33 -15.69 -52.29
C ILE A 378 50.24 -14.71 -51.91
N GLN A 379 50.60 -13.46 -51.67
CA GLN A 379 49.60 -12.45 -51.33
C GLN A 379 48.63 -12.21 -52.47
N TYR A 380 49.13 -12.13 -53.70
CA TYR A 380 48.24 -11.99 -54.85
C TYR A 380 47.34 -13.22 -54.99
N ASP A 381 47.88 -14.41 -54.74
CA ASP A 381 47.11 -15.63 -54.83
C ASP A 381 45.98 -15.64 -53.82
N MET A 382 46.27 -15.24 -52.58
CA MET A 382 45.25 -15.24 -51.53
C MET A 382 44.29 -14.07 -51.68
N ALA A 383 44.65 -13.04 -52.45
CA ALA A 383 43.75 -11.91 -52.63
C ALA A 383 42.45 -12.32 -53.31
N TYR A 384 42.53 -13.15 -54.34
CA TYR A 384 41.34 -13.61 -55.07
C TYR A 384 40.87 -14.98 -54.61
N ALA A 385 41.05 -15.29 -53.32
CA ALA A 385 40.61 -16.59 -52.80
C ALA A 385 39.09 -16.73 -52.87
N ALA A 386 38.36 -15.66 -52.55
CA ALA A 386 36.90 -15.72 -52.52
C ALA A 386 36.28 -15.80 -53.91
N GLN A 387 37.06 -15.61 -54.96
CA GLN A 387 36.55 -15.64 -56.32
C GLN A 387 36.36 -17.08 -56.80
N PRO A 388 35.54 -17.29 -57.83
CA PRO A 388 35.36 -18.64 -58.36
C PRO A 388 36.64 -19.16 -59.00
N TYR A 389 36.59 -20.45 -59.37
CA TYR A 389 37.79 -21.15 -59.81
C TYR A 389 38.38 -20.52 -61.07
N LEU A 390 37.55 -20.27 -62.07
CA LEU A 390 38.03 -19.76 -63.35
C LEU A 390 38.55 -18.33 -63.25
N LEU A 391 38.30 -17.65 -62.13
CA LEU A 391 38.84 -16.33 -61.89
C LEU A 391 39.88 -16.32 -60.78
N ARG A 392 40.16 -17.46 -60.15
CA ARG A 392 41.20 -17.57 -59.12
C ARG A 392 42.59 -17.58 -59.75
N ASN A 393 42.91 -16.52 -60.48
CA ASN A 393 44.19 -16.37 -61.14
C ASN A 393 44.41 -14.89 -61.41
N GLY A 394 45.63 -14.57 -61.83
CA GLY A 394 45.91 -13.20 -62.26
C GLY A 394 45.06 -12.84 -63.46
N ALA A 395 44.72 -11.56 -63.57
CA ALA A 395 43.89 -11.10 -64.67
C ALA A 395 44.50 -11.45 -66.03
N ASN A 396 45.83 -11.49 -66.10
CA ASN A 396 46.54 -12.11 -67.21
C ASN A 396 47.70 -12.91 -66.63
N GLU A 397 48.55 -13.44 -67.52
CA GLU A 397 49.58 -14.37 -67.10
C GLU A 397 50.76 -13.71 -66.39
N GLY A 398 50.95 -12.40 -66.54
CA GLY A 398 52.09 -11.73 -65.96
C GLY A 398 51.84 -10.96 -64.68
N PHE A 399 50.58 -10.79 -64.27
CA PHE A 399 50.28 -9.99 -63.08
C PHE A 399 50.87 -10.62 -61.82
N HIS A 400 50.81 -11.94 -61.71
CA HIS A 400 51.32 -12.60 -60.51
C HIS A 400 52.82 -12.36 -60.36
N GLU A 401 53.58 -12.51 -61.44
CA GLU A 401 55.02 -12.28 -61.38
C GLU A 401 55.34 -10.81 -61.18
N ALA A 402 54.55 -9.90 -61.76
CA ALA A 402 54.79 -8.47 -61.53
C ALA A 402 54.55 -8.11 -60.06
N VAL A 403 53.48 -8.62 -59.47
CA VAL A 403 53.17 -8.37 -58.07
C VAL A 403 54.23 -8.97 -57.16
N GLY A 404 54.77 -10.14 -57.56
CA GLY A 404 55.90 -10.67 -56.81
C GLY A 404 57.14 -9.80 -56.91
N GLU A 405 57.45 -9.31 -58.10
CA GLU A 405 58.71 -8.59 -58.32
C GLU A 405 58.69 -7.19 -57.74
N ILE A 406 57.53 -6.53 -57.67
CA ILE A 406 57.50 -5.16 -57.16
C ILE A 406 57.98 -5.11 -55.71
N MET A 407 57.54 -6.06 -54.88
CA MET A 407 57.92 -6.06 -53.48
C MET A 407 59.41 -6.32 -53.30
N SER A 408 59.96 -7.25 -54.09
CA SER A 408 61.40 -7.50 -54.03
C SER A 408 62.20 -6.28 -54.48
N LEU A 409 61.74 -5.61 -55.54
CA LEU A 409 62.42 -4.40 -56.00
C LEU A 409 62.37 -3.31 -54.94
N SER A 410 61.23 -3.16 -54.27
CA SER A 410 61.13 -2.19 -53.18
C SER A 410 62.07 -2.55 -52.04
N ALA A 411 62.16 -3.84 -51.69
CA ALA A 411 63.03 -4.28 -50.62
C ALA A 411 64.51 -4.18 -50.99
N ALA A 412 64.85 -4.12 -52.27
CA ALA A 412 66.24 -4.01 -52.69
C ALA A 412 66.82 -2.62 -52.48
N THR A 413 65.98 -1.62 -52.20
CA THR A 413 66.47 -0.27 -52.00
C THR A 413 67.25 -0.17 -50.68
N PRO A 414 68.29 0.67 -50.61
CA PRO A 414 69.07 0.75 -49.37
C PRO A 414 68.36 1.49 -48.24
N HIS A 415 67.37 2.32 -48.54
CA HIS A 415 66.63 3.00 -47.48
C HIS A 415 65.85 2.00 -46.64
N TYR A 416 65.29 0.97 -47.27
CA TYR A 416 64.61 -0.08 -46.52
C TYR A 416 65.58 -0.82 -45.59
N LEU A 417 66.78 -1.13 -46.09
CA LEU A 417 67.78 -1.79 -45.27
C LEU A 417 68.20 -0.92 -44.09
N LYS A 418 68.34 0.39 -44.33
CA LYS A 418 68.63 1.31 -43.24
C LYS A 418 67.51 1.32 -42.21
N ALA A 419 66.26 1.36 -42.68
CA ALA A 419 65.13 1.53 -41.78
C ALA A 419 64.89 0.29 -40.93
N LEU A 420 64.96 -0.90 -41.53
CA LEU A 420 64.57 -2.11 -40.82
C LEU A 420 65.69 -2.72 -39.99
N GLY A 421 66.86 -2.09 -39.95
CA GLY A 421 67.92 -2.48 -39.04
C GLY A 421 68.98 -3.39 -39.62
N LEU A 422 68.75 -3.97 -40.80
CA LEU A 422 69.78 -4.80 -41.41
C LEU A 422 71.02 -3.98 -41.77
N LEU A 423 70.82 -2.76 -42.25
CA LEU A 423 71.90 -1.82 -42.53
C LEU A 423 71.87 -0.75 -41.45
N ALA A 424 73.01 -0.54 -40.79
CA ALA A 424 73.06 0.35 -39.64
C ALA A 424 72.81 1.80 -40.08
N PRO A 425 72.30 2.64 -39.18
CA PRO A 425 71.96 4.02 -39.57
C PRO A 425 73.15 4.83 -40.08
N ASP A 426 74.35 4.58 -39.58
CA ASP A 426 75.47 5.51 -39.80
C ASP A 426 76.17 5.28 -41.14
N PHE A 427 75.40 5.24 -42.23
CA PHE A 427 75.96 5.33 -43.58
C PHE A 427 75.01 6.12 -44.46
N HIS A 428 75.57 6.69 -45.53
CA HIS A 428 74.82 7.47 -46.49
C HIS A 428 74.98 6.86 -47.89
N GLU A 429 74.02 7.14 -48.75
CA GLU A 429 74.04 6.62 -50.11
C GLU A 429 75.20 7.25 -50.87
N ASP A 430 76.02 6.42 -51.50
CA ASP A 430 77.18 6.89 -52.24
C ASP A 430 76.88 6.90 -53.74
N ASN A 431 77.50 7.86 -54.42
CA ASN A 431 77.17 8.13 -55.83
C ASN A 431 77.54 6.95 -56.72
N GLU A 432 78.79 6.52 -56.70
CA GLU A 432 79.21 5.43 -57.57
C GLU A 432 78.61 4.10 -57.14
N THR A 433 78.39 3.91 -55.83
CA THR A 433 77.74 2.68 -55.38
C THR A 433 76.31 2.58 -55.90
N GLU A 434 75.56 3.69 -55.83
CA GLU A 434 74.20 3.66 -56.35
C GLU A 434 74.19 3.57 -57.87
N ILE A 435 75.20 4.14 -58.54
CA ILE A 435 75.32 3.95 -59.98
C ILE A 435 75.52 2.48 -60.32
N ASN A 436 76.39 1.80 -59.56
CA ASN A 436 76.60 0.38 -59.77
C ASN A 436 75.35 -0.43 -59.50
N PHE A 437 74.62 -0.09 -58.43
CA PHE A 437 73.38 -0.79 -58.09
C PHE A 437 72.33 -0.61 -59.19
N LEU A 438 72.20 0.61 -59.72
CA LEU A 438 71.25 0.85 -60.80
C LEU A 438 71.70 0.13 -62.08
N LEU A 439 73.01 0.01 -62.28
CA LEU A 439 73.51 -0.80 -63.39
C LEU A 439 73.14 -2.26 -63.20
N LYS A 440 73.20 -2.76 -61.96
CA LYS A 440 72.75 -4.12 -61.69
C LYS A 440 71.28 -4.29 -62.07
N GLN A 441 70.42 -3.41 -61.55
CA GLN A 441 69.00 -3.51 -61.83
C GLN A 441 68.66 -3.26 -63.29
N ALA A 442 69.54 -2.60 -64.04
CA ALA A 442 69.35 -2.44 -65.48
C ALA A 442 69.74 -3.71 -66.23
N LEU A 443 70.98 -4.15 -66.06
CA LEU A 443 71.47 -5.32 -66.78
C LEU A 443 70.73 -6.60 -66.42
N THR A 444 70.09 -6.65 -65.25
CA THR A 444 69.34 -7.82 -64.85
C THR A 444 67.90 -7.82 -65.36
N ILE A 445 67.45 -6.72 -65.97
CA ILE A 445 66.06 -6.62 -66.44
C ILE A 445 66.01 -6.34 -67.93
N VAL A 446 66.57 -5.20 -68.35
CA VAL A 446 66.39 -4.75 -69.73
C VAL A 446 67.14 -5.60 -70.73
N GLY A 447 67.99 -6.53 -70.29
CA GLY A 447 68.65 -7.43 -71.21
C GLY A 447 67.76 -8.58 -71.65
N THR A 448 66.65 -8.81 -70.94
CA THR A 448 65.75 -9.89 -71.28
C THR A 448 64.67 -9.43 -72.25
N LEU A 449 64.34 -8.14 -72.26
CA LEU A 449 63.26 -7.64 -73.11
C LEU A 449 63.53 -7.84 -74.60
N PRO A 450 64.70 -7.45 -75.15
CA PRO A 450 64.90 -7.68 -76.59
C PRO A 450 64.88 -9.15 -76.97
N PHE A 451 65.43 -10.03 -76.12
CA PHE A 451 65.40 -11.46 -76.45
C PHE A 451 63.99 -12.00 -76.42
N THR A 452 63.19 -11.56 -75.44
CA THR A 452 61.78 -11.90 -75.42
C THR A 452 61.09 -11.43 -76.70
N TYR A 453 61.40 -10.20 -77.14
CA TYR A 453 60.79 -9.68 -78.36
C TYR A 453 61.15 -10.53 -79.57
N MET A 454 62.43 -10.85 -79.74
CA MET A 454 62.80 -11.67 -80.89
C MET A 454 62.10 -13.02 -80.84
N LEU A 455 62.20 -13.73 -79.72
CA LEU A 455 61.64 -15.08 -79.66
C LEU A 455 60.14 -15.07 -79.92
N GLU A 456 59.43 -14.16 -79.26
CA GLU A 456 57.98 -14.14 -79.41
C GLU A 456 57.58 -13.76 -80.83
N LYS A 457 58.24 -12.76 -81.43
CA LYS A 457 57.88 -12.37 -82.78
C LYS A 457 58.18 -13.48 -83.79
N TRP A 458 59.35 -14.14 -83.64
CA TRP A 458 59.67 -15.23 -84.55
C TRP A 458 58.65 -16.34 -84.44
N ARG A 459 58.25 -16.68 -83.20
CA ARG A 459 57.18 -17.67 -83.03
C ARG A 459 55.88 -17.19 -83.65
N TRP A 460 55.59 -15.89 -83.54
CA TRP A 460 54.37 -15.34 -84.12
C TRP A 460 54.31 -15.60 -85.61
N MET A 461 55.35 -15.21 -86.35
CA MET A 461 55.24 -15.45 -87.79
C MET A 461 55.55 -16.91 -88.18
N VAL A 462 56.15 -17.71 -87.29
CA VAL A 462 56.18 -19.16 -87.52
C VAL A 462 54.76 -19.71 -87.55
N PHE A 463 53.93 -19.31 -86.59
CA PHE A 463 52.53 -19.73 -86.61
C PHE A 463 51.77 -19.09 -87.77
N LYS A 464 52.12 -17.86 -88.13
CA LYS A 464 51.46 -17.21 -89.27
C LYS A 464 51.73 -17.95 -90.57
N GLY A 465 52.96 -18.41 -90.76
CA GLY A 465 53.31 -19.10 -91.99
C GLY A 465 53.60 -18.20 -93.16
N GLU A 466 53.92 -16.92 -92.91
CA GLU A 466 54.24 -15.99 -94.00
C GLU A 466 55.49 -16.39 -94.75
N ILE A 467 56.40 -17.12 -94.09
CA ILE A 467 57.72 -17.45 -94.69
C ILE A 467 57.86 -18.95 -94.90
N PRO A 468 58.30 -19.43 -96.09
CA PRO A 468 58.54 -20.86 -96.33
C PRO A 468 59.58 -21.49 -95.37
N LYS A 469 59.62 -22.83 -95.34
CA LYS A 469 60.53 -23.53 -94.45
C LYS A 469 62.01 -23.26 -94.75
N GLN A 470 62.33 -22.68 -95.91
CA GLN A 470 63.69 -22.75 -96.45
C GLN A 470 64.59 -21.57 -96.08
N GLN A 471 64.10 -20.58 -95.33
CA GLN A 471 64.95 -19.43 -94.97
C GLN A 471 64.68 -18.98 -93.55
N TRP A 472 64.22 -19.90 -92.70
CA TRP A 472 63.90 -19.57 -91.31
C TRP A 472 65.12 -19.00 -90.60
N MET A 473 66.20 -19.79 -90.50
CA MET A 473 67.36 -19.37 -89.72
C MET A 473 68.02 -18.13 -90.31
N GLU A 474 68.13 -18.08 -91.65
CA GLU A 474 68.73 -16.92 -92.28
C GLU A 474 67.96 -15.64 -91.94
N LYS A 475 66.64 -15.65 -92.14
CA LYS A 475 65.84 -14.46 -91.85
C LYS A 475 65.88 -14.12 -90.37
N TRP A 476 65.80 -15.13 -89.50
CA TRP A 476 65.81 -14.90 -88.05
C TRP A 476 67.10 -14.23 -87.63
N TRP A 477 68.25 -14.77 -88.04
CA TRP A 477 69.52 -14.23 -87.61
C TRP A 477 69.79 -12.87 -88.23
N GLU A 478 69.32 -12.64 -89.46
CA GLU A 478 69.47 -11.32 -90.06
C GLU A 478 68.68 -10.29 -89.27
N MET A 479 67.44 -10.61 -88.89
CA MET A 479 66.68 -9.68 -88.06
C MET A 479 67.33 -9.50 -86.70
N LYS A 480 67.90 -10.56 -86.12
CA LYS A 480 68.61 -10.42 -84.86
C LYS A 480 69.74 -9.41 -84.98
N ARG A 481 70.57 -9.55 -86.02
CA ARG A 481 71.65 -8.60 -86.25
C ARG A 481 71.10 -7.19 -86.46
N GLU A 482 69.92 -7.07 -87.08
CA GLU A 482 69.40 -5.76 -87.44
C GLU A 482 68.69 -5.03 -86.30
N ILE A 483 68.14 -5.75 -85.33
CA ILE A 483 67.37 -5.13 -84.25
C ILE A 483 68.16 -5.12 -82.94
N VAL A 484 68.89 -6.18 -82.64
CA VAL A 484 69.66 -6.28 -81.40
C VAL A 484 71.12 -6.62 -81.64
N GLY A 485 71.52 -6.83 -82.89
CA GLY A 485 72.91 -7.12 -83.19
C GLY A 485 73.40 -8.44 -82.67
N VAL A 486 72.60 -9.49 -82.82
CA VAL A 486 72.96 -10.84 -82.41
C VAL A 486 73.44 -11.59 -83.64
N VAL A 487 74.74 -11.89 -83.69
CA VAL A 487 75.37 -12.49 -84.86
C VAL A 487 75.67 -13.95 -84.55
N GLU A 488 75.55 -14.79 -85.56
CA GLU A 488 75.99 -16.17 -85.44
C GLU A 488 77.51 -16.22 -85.45
N PRO A 489 78.16 -16.72 -84.41
CA PRO A 489 79.62 -16.93 -84.48
C PRO A 489 80.02 -17.97 -85.50
N LEU A 490 79.11 -18.87 -85.86
CA LEU A 490 79.26 -19.80 -86.98
C LEU A 490 78.01 -19.73 -87.83
N PRO A 491 78.12 -19.25 -89.08
CA PRO A 491 76.93 -19.14 -89.93
C PRO A 491 76.26 -20.50 -90.13
N HIS A 492 74.93 -20.48 -90.14
CA HIS A 492 74.15 -21.71 -90.25
C HIS A 492 73.11 -21.56 -91.34
N ASP A 493 72.86 -22.65 -92.05
CA ASP A 493 71.88 -22.70 -93.12
C ASP A 493 70.53 -23.14 -92.55
N GLU A 494 69.60 -23.50 -93.43
CA GLU A 494 68.28 -23.95 -93.02
C GLU A 494 68.31 -25.29 -92.29
N THR A 495 69.50 -25.87 -92.10
CA THR A 495 69.65 -27.15 -91.40
C THR A 495 70.01 -26.94 -89.92
N TYR A 496 69.46 -25.92 -89.28
CA TYR A 496 69.69 -25.66 -87.86
C TYR A 496 68.40 -25.20 -87.22
N CYS A 497 68.29 -25.41 -85.90
CA CYS A 497 67.15 -24.95 -85.11
C CYS A 497 67.65 -24.36 -83.79
N ASP A 498 68.65 -23.48 -83.87
CA ASP A 498 69.32 -22.96 -82.67
C ASP A 498 68.39 -22.23 -81.70
N PRO A 499 67.56 -21.26 -82.12
CA PRO A 499 66.77 -20.51 -81.13
C PRO A 499 65.60 -21.27 -80.55
N ALA A 500 65.30 -22.47 -81.03
CA ALA A 500 64.27 -23.30 -80.42
C ALA A 500 64.79 -24.10 -79.24
N CYS A 501 66.05 -23.90 -78.84
CA CYS A 501 66.68 -24.68 -77.78
C CYS A 501 66.35 -24.18 -76.39
N LEU A 502 65.64 -23.06 -76.26
CA LEU A 502 65.34 -22.52 -74.93
C LEU A 502 64.32 -23.41 -74.21
N PHE A 503 64.26 -23.23 -72.89
CA PHE A 503 63.41 -24.07 -72.05
C PHE A 503 61.93 -23.86 -72.35
N HIS A 504 61.49 -22.60 -72.38
CA HIS A 504 60.06 -22.34 -72.47
C HIS A 504 59.50 -22.69 -73.85
N VAL A 505 60.23 -22.35 -74.92
CA VAL A 505 59.85 -22.84 -76.23
C VAL A 505 60.00 -24.36 -76.29
N ALA A 506 60.89 -24.91 -75.46
CA ALA A 506 61.09 -26.34 -75.37
C ALA A 506 60.03 -27.03 -74.53
N GLU A 507 59.11 -26.29 -73.93
CA GLU A 507 57.96 -26.87 -73.24
C GLU A 507 56.67 -26.10 -73.54
N ASP A 508 56.65 -25.39 -74.67
CA ASP A 508 55.44 -24.74 -75.19
C ASP A 508 54.87 -23.74 -74.18
N TYR A 509 55.65 -22.70 -73.91
CA TYR A 509 55.23 -21.61 -73.03
C TYR A 509 55.46 -20.28 -73.72
N SER A 510 54.50 -19.37 -73.56
CA SER A 510 54.59 -18.05 -74.17
C SER A 510 55.58 -17.17 -73.40
N PHE A 511 56.18 -16.23 -74.13
CA PHE A 511 57.15 -15.31 -73.54
C PHE A 511 56.60 -13.91 -73.28
N ILE A 512 55.42 -13.58 -73.80
CA ILE A 512 54.79 -12.29 -73.51
C ILE A 512 54.62 -12.09 -72.01
N ARG A 513 54.60 -13.18 -71.24
CA ARG A 513 54.47 -13.08 -69.79
C ARG A 513 55.59 -12.24 -69.19
N TYR A 514 56.82 -12.41 -69.66
CA TYR A 514 57.94 -11.67 -69.08
C TYR A 514 57.89 -10.18 -69.43
N TYR A 515 57.59 -9.87 -70.70
CA TYR A 515 57.47 -8.46 -71.09
C TYR A 515 56.35 -7.78 -70.31
N THR A 516 55.20 -8.44 -70.20
CA THR A 516 54.10 -7.89 -69.42
C THR A 516 54.46 -7.77 -67.95
N ARG A 517 55.21 -8.74 -67.42
CA ARG A 517 55.65 -8.67 -66.03
C ARG A 517 56.50 -7.43 -65.80
N THR A 518 57.48 -7.19 -66.67
CA THR A 518 58.34 -6.03 -66.50
C THR A 518 57.56 -4.73 -66.63
N ILE A 519 56.72 -4.63 -67.65
CA ILE A 519 55.96 -3.40 -67.86
C ILE A 519 55.02 -3.16 -66.67
N TYR A 520 54.33 -4.20 -66.22
CA TYR A 520 53.38 -4.05 -65.12
C TYR A 520 54.08 -3.71 -63.81
N GLN A 521 55.23 -4.34 -63.53
CA GLN A 521 55.91 -4.03 -62.28
C GLN A 521 56.42 -2.59 -62.29
N PHE A 522 56.93 -2.11 -63.43
CA PHE A 522 57.36 -0.71 -63.48
C PHE A 522 56.18 0.24 -63.36
N GLN A 523 55.06 -0.05 -64.02
CA GLN A 523 53.87 0.80 -63.90
C GLN A 523 53.35 0.81 -62.48
N PHE A 524 53.29 -0.36 -61.84
CA PHE A 524 52.79 -0.44 -60.47
C PHE A 524 53.70 0.31 -59.52
N HIS A 525 55.02 0.17 -59.68
CA HIS A 525 55.94 0.91 -58.83
C HIS A 525 55.76 2.42 -59.04
N GLU A 526 55.65 2.86 -60.28
CA GLU A 526 55.45 4.28 -60.55
C GLU A 526 54.20 4.80 -59.87
N ALA A 527 53.06 4.15 -60.09
CA ALA A 527 51.81 4.64 -59.54
C ALA A 527 51.77 4.54 -58.02
N LEU A 528 52.29 3.43 -57.46
CA LEU A 528 52.29 3.26 -56.01
C LEU A 528 53.20 4.26 -55.32
N CYS A 529 54.37 4.54 -55.90
CA CYS A 529 55.23 5.58 -55.33
C CYS A 529 54.60 6.96 -55.46
N LYS A 530 53.90 7.23 -56.58
CA LYS A 530 53.20 8.49 -56.71
C LYS A 530 52.15 8.66 -55.63
N THR A 531 51.41 7.59 -55.33
CA THR A 531 50.45 7.65 -54.23
C THR A 531 51.14 7.75 -52.87
N ALA A 532 52.31 7.14 -52.72
CA ALA A 532 53.01 7.11 -51.44
C ALA A 532 53.82 8.38 -51.17
N LYS A 533 53.94 9.28 -52.15
CA LYS A 533 54.52 10.61 -51.96
C LYS A 533 55.98 10.55 -51.51
N HIS A 534 56.83 10.08 -52.41
CA HIS A 534 58.28 10.10 -52.21
C HIS A 534 58.93 10.90 -53.33
N GLU A 535 59.85 11.78 -52.97
CA GLU A 535 60.43 12.72 -53.91
C GLU A 535 61.89 12.36 -54.16
N GLY A 536 62.45 12.91 -55.25
CA GLY A 536 63.83 12.65 -55.61
C GLY A 536 63.95 11.58 -56.68
N ALA A 537 65.10 10.92 -56.73
CA ALA A 537 65.27 9.80 -57.66
C ALA A 537 64.29 8.69 -57.32
N LEU A 538 63.60 8.17 -58.35
CA LEU A 538 62.53 7.23 -58.09
C LEU A 538 63.04 5.85 -57.65
N PHE A 539 64.24 5.45 -58.08
CA PHE A 539 64.73 4.13 -57.71
C PHE A 539 65.05 4.01 -56.23
N LYS A 540 65.15 5.13 -55.52
CA LYS A 540 65.40 5.13 -54.08
C LYS A 540 64.12 5.13 -53.24
N CYS A 541 62.94 5.29 -53.86
CA CYS A 541 61.69 5.31 -53.10
C CYS A 541 61.40 3.96 -52.47
N ASP A 542 60.58 3.98 -51.42
CA ASP A 542 60.16 2.78 -50.72
C ASP A 542 58.65 2.80 -50.50
N ILE A 543 58.04 1.62 -50.50
CA ILE A 543 56.61 1.46 -50.22
C ILE A 543 56.53 0.88 -48.82
N SER A 544 56.46 1.75 -47.82
CA SER A 544 56.46 1.35 -46.41
C SER A 544 55.71 2.39 -45.60
N ASN A 545 54.94 1.93 -44.62
CA ASN A 545 54.10 2.80 -43.79
C ASN A 545 53.20 3.67 -44.65
N SER A 546 52.64 3.06 -45.70
CA SER A 546 51.85 3.71 -46.73
C SER A 546 50.54 2.96 -46.93
N THR A 547 49.80 2.75 -45.84
CA THR A 547 48.59 1.93 -45.88
C THR A 547 47.60 2.41 -46.93
N GLU A 548 47.59 3.70 -47.27
CA GLU A 548 46.78 4.16 -48.39
C GLU A 548 47.23 3.49 -49.69
N ALA A 549 48.54 3.42 -49.93
CA ALA A 549 49.05 2.71 -51.08
C ALA A 549 48.80 1.22 -50.98
N GLY A 550 48.80 0.67 -49.76
CA GLY A 550 48.48 -0.73 -49.59
C GLY A 550 47.04 -1.06 -49.98
N GLN A 551 46.11 -0.20 -49.58
CA GLN A 551 44.72 -0.37 -50.00
C GLN A 551 44.58 -0.17 -51.50
N ARG A 552 45.33 0.78 -52.07
CA ARG A 552 45.33 0.96 -53.51
C ARG A 552 45.78 -0.31 -54.22
N LEU A 553 46.84 -0.95 -53.72
CA LEU A 553 47.31 -2.20 -54.31
C LEU A 553 46.29 -3.32 -54.14
N LEU A 554 45.71 -3.46 -52.93
CA LEU A 554 44.69 -4.46 -52.72
C LEU A 554 43.49 -4.26 -53.64
N GLN A 555 43.20 -3.01 -54.01
CA GLN A 555 42.10 -2.72 -54.92
C GLN A 555 42.23 -3.46 -56.25
N MET A 556 43.47 -3.69 -56.71
CA MET A 556 43.65 -4.54 -57.89
C MET A 556 43.94 -5.99 -57.51
N LEU A 557 44.49 -6.23 -56.32
CA LEU A 557 44.80 -7.59 -55.91
C LEU A 557 43.54 -8.44 -55.84
N ARG A 558 42.46 -7.90 -55.27
CA ARG A 558 41.24 -8.67 -55.08
C ARG A 558 40.49 -8.97 -56.38
N LEU A 559 40.88 -8.36 -57.50
CA LEU A 559 40.05 -8.43 -58.71
C LEU A 559 40.12 -9.80 -59.38
N GLY A 560 41.32 -10.38 -59.49
CA GLY A 560 41.45 -11.64 -60.20
C GLY A 560 41.09 -11.48 -61.66
N LYS A 561 40.28 -12.40 -62.18
CA LYS A 561 39.89 -12.42 -63.59
C LYS A 561 38.43 -12.03 -63.80
N SER A 562 37.78 -11.44 -62.79
CA SER A 562 36.38 -11.08 -62.92
C SER A 562 36.15 -10.03 -64.00
N GLU A 563 37.04 -9.05 -64.09
CA GLU A 563 36.95 -7.95 -65.04
C GLU A 563 38.29 -7.78 -65.74
N PRO A 564 38.31 -7.10 -66.89
CA PRO A 564 39.53 -7.09 -67.72
C PRO A 564 40.77 -6.60 -66.99
N TRP A 565 41.92 -7.19 -67.39
CA TRP A 565 43.20 -6.77 -66.84
C TRP A 565 43.47 -5.31 -67.14
N THR A 566 42.94 -4.78 -68.24
CA THR A 566 43.08 -3.36 -68.52
C THR A 566 42.36 -2.51 -67.48
N LEU A 567 41.15 -2.91 -67.07
CA LEU A 567 40.47 -2.22 -65.98
C LEU A 567 41.24 -2.37 -64.67
N ALA A 568 41.80 -3.56 -64.42
CA ALA A 568 42.61 -3.75 -63.22
C ALA A 568 43.81 -2.81 -63.21
N LEU A 569 44.45 -2.65 -64.35
CA LEU A 569 45.55 -1.69 -64.47
C LEU A 569 45.05 -0.26 -64.27
N GLU A 570 43.87 0.06 -64.81
CA GLU A 570 43.29 1.38 -64.59
C GLU A 570 43.06 1.66 -63.12
N ASN A 571 42.79 0.62 -62.33
CA ASN A 571 42.63 0.83 -60.89
C ASN A 571 43.94 1.17 -60.18
N ILE A 572 45.07 1.23 -60.89
CA ILE A 572 46.34 1.60 -60.29
C ILE A 572 46.92 2.81 -61.00
N VAL A 573 47.16 2.69 -62.30
CA VAL A 573 47.80 3.78 -63.04
C VAL A 573 46.77 4.78 -63.54
N GLY A 574 45.52 4.35 -63.73
CA GLY A 574 44.53 5.20 -64.35
C GLY A 574 44.52 5.18 -65.85
N ILE A 575 45.42 4.40 -66.48
CA ILE A 575 45.48 4.27 -67.93
C ILE A 575 45.10 2.85 -68.29
N LYS A 576 44.49 2.69 -69.46
CA LYS A 576 43.93 1.42 -69.90
C LYS A 576 44.88 0.62 -70.78
N THR A 577 46.08 1.12 -71.06
CA THR A 577 47.01 0.46 -71.97
C THR A 577 48.41 0.46 -71.38
N MET A 578 49.26 -0.41 -71.93
CA MET A 578 50.65 -0.44 -71.53
C MET A 578 51.37 0.81 -72.01
N ASP A 579 52.42 1.19 -71.28
CA ASP A 579 53.17 2.40 -71.61
C ASP A 579 54.65 2.16 -71.35
N VAL A 580 55.47 2.96 -72.03
CA VAL A 580 56.92 2.92 -71.85
C VAL A 580 57.40 4.01 -70.88
N LYS A 581 56.51 4.90 -70.46
CA LYS A 581 56.89 5.98 -69.55
C LYS A 581 57.56 5.50 -68.27
N PRO A 582 57.10 4.45 -67.58
CA PRO A 582 57.89 3.95 -66.44
C PRO A 582 59.30 3.50 -66.82
N LEU A 583 59.44 2.84 -67.98
CA LEU A 583 60.77 2.43 -68.43
C LEU A 583 61.67 3.62 -68.65
N LEU A 584 61.14 4.67 -69.29
CA LEU A 584 61.95 5.87 -69.53
C LEU A 584 62.28 6.59 -68.24
N ASN A 585 61.31 6.69 -67.33
CA ASN A 585 61.49 7.52 -66.13
C ASN A 585 62.37 6.83 -65.10
N TYR A 586 62.29 5.50 -65.00
CA TYR A 586 63.08 4.79 -63.99
C TYR A 586 64.57 4.90 -64.27
N PHE A 587 64.95 5.09 -65.54
CA PHE A 587 66.35 5.14 -65.94
C PHE A 587 66.77 6.52 -66.43
N GLU A 588 66.13 7.59 -65.93
CA GLU A 588 66.52 8.94 -66.37
C GLU A 588 67.96 9.29 -66.01
N PRO A 589 68.42 9.14 -64.76
CA PRO A 589 69.81 9.52 -64.47
C PRO A 589 70.82 8.57 -65.08
N LEU A 590 70.50 7.26 -65.13
CA LEU A 590 71.38 6.32 -65.82
C LEU A 590 71.53 6.69 -67.29
N PHE A 591 70.42 7.00 -67.95
CA PHE A 591 70.47 7.40 -69.36
C PHE A 591 71.22 8.70 -69.54
N THR A 592 71.06 9.65 -68.62
CA THR A 592 71.83 10.89 -68.70
C THR A 592 73.32 10.61 -68.60
N TRP A 593 73.72 9.73 -67.68
CA TRP A 593 75.14 9.44 -67.53
C TRP A 593 75.69 8.71 -68.75
N LEU A 594 74.93 7.75 -69.28
CA LEU A 594 75.40 7.06 -70.49
C LEU A 594 75.47 8.02 -71.68
N LYS A 595 74.52 8.95 -71.80
CA LYS A 595 74.55 9.84 -72.95
C LYS A 595 75.66 10.88 -72.83
N GLU A 596 76.01 11.30 -71.60
CA GLU A 596 77.14 12.20 -71.45
C GLU A 596 78.47 11.48 -71.56
N GLN A 597 78.50 10.16 -71.34
CA GLN A 597 79.72 9.38 -71.56
C GLN A 597 79.85 8.87 -72.99
N ASN A 598 78.77 8.89 -73.77
CA ASN A 598 78.77 8.41 -75.15
C ASN A 598 79.21 9.48 -76.14
N ARG A 599 79.86 10.54 -75.67
CA ARG A 599 80.29 11.63 -76.54
C ARG A 599 81.39 11.21 -77.51
N ASN A 600 82.12 10.14 -77.20
CA ASN A 600 83.27 9.73 -78.00
C ASN A 600 83.22 8.24 -78.32
N SER A 601 82.04 7.70 -78.57
CA SER A 601 81.88 6.29 -78.91
C SER A 601 80.85 6.14 -80.01
N PHE A 602 81.00 5.05 -80.78
CA PHE A 602 80.06 4.76 -81.86
C PHE A 602 78.71 4.36 -81.30
N VAL A 603 77.65 4.76 -82.00
CA VAL A 603 76.28 4.37 -81.68
C VAL A 603 75.69 3.70 -82.91
N GLY A 604 75.16 2.50 -82.73
CA GLY A 604 74.64 1.72 -83.84
C GLY A 604 75.54 0.55 -84.18
N TRP A 605 75.05 -0.29 -85.10
CA TRP A 605 75.76 -1.50 -85.50
C TRP A 605 75.57 -1.72 -87.00
N SER A 606 76.47 -2.52 -87.57
CA SER A 606 76.39 -2.94 -88.96
C SER A 606 76.24 -4.45 -89.02
N THR A 607 75.22 -4.93 -89.73
CA THR A 607 74.92 -6.35 -89.79
C THR A 607 75.80 -7.11 -90.78
N GLU A 608 76.57 -6.41 -91.62
CA GLU A 608 77.42 -7.08 -92.60
C GLU A 608 78.54 -7.85 -91.92
N TRP A 609 79.09 -7.31 -90.83
CA TRP A 609 80.23 -7.94 -90.17
C TRP A 609 79.82 -9.23 -89.48
N THR A 610 80.59 -10.28 -89.72
CA THR A 610 80.48 -11.57 -89.05
C THR A 610 81.86 -12.02 -88.60
N PRO A 611 81.95 -12.79 -87.50
CA PRO A 611 83.28 -13.13 -86.96
C PRO A 611 84.12 -13.99 -87.90
N TYR A 612 83.51 -14.71 -88.84
CA TYR A 612 84.25 -15.56 -89.76
C TYR A 612 84.42 -14.95 -91.15
N SER A 613 84.12 -13.67 -91.30
CA SER A 613 84.35 -12.95 -92.56
C SER A 613 85.52 -12.00 -92.35
N ASP A 614 86.67 -12.35 -92.92
CA ASP A 614 87.86 -11.54 -92.80
C ASP A 614 88.37 -11.11 -94.17
N THR B 26 47.97 24.33 -7.56
CA THR B 26 48.29 23.87 -6.22
C THR B 26 47.39 24.54 -5.19
N THR B 27 46.75 23.73 -4.33
CA THR B 27 45.86 24.26 -3.31
C THR B 27 45.90 23.35 -2.10
N THR B 28 45.50 23.90 -0.96
CA THR B 28 45.45 23.15 0.29
C THR B 28 44.13 22.39 0.39
N GLN B 29 44.11 21.40 1.28
CA GLN B 29 42.95 20.53 1.49
C GLN B 29 42.58 20.50 2.98
N SER B 30 42.52 21.68 3.59
CA SER B 30 42.16 21.77 5.00
C SER B 30 40.71 21.37 5.21
N TYR B 31 40.45 20.75 6.36
CA TYR B 31 39.14 20.25 6.73
C TYR B 31 38.56 21.12 7.83
N THR B 32 37.29 21.50 7.68
CA THR B 32 36.59 22.33 8.65
C THR B 32 35.21 21.75 8.91
N ASN B 33 34.59 22.22 9.99
CA ASN B 33 33.25 21.78 10.36
C ASN B 33 32.22 22.67 9.70
N SER B 34 31.19 22.06 9.10
CA SER B 34 30.18 22.81 8.36
C SER B 34 29.28 23.65 9.26
N PHE B 35 29.28 23.40 10.56
CA PHE B 35 28.43 24.13 11.54
C PHE B 35 26.98 23.92 11.12
N THR B 36 26.11 24.91 11.30
CA THR B 36 24.74 24.86 10.80
C THR B 36 24.65 25.81 9.61
N ARG B 37 24.35 25.24 8.44
CA ARG B 37 24.43 25.98 7.19
C ARG B 37 23.95 25.09 6.05
N GLY B 38 23.50 25.72 4.98
CA GLY B 38 23.13 25.02 3.76
C GLY B 38 21.66 24.74 3.60
N VAL B 39 20.78 25.59 4.12
CA VAL B 39 19.35 25.38 4.07
C VAL B 39 18.77 26.40 3.10
N TYR B 40 18.16 25.91 2.02
CA TYR B 40 17.54 26.74 1.01
C TYR B 40 16.02 26.62 1.09
N TYR B 41 15.34 27.29 0.17
CA TYR B 41 13.89 27.20 0.07
C TYR B 41 13.53 26.00 -0.81
N PRO B 42 12.93 24.93 -0.27
CA PRO B 42 12.63 23.76 -1.10
C PRO B 42 11.68 24.05 -2.25
N ASP B 43 10.71 24.95 -2.06
CA ASP B 43 9.72 25.24 -3.10
C ASP B 43 9.50 26.73 -3.23
N LYS B 44 8.47 27.11 -3.99
CA LYS B 44 8.13 28.50 -4.27
C LYS B 44 6.86 28.91 -3.54
N VAL B 45 6.69 28.45 -2.31
CA VAL B 45 5.46 28.60 -1.56
C VAL B 45 5.74 29.44 -0.32
N PHE B 46 5.04 30.55 -0.18
CA PHE B 46 5.25 31.46 0.94
C PHE B 46 4.66 30.90 2.22
N ARG B 47 5.31 31.22 3.34
CA ARG B 47 4.91 30.72 4.65
C ARG B 47 5.30 31.76 5.70
N SER B 48 4.65 31.67 6.86
CA SER B 48 4.93 32.58 7.96
C SER B 48 4.41 31.99 9.26
N SER B 49 5.19 32.16 10.33
CA SER B 49 4.83 31.70 11.67
C SER B 49 4.52 30.20 11.67
N VAL B 50 5.30 29.44 10.89
CA VAL B 50 5.07 28.02 10.71
C VAL B 50 6.40 27.30 10.84
N LEU B 51 6.33 26.03 11.25
CA LEU B 51 7.51 25.21 11.49
C LEU B 51 7.52 24.01 10.54
N HIS B 52 7.31 24.29 9.26
CA HIS B 52 7.14 23.25 8.25
C HIS B 52 8.31 22.27 8.24
N LEU B 53 7.99 20.98 8.12
CA LEU B 53 8.97 19.91 8.11
C LEU B 53 9.06 19.34 6.70
N THR B 54 10.30 19.19 6.20
CA THR B 54 10.52 18.70 4.84
C THR B 54 11.57 17.60 4.85
N GLN B 55 11.49 16.74 3.83
CA GLN B 55 12.48 15.70 3.58
C GLN B 55 13.08 15.97 2.22
N ASP B 56 14.34 16.43 2.20
CA ASP B 56 14.97 16.85 0.96
C ASP B 56 16.48 16.74 1.13
N LEU B 57 17.17 16.63 -0.01
CA LEU B 57 18.63 16.57 0.00
C LEU B 57 19.20 17.87 0.54
N PHE B 58 19.79 17.81 1.74
CA PHE B 58 20.32 18.99 2.40
C PHE B 58 21.74 18.70 2.88
N LEU B 59 22.53 19.75 3.01
CA LEU B 59 23.85 19.63 3.62
C LEU B 59 23.68 19.31 5.09
N PRO B 60 24.21 18.19 5.59
CA PRO B 60 24.06 17.88 7.01
C PRO B 60 24.69 18.96 7.88
N PHE B 61 24.03 19.26 8.99
CA PHE B 61 24.56 20.23 9.94
C PHE B 61 25.80 19.66 10.60
N PHE B 62 26.75 20.55 10.91
CA PHE B 62 28.00 20.16 11.59
C PHE B 62 28.71 19.02 10.84
N SER B 63 28.60 19.04 9.53
CA SER B 63 29.25 18.03 8.70
C SER B 63 30.66 18.49 8.35
N ASN B 64 31.33 17.72 7.50
CA ASN B 64 32.71 18.00 7.11
C ASN B 64 32.75 18.70 5.77
N VAL B 65 33.41 19.85 5.73
CA VAL B 65 33.56 20.64 4.51
C VAL B 65 35.06 20.83 4.25
N THR B 66 35.47 20.59 3.00
CA THR B 66 36.87 20.63 2.62
C THR B 66 37.21 22.02 2.12
N TRP B 67 37.68 22.87 3.03
CA TRP B 67 38.08 24.22 2.68
C TRP B 67 39.36 24.18 1.85
N PHE B 68 39.40 24.95 0.77
CA PHE B 68 40.53 24.95 -0.16
C PHE B 68 41.14 26.34 -0.24
N HIS B 69 42.21 26.44 -1.05
CA HIS B 69 42.89 27.71 -1.26
C HIS B 69 43.11 27.93 -2.75
N ALA B 70 43.90 28.94 -3.10
CA ALA B 70 44.19 29.22 -4.50
C ALA B 70 45.56 29.87 -4.61
N ILE B 71 46.47 29.24 -5.36
CA ILE B 71 47.77 29.81 -5.63
C ILE B 71 48.07 29.73 -7.13
N ASP B 81 46.57 21.52 -8.24
CA ASP B 81 45.96 22.33 -9.29
C ASP B 81 44.56 21.84 -9.64
N ASN B 82 43.55 22.49 -9.05
CA ASN B 82 42.15 22.22 -9.33
C ASN B 82 41.82 20.73 -9.16
N PRO B 83 41.71 20.25 -7.92
CA PRO B 83 41.33 18.85 -7.71
C PRO B 83 39.93 18.57 -8.23
N VAL B 84 39.72 17.32 -8.63
CA VAL B 84 38.44 16.91 -9.22
C VAL B 84 37.56 16.43 -8.06
N LEU B 85 36.78 17.35 -7.51
CA LEU B 85 35.86 16.99 -6.43
C LEU B 85 34.70 16.17 -6.98
N PRO B 86 34.41 15.01 -6.41
CA PRO B 86 33.27 14.23 -6.88
C PRO B 86 31.94 14.93 -6.65
N PHE B 87 31.00 14.68 -7.55
CA PHE B 87 29.65 15.25 -7.51
C PHE B 87 28.67 14.10 -7.31
N ASN B 88 28.29 13.85 -6.06
CA ASN B 88 27.28 12.86 -5.74
C ASN B 88 26.27 13.50 -4.79
N ASP B 89 24.99 13.38 -5.14
CA ASP B 89 23.90 14.01 -4.38
C ASP B 89 24.13 15.51 -4.22
N GLY B 90 24.69 16.12 -5.26
CA GLY B 90 24.94 17.54 -5.27
C GLY B 90 26.15 17.95 -4.44
N VAL B 91 26.55 19.21 -4.64
CA VAL B 91 27.65 19.80 -3.90
C VAL B 91 27.25 21.20 -3.46
N TYR B 92 27.59 21.53 -2.22
CA TYR B 92 27.41 22.86 -1.65
C TYR B 92 28.71 23.63 -1.77
N PHE B 93 28.67 24.79 -2.41
CA PHE B 93 29.87 25.58 -2.65
C PHE B 93 29.73 26.95 -1.98
N ALA B 94 30.86 27.49 -1.52
CA ALA B 94 30.92 28.83 -0.95
C ALA B 94 32.29 29.43 -1.22
N SER B 95 32.36 30.75 -1.16
CA SER B 95 33.61 31.46 -1.43
C SER B 95 33.56 32.85 -0.82
N THR B 96 34.65 33.23 -0.16
CA THR B 96 34.82 34.57 0.39
C THR B 96 36.00 35.24 -0.30
N GLU B 97 35.79 36.46 -0.78
CA GLU B 97 36.79 37.12 -1.61
C GLU B 97 36.72 38.63 -1.39
N LYS B 98 37.82 39.30 -1.71
CA LYS B 98 37.87 40.75 -1.55
C LYS B 98 37.09 41.46 -2.65
N SER B 99 37.51 41.27 -3.91
CA SER B 99 36.74 41.75 -5.05
C SER B 99 36.29 40.60 -5.94
N ASN B 100 37.24 39.81 -6.47
CA ASN B 100 36.92 38.63 -7.25
C ASN B 100 38.19 37.84 -7.50
N ILE B 101 38.08 36.52 -7.35
CA ILE B 101 39.09 35.57 -7.80
C ILE B 101 38.51 34.40 -8.55
N ILE B 102 37.20 34.38 -8.77
CA ILE B 102 36.47 33.24 -9.29
C ILE B 102 35.67 33.66 -10.52
N ARG B 103 35.71 32.84 -11.56
CA ARG B 103 34.96 33.09 -12.78
C ARG B 103 33.91 32.02 -13.07
N GLY B 104 34.30 30.75 -13.10
CA GLY B 104 33.36 29.75 -13.54
C GLY B 104 33.68 28.36 -13.02
N TRP B 105 32.71 27.46 -13.23
CA TRP B 105 32.76 26.07 -12.77
C TRP B 105 32.62 25.15 -13.97
N ILE B 106 33.02 23.89 -13.78
CA ILE B 106 32.79 22.84 -14.76
C ILE B 106 32.27 21.61 -14.02
N PHE B 107 31.35 20.89 -14.66
CA PHE B 107 30.75 19.68 -14.12
C PHE B 107 30.71 18.62 -15.21
N GLY B 108 30.23 17.43 -14.86
CA GLY B 108 30.05 16.37 -15.82
C GLY B 108 30.96 15.18 -15.55
N THR B 109 31.18 14.39 -16.61
CA THR B 109 32.00 13.19 -16.55
C THR B 109 33.04 13.21 -17.66
N THR B 110 34.31 13.01 -17.28
CA THR B 110 35.45 12.89 -18.19
C THR B 110 35.80 14.21 -18.85
N LEU B 111 34.95 15.22 -18.67
CA LEU B 111 35.25 16.62 -19.00
C LEU B 111 35.82 16.78 -20.40
N ASP B 112 35.18 16.13 -21.38
CA ASP B 112 35.63 16.25 -22.76
C ASP B 112 34.47 16.45 -23.72
N SER B 113 34.74 16.41 -25.02
CA SER B 113 33.70 16.52 -26.04
C SER B 113 33.12 15.15 -26.38
N LYS B 114 32.79 14.39 -25.35
CA LYS B 114 32.20 13.07 -25.49
C LYS B 114 30.84 12.96 -24.82
N THR B 115 30.69 13.51 -23.62
CA THR B 115 29.43 13.56 -22.90
C THR B 115 29.09 15.02 -22.57
N GLN B 116 27.81 15.35 -22.63
CA GLN B 116 27.38 16.71 -22.37
C GLN B 116 27.76 17.12 -20.94
N SER B 117 28.33 18.31 -20.81
CA SER B 117 28.80 18.83 -19.53
C SER B 117 28.24 20.22 -19.34
N LEU B 118 28.71 20.91 -18.30
CA LEU B 118 28.20 22.22 -17.95
C LEU B 118 29.34 23.14 -17.54
N LEU B 119 29.25 24.40 -17.98
CA LEU B 119 30.17 25.45 -17.59
C LEU B 119 29.35 26.68 -17.23
N ILE B 120 29.65 27.29 -16.09
CA ILE B 120 28.77 28.29 -15.50
C ILE B 120 29.56 29.59 -15.35
N VAL B 121 30.47 29.86 -16.30
CA VAL B 121 31.34 31.03 -16.18
C VAL B 121 30.52 32.30 -16.30
N ASN B 122 30.98 33.36 -15.66
CA ASN B 122 30.35 34.67 -15.68
C ASN B 122 31.30 35.72 -16.25
N ASN B 123 30.82 36.95 -16.33
CA ASN B 123 31.67 38.08 -16.71
C ASN B 123 31.17 39.33 -15.98
N ALA B 124 31.72 40.49 -16.36
CA ALA B 124 31.56 41.70 -15.58
C ALA B 124 30.11 42.18 -15.53
N THR B 125 29.30 41.83 -16.53
CA THR B 125 27.93 42.34 -16.61
C THR B 125 26.86 41.26 -16.61
N ASN B 126 27.18 40.02 -16.99
CA ASN B 126 26.17 38.98 -17.13
C ASN B 126 26.82 37.64 -16.84
N VAL B 127 26.12 36.56 -17.22
CA VAL B 127 26.63 35.21 -17.08
C VAL B 127 26.83 34.62 -18.48
N PHE B 128 27.59 33.54 -18.54
CA PHE B 128 27.86 32.80 -19.78
C PHE B 128 27.66 31.32 -19.56
N ILE B 129 26.65 30.97 -18.74
CA ILE B 129 26.36 29.57 -18.47
C ILE B 129 25.87 28.89 -19.74
N LYS B 130 26.41 27.71 -20.01
CA LYS B 130 26.05 26.96 -21.21
C LYS B 130 26.23 25.46 -20.94
N VAL B 131 25.20 24.68 -21.26
CA VAL B 131 25.25 23.22 -21.15
C VAL B 131 25.81 22.73 -22.47
N CYS B 132 27.14 22.67 -22.57
CA CYS B 132 27.83 22.35 -23.81
C CYS B 132 28.68 21.11 -23.63
N GLU B 133 29.27 20.67 -24.74
CA GLU B 133 30.14 19.51 -24.76
C GLU B 133 31.53 19.97 -25.20
N PHE B 134 32.00 21.05 -24.59
CA PHE B 134 33.28 21.65 -24.92
C PHE B 134 34.39 20.60 -24.99
N GLN B 135 35.36 20.83 -25.86
CA GLN B 135 36.38 19.82 -26.13
C GLN B 135 37.36 19.69 -24.97
N PHE B 136 38.15 20.74 -24.73
CA PHE B 136 39.12 20.77 -23.65
C PHE B 136 39.72 22.17 -23.57
N CYS B 137 40.03 22.58 -22.35
CA CYS B 137 40.79 23.81 -22.12
C CYS B 137 42.03 23.59 -21.28
N ASN B 138 41.93 22.79 -20.21
CA ASN B 138 43.05 22.51 -19.31
C ASN B 138 43.69 23.79 -18.78
N ASP B 139 42.85 24.79 -18.52
CA ASP B 139 43.32 26.08 -18.00
C ASP B 139 42.23 26.77 -17.21
N GLY B 158 39.22 33.56 -23.20
CA GLY B 158 39.22 32.41 -24.09
C GLY B 158 39.52 31.09 -23.39
N VAL B 159 38.47 30.31 -23.14
CA VAL B 159 38.61 29.04 -22.44
C VAL B 159 38.04 27.92 -23.30
N TYR B 160 36.78 28.07 -23.72
CA TYR B 160 36.12 27.01 -24.47
C TYR B 160 36.68 26.92 -25.89
N SER B 161 36.52 25.74 -26.48
CA SER B 161 37.07 25.47 -27.81
C SER B 161 36.04 24.97 -28.80
N SER B 162 35.08 24.16 -28.36
CA SER B 162 34.12 23.51 -29.25
C SER B 162 32.70 23.88 -28.86
N ALA B 163 31.90 24.25 -29.86
CA ALA B 163 30.48 24.54 -29.68
C ALA B 163 29.66 23.94 -30.81
N ASN B 164 30.00 22.70 -31.21
CA ASN B 164 29.34 22.08 -32.36
C ASN B 164 28.06 21.38 -31.95
N ASN B 165 28.15 20.41 -31.03
CA ASN B 165 27.00 19.65 -30.56
C ASN B 165 26.48 20.20 -29.23
N CYS B 166 26.57 21.52 -29.06
CA CYS B 166 26.20 22.19 -27.83
C CYS B 166 24.99 23.08 -28.04
N THR B 167 24.13 23.12 -27.03
CA THR B 167 22.95 23.99 -27.03
C THR B 167 22.84 24.62 -25.65
N PHE B 168 21.70 25.24 -25.39
CA PHE B 168 21.34 25.77 -24.07
C PHE B 168 22.35 26.84 -23.62
N GLU B 169 22.37 27.93 -24.37
CA GLU B 169 23.11 29.13 -23.99
C GLU B 169 22.18 30.08 -23.25
N TYR B 170 22.58 30.47 -22.04
CA TYR B 170 21.71 31.22 -21.15
C TYR B 170 22.48 32.43 -20.62
N VAL B 171 21.85 33.60 -20.67
CA VAL B 171 22.45 34.85 -20.21
C VAL B 171 21.43 35.58 -19.34
N SER B 172 21.85 35.97 -18.15
CA SER B 172 21.00 36.75 -17.24
C SER B 172 21.91 37.61 -16.37
N GLN B 173 21.38 38.12 -15.27
CA GLN B 173 22.15 38.97 -14.38
C GLN B 173 23.33 38.20 -13.80
N PRO B 174 24.47 38.86 -13.54
CA PRO B 174 25.66 38.14 -13.10
C PRO B 174 25.49 37.54 -11.72
N PHE B 175 26.26 36.48 -11.46
CA PHE B 175 26.12 35.78 -10.18
C PHE B 175 26.85 36.48 -9.04
N LEU B 176 27.72 37.44 -9.34
CA LEU B 176 28.48 38.08 -8.26
C LEU B 176 27.83 39.40 -7.87
N MET B 177 27.45 39.52 -6.60
CA MET B 177 27.19 40.81 -5.98
C MET B 177 28.50 41.25 -5.31
N ASP B 178 28.98 42.45 -5.66
CA ASP B 178 30.18 42.99 -5.05
C ASP B 178 29.89 44.38 -4.50
N LEU B 179 30.15 44.56 -3.21
CA LEU B 179 29.90 45.83 -2.54
C LEU B 179 30.96 46.05 -1.47
N GLU B 180 31.22 47.32 -1.17
CA GLU B 180 32.22 47.70 -0.18
C GLU B 180 31.83 49.01 0.47
N GLY B 181 32.07 49.11 1.77
CA GLY B 181 31.82 50.36 2.50
C GLY B 181 33.02 51.27 2.50
N LYS B 182 33.45 51.69 1.31
CA LYS B 182 34.64 52.53 1.12
C LYS B 182 35.89 51.87 1.69
N GLN B 183 35.92 50.54 1.69
CA GLN B 183 37.07 49.79 2.16
C GLN B 183 36.97 48.36 1.66
N GLY B 184 38.13 47.72 1.49
CA GLY B 184 38.18 46.35 1.06
C GLY B 184 37.95 45.32 2.14
N ASN B 185 37.82 45.76 3.40
CA ASN B 185 37.57 44.82 4.49
C ASN B 185 36.20 44.18 4.43
N PHE B 186 35.27 44.76 3.67
CA PHE B 186 33.94 44.19 3.53
C PHE B 186 33.97 42.98 2.61
N LYS B 187 34.62 41.91 3.06
CA LYS B 187 34.79 40.72 2.24
C LYS B 187 33.44 40.03 2.03
N ASN B 188 32.95 40.05 0.80
CA ASN B 188 31.68 39.41 0.47
C ASN B 188 31.81 37.90 0.56
N LEU B 189 30.74 37.26 1.04
CA LEU B 189 30.65 35.81 1.08
C LEU B 189 29.49 35.37 0.21
N ARG B 190 29.73 34.38 -0.65
CA ARG B 190 28.74 33.88 -1.59
C ARG B 190 28.50 32.41 -1.27
N GLU B 191 27.29 31.94 -1.58
CA GLU B 191 26.84 30.62 -1.13
C GLU B 191 25.97 29.99 -2.20
N PHE B 192 26.45 28.90 -2.79
CA PHE B 192 25.79 28.24 -3.91
C PHE B 192 25.70 26.74 -3.63
N VAL B 193 24.48 26.21 -3.65
CA VAL B 193 24.22 24.79 -3.44
C VAL B 193 23.55 24.24 -4.68
N PHE B 194 23.99 23.04 -5.12
CA PHE B 194 23.57 22.46 -6.39
C PHE B 194 22.98 21.08 -6.18
N LYS B 195 22.06 20.72 -7.08
CA LYS B 195 21.58 19.34 -7.21
C LYS B 195 20.91 19.20 -8.56
N ASN B 196 20.87 17.97 -9.05
CA ASN B 196 20.31 17.66 -10.37
C ASN B 196 19.37 16.46 -10.29
N ILE B 197 18.49 16.46 -9.30
CA ILE B 197 17.46 15.41 -9.23
C ILE B 197 16.46 15.65 -10.35
N ASP B 198 16.17 14.58 -11.11
CA ASP B 198 15.42 14.64 -12.36
C ASP B 198 15.79 15.89 -13.17
N GLY B 199 17.10 16.00 -13.44
CA GLY B 199 17.62 17.19 -14.09
C GLY B 199 17.41 18.41 -13.21
N TYR B 200 17.04 19.52 -13.84
CA TYR B 200 16.63 20.74 -13.14
C TYR B 200 17.74 21.21 -12.18
N PHE B 201 18.87 21.59 -12.76
CA PHE B 201 19.96 22.14 -11.97
C PHE B 201 19.49 23.37 -11.19
N LYS B 202 19.83 23.41 -9.91
CA LYS B 202 19.36 24.47 -9.02
C LYS B 202 20.55 25.23 -8.45
N ILE B 203 20.44 26.55 -8.43
CA ILE B 203 21.45 27.42 -7.85
C ILE B 203 20.77 28.34 -6.86
N TYR B 204 21.02 28.11 -5.56
CA TYR B 204 20.50 28.95 -4.50
C TYR B 204 21.64 29.84 -3.99
N SER B 205 21.35 31.13 -3.83
CA SER B 205 22.40 32.08 -3.50
C SER B 205 21.92 33.10 -2.47
N LYS B 206 22.89 33.59 -1.68
CA LYS B 206 22.67 34.71 -0.78
C LYS B 206 24.02 35.34 -0.51
N HIS B 207 24.13 36.64 -0.77
CA HIS B 207 25.39 37.37 -0.62
C HIS B 207 25.34 38.26 0.60
N THR B 208 26.41 38.27 1.39
CA THR B 208 26.50 39.09 2.58
C THR B 208 27.97 39.38 2.86
N PRO B 209 28.38 40.65 2.91
CA PRO B 209 29.74 40.97 3.34
C PRO B 209 29.92 40.71 4.82
N ILE B 210 29.93 39.43 5.20
CA ILE B 210 29.95 38.99 6.58
C ILE B 210 31.32 39.31 7.20
N ILE B 211 31.44 39.08 8.51
CA ILE B 211 32.63 39.40 9.30
C ILE B 211 33.92 39.04 8.58
N GLY B 212 33.90 37.97 7.78
CA GLY B 212 34.98 37.69 6.88
C GLY B 212 36.13 36.88 7.44
N ARG B 213 36.02 36.39 8.68
CA ARG B 213 37.05 35.52 9.23
C ARG B 213 37.16 34.25 8.41
N ASP B 214 36.07 33.49 8.38
CA ASP B 214 36.00 32.21 7.68
C ASP B 214 34.55 31.77 7.56
N PHE B 215 34.32 30.51 7.19
CA PHE B 215 32.99 29.90 7.21
C PHE B 215 32.33 30.20 8.55
N PRO B 216 31.30 31.04 8.59
CA PRO B 216 30.76 31.52 9.87
C PRO B 216 29.78 30.51 10.46
N GLN B 217 29.17 30.92 11.57
CA GLN B 217 28.27 30.07 12.34
C GLN B 217 26.82 30.55 12.33
N GLY B 218 26.59 31.85 12.25
CA GLY B 218 25.23 32.35 12.27
C GLY B 218 24.43 31.86 11.07
N PHE B 219 23.18 31.48 11.32
CA PHE B 219 22.35 30.92 10.28
C PHE B 219 21.98 31.97 9.24
N SER B 220 21.70 31.50 8.03
CA SER B 220 21.27 32.37 6.94
C SER B 220 20.44 31.55 5.97
N ALA B 221 19.32 32.12 5.52
CA ALA B 221 18.53 31.49 4.47
C ALA B 221 19.32 31.46 3.17
N LEU B 222 18.76 30.83 2.15
CA LEU B 222 19.47 30.64 0.89
C LEU B 222 18.46 30.74 -0.25
N GLU B 223 18.37 31.92 -0.86
CA GLU B 223 17.35 32.20 -1.86
C GLU B 223 17.76 31.62 -3.22
N PRO B 224 16.85 31.03 -3.97
CA PRO B 224 17.19 30.57 -5.32
C PRO B 224 17.42 31.75 -6.27
N LEU B 225 18.32 31.55 -7.23
CA LEU B 225 18.52 32.50 -8.31
C LEU B 225 17.96 32.00 -9.63
N VAL B 226 18.37 30.81 -10.06
CA VAL B 226 17.97 30.26 -11.36
C VAL B 226 17.51 28.83 -11.16
N ASP B 227 16.71 28.35 -12.12
CA ASP B 227 16.20 26.99 -12.13
C ASP B 227 16.12 26.56 -13.59
N LEU B 228 17.04 25.71 -14.01
CA LEU B 228 17.14 25.33 -15.41
C LEU B 228 17.06 23.82 -15.55
N PRO B 229 16.11 23.30 -16.35
CA PRO B 229 16.00 21.85 -16.51
C PRO B 229 17.01 21.29 -17.51
N ILE B 230 18.21 20.97 -17.02
CA ILE B 230 19.30 20.55 -17.89
C ILE B 230 18.96 19.23 -18.57
N GLY B 231 18.57 18.22 -17.79
CA GLY B 231 18.29 16.90 -18.33
C GLY B 231 19.51 16.17 -18.87
N ILE B 232 20.65 16.27 -18.18
CA ILE B 232 21.87 15.56 -18.59
C ILE B 232 22.41 14.78 -17.41
N ASN B 233 23.56 14.13 -17.61
CA ASN B 233 24.21 13.36 -16.56
C ASN B 233 25.45 14.09 -16.06
N ILE B 234 25.58 14.18 -14.74
CA ILE B 234 26.68 14.90 -14.09
C ILE B 234 27.24 14.03 -12.97
N THR B 235 28.57 13.96 -12.89
CA THR B 235 29.23 13.14 -11.87
C THR B 235 30.39 13.82 -11.15
N ARG B 236 31.03 14.84 -11.73
CA ARG B 236 32.23 15.43 -11.14
C ARG B 236 32.04 16.94 -10.97
N PHE B 237 33.10 17.59 -10.50
CA PHE B 237 33.02 19.01 -10.14
C PHE B 237 34.43 19.58 -10.13
N GLN B 238 34.71 20.54 -11.00
CA GLN B 238 35.92 21.35 -10.96
C GLN B 238 35.53 22.82 -11.12
N THR B 239 36.54 23.69 -11.16
CA THR B 239 36.30 25.13 -11.13
C THR B 239 37.39 25.87 -11.89
N LEU B 240 37.00 26.95 -12.56
CA LEU B 240 37.92 27.83 -13.28
C LEU B 240 38.40 28.95 -12.35
N LEU B 241 39.45 29.64 -12.77
CA LEU B 241 40.01 30.73 -11.97
C LEU B 241 40.16 32.00 -12.80
N ALA B 242 40.77 33.03 -12.22
CA ALA B 242 40.87 34.35 -12.82
C ALA B 242 42.34 34.70 -13.08
N LEU B 243 42.58 35.94 -13.48
CA LEU B 243 43.90 36.44 -13.82
C LEU B 243 44.34 37.52 -12.84
N ASN B 244 45.66 37.63 -12.66
CA ASN B 244 46.22 38.64 -11.78
C ASN B 244 47.62 38.98 -12.26
N ARG B 245 48.09 40.16 -11.84
CA ARG B 245 49.43 40.61 -12.19
C ARG B 245 50.09 41.30 -11.01
N ALA B 262 41.08 30.44 1.25
CA ALA B 262 40.33 31.67 1.48
C ALA B 262 38.96 31.60 0.82
N ASP B 263 38.75 30.55 0.03
CA ASP B 263 37.51 30.36 -0.71
C ASP B 263 37.36 28.86 -1.00
N TYR B 264 36.46 28.52 -1.93
CA TYR B 264 36.30 27.15 -2.42
C TYR B 264 35.80 26.20 -1.33
N TYR B 265 34.90 26.67 -0.47
CA TYR B 265 34.27 25.78 0.49
C TYR B 265 33.38 24.78 -0.23
N VAL B 266 33.53 23.51 0.11
CA VAL B 266 32.85 22.42 -0.58
C VAL B 266 32.15 21.54 0.44
N GLY B 267 30.87 21.28 0.23
CA GLY B 267 30.11 20.42 1.11
C GLY B 267 29.25 19.46 0.32
N TYR B 268 28.91 18.35 0.98
CA TYR B 268 28.16 17.26 0.37
C TYR B 268 26.83 17.10 1.09
N LEU B 269 25.74 17.05 0.33
CA LEU B 269 24.42 16.88 0.89
C LEU B 269 24.05 15.40 0.99
N GLN B 270 23.17 15.10 1.93
CA GLN B 270 22.71 13.75 2.21
C GLN B 270 21.19 13.78 2.34
N PRO B 271 20.53 12.65 2.07
CA PRO B 271 19.06 12.62 2.21
C PRO B 271 18.63 12.69 3.67
N ARG B 272 18.15 13.86 4.10
CA ARG B 272 17.80 14.09 5.50
C ARG B 272 16.45 14.80 5.57
N THR B 273 15.83 14.70 6.73
CA THR B 273 14.61 15.44 7.04
C THR B 273 14.99 16.70 7.81
N PHE B 274 14.42 17.83 7.40
CA PHE B 274 14.74 19.11 8.01
C PHE B 274 13.47 19.81 8.49
N LEU B 275 13.67 20.69 9.48
CA LEU B 275 12.60 21.52 10.03
C LEU B 275 13.04 22.97 9.91
N LEU B 276 12.16 23.82 9.40
CA LEU B 276 12.49 25.22 9.11
C LEU B 276 11.56 26.14 9.88
N LYS B 277 12.14 27.15 10.52
CA LYS B 277 11.37 28.20 11.19
C LYS B 277 11.16 29.34 10.21
N TYR B 278 9.90 29.70 9.98
CA TYR B 278 9.54 30.76 9.06
C TYR B 278 9.16 32.01 9.85
N ASN B 279 9.82 33.11 9.55
CA ASN B 279 9.54 34.37 10.22
C ASN B 279 8.21 34.94 9.75
N GLU B 280 7.71 35.92 10.49
CA GLU B 280 6.46 36.57 10.10
C GLU B 280 6.60 37.30 8.77
N ASN B 281 7.84 37.64 8.38
CA ASN B 281 8.12 38.20 7.07
C ASN B 281 8.42 37.13 6.02
N GLY B 282 8.35 35.85 6.41
CA GLY B 282 8.57 34.75 5.48
C GLY B 282 10.00 34.24 5.39
N THR B 283 10.94 34.90 6.06
CA THR B 283 12.32 34.45 6.02
C THR B 283 12.52 33.25 6.93
N ILE B 284 13.63 32.55 6.72
CA ILE B 284 13.98 31.38 7.51
C ILE B 284 15.03 31.81 8.52
N THR B 285 14.59 32.13 9.74
CA THR B 285 15.50 32.57 10.78
C THR B 285 16.28 31.43 11.41
N ASP B 286 15.73 30.22 11.43
CA ASP B 286 16.42 29.10 12.03
C ASP B 286 15.96 27.81 11.39
N ALA B 287 16.80 26.77 11.52
CA ALA B 287 16.50 25.45 10.99
C ALA B 287 17.24 24.42 11.81
N VAL B 288 16.64 23.23 11.95
CA VAL B 288 17.18 22.17 12.79
C VAL B 288 17.14 20.86 12.01
N ASP B 289 18.24 20.10 12.07
CA ASP B 289 18.28 18.78 11.47
C ASP B 289 17.44 17.81 12.30
N CYS B 290 17.16 16.64 11.72
CA CYS B 290 16.35 15.63 12.39
C CYS B 290 17.07 14.29 12.53
N ALA B 291 18.36 14.22 12.20
CA ALA B 291 19.10 12.97 12.32
C ALA B 291 20.52 13.17 12.86
N LEU B 292 20.79 14.30 13.52
CA LEU B 292 22.13 14.61 14.00
C LEU B 292 22.29 14.41 15.50
N ASP B 293 21.37 14.92 16.30
CA ASP B 293 21.45 14.95 17.75
C ASP B 293 20.09 14.51 18.26
N PRO B 294 20.06 13.70 19.33
CA PRO B 294 18.76 13.29 19.89
C PRO B 294 17.83 14.45 20.21
N LEU B 295 18.38 15.56 20.71
CA LEU B 295 17.56 16.74 20.95
C LEU B 295 16.98 17.27 19.66
N SER B 296 17.76 17.28 18.58
CA SER B 296 17.24 17.68 17.28
C SER B 296 16.13 16.74 16.82
N GLU B 297 16.33 15.44 17.04
CA GLU B 297 15.34 14.46 16.59
C GLU B 297 14.01 14.63 17.32
N THR B 298 14.06 14.82 18.64
CA THR B 298 12.80 15.04 19.36
C THR B 298 12.16 16.37 18.97
N LYS B 299 12.98 17.42 18.80
CA LYS B 299 12.46 18.69 18.31
C LYS B 299 11.76 18.52 16.97
N CYS B 300 12.28 17.63 16.13
CA CYS B 300 11.68 17.37 14.83
C CYS B 300 10.37 16.60 14.95
N THR B 301 10.36 15.64 15.88
CA THR B 301 9.12 14.85 16.14
C THR B 301 7.97 15.79 16.48
N LEU B 302 8.18 16.74 17.40
CA LEU B 302 7.06 17.62 17.84
C LEU B 302 7.07 18.95 17.09
N LYS B 303 7.77 19.04 15.95
CA LYS B 303 7.76 20.26 15.11
C LYS B 303 7.73 21.52 15.98
N SER B 304 8.79 21.77 16.75
CA SER B 304 8.88 22.94 17.61
C SER B 304 10.33 23.39 17.69
N PHE B 305 10.60 24.44 18.44
CA PHE B 305 11.96 24.79 18.80
C PHE B 305 12.20 24.79 20.31
N THR B 306 11.17 24.50 21.10
CA THR B 306 11.29 24.40 22.55
C THR B 306 10.75 23.05 23.00
N VAL B 307 11.51 22.35 23.83
CA VAL B 307 11.11 21.06 24.37
C VAL B 307 11.05 21.17 25.88
N GLU B 308 9.91 20.81 26.46
CA GLU B 308 9.76 20.82 27.91
C GLU B 308 10.43 19.60 28.53
N LYS B 309 10.60 19.65 29.85
CA LYS B 309 11.18 18.53 30.57
C LYS B 309 10.29 17.30 30.45
N GLY B 310 10.88 16.19 30.06
CA GLY B 310 10.13 14.95 29.92
C GLY B 310 10.83 13.98 29.00
N ILE B 311 10.13 12.88 28.73
CA ILE B 311 10.62 11.81 27.87
C ILE B 311 9.72 11.73 26.65
N TYR B 312 10.32 11.70 25.46
CA TYR B 312 9.59 11.66 24.21
C TYR B 312 10.01 10.45 23.39
N GLN B 313 9.03 9.70 22.89
CA GLN B 313 9.29 8.60 21.97
C GLN B 313 9.46 9.16 20.56
N THR B 314 10.69 9.14 20.06
CA THR B 314 11.01 9.75 18.77
C THR B 314 10.83 8.77 17.61
N SER B 315 11.55 7.67 17.63
CA SER B 315 11.49 6.67 16.57
C SER B 315 11.87 5.32 17.15
N ASN B 316 12.21 4.37 16.28
CA ASN B 316 12.74 3.08 16.67
C ASN B 316 14.17 2.96 16.16
N PHE B 317 14.89 1.98 16.68
CA PHE B 317 16.23 1.69 16.24
C PHE B 317 16.32 0.23 15.81
N ARG B 318 16.97 -0.02 14.68
CA ARG B 318 17.18 -1.36 14.17
C ARG B 318 18.65 -1.55 13.85
N VAL B 319 19.11 -2.79 13.92
CA VAL B 319 20.44 -3.15 13.48
C VAL B 319 20.32 -3.62 12.03
N GLN B 320 20.84 -2.83 11.10
CA GLN B 320 20.78 -3.20 9.70
C GLN B 320 21.65 -4.44 9.47
N PRO B 321 21.18 -5.39 8.65
CA PRO B 321 21.96 -6.61 8.43
C PRO B 321 23.32 -6.30 7.82
N THR B 322 24.34 -7.03 8.28
CA THR B 322 25.69 -6.86 7.74
C THR B 322 25.77 -7.43 6.33
N GLU B 323 25.48 -8.71 6.18
CA GLU B 323 25.48 -9.38 4.89
C GLU B 323 24.04 -9.67 4.45
N SER B 324 23.92 -10.34 3.31
CA SER B 324 22.62 -10.78 2.79
C SER B 324 22.84 -12.13 2.14
N ILE B 325 22.59 -13.20 2.90
CA ILE B 325 22.83 -14.56 2.43
C ILE B 325 21.62 -15.06 1.66
N VAL B 326 21.87 -15.68 0.52
CA VAL B 326 20.84 -16.31 -0.28
C VAL B 326 21.19 -17.79 -0.40
N ARG B 327 20.25 -18.66 -0.01
CA ARG B 327 20.49 -20.10 -0.02
C ARG B 327 19.37 -20.79 -0.77
N PHE B 328 19.73 -21.74 -1.61
CA PHE B 328 18.84 -22.47 -2.49
C PHE B 328 19.21 -23.94 -2.43
N PRO B 329 18.33 -24.84 -2.89
CA PRO B 329 18.58 -26.28 -2.70
C PRO B 329 19.93 -26.72 -3.24
N ASN B 330 20.65 -27.50 -2.42
CA ASN B 330 22.06 -27.85 -2.77
C ASN B 330 22.36 -27.63 -4.25
N VAL B 331 21.75 -28.42 -5.13
CA VAL B 331 22.05 -28.32 -6.58
C VAL B 331 21.03 -29.18 -7.32
N THR B 332 20.61 -28.77 -8.51
CA THR B 332 19.52 -29.51 -9.19
C THR B 332 20.01 -30.27 -10.43
N ASN B 333 19.23 -30.24 -11.51
CA ASN B 333 19.57 -31.01 -12.73
C ASN B 333 20.47 -30.21 -13.67
N LEU B 334 21.03 -30.85 -14.70
CA LEU B 334 21.87 -30.26 -15.74
C LEU B 334 21.41 -30.70 -17.13
N CYS B 335 21.30 -29.72 -18.03
CA CYS B 335 20.94 -30.01 -19.40
C CYS B 335 22.15 -30.62 -20.14
N PRO B 336 21.91 -31.48 -21.12
CA PRO B 336 23.04 -32.06 -21.86
C PRO B 336 23.70 -31.07 -22.80
N PHE B 337 24.07 -29.89 -22.28
CA PHE B 337 24.84 -28.95 -23.08
C PHE B 337 26.20 -29.52 -23.44
N HIS B 338 26.87 -30.16 -22.47
CA HIS B 338 28.14 -30.82 -22.76
C HIS B 338 27.96 -31.96 -23.76
N GLU B 339 26.88 -32.74 -23.60
CA GLU B 339 26.63 -33.85 -24.51
C GLU B 339 26.31 -33.38 -25.92
N VAL B 340 25.72 -32.19 -26.08
CA VAL B 340 25.41 -31.68 -27.40
C VAL B 340 26.54 -30.86 -28.00
N PHE B 341 27.47 -30.34 -27.19
CA PHE B 341 28.63 -29.64 -27.69
C PHE B 341 29.87 -30.51 -27.75
N ASN B 342 29.76 -31.79 -27.36
CA ASN B 342 30.90 -32.70 -27.33
C ASN B 342 30.56 -34.03 -27.97
N ALA B 343 29.80 -34.01 -29.07
CA ALA B 343 29.52 -35.22 -29.82
C ALA B 343 30.68 -35.48 -30.79
N THR B 344 30.50 -36.46 -31.68
CA THR B 344 31.53 -36.82 -32.64
C THR B 344 31.09 -36.70 -34.09
N ARG B 345 29.78 -36.67 -34.37
CA ARG B 345 29.25 -36.64 -35.73
C ARG B 345 28.17 -35.57 -35.83
N PHE B 346 28.49 -34.35 -35.40
CA PHE B 346 27.60 -33.21 -35.60
C PHE B 346 27.11 -33.18 -37.04
N ALA B 347 25.81 -33.38 -37.25
CA ALA B 347 25.28 -33.45 -38.59
C ALA B 347 25.39 -32.08 -39.27
N SER B 348 25.68 -32.09 -40.57
CA SER B 348 25.95 -30.86 -41.31
C SER B 348 24.62 -30.18 -41.67
N VAL B 349 24.69 -29.21 -42.58
CA VAL B 349 23.57 -28.32 -42.83
C VAL B 349 22.35 -29.07 -43.39
N TYR B 350 22.56 -30.17 -44.10
CA TYR B 350 21.42 -30.86 -44.70
C TYR B 350 20.59 -31.62 -43.68
N ALA B 351 21.12 -31.84 -42.48
CA ALA B 351 20.38 -32.43 -41.36
C ALA B 351 20.63 -31.55 -40.15
N TRP B 352 19.69 -30.64 -39.87
CA TRP B 352 19.94 -29.59 -38.90
C TRP B 352 20.13 -30.12 -37.47
N ASN B 353 19.71 -31.36 -37.19
CA ASN B 353 20.15 -32.10 -36.01
C ASN B 353 19.89 -31.30 -34.72
N ARG B 354 18.61 -31.07 -34.44
CA ARG B 354 18.22 -30.23 -33.32
C ARG B 354 17.96 -31.05 -32.07
N THR B 355 18.47 -30.57 -30.94
CA THR B 355 18.19 -31.15 -29.64
C THR B 355 17.30 -30.20 -28.86
N ARG B 356 16.02 -30.54 -28.76
CA ARG B 356 15.04 -29.72 -28.05
C ARG B 356 15.36 -29.69 -26.57
N ILE B 357 15.17 -28.52 -25.96
CA ILE B 357 15.55 -28.27 -24.57
C ILE B 357 14.28 -28.05 -23.77
N SER B 358 14.08 -28.86 -22.72
CA SER B 358 12.98 -28.67 -21.79
C SER B 358 13.40 -29.26 -20.44
N ASN B 359 12.70 -28.83 -19.39
CA ASN B 359 12.95 -29.22 -18.01
C ASN B 359 14.43 -29.26 -17.67
N CYS B 360 15.19 -28.30 -18.20
CA CYS B 360 16.63 -28.22 -18.01
C CYS B 360 16.95 -27.10 -17.02
N VAL B 361 18.25 -26.88 -16.84
CA VAL B 361 18.77 -25.68 -16.18
C VAL B 361 19.70 -24.99 -17.17
N ALA B 362 19.51 -23.67 -17.31
CA ALA B 362 20.24 -22.90 -18.33
C ALA B 362 21.58 -22.42 -17.76
N ASP B 363 22.45 -23.39 -17.47
CA ASP B 363 23.79 -23.09 -17.00
C ASP B 363 24.65 -22.68 -18.19
N TYR B 364 24.92 -21.38 -18.31
CA TYR B 364 25.64 -20.84 -19.45
C TYR B 364 27.13 -20.61 -19.16
N SER B 365 27.61 -21.04 -17.98
CA SER B 365 29.04 -20.97 -17.71
C SER B 365 29.83 -21.86 -18.67
N VAL B 366 29.29 -23.04 -18.99
CA VAL B 366 29.91 -23.90 -19.99
C VAL B 366 29.93 -23.20 -21.34
N LEU B 367 28.85 -22.50 -21.69
CA LEU B 367 28.80 -21.71 -22.92
C LEU B 367 29.89 -20.66 -23.00
N TYR B 368 30.40 -20.19 -21.86
CA TYR B 368 31.48 -19.20 -21.84
C TYR B 368 32.85 -19.85 -21.86
N ASN B 369 33.11 -20.78 -20.94
CA ASN B 369 34.45 -21.33 -20.82
C ASN B 369 34.78 -22.33 -21.92
N PHE B 370 33.76 -22.87 -22.58
CA PHE B 370 33.99 -23.88 -23.61
C PHE B 370 34.48 -23.25 -24.90
N ALA B 371 35.63 -23.71 -25.39
CA ALA B 371 36.23 -23.37 -26.68
C ALA B 371 36.67 -21.92 -26.76
N PRO B 372 37.72 -21.62 -27.53
CA PRO B 372 38.12 -20.21 -27.71
C PRO B 372 37.09 -19.38 -28.47
N PHE B 373 36.18 -20.03 -29.22
CA PHE B 373 35.10 -19.37 -29.96
C PHE B 373 35.62 -18.52 -31.12
N PHE B 374 34.79 -18.35 -32.14
CA PHE B 374 35.10 -17.48 -33.26
C PHE B 374 33.95 -16.56 -33.66
N ALA B 375 32.72 -16.86 -33.28
CA ALA B 375 31.58 -16.00 -33.56
C ALA B 375 30.56 -16.18 -32.45
N PHE B 376 30.35 -15.12 -31.66
CA PHE B 376 29.49 -15.15 -30.48
C PHE B 376 28.44 -14.04 -30.58
N LYS B 377 27.81 -13.94 -31.75
CA LYS B 377 26.85 -12.88 -32.01
C LYS B 377 25.51 -13.21 -31.37
N CYS B 378 24.95 -12.25 -30.62
CA CYS B 378 23.65 -12.38 -30.02
C CYS B 378 22.76 -11.22 -30.47
N TYR B 379 21.54 -11.54 -30.91
CA TYR B 379 20.66 -10.55 -31.52
C TYR B 379 19.46 -10.22 -30.66
N GLY B 380 18.67 -11.21 -30.25
CA GLY B 380 17.46 -10.95 -29.51
C GLY B 380 17.61 -11.06 -28.01
N VAL B 381 18.63 -11.77 -27.55
CA VAL B 381 18.86 -12.01 -26.14
C VAL B 381 20.31 -11.64 -25.81
N SER B 382 20.51 -10.91 -24.72
CA SER B 382 21.84 -10.52 -24.32
C SER B 382 22.65 -11.77 -23.95
N PRO B 383 23.95 -11.79 -24.28
CA PRO B 383 24.78 -12.96 -23.94
C PRO B 383 25.27 -12.98 -22.50
N THR B 384 24.96 -11.97 -21.70
CA THR B 384 25.28 -11.97 -20.28
C THR B 384 24.06 -11.79 -19.39
N LYS B 385 23.07 -11.01 -19.82
CA LYS B 385 21.83 -10.85 -19.07
C LYS B 385 20.76 -11.82 -19.57
N LEU B 386 21.14 -13.10 -19.57
CA LEU B 386 20.27 -14.17 -20.04
C LEU B 386 20.07 -15.30 -19.04
N ASN B 387 20.99 -15.50 -18.10
CA ASN B 387 20.80 -16.50 -17.06
C ASN B 387 19.64 -16.15 -16.13
N ASP B 388 19.22 -14.88 -16.12
CA ASP B 388 18.08 -14.43 -15.33
C ASP B 388 16.75 -14.62 -16.04
N LEU B 389 16.76 -15.15 -17.27
CA LEU B 389 15.55 -15.36 -18.05
C LEU B 389 15.19 -16.84 -18.06
N CYS B 390 13.91 -17.12 -17.86
CA CYS B 390 13.40 -18.49 -17.89
C CYS B 390 12.59 -18.69 -19.17
N PHE B 391 12.87 -19.79 -19.87
CA PHE B 391 12.24 -20.09 -21.15
C PHE B 391 11.42 -21.36 -21.04
N THR B 392 10.46 -21.50 -21.95
CA THR B 392 9.66 -22.73 -22.02
C THR B 392 10.43 -23.82 -22.76
N ASN B 393 10.86 -23.55 -23.98
CA ASN B 393 11.66 -24.48 -24.77
C ASN B 393 12.78 -23.72 -25.46
N VAL B 394 13.87 -24.43 -25.73
CA VAL B 394 15.04 -23.88 -26.41
C VAL B 394 15.46 -24.87 -27.50
N TYR B 395 15.80 -24.34 -28.67
CA TYR B 395 16.19 -25.16 -29.81
C TYR B 395 17.64 -24.87 -30.16
N ALA B 396 18.46 -25.92 -30.21
CA ALA B 396 19.88 -25.81 -30.55
C ALA B 396 20.15 -26.72 -31.75
N ASP B 397 20.58 -26.11 -32.86
CA ASP B 397 20.86 -26.83 -34.09
C ASP B 397 22.37 -26.85 -34.31
N SER B 398 22.95 -28.05 -34.34
CA SER B 398 24.39 -28.22 -34.49
C SER B 398 24.74 -28.41 -35.95
N PHE B 399 25.58 -27.52 -36.49
CA PHE B 399 25.93 -27.51 -37.90
C PHE B 399 27.45 -27.63 -38.03
N VAL B 400 27.89 -27.88 -39.26
CA VAL B 400 29.31 -27.87 -39.61
C VAL B 400 29.45 -27.16 -40.95
N ILE B 401 30.10 -26.00 -40.95
CA ILE B 401 30.26 -25.17 -42.14
C ILE B 401 31.67 -24.58 -42.14
N LYS B 402 31.92 -23.73 -43.13
CA LYS B 402 33.23 -23.10 -43.30
C LYS B 402 33.22 -21.69 -42.70
N GLY B 403 34.35 -21.00 -42.80
CA GLY B 403 34.48 -19.68 -42.19
C GLY B 403 33.55 -18.65 -42.80
N ASN B 404 33.46 -18.63 -44.13
CA ASN B 404 32.57 -17.68 -44.79
C ASN B 404 31.12 -17.95 -44.42
N GLU B 405 30.71 -19.22 -44.40
CA GLU B 405 29.34 -19.55 -44.01
C GLU B 405 29.07 -19.23 -42.54
N VAL B 406 30.10 -19.25 -41.69
CA VAL B 406 29.90 -18.89 -40.29
C VAL B 406 29.39 -17.46 -40.17
N SER B 407 30.01 -16.53 -40.90
CA SER B 407 29.51 -15.17 -40.93
C SER B 407 28.24 -15.05 -41.77
N GLN B 408 28.07 -15.94 -42.75
CA GLN B 408 26.86 -15.92 -43.57
C GLN B 408 25.61 -16.21 -42.75
N ILE B 409 25.71 -17.10 -41.77
CA ILE B 409 24.56 -17.39 -40.91
C ILE B 409 24.22 -16.13 -40.13
N ALA B 410 23.11 -15.49 -40.49
CA ALA B 410 22.67 -14.24 -39.91
C ALA B 410 21.29 -13.92 -40.45
N PRO B 411 20.49 -13.16 -39.71
CA PRO B 411 19.15 -12.80 -40.21
C PRO B 411 19.23 -11.96 -41.47
N GLY B 412 18.29 -12.21 -42.38
CA GLY B 412 18.20 -11.46 -43.63
C GLY B 412 19.44 -11.54 -44.49
N GLN B 413 19.91 -12.75 -44.76
CA GLN B 413 21.12 -12.96 -45.54
C GLN B 413 20.85 -13.93 -46.68
N THR B 414 21.68 -13.83 -47.72
CA THR B 414 21.57 -14.67 -48.91
C THR B 414 22.92 -15.31 -49.18
N GLY B 415 22.88 -16.43 -49.90
CA GLY B 415 24.06 -17.18 -50.25
C GLY B 415 23.74 -18.65 -50.41
N ASN B 416 24.80 -19.45 -50.54
CA ASN B 416 24.64 -20.88 -50.73
C ASN B 416 24.12 -21.59 -49.50
N ILE B 417 24.30 -21.00 -48.32
CA ILE B 417 23.88 -21.64 -47.07
C ILE B 417 22.74 -20.91 -46.37
N ALA B 418 22.48 -19.65 -46.70
CA ALA B 418 21.46 -18.86 -46.03
C ALA B 418 20.11 -18.89 -46.75
N ASP B 419 20.03 -19.48 -47.94
CA ASP B 419 18.79 -19.52 -48.69
C ASP B 419 18.43 -20.89 -49.24
N TYR B 420 19.38 -21.81 -49.40
CA TYR B 420 19.11 -23.12 -49.98
C TYR B 420 19.13 -24.25 -48.97
N ASN B 421 19.84 -24.11 -47.85
CA ASN B 421 20.00 -25.19 -46.89
C ASN B 421 19.43 -24.88 -45.53
N TYR B 422 19.72 -23.70 -44.98
CA TYR B 422 19.18 -23.29 -43.69
C TYR B 422 19.00 -21.78 -43.69
N LYS B 423 17.75 -21.33 -43.56
CA LYS B 423 17.42 -19.91 -43.57
C LYS B 423 17.17 -19.44 -42.14
N LEU B 424 17.81 -18.34 -41.76
CA LEU B 424 17.63 -17.78 -40.44
C LEU B 424 16.49 -16.76 -40.47
N PRO B 425 15.46 -16.90 -39.65
CA PRO B 425 14.33 -15.97 -39.71
C PRO B 425 14.74 -14.55 -39.32
N ASP B 426 14.06 -13.59 -39.91
CA ASP B 426 14.35 -12.18 -39.63
C ASP B 426 14.04 -11.83 -38.19
N ASP B 427 12.95 -12.36 -37.64
CA ASP B 427 12.54 -12.11 -36.26
C ASP B 427 13.18 -13.07 -35.27
N PHE B 428 14.30 -13.67 -35.63
CA PHE B 428 14.95 -14.64 -34.74
C PHE B 428 15.57 -13.93 -33.54
N THR B 429 15.28 -14.44 -32.35
CA THR B 429 15.87 -13.94 -31.11
C THR B 429 16.67 -15.07 -30.48
N GLY B 430 17.97 -14.87 -30.36
CA GLY B 430 18.83 -15.91 -29.81
C GLY B 430 20.29 -15.57 -30.01
N CYS B 431 21.13 -16.61 -29.92
CA CYS B 431 22.57 -16.46 -30.03
C CYS B 431 23.12 -17.52 -30.96
N VAL B 432 24.32 -17.25 -31.50
CA VAL B 432 25.02 -18.18 -32.36
C VAL B 432 26.37 -18.50 -31.74
N ILE B 433 26.82 -19.73 -31.96
CA ILE B 433 28.09 -20.22 -31.45
C ILE B 433 28.88 -20.79 -32.62
N ALA B 434 30.15 -20.38 -32.75
CA ALA B 434 31.02 -20.88 -33.80
C ALA B 434 32.42 -21.04 -33.23
N TRP B 435 32.92 -22.27 -33.19
CA TRP B 435 34.25 -22.56 -32.69
C TRP B 435 34.97 -23.51 -33.63
N ASN B 436 36.30 -23.43 -33.62
CA ASN B 436 37.10 -24.21 -34.54
C ASN B 436 37.06 -25.69 -34.20
N SER B 437 37.04 -26.52 -35.23
CA SER B 437 37.13 -27.99 -35.05
C SER B 437 37.85 -28.54 -36.28
N ASN B 438 39.17 -28.67 -36.16
CA ASN B 438 40.02 -29.20 -37.22
C ASN B 438 40.63 -30.54 -36.88
N LYS B 439 41.22 -30.67 -35.69
CA LYS B 439 41.69 -31.97 -35.24
C LYS B 439 40.53 -32.93 -35.03
N LEU B 440 39.41 -32.43 -34.49
CA LEU B 440 38.28 -33.29 -34.17
C LEU B 440 37.54 -33.73 -35.43
N ASP B 441 37.42 -32.86 -36.42
CA ASP B 441 36.60 -33.12 -37.59
C ASP B 441 37.39 -33.36 -38.87
N SER B 442 38.26 -32.43 -39.26
CA SER B 442 39.01 -32.59 -40.49
C SER B 442 39.99 -33.75 -40.38
N LYS B 443 40.05 -34.57 -41.42
CA LYS B 443 40.88 -35.76 -41.43
C LYS B 443 41.80 -35.73 -42.64
N HIS B 444 43.00 -36.25 -42.48
CA HIS B 444 43.92 -36.39 -43.60
C HIS B 444 43.39 -37.40 -44.60
N SER B 445 43.84 -37.28 -45.85
CA SER B 445 43.39 -38.04 -47.02
C SER B 445 41.95 -37.72 -47.40
N GLY B 446 41.30 -36.77 -46.73
CA GLY B 446 39.97 -36.33 -47.12
C GLY B 446 38.87 -36.71 -46.16
N ASN B 447 38.14 -35.71 -45.67
CA ASN B 447 36.94 -35.91 -44.87
C ASN B 447 35.74 -35.71 -45.79
N TYR B 448 34.95 -36.77 -45.97
CA TYR B 448 33.90 -36.79 -46.98
C TYR B 448 32.60 -37.32 -46.41
N ASP B 449 32.19 -36.78 -45.26
CA ASP B 449 30.94 -37.18 -44.63
C ASP B 449 29.87 -36.10 -44.61
N TYR B 450 30.26 -34.83 -44.67
CA TYR B 450 29.31 -33.73 -44.57
C TYR B 450 28.83 -33.32 -45.96
N TRP B 451 27.51 -33.21 -46.12
CA TRP B 451 26.88 -32.88 -47.39
C TRP B 451 26.08 -31.60 -47.24
N TYR B 452 26.23 -30.67 -48.20
CA TYR B 452 25.46 -29.44 -48.22
C TYR B 452 24.77 -29.29 -49.56
N ARG B 453 23.48 -28.98 -49.53
CA ARG B 453 22.71 -28.75 -50.75
C ARG B 453 23.08 -27.41 -51.36
N LEU B 454 22.78 -27.26 -52.65
CA LEU B 454 23.01 -26.01 -53.35
C LEU B 454 21.80 -25.48 -54.11
N PHE B 455 21.02 -26.35 -54.74
CA PHE B 455 19.95 -25.91 -55.64
C PHE B 455 18.67 -26.67 -55.34
N ARG B 456 17.55 -25.93 -55.32
CA ARG B 456 16.21 -26.49 -55.21
C ARG B 456 15.29 -25.76 -56.17
N LYS B 457 14.02 -26.16 -56.18
CA LYS B 457 13.07 -25.55 -57.11
C LYS B 457 12.83 -24.08 -56.78
N SER B 458 12.71 -23.74 -55.50
CA SER B 458 12.40 -22.38 -55.09
C SER B 458 13.23 -22.05 -53.85
N LYS B 459 12.88 -20.94 -53.20
CA LYS B 459 13.57 -20.50 -52.00
C LYS B 459 13.13 -21.32 -50.79
N LEU B 460 13.80 -21.07 -49.67
CA LEU B 460 13.50 -21.76 -48.43
C LEU B 460 12.63 -20.92 -47.51
N LYS B 461 12.12 -21.57 -46.46
CA LYS B 461 11.46 -20.98 -45.33
C LYS B 461 12.30 -21.22 -44.08
N PRO B 462 12.45 -20.22 -43.21
CA PRO B 462 13.25 -20.41 -41.99
C PRO B 462 12.68 -21.54 -41.14
N PHE B 463 13.59 -22.32 -40.53
CA PHE B 463 13.24 -23.47 -39.72
C PHE B 463 12.41 -24.48 -40.52
N GLU B 464 13.07 -25.07 -41.51
CA GLU B 464 12.44 -26.03 -42.40
C GLU B 464 13.41 -27.17 -42.69
N ARG B 465 12.86 -28.37 -42.85
CA ARG B 465 13.63 -29.55 -43.22
C ARG B 465 13.36 -29.88 -44.69
N ASP B 466 14.41 -29.89 -45.50
CA ASP B 466 14.29 -30.12 -46.93
C ASP B 466 15.30 -31.18 -47.39
N ILE B 467 15.42 -32.26 -46.62
CA ILE B 467 16.22 -33.40 -47.06
C ILE B 467 15.54 -33.96 -48.30
N SER B 468 16.19 -33.81 -49.45
CA SER B 468 15.58 -34.11 -50.75
C SER B 468 16.53 -35.00 -51.53
N THR B 469 16.21 -36.30 -51.57
CA THR B 469 16.95 -37.21 -52.44
C THR B 469 16.32 -37.21 -53.84
N GLU B 470 16.12 -36.01 -54.38
CA GLU B 470 15.59 -35.82 -55.72
C GLU B 470 16.62 -35.01 -56.51
N ILE B 471 17.11 -35.58 -57.60
CA ILE B 471 18.17 -34.93 -58.36
C ILE B 471 17.62 -33.69 -59.05
N TYR B 472 18.23 -32.55 -58.77
CA TYR B 472 17.76 -31.28 -59.31
C TYR B 472 17.89 -31.27 -60.83
N GLN B 473 16.94 -30.60 -61.49
CA GLN B 473 16.88 -30.55 -62.93
C GLN B 473 16.92 -29.11 -63.41
N ALA B 474 17.49 -28.91 -64.59
CA ALA B 474 17.59 -27.59 -65.19
C ALA B 474 17.57 -27.75 -66.70
N GLY B 475 17.31 -26.64 -67.39
CA GLY B 475 17.18 -26.66 -68.83
C GLY B 475 15.83 -27.09 -69.36
N ASN B 476 14.81 -27.14 -68.49
CA ASN B 476 13.45 -27.51 -68.85
C ASN B 476 13.36 -28.91 -69.46
N LYS B 477 14.31 -29.78 -69.11
CA LYS B 477 14.33 -31.17 -69.57
C LYS B 477 14.44 -32.07 -68.35
N PRO B 478 13.33 -32.47 -67.73
CA PRO B 478 13.39 -33.40 -66.60
C PRO B 478 14.07 -34.70 -67.02
N CYS B 479 14.93 -35.21 -66.14
CA CYS B 479 15.78 -36.34 -66.44
C CYS B 479 15.81 -37.29 -65.26
N LYS B 480 16.40 -38.48 -65.49
CA LYS B 480 16.63 -39.41 -64.40
C LYS B 480 17.59 -38.83 -63.37
N GLY B 481 18.64 -38.16 -63.84
CA GLY B 481 19.57 -37.46 -62.97
C GLY B 481 21.01 -37.84 -63.25
N LYS B 482 21.90 -36.97 -62.78
CA LYS B 482 23.35 -37.14 -62.90
C LYS B 482 23.76 -37.32 -64.36
N GLY B 483 23.50 -36.28 -65.15
CA GLY B 483 23.85 -36.25 -66.55
C GLY B 483 23.95 -34.84 -67.07
N PRO B 484 23.73 -34.66 -68.38
CA PRO B 484 23.73 -33.30 -68.95
C PRO B 484 22.60 -32.47 -68.38
N ASN B 485 22.97 -31.36 -67.74
CA ASN B 485 22.04 -30.44 -67.09
C ASN B 485 21.23 -31.12 -65.99
N CYS B 486 21.73 -32.22 -65.45
CA CYS B 486 21.11 -32.91 -64.31
C CYS B 486 22.06 -32.78 -63.12
N TYR B 487 21.64 -32.02 -62.11
CA TYR B 487 22.50 -31.65 -60.99
C TYR B 487 22.00 -32.28 -59.70
N PHE B 488 22.91 -32.88 -58.94
CA PHE B 488 22.56 -33.34 -57.61
C PHE B 488 22.63 -32.16 -56.64
N PRO B 489 21.57 -31.90 -55.87
CA PRO B 489 21.58 -30.71 -55.00
C PRO B 489 22.71 -30.70 -53.99
N LEU B 490 23.06 -31.86 -53.43
CA LEU B 490 24.07 -31.94 -52.38
C LEU B 490 25.47 -31.99 -52.98
N GLN B 491 26.41 -31.36 -52.30
CA GLN B 491 27.80 -31.34 -52.73
C GLN B 491 28.69 -31.80 -51.59
N SER B 492 30.00 -31.76 -51.83
CA SER B 492 30.98 -32.36 -50.93
C SER B 492 31.65 -31.30 -50.07
N TYR B 493 31.70 -31.53 -48.77
CA TYR B 493 32.47 -30.71 -47.83
C TYR B 493 33.89 -31.26 -47.77
N GLY B 494 34.70 -30.87 -48.74
CA GLY B 494 36.10 -31.26 -48.75
C GLY B 494 36.85 -30.66 -47.57
N PHE B 495 37.29 -31.51 -46.64
CA PHE B 495 37.92 -31.07 -45.40
C PHE B 495 39.25 -31.77 -45.24
N ARG B 496 40.31 -30.99 -45.04
CA ARG B 496 41.64 -31.49 -44.74
C ARG B 496 42.19 -30.73 -43.54
N PRO B 497 43.08 -31.36 -42.76
CA PRO B 497 43.59 -30.69 -41.55
C PRO B 497 44.57 -29.56 -41.85
N THR B 498 44.94 -29.39 -43.11
CA THR B 498 45.87 -28.35 -43.51
C THR B 498 45.19 -27.11 -44.05
N TYR B 499 43.86 -27.11 -44.15
CA TYR B 499 43.15 -25.94 -44.66
C TYR B 499 43.32 -24.75 -43.73
N GLY B 500 43.49 -23.57 -44.32
CA GLY B 500 43.79 -22.39 -43.53
C GLY B 500 42.61 -21.50 -43.18
N VAL B 501 42.09 -21.66 -41.96
CA VAL B 501 41.16 -20.71 -41.34
C VAL B 501 39.89 -20.51 -42.15
N GLY B 502 40.03 -19.96 -43.35
CA GLY B 502 38.87 -19.50 -44.10
C GLY B 502 37.87 -20.59 -44.43
N HIS B 503 38.35 -21.83 -44.62
CA HIS B 503 37.43 -22.92 -44.91
C HIS B 503 37.70 -24.13 -44.02
N GLN B 504 38.41 -23.96 -42.91
CA GLN B 504 38.55 -25.03 -41.94
C GLN B 504 37.17 -25.38 -41.39
N PRO B 505 36.85 -26.68 -41.21
CA PRO B 505 35.52 -27.05 -40.71
C PRO B 505 35.21 -26.43 -39.37
N TYR B 506 34.20 -25.57 -39.33
CA TYR B 506 33.78 -24.91 -38.11
C TYR B 506 32.52 -25.56 -37.56
N ARG B 507 32.55 -25.89 -36.28
CA ARG B 507 31.40 -26.45 -35.59
C ARG B 507 30.56 -25.31 -35.05
N VAL B 508 29.34 -25.18 -35.56
CA VAL B 508 28.47 -24.04 -35.28
C VAL B 508 27.12 -24.55 -34.78
N VAL B 509 26.63 -23.95 -33.71
CA VAL B 509 25.33 -24.29 -33.13
C VAL B 509 24.57 -23.00 -32.86
N VAL B 510 23.29 -22.99 -33.22
CA VAL B 510 22.44 -21.82 -33.05
C VAL B 510 21.38 -22.15 -32.00
N LEU B 511 21.29 -21.32 -30.96
CA LEU B 511 20.33 -21.51 -29.88
C LEU B 511 19.13 -20.61 -30.14
N SER B 512 17.95 -21.22 -30.26
CA SER B 512 16.72 -20.50 -30.57
C SER B 512 15.83 -20.47 -29.33
N PHE B 513 15.31 -19.29 -29.00
CA PHE B 513 14.42 -19.09 -27.87
C PHE B 513 13.13 -18.45 -28.35
N GLU B 514 12.08 -18.62 -27.55
CA GLU B 514 10.80 -17.98 -27.83
C GLU B 514 10.31 -17.27 -26.57
N LEU B 515 9.93 -16.01 -26.72
CA LEU B 515 9.37 -15.22 -25.63
C LEU B 515 7.84 -15.19 -25.74
N LEU B 516 7.25 -16.38 -25.60
CA LEU B 516 5.81 -16.56 -25.72
C LEU B 516 5.23 -16.97 -24.37
N HIS B 517 4.01 -16.52 -24.12
CA HIS B 517 3.35 -16.81 -22.84
C HIS B 517 2.98 -18.29 -22.78
N ALA B 518 3.51 -18.97 -21.76
CA ALA B 518 3.35 -20.40 -21.56
C ALA B 518 3.97 -20.79 -20.22
N PRO B 519 3.70 -21.99 -19.69
CA PRO B 519 4.38 -22.40 -18.47
C PRO B 519 5.87 -22.61 -18.71
N ALA B 520 6.69 -21.71 -18.18
CA ALA B 520 8.13 -21.76 -18.41
C ALA B 520 8.74 -22.93 -17.66
N THR B 521 9.58 -23.70 -18.35
CA THR B 521 10.19 -24.89 -17.76
C THR B 521 11.71 -24.83 -17.69
N VAL B 522 12.36 -24.12 -18.59
CA VAL B 522 13.82 -24.01 -18.60
C VAL B 522 14.15 -22.68 -17.93
N CYS B 523 14.37 -22.74 -16.62
CA CYS B 523 14.73 -21.56 -15.84
C CYS B 523 16.23 -21.51 -15.61
N GLY B 524 16.78 -20.30 -15.61
CA GLY B 524 18.18 -20.08 -15.38
C GLY B 524 18.53 -20.16 -13.91
N PRO B 525 19.59 -20.94 -13.55
CA PRO B 525 19.88 -21.29 -12.14
C PRO B 525 19.98 -20.24 -11.04
N LYS B 526 19.94 -20.72 -9.80
CA LYS B 526 20.07 -19.81 -8.64
C LYS B 526 21.49 -19.93 -8.11
N LYS B 527 21.75 -19.36 -6.94
CA LYS B 527 23.12 -19.38 -6.40
C LYS B 527 23.02 -19.58 -4.89
N SER B 528 24.14 -19.89 -4.25
CA SER B 528 24.06 -19.97 -2.80
C SER B 528 25.24 -19.27 -2.15
N THR B 529 25.06 -18.88 -0.89
CA THR B 529 26.09 -18.16 -0.15
C THR B 529 26.39 -18.84 1.18
N ASN B 530 27.16 -18.17 2.02
CA ASN B 530 27.50 -18.70 3.34
C ASN B 530 26.28 -18.55 4.27
N LEU B 531 26.45 -18.91 5.54
CA LEU B 531 25.36 -18.90 6.51
C LEU B 531 25.43 -17.68 7.43
N VAL B 532 26.57 -17.48 8.09
CA VAL B 532 26.78 -16.37 9.02
C VAL B 532 25.74 -16.42 10.13
N LYS B 533 25.97 -17.25 11.13
CA LYS B 533 25.05 -17.37 12.26
C LYS B 533 25.39 -16.33 13.34
N ASN B 534 24.43 -16.13 14.25
CA ASN B 534 24.58 -15.20 15.37
C ASN B 534 24.90 -13.79 14.87
N LYS B 535 24.29 -13.39 13.75
CA LYS B 535 24.49 -12.08 13.18
C LYS B 535 23.30 -11.73 12.30
N CYS B 536 22.88 -10.47 12.35
CA CYS B 536 21.77 -10.01 11.52
C CYS B 536 22.16 -10.10 10.05
N VAL B 537 21.27 -10.69 9.24
CA VAL B 537 21.57 -10.90 7.83
C VAL B 537 20.25 -11.17 7.10
N ASN B 538 20.12 -10.58 5.92
CA ASN B 538 18.97 -10.85 5.06
C ASN B 538 19.07 -12.27 4.52
N PHE B 539 17.94 -12.99 4.51
CA PHE B 539 17.90 -14.35 4.00
C PHE B 539 16.80 -14.49 2.97
N ASN B 540 17.04 -15.36 1.99
CA ASN B 540 16.09 -15.65 0.92
C ASN B 540 16.02 -17.15 0.70
N PHE B 541 15.83 -17.90 1.80
CA PHE B 541 15.81 -19.36 1.77
C PHE B 541 14.75 -19.91 0.83
N ASN B 542 15.19 -20.53 -0.27
CA ASN B 542 14.34 -21.22 -1.25
C ASN B 542 13.02 -20.51 -1.51
N GLY B 543 13.05 -19.18 -1.64
CA GLY B 543 11.86 -18.40 -1.88
C GLY B 543 11.28 -17.71 -0.66
N LEU B 544 11.76 -18.05 0.54
CA LEU B 544 11.30 -17.43 1.77
C LEU B 544 12.26 -16.30 2.12
N THR B 545 11.81 -15.06 1.97
CA THR B 545 12.64 -13.89 2.17
C THR B 545 12.32 -13.24 3.52
N GLY B 546 13.35 -12.70 4.15
CA GLY B 546 13.17 -12.03 5.43
C GLY B 546 14.51 -11.59 5.98
N THR B 547 14.46 -11.02 7.19
CA THR B 547 15.64 -10.52 7.87
C THR B 547 15.63 -11.01 9.32
N GLY B 548 16.82 -11.13 9.88
CA GLY B 548 16.95 -11.51 11.27
C GLY B 548 18.27 -12.20 11.54
N VAL B 549 18.29 -12.97 12.63
CA VAL B 549 19.48 -13.65 13.11
C VAL B 549 19.20 -15.14 13.17
N LEU B 550 20.19 -15.95 12.80
CA LEU B 550 20.06 -17.39 12.76
C LEU B 550 21.15 -18.04 13.59
N THR B 551 20.88 -19.26 14.05
CA THR B 551 21.83 -20.05 14.82
C THR B 551 21.37 -21.51 14.81
N LYS B 552 22.22 -22.38 15.37
CA LYS B 552 21.86 -23.79 15.48
C LYS B 552 20.68 -23.98 16.41
N SER B 553 19.85 -24.95 16.09
CA SER B 553 18.65 -25.26 16.86
C SER B 553 18.58 -26.75 17.16
N ASN B 554 17.88 -27.07 18.25
CA ASN B 554 17.61 -28.47 18.63
C ASN B 554 16.18 -28.86 18.30
N LYS B 555 15.66 -28.37 17.18
CA LYS B 555 14.30 -28.68 16.76
C LYS B 555 14.15 -30.17 16.48
N LYS B 556 12.90 -30.60 16.31
CA LYS B 556 12.62 -31.97 15.90
C LYS B 556 11.90 -31.95 14.56
N PHE B 557 12.44 -31.18 13.62
CA PHE B 557 11.87 -31.09 12.27
C PHE B 557 11.76 -32.47 11.65
N LEU B 558 10.56 -32.79 11.17
CA LEU B 558 10.37 -34.04 10.45
C LEU B 558 11.10 -33.98 9.11
N PRO B 559 11.50 -35.14 8.56
CA PRO B 559 12.27 -35.11 7.31
C PRO B 559 11.58 -34.38 6.17
N PHE B 560 10.24 -34.47 6.09
CA PHE B 560 9.53 -33.76 5.03
C PHE B 560 9.45 -32.27 5.30
N GLN B 561 9.52 -31.86 6.56
CA GLN B 561 9.33 -30.45 6.91
C GLN B 561 10.43 -29.59 6.29
N GLN B 562 10.02 -28.44 5.76
CA GLN B 562 10.94 -27.48 5.16
C GLN B 562 10.87 -26.11 5.80
N PHE B 563 9.68 -25.62 6.12
CA PHE B 563 9.50 -24.32 6.76
C PHE B 563 9.23 -24.50 8.25
N GLY B 564 9.15 -23.37 8.95
CA GLY B 564 8.80 -23.38 10.36
C GLY B 564 8.05 -22.11 10.71
N ARG B 565 7.21 -22.22 11.74
CA ARG B 565 6.35 -21.12 12.13
C ARG B 565 6.05 -21.23 13.62
N ASP B 566 5.06 -20.46 14.09
CA ASP B 566 4.69 -20.45 15.49
C ASP B 566 3.17 -20.33 15.58
N ILE B 567 2.68 -19.99 16.77
CA ILE B 567 1.23 -19.93 16.99
C ILE B 567 0.59 -18.88 16.09
N VAL B 568 1.26 -17.76 15.86
CA VAL B 568 0.67 -16.64 15.15
C VAL B 568 1.14 -16.57 13.70
N ASP B 569 1.61 -17.70 13.14
CA ASP B 569 1.94 -17.80 11.72
C ASP B 569 3.03 -16.81 11.31
N THR B 570 4.09 -16.75 12.11
CA THR B 570 5.28 -15.97 11.79
C THR B 570 6.46 -16.93 11.65
N THR B 571 7.19 -16.80 10.55
CA THR B 571 8.31 -17.70 10.28
C THR B 571 9.34 -17.63 11.39
N ASP B 572 9.74 -18.79 11.91
CA ASP B 572 10.66 -18.90 13.03
C ASP B 572 11.83 -19.82 12.77
N ALA B 573 11.63 -20.89 12.00
CA ALA B 573 12.68 -21.85 11.71
C ALA B 573 12.67 -22.17 10.22
N VAL B 574 13.86 -22.35 9.65
CA VAL B 574 14.01 -22.73 8.25
C VAL B 574 15.07 -23.81 8.16
N ARG B 575 14.74 -24.91 7.50
CA ARG B 575 15.72 -25.95 7.23
C ARG B 575 16.71 -25.48 6.18
N ASP B 576 17.98 -25.83 6.38
CA ASP B 576 19.02 -25.43 5.43
C ASP B 576 18.90 -26.26 4.16
N PRO B 577 18.70 -25.65 3.00
CA PRO B 577 18.57 -26.44 1.76
C PRO B 577 19.88 -26.98 1.23
N GLN B 578 21.01 -26.68 1.86
CA GLN B 578 22.30 -27.22 1.45
C GLN B 578 23.00 -27.98 2.56
N THR B 579 22.50 -27.92 3.79
CA THR B 579 23.07 -28.66 4.91
C THR B 579 22.07 -29.52 5.64
N LEU B 580 20.77 -29.37 5.36
CA LEU B 580 19.70 -30.13 6.02
C LEU B 580 19.68 -29.91 7.52
N GLU B 581 20.21 -28.77 7.97
CA GLU B 581 20.18 -28.38 9.37
C GLU B 581 19.06 -27.39 9.61
N ILE B 582 18.72 -27.20 10.88
CA ILE B 582 17.61 -26.34 11.28
C ILE B 582 18.18 -25.09 11.93
N LEU B 583 17.70 -23.92 11.49
CA LEU B 583 18.13 -22.63 12.01
C LEU B 583 16.92 -21.82 12.46
N ASP B 584 17.04 -21.17 13.60
CA ASP B 584 15.99 -20.33 14.12
C ASP B 584 16.02 -18.97 13.43
N ILE B 585 14.91 -18.23 13.59
CA ILE B 585 14.77 -16.89 13.03
C ILE B 585 14.45 -15.91 14.14
N THR B 586 15.09 -14.76 14.09
CA THR B 586 15.06 -13.76 15.15
C THR B 586 14.64 -12.41 14.56
N PRO B 587 13.97 -11.58 15.35
CA PRO B 587 13.84 -10.17 14.96
C PRO B 587 15.22 -9.52 14.92
N CYS B 588 15.33 -8.48 14.09
CA CYS B 588 16.66 -7.97 13.74
C CYS B 588 17.34 -7.36 14.96
N SER B 589 16.83 -6.23 15.46
CA SER B 589 17.23 -5.77 16.78
C SER B 589 16.14 -5.01 17.51
N PHE B 590 14.87 -5.30 17.21
CA PHE B 590 13.76 -4.39 17.50
C PHE B 590 13.81 -3.82 18.91
N GLY B 591 13.71 -2.50 18.97
CA GLY B 591 13.54 -1.79 20.22
C GLY B 591 12.86 -0.47 19.90
N GLY B 592 13.29 0.59 20.58
CA GLY B 592 12.77 1.92 20.34
C GLY B 592 13.58 2.96 21.06
N VAL B 593 13.81 4.11 20.42
CA VAL B 593 14.62 5.17 21.02
C VAL B 593 13.69 6.22 21.62
N SER B 594 13.91 6.54 22.89
CA SER B 594 13.24 7.63 23.59
C SER B 594 14.30 8.58 24.13
N VAL B 595 14.09 9.88 23.94
CA VAL B 595 15.04 10.89 24.38
C VAL B 595 14.49 11.52 25.65
N ILE B 596 15.28 11.46 26.73
CA ILE B 596 14.93 12.12 27.98
C ILE B 596 15.72 13.42 28.05
N THR B 597 15.03 14.53 28.19
CA THR B 597 15.67 15.84 28.22
C THR B 597 14.93 16.75 29.19
N PRO B 598 15.65 17.63 29.88
CA PRO B 598 15.00 18.70 30.63
C PRO B 598 14.54 19.80 29.67
N GLY B 599 14.12 20.92 30.24
CA GLY B 599 13.75 22.06 29.42
C GLY B 599 14.92 22.51 28.56
N THR B 600 14.60 22.88 27.31
CA THR B 600 15.65 23.35 26.40
C THR B 600 16.33 24.59 26.93
N ASN B 601 15.58 25.49 27.57
CA ASN B 601 16.15 26.67 28.18
C ASN B 601 17.04 26.35 29.37
N THR B 602 16.97 25.13 29.90
CA THR B 602 17.85 24.72 30.99
C THR B 602 19.20 24.25 30.47
N SER B 603 19.20 23.25 29.59
CA SER B 603 20.44 22.75 29.00
C SER B 603 20.10 21.99 27.72
N ASN B 604 21.13 21.81 26.89
CA ASN B 604 21.02 21.02 25.67
C ASN B 604 21.42 19.57 25.88
N GLN B 605 21.84 19.20 27.09
CA GLN B 605 22.23 17.83 27.36
C GLN B 605 21.03 16.90 27.29
N VAL B 606 21.20 15.76 26.62
CA VAL B 606 20.15 14.77 26.47
C VAL B 606 20.73 13.38 26.74
N ALA B 607 19.84 12.44 27.04
CA ALA B 607 20.20 11.04 27.22
C ALA B 607 19.24 10.17 26.40
N VAL B 608 19.77 9.07 25.89
CA VAL B 608 19.05 8.21 24.96
C VAL B 608 18.65 6.93 25.67
N LEU B 609 17.39 6.52 25.49
CA LEU B 609 16.88 5.28 26.05
C LEU B 609 16.50 4.34 24.92
N TYR B 610 16.99 3.10 24.98
CA TYR B 610 16.63 2.06 24.02
C TYR B 610 15.83 0.99 24.76
N GLN B 611 14.54 0.89 24.46
CA GLN B 611 13.66 0.01 25.23
C GLN B 611 13.95 -1.46 24.93
N GLY B 612 14.08 -2.25 26.00
CA GLY B 612 14.01 -3.71 25.92
C GLY B 612 15.01 -4.42 25.03
N VAL B 613 16.26 -3.95 25.02
CA VAL B 613 17.35 -4.64 24.36
C VAL B 613 18.54 -4.65 25.31
N ASN B 614 19.37 -5.69 25.22
CA ASN B 614 20.54 -5.75 26.09
C ASN B 614 21.60 -4.76 25.63
N CYS B 615 22.29 -4.17 26.59
CA CYS B 615 23.04 -2.96 26.30
C CYS B 615 24.44 -3.26 25.80
N THR B 616 24.98 -4.43 26.15
CA THR B 616 26.14 -4.94 25.41
C THR B 616 25.79 -5.17 23.95
N GLU B 617 24.56 -5.62 23.68
CA GLU B 617 24.13 -5.80 22.31
C GLU B 617 24.08 -4.47 21.57
N VAL B 618 23.49 -3.43 22.17
CA VAL B 618 23.47 -2.16 21.46
C VAL B 618 24.88 -1.56 21.36
N SER B 619 25.75 -1.79 22.35
CA SER B 619 27.13 -1.31 22.27
C SER B 619 27.88 -1.97 21.12
N VAL B 620 27.76 -3.29 20.97
CA VAL B 620 28.46 -3.95 19.87
C VAL B 620 27.83 -3.56 18.53
N ALA B 621 26.53 -3.27 18.51
CA ALA B 621 25.91 -2.74 17.30
C ALA B 621 26.52 -1.39 16.93
N ILE B 622 26.73 -0.53 17.91
CA ILE B 622 27.34 0.78 17.65
C ILE B 622 28.78 0.59 17.18
N HIS B 623 29.52 -0.32 17.81
CA HIS B 623 30.90 -0.57 17.42
C HIS B 623 30.99 -1.09 15.99
N ALA B 624 30.08 -1.99 15.59
CA ALA B 624 30.03 -2.45 14.22
C ALA B 624 29.37 -1.47 13.28
N ASP B 625 28.76 -0.40 13.81
CA ASP B 625 28.14 0.66 13.01
C ASP B 625 27.08 0.10 12.06
N GLN B 626 26.15 -0.68 12.62
CA GLN B 626 25.04 -1.21 11.85
C GLN B 626 23.69 -0.81 12.42
N LEU B 627 23.66 0.04 13.44
CA LEU B 627 22.41 0.54 13.98
C LEU B 627 21.80 1.57 13.03
N THR B 628 20.50 1.44 12.79
CA THR B 628 19.83 2.38 11.89
C THR B 628 19.96 3.84 12.32
N PRO B 629 19.88 4.21 13.59
CA PRO B 629 20.17 5.59 13.97
C PRO B 629 21.56 6.02 13.52
N THR B 630 21.64 7.25 13.02
CA THR B 630 22.91 7.87 12.64
C THR B 630 23.45 8.77 13.74
N TRP B 631 22.58 9.42 14.51
CA TRP B 631 23.02 10.19 15.66
C TRP B 631 23.63 9.26 16.70
N ARG B 632 24.74 9.70 17.30
CA ARG B 632 25.49 8.88 18.25
C ARG B 632 25.78 9.70 19.50
N VAL B 633 25.36 9.19 20.64
CA VAL B 633 25.68 9.79 21.93
C VAL B 633 26.90 9.08 22.50
N TYR B 634 27.83 9.87 23.06
CA TYR B 634 29.12 9.35 23.48
C TYR B 634 28.97 8.29 24.57
N SER B 635 29.76 7.24 24.45
CA SER B 635 29.81 6.14 25.43
C SER B 635 31.15 6.23 26.14
N THR B 636 31.16 6.92 27.28
CA THR B 636 32.37 7.11 28.07
C THR B 636 32.63 5.98 29.06
N GLY B 637 31.79 4.96 29.06
CA GLY B 637 31.87 3.87 30.03
C GLY B 637 31.07 4.14 31.29
N SER B 638 31.12 5.38 31.77
CA SER B 638 30.32 5.76 32.94
C SER B 638 28.85 5.96 32.60
N ASN B 639 28.54 6.40 31.38
CA ASN B 639 27.16 6.66 30.98
C ASN B 639 26.65 5.42 30.24
N VAL B 640 26.42 4.36 31.01
CA VAL B 640 25.82 3.12 30.53
C VAL B 640 25.12 2.48 31.73
N PHE B 641 23.85 2.15 31.56
CA PHE B 641 23.01 1.68 32.67
C PHE B 641 22.04 0.65 32.13
N GLN B 642 22.41 -0.63 32.20
CA GLN B 642 21.51 -1.70 31.77
C GLN B 642 20.33 -1.75 32.73
N THR B 643 19.20 -1.23 32.28
CA THR B 643 17.99 -1.12 33.08
C THR B 643 16.94 -2.09 32.53
N ARG B 644 16.05 -2.55 33.41
CA ARG B 644 15.01 -3.48 33.02
C ARG B 644 14.11 -2.95 31.91
N ALA B 645 14.21 -1.66 31.57
CA ALA B 645 13.51 -1.07 30.44
C ALA B 645 14.44 -0.78 29.27
N GLY B 646 15.58 -1.45 29.20
CA GLY B 646 16.63 -1.12 28.25
C GLY B 646 17.61 -0.12 28.84
N CYS B 647 18.83 -0.14 28.31
CA CYS B 647 19.93 0.54 28.96
C CYS B 647 19.91 2.02 28.60
N LEU B 648 20.21 2.86 29.59
CA LEU B 648 20.24 4.29 29.40
C LEU B 648 21.65 4.74 29.07
N ILE B 649 21.79 5.54 28.01
CA ILE B 649 23.08 6.06 27.58
C ILE B 649 22.98 7.57 27.53
N GLY B 650 24.00 8.24 28.07
CA GLY B 650 23.97 9.67 28.26
C GLY B 650 23.68 10.10 29.68
N ALA B 651 23.36 9.17 30.57
CA ALA B 651 23.12 9.45 31.97
C ALA B 651 23.92 8.49 32.83
N GLU B 652 24.23 8.92 34.05
CA GLU B 652 25.05 8.14 34.96
C GLU B 652 24.23 7.76 36.20
N TYR B 653 24.38 6.50 36.61
CA TYR B 653 23.70 6.02 37.80
C TYR B 653 24.27 6.68 39.06
N VAL B 654 23.38 7.13 39.92
CA VAL B 654 23.73 7.56 41.28
C VAL B 654 22.96 6.67 42.24
N ASN B 655 23.65 6.16 43.26
CA ASN B 655 23.01 5.25 44.20
C ASN B 655 22.09 5.97 45.18
N ASN B 656 22.15 7.29 45.25
CA ASN B 656 21.21 8.05 46.06
C ASN B 656 19.82 8.01 45.43
N SER B 657 18.81 8.22 46.27
CA SER B 657 17.42 8.15 45.83
C SER B 657 16.79 9.54 45.95
N TYR B 658 16.16 9.98 44.86
CA TYR B 658 15.45 11.26 44.82
C TYR B 658 14.07 11.03 44.23
N GLU B 659 13.19 12.02 44.43
CA GLU B 659 11.84 11.92 43.89
C GLU B 659 11.87 11.92 42.37
N CYS B 660 10.86 11.28 41.79
CA CYS B 660 10.79 11.16 40.33
C CYS B 660 10.63 12.52 39.68
N ASP B 661 11.38 12.73 38.60
CA ASP B 661 11.28 13.92 37.77
C ASP B 661 10.87 13.60 36.35
N ILE B 662 11.55 12.64 35.71
CA ILE B 662 11.19 12.16 34.39
C ILE B 662 11.06 10.65 34.46
N PRO B 663 9.89 10.07 34.19
CA PRO B 663 9.73 8.61 34.35
C PRO B 663 10.52 7.84 33.32
N ILE B 664 11.46 7.03 33.79
CA ILE B 664 12.27 6.17 32.92
C ILE B 664 11.64 4.80 32.77
N GLY B 665 11.04 4.29 33.84
CA GLY B 665 10.49 2.94 33.86
C GLY B 665 11.34 2.01 34.71
N ALA B 666 10.68 0.94 35.18
CA ALA B 666 11.33 -0.05 36.04
C ALA B 666 11.94 0.60 37.27
N GLY B 667 11.20 1.53 37.87
CA GLY B 667 11.63 2.15 39.11
C GLY B 667 12.76 3.14 38.97
N ILE B 668 12.96 3.70 37.79
CA ILE B 668 14.05 4.63 37.52
C ILE B 668 13.45 5.95 37.05
N CYS B 669 14.05 7.06 37.48
CA CYS B 669 13.69 8.39 36.99
C CYS B 669 14.94 9.21 36.82
N ALA B 670 15.02 9.95 35.71
CA ALA B 670 16.15 10.81 35.40
C ALA B 670 15.80 12.26 35.72
N SER B 671 16.82 13.04 36.07
CA SER B 671 16.64 14.43 36.44
C SER B 671 17.93 15.19 36.16
N TYR B 672 17.81 16.52 36.10
CA TYR B 672 18.96 17.40 35.92
C TYR B 672 19.36 17.94 37.29
N GLN B 673 20.57 17.61 37.72
CA GLN B 673 21.04 17.97 39.05
C GLN B 673 22.46 18.50 38.97
N THR B 674 22.88 19.18 40.03
CA THR B 674 24.23 19.71 40.14
C THR B 674 25.17 18.64 40.69
N GLN B 675 26.41 18.68 40.22
CA GLN B 675 27.42 17.73 40.66
C GLN B 675 27.72 17.89 42.15
N SER B 687 29.46 20.81 35.85
CA SER B 687 28.91 20.64 37.19
C SER B 687 27.43 20.26 37.13
N GLN B 688 26.86 20.30 35.93
CA GLN B 688 25.47 19.93 35.72
C GLN B 688 25.39 18.85 34.65
N SER B 689 24.60 17.81 34.94
CA SER B 689 24.44 16.69 34.02
C SER B 689 23.13 15.99 34.34
N ILE B 690 22.81 14.98 33.54
CA ILE B 690 21.59 14.19 33.70
C ILE B 690 21.94 12.93 34.47
N ILE B 691 21.22 12.67 35.56
CA ILE B 691 21.50 11.55 36.44
C ILE B 691 20.26 10.67 36.52
N ALA B 692 20.46 9.37 36.40
CA ALA B 692 19.40 8.38 36.55
C ALA B 692 19.51 7.71 37.91
N TYR B 693 18.37 7.50 38.55
CA TYR B 693 18.37 6.97 39.91
C TYR B 693 17.09 6.18 40.13
N THR B 694 17.13 5.32 41.14
CA THR B 694 15.94 4.61 41.54
C THR B 694 14.97 5.55 42.24
N MET B 695 13.70 5.15 42.30
CA MET B 695 12.67 5.94 42.94
C MET B 695 13.01 6.17 44.40
N SER B 696 12.73 7.38 44.89
CA SER B 696 12.66 7.63 46.33
C SER B 696 11.18 7.51 46.70
N LEU B 697 10.79 6.37 47.28
CA LEU B 697 9.40 6.12 47.61
C LEU B 697 8.88 7.12 48.62
N GLY B 698 9.75 7.79 49.35
CA GLY B 698 9.35 8.77 50.33
C GLY B 698 10.33 8.78 51.49
N ALA B 699 10.01 9.61 52.48
CA ALA B 699 10.82 9.69 53.69
C ALA B 699 10.59 8.44 54.53
N GLU B 700 11.66 7.67 54.76
CA GLU B 700 11.55 6.46 55.56
C GLU B 700 11.19 6.85 56.99
N ASN B 701 10.08 6.32 57.49
CA ASN B 701 9.57 6.67 58.81
C ASN B 701 9.23 5.40 59.58
N SER B 702 9.55 5.40 60.87
CA SER B 702 9.25 4.30 61.76
C SER B 702 8.35 4.79 62.88
N VAL B 703 7.22 4.12 63.08
CA VAL B 703 6.28 4.50 64.12
C VAL B 703 6.72 3.87 65.43
N ALA B 704 6.14 4.36 66.53
CA ALA B 704 6.48 3.93 67.88
C ALA B 704 5.35 3.12 68.52
N TYR B 705 4.72 2.25 67.73
CA TYR B 705 3.60 1.46 68.23
C TYR B 705 4.03 0.63 69.44
N SER B 706 3.14 0.57 70.43
CA SER B 706 3.39 -0.18 71.65
C SER B 706 2.06 -0.62 72.24
N ASN B 707 2.15 -1.40 73.33
CA ASN B 707 0.95 -1.90 73.97
C ASN B 707 0.11 -0.76 74.56
N ASN B 708 0.77 0.23 75.15
CA ASN B 708 0.09 1.31 75.86
C ASN B 708 0.66 2.67 75.51
N SER B 709 0.95 2.92 74.24
CA SER B 709 1.47 4.20 73.77
C SER B 709 0.49 4.83 72.80
N ILE B 710 0.15 6.10 73.03
CA ILE B 710 -0.76 6.84 72.17
C ILE B 710 -0.17 8.22 71.91
N ALA B 711 -0.27 8.67 70.66
CA ALA B 711 0.08 10.04 70.30
C ALA B 711 -1.20 10.82 70.03
N ILE B 712 -1.38 11.93 70.73
CA ILE B 712 -2.58 12.74 70.60
C ILE B 712 -2.18 14.15 70.16
N PRO B 713 -2.78 14.69 69.09
CA PRO B 713 -2.39 16.02 68.62
C PRO B 713 -2.82 17.11 69.60
N THR B 714 -1.84 17.77 70.20
CA THR B 714 -2.11 18.89 71.10
C THR B 714 -2.38 20.18 70.35
N ASN B 715 -2.19 20.19 69.03
CA ASN B 715 -2.42 21.37 68.22
C ASN B 715 -2.92 20.92 66.85
N PHE B 716 -3.26 21.89 66.01
CA PHE B 716 -3.80 21.57 64.70
C PHE B 716 -3.44 22.69 63.72
N THR B 717 -3.50 22.34 62.43
CA THR B 717 -3.27 23.30 61.36
C THR B 717 -4.39 23.18 60.33
N ILE B 718 -4.66 24.29 59.65
CA ILE B 718 -5.68 24.37 58.63
C ILE B 718 -4.99 24.50 57.28
N SER B 719 -5.16 23.51 56.41
CA SER B 719 -4.56 23.49 55.09
C SER B 719 -5.65 23.57 54.03
N VAL B 720 -5.54 24.56 53.16
CA VAL B 720 -6.49 24.75 52.07
C VAL B 720 -5.86 24.14 50.83
N THR B 721 -6.17 22.87 50.57
CA THR B 721 -5.67 22.20 49.38
C THR B 721 -6.54 22.57 48.18
N THR B 722 -5.96 22.39 47.00
CA THR B 722 -6.64 22.68 45.75
C THR B 722 -6.82 21.41 44.94
N GLU B 723 -8.00 21.26 44.33
CA GLU B 723 -8.30 20.11 43.48
C GLU B 723 -8.93 20.64 42.20
N ILE B 724 -8.46 20.13 41.07
CA ILE B 724 -8.86 20.62 39.75
C ILE B 724 -9.44 19.45 38.96
N LEU B 725 -10.62 19.65 38.39
CA LEU B 725 -11.29 18.61 37.62
C LEU B 725 -11.93 19.24 36.38
N PRO B 726 -11.63 18.73 35.19
CA PRO B 726 -12.32 19.23 33.99
C PRO B 726 -13.79 18.86 34.01
N VAL B 727 -14.61 19.73 33.42
CA VAL B 727 -16.05 19.50 33.37
C VAL B 727 -16.59 19.51 31.95
N SER B 728 -15.90 20.10 30.98
CA SER B 728 -16.41 20.14 29.61
C SER B 728 -15.23 20.30 28.65
N MET B 729 -15.48 19.95 27.40
CA MET B 729 -14.50 20.10 26.32
C MET B 729 -15.10 21.01 25.25
N THR B 730 -14.25 21.42 24.31
CA THR B 730 -14.71 22.24 23.20
C THR B 730 -15.71 21.47 22.36
N LYS B 731 -16.87 22.07 22.12
CA LYS B 731 -17.93 21.45 21.35
C LYS B 731 -17.67 21.66 19.87
N THR B 732 -17.63 20.57 19.11
CA THR B 732 -17.31 20.62 17.69
C THR B 732 -18.53 20.20 16.87
N SER B 733 -18.67 20.80 15.69
CA SER B 733 -19.77 20.51 14.77
C SER B 733 -19.24 20.34 13.35
N VAL B 734 -18.21 19.50 13.21
CA VAL B 734 -17.61 19.24 11.90
C VAL B 734 -18.68 18.83 10.89
N ASP B 735 -18.49 19.25 9.64
CA ASP B 735 -19.42 18.96 8.57
C ASP B 735 -18.73 18.14 7.49
N CYS B 736 -19.31 16.97 7.18
CA CYS B 736 -18.75 16.09 6.17
C CYS B 736 -18.69 16.78 4.81
N THR B 737 -19.75 17.52 4.45
CA THR B 737 -19.86 18.09 3.12
C THR B 737 -18.59 18.86 2.74
N MET B 738 -18.30 19.94 3.47
CA MET B 738 -17.07 20.66 3.16
C MET B 738 -15.83 19.87 3.55
N TYR B 739 -15.86 19.16 4.68
CA TYR B 739 -14.61 18.60 5.19
C TYR B 739 -14.00 17.62 4.21
N ILE B 740 -14.83 16.79 3.57
CA ILE B 740 -14.31 15.86 2.58
C ILE B 740 -14.43 16.40 1.16
N CYS B 741 -15.57 16.98 0.80
CA CYS B 741 -15.81 17.42 -0.57
C CYS B 741 -16.03 18.94 -0.59
N GLY B 742 -14.93 19.69 -0.66
CA GLY B 742 -15.03 21.14 -0.75
C GLY B 742 -15.75 21.59 -2.00
N ASP B 743 -16.97 22.11 -1.84
CA ASP B 743 -17.85 22.66 -2.87
C ASP B 743 -17.72 21.94 -4.21
N SER B 744 -17.75 20.61 -4.19
CA SER B 744 -17.64 19.77 -5.37
C SER B 744 -18.90 18.90 -5.48
N THR B 745 -19.72 19.17 -6.49
CA THR B 745 -20.97 18.43 -6.67
C THR B 745 -20.72 16.96 -6.94
N GLU B 746 -19.76 16.64 -7.80
CA GLU B 746 -19.47 15.24 -8.10
C GLU B 746 -18.93 14.51 -6.89
N CYS B 747 -18.11 15.18 -6.08
CA CYS B 747 -17.64 14.55 -4.84
C CYS B 747 -18.78 14.32 -3.86
N SER B 748 -19.72 15.27 -3.80
CA SER B 748 -20.90 15.08 -2.96
C SER B 748 -21.72 13.89 -3.41
N ASN B 749 -21.90 13.75 -4.72
CA ASN B 749 -22.61 12.59 -5.27
C ASN B 749 -21.88 11.29 -4.96
N LEU B 750 -20.55 11.29 -5.08
CA LEU B 750 -19.78 10.11 -4.66
C LEU B 750 -19.95 9.85 -3.17
N LEU B 751 -20.15 10.90 -2.38
CA LEU B 751 -20.30 10.72 -0.94
C LEU B 751 -21.64 10.09 -0.58
N LEU B 752 -22.71 10.52 -1.27
CA LEU B 752 -24.05 9.92 -1.02
C LEU B 752 -23.93 8.41 -1.18
N GLN B 753 -23.10 7.93 -2.12
CA GLN B 753 -23.01 6.50 -2.38
C GLN B 753 -22.47 5.73 -1.19
N TYR B 754 -21.91 6.39 -0.18
CA TYR B 754 -21.39 5.72 1.02
C TYR B 754 -22.44 5.59 2.12
N GLY B 755 -23.72 5.86 1.82
CA GLY B 755 -24.76 5.72 2.80
C GLY B 755 -24.85 6.90 3.76
N SER B 756 -25.73 6.75 4.75
CA SER B 756 -25.96 7.78 5.76
C SER B 756 -24.97 7.64 6.92
N PHE B 757 -23.69 7.57 6.57
CA PHE B 757 -22.64 7.50 7.58
C PHE B 757 -22.44 8.86 8.24
N CYS B 758 -22.43 9.92 7.44
CA CYS B 758 -22.12 11.25 7.95
C CYS B 758 -23.27 11.88 8.72
N THR B 759 -24.51 11.47 8.45
CA THR B 759 -25.61 11.85 9.33
C THR B 759 -25.38 11.28 10.73
N GLN B 760 -24.94 10.01 10.81
CA GLN B 760 -24.60 9.42 12.09
C GLN B 760 -23.43 10.13 12.74
N LEU B 761 -22.42 10.52 11.95
CA LEU B 761 -21.27 11.23 12.51
C LEU B 761 -21.67 12.58 13.09
N LYS B 762 -22.49 13.34 12.34
CA LYS B 762 -22.98 14.61 12.85
C LYS B 762 -23.86 14.43 14.08
N ARG B 763 -24.67 13.36 14.10
CA ARG B 763 -25.46 13.07 15.29
C ARG B 763 -24.58 12.78 16.49
N ALA B 764 -23.48 12.05 16.28
CA ALA B 764 -22.55 11.77 17.37
C ALA B 764 -21.92 13.06 17.88
N LEU B 765 -21.51 13.94 16.97
CA LEU B 765 -20.90 15.21 17.40
C LEU B 765 -21.91 16.07 18.16
N THR B 766 -23.15 16.12 17.67
CA THR B 766 -24.19 16.88 18.35
C THR B 766 -24.47 16.31 19.74
N GLY B 767 -24.52 14.98 19.85
CA GLY B 767 -24.69 14.36 21.15
C GLY B 767 -23.54 14.66 22.09
N ILE B 768 -22.31 14.70 21.56
CA ILE B 768 -21.17 15.06 22.40
C ILE B 768 -21.31 16.49 22.92
N ALA B 769 -21.72 17.41 22.05
CA ALA B 769 -21.91 18.79 22.49
C ALA B 769 -23.02 18.90 23.54
N VAL B 770 -24.13 18.19 23.33
CA VAL B 770 -25.23 18.21 24.28
C VAL B 770 -24.78 17.61 25.61
N GLU B 771 -23.97 16.55 25.55
CA GLU B 771 -23.45 15.95 26.77
C GLU B 771 -22.53 16.90 27.52
N GLN B 772 -21.72 17.67 26.80
CA GLN B 772 -20.89 18.68 27.45
C GLN B 772 -21.74 19.75 28.13
N ASP B 773 -22.81 20.19 27.45
CA ASP B 773 -23.73 21.15 28.05
C ASP B 773 -24.35 20.59 29.32
N LYS B 774 -24.80 19.33 29.27
CA LYS B 774 -25.39 18.70 30.45
C LYS B 774 -24.35 18.52 31.55
N ASN B 775 -23.11 18.23 31.19
CA ASN B 775 -22.05 18.10 32.17
C ASN B 775 -21.85 19.41 32.94
N THR B 776 -21.75 20.51 32.20
CA THR B 776 -21.60 21.81 32.86
C THR B 776 -22.83 22.15 33.70
N GLN B 777 -24.03 21.84 33.19
CA GLN B 777 -25.25 22.11 33.95
C GLN B 777 -25.27 21.34 35.25
N GLU B 778 -24.95 20.05 35.22
CA GLU B 778 -24.99 19.24 36.43
C GLU B 778 -23.86 19.63 37.38
N VAL B 779 -22.73 20.06 36.85
CA VAL B 779 -21.61 20.43 37.71
C VAL B 779 -21.92 21.72 38.48
N PHE B 780 -22.44 22.73 37.78
CA PHE B 780 -22.57 24.05 38.39
C PHE B 780 -23.98 24.37 38.88
N ALA B 781 -25.00 24.13 38.06
CA ALA B 781 -26.37 24.48 38.44
C ALA B 781 -26.95 23.47 39.42
N GLN B 782 -26.34 23.35 40.59
CA GLN B 782 -26.82 22.46 41.64
C GLN B 782 -27.77 23.15 42.61
N VAL B 783 -28.00 24.45 42.46
CA VAL B 783 -28.86 25.20 43.36
C VAL B 783 -29.88 25.97 42.52
N LYS B 784 -31.15 25.94 42.94
CA LYS B 784 -32.20 26.59 42.19
C LYS B 784 -32.15 28.11 42.36
N GLN B 785 -31.82 28.58 43.55
CA GLN B 785 -31.87 30.00 43.88
C GLN B 785 -30.48 30.60 43.84
N ILE B 786 -30.34 31.76 43.18
CA ILE B 786 -29.07 32.46 43.10
C ILE B 786 -28.95 33.33 44.33
N TYR B 787 -28.07 32.93 45.25
CA TYR B 787 -27.88 33.68 46.49
C TYR B 787 -26.92 34.85 46.27
N LYS B 788 -26.92 35.76 47.23
CA LYS B 788 -26.04 36.92 47.22
C LYS B 788 -25.38 37.07 48.58
N THR B 789 -24.09 37.40 48.58
CA THR B 789 -23.40 37.68 49.82
C THR B 789 -23.92 39.00 50.41
N PRO B 790 -23.90 39.13 51.73
CA PRO B 790 -24.34 40.39 52.33
C PRO B 790 -23.44 41.53 51.91
N PRO B 791 -23.97 42.75 51.84
CA PRO B 791 -23.13 43.89 51.44
C PRO B 791 -21.93 44.09 52.37
N ILE B 792 -22.11 43.85 53.67
CA ILE B 792 -20.98 43.85 54.60
C ILE B 792 -20.35 42.46 54.61
N LYS B 793 -19.05 42.42 54.90
CA LYS B 793 -18.28 41.18 54.88
C LYS B 793 -17.42 41.09 56.14
N TYR B 794 -17.97 40.49 57.20
CA TYR B 794 -17.21 40.15 58.41
C TYR B 794 -17.72 38.80 58.88
N PHE B 795 -17.05 37.73 58.44
CA PHE B 795 -17.45 36.37 58.78
C PHE B 795 -16.60 35.85 59.94
N GLY B 796 -16.75 36.52 61.08
CA GLY B 796 -16.03 36.12 62.29
C GLY B 796 -14.52 36.16 62.15
N GLY B 797 -13.99 37.18 61.48
CA GLY B 797 -12.58 37.28 61.24
C GLY B 797 -12.07 36.55 60.02
N PHE B 798 -12.88 35.69 59.42
CA PHE B 798 -12.46 34.99 58.22
C PHE B 798 -12.46 35.95 57.03
N ASN B 799 -11.39 35.90 56.25
CA ASN B 799 -11.22 36.77 55.09
C ASN B 799 -11.61 36.00 53.84
N PHE B 800 -12.54 36.55 53.06
CA PHE B 800 -13.09 35.86 51.90
C PHE B 800 -12.98 36.66 50.61
N SER B 801 -12.17 37.73 50.59
CA SER B 801 -12.08 38.56 49.40
C SER B 801 -11.44 37.81 48.23
N GLN B 802 -10.62 36.80 48.52
CA GLN B 802 -9.92 36.09 47.44
C GLN B 802 -10.86 35.20 46.64
N ILE B 803 -12.00 34.83 47.21
CA ILE B 803 -12.95 33.93 46.54
C ILE B 803 -14.27 34.60 46.23
N LEU B 804 -14.59 35.72 46.86
CA LEU B 804 -15.81 36.45 46.54
C LEU B 804 -15.62 37.27 45.27
N PRO B 805 -16.70 37.56 44.54
CA PRO B 805 -16.57 38.37 43.33
C PRO B 805 -16.05 39.77 43.64
N ASP B 806 -15.33 40.33 42.67
CA ASP B 806 -14.77 41.66 42.80
C ASP B 806 -15.66 42.65 42.07
N PRO B 807 -16.41 43.51 42.77
CA PRO B 807 -17.27 44.47 42.07
C PRO B 807 -16.51 45.44 41.19
N SER B 808 -15.29 45.80 41.56
CA SER B 808 -14.50 46.72 40.74
C SER B 808 -14.23 46.12 39.36
N LYS B 809 -13.88 44.84 39.31
CA LYS B 809 -13.67 44.17 38.04
C LYS B 809 -15.01 44.04 37.31
N PRO B 810 -15.09 44.44 36.04
CA PRO B 810 -16.37 44.35 35.32
C PRO B 810 -16.82 42.92 35.03
N SER B 811 -15.92 41.95 35.10
CA SER B 811 -16.29 40.55 34.86
C SER B 811 -16.98 39.91 36.05
N LYS B 812 -16.97 40.55 37.22
CA LYS B 812 -17.59 40.03 38.44
C LYS B 812 -17.04 38.65 38.78
N ARG B 813 -15.72 38.60 39.01
CA ARG B 813 -15.03 37.36 39.29
C ARG B 813 -14.10 37.55 40.48
N SER B 814 -13.80 36.44 41.14
CA SER B 814 -12.83 36.46 42.22
C SER B 814 -11.42 36.61 41.65
N PRO B 815 -10.47 37.09 42.46
CA PRO B 815 -9.07 37.11 42.01
C PRO B 815 -8.55 35.72 41.66
N ILE B 816 -8.98 34.69 42.41
CA ILE B 816 -8.60 33.32 42.06
C ILE B 816 -9.13 32.95 40.69
N GLU B 817 -10.39 33.31 40.41
CA GLU B 817 -10.96 33.04 39.10
C GLU B 817 -10.21 33.79 38.00
N ASP B 818 -9.78 35.03 38.30
CA ASP B 818 -8.98 35.78 37.33
C ASP B 818 -7.67 35.08 37.04
N LEU B 819 -7.00 34.57 38.08
CA LEU B 819 -5.76 33.82 37.87
C LEU B 819 -6.02 32.57 37.04
N LEU B 820 -7.11 31.86 37.33
CA LEU B 820 -7.44 30.66 36.56
C LEU B 820 -7.67 31.00 35.09
N PHE B 821 -8.41 32.08 34.83
CA PHE B 821 -8.67 32.47 33.45
C PHE B 821 -7.39 32.90 32.74
N ASN B 822 -6.52 33.64 33.42
CA ASN B 822 -5.29 34.10 32.80
C ASN B 822 -4.26 32.99 32.63
N LYS B 823 -4.37 31.91 33.41
CA LYS B 823 -3.40 30.82 33.34
C LYS B 823 -3.82 29.71 32.38
N VAL B 824 -4.98 29.83 31.74
CA VAL B 824 -5.43 28.87 30.75
C VAL B 824 -5.64 29.62 29.44
N THR B 825 -4.95 29.17 28.39
CA THR B 825 -5.02 29.82 27.09
C THR B 825 -5.87 28.97 26.15
N LEU B 826 -6.87 29.60 25.54
CA LEU B 826 -7.76 28.93 24.60
C LEU B 826 -7.26 29.18 23.18
N ALA B 827 -6.96 28.10 22.47
CA ALA B 827 -6.57 28.24 21.06
C ALA B 827 -7.71 28.84 20.25
N ASP B 828 -8.93 28.34 20.44
CA ASP B 828 -10.12 28.88 19.81
C ASP B 828 -11.14 29.18 20.89
N ALA B 829 -11.50 30.46 21.03
CA ALA B 829 -12.55 30.82 21.99
C ALA B 829 -13.90 30.31 21.54
N GLY B 830 -14.12 30.18 20.24
CA GLY B 830 -15.41 29.72 19.71
C GLY B 830 -16.46 30.79 19.65
N PHE B 831 -16.73 31.47 20.78
CA PHE B 831 -17.68 32.56 20.81
C PHE B 831 -17.04 33.87 20.36
N ILE B 832 -16.51 33.88 19.14
CA ILE B 832 -15.86 35.08 18.62
C ILE B 832 -16.44 35.54 17.29
N LYS B 833 -17.10 34.67 16.52
CA LYS B 833 -17.55 35.00 15.17
C LYS B 833 -16.40 35.55 14.35
N GLN B 834 -15.30 34.80 14.31
CA GLN B 834 -14.03 35.27 13.78
C GLN B 834 -14.08 35.51 12.26
N TYR B 835 -15.24 35.30 11.65
CA TYR B 835 -15.38 35.62 10.25
C TYR B 835 -15.31 37.13 10.03
N GLY B 836 -14.69 37.52 8.92
CA GLY B 836 -14.47 38.91 8.60
C GLY B 836 -13.07 39.41 8.85
N ASP B 837 -12.26 38.66 9.61
CA ASP B 837 -10.87 39.03 9.87
C ASP B 837 -9.87 38.01 9.33
N CYS B 838 -10.33 36.87 8.82
CA CYS B 838 -9.40 35.93 8.19
C CYS B 838 -8.73 36.55 6.98
N LEU B 839 -9.49 37.27 6.15
CA LEU B 839 -8.90 38.04 5.07
C LEU B 839 -8.08 39.21 5.60
N GLY B 840 -8.48 39.77 6.74
CA GLY B 840 -7.78 40.84 7.39
C GLY B 840 -6.64 40.41 8.30
N ASP B 841 -6.32 39.11 8.31
CA ASP B 841 -5.23 38.61 9.14
C ASP B 841 -3.88 39.18 8.72
N ILE B 842 -3.78 39.73 7.51
CA ILE B 842 -2.57 40.35 6.99
C ILE B 842 -1.46 39.31 6.84
N ALA B 843 -1.01 38.76 7.96
CA ALA B 843 0.00 37.71 7.94
C ALA B 843 -0.68 36.37 7.62
N ALA B 844 0.06 35.28 7.78
CA ALA B 844 -0.50 33.95 7.53
C ALA B 844 -1.65 33.66 8.48
N ARG B 845 -2.70 33.04 7.95
CA ARG B 845 -3.87 32.73 8.76
C ARG B 845 -3.51 31.73 9.87
N ASP B 846 -4.25 31.82 10.97
CA ASP B 846 -3.98 30.99 12.14
C ASP B 846 -4.72 29.65 12.00
N LEU B 847 -4.52 28.79 13.00
CA LEU B 847 -5.18 27.49 13.00
C LEU B 847 -6.70 27.64 12.96
N ILE B 848 -7.23 28.68 13.60
CA ILE B 848 -8.69 28.84 13.67
C ILE B 848 -9.26 29.22 12.32
N CYS B 849 -8.61 30.16 11.63
CA CYS B 849 -9.05 30.51 10.27
C CYS B 849 -8.88 29.33 9.33
N ALA B 850 -7.80 28.56 9.50
CA ALA B 850 -7.60 27.37 8.69
C ALA B 850 -8.72 26.36 8.94
N GLN B 851 -9.12 26.18 10.21
CA GLN B 851 -10.20 25.27 10.54
C GLN B 851 -11.52 25.74 9.92
N LYS B 852 -11.80 27.04 10.02
CA LYS B 852 -13.02 27.58 9.42
C LYS B 852 -13.04 27.33 7.91
N PHE B 853 -11.89 27.52 7.25
CA PHE B 853 -11.80 27.22 5.83
C PHE B 853 -11.97 25.74 5.57
N ASN B 854 -11.41 24.88 6.42
CA ASN B 854 -11.34 23.46 6.18
C ASN B 854 -12.61 22.72 6.61
N GLY B 855 -13.54 23.40 7.26
CA GLY B 855 -14.74 22.76 7.74
C GLY B 855 -14.74 22.40 9.21
N LEU B 856 -13.78 22.90 9.98
CA LEU B 856 -13.70 22.63 11.41
C LEU B 856 -14.17 23.88 12.16
N THR B 857 -15.24 23.72 12.93
CA THR B 857 -15.81 24.81 13.70
C THR B 857 -16.13 24.34 15.12
N VAL B 858 -16.10 25.29 16.06
CA VAL B 858 -16.31 25.00 17.47
C VAL B 858 -17.48 25.85 17.96
N LEU B 859 -18.52 25.19 18.48
CA LEU B 859 -19.64 25.91 19.06
C LEU B 859 -19.26 26.45 20.43
N PRO B 860 -19.86 27.56 20.85
CA PRO B 860 -19.62 28.08 22.19
C PRO B 860 -20.55 27.42 23.20
N PRO B 861 -20.11 27.26 24.44
CA PRO B 861 -20.97 26.64 25.45
C PRO B 861 -22.18 27.51 25.76
N LEU B 862 -23.29 26.85 26.09
CA LEU B 862 -24.50 27.57 26.46
C LEU B 862 -24.28 28.37 27.75
N LEU B 863 -23.60 27.77 28.73
CA LEU B 863 -23.25 28.46 29.97
C LEU B 863 -21.96 29.24 29.72
N THR B 864 -22.08 30.56 29.66
CA THR B 864 -20.92 31.42 29.45
C THR B 864 -20.00 31.39 30.67
N ASP B 865 -18.76 31.80 30.46
CA ASP B 865 -17.80 31.86 31.55
C ASP B 865 -18.17 32.92 32.58
N GLU B 866 -19.09 33.82 32.25
CA GLU B 866 -19.55 34.83 33.21
C GLU B 866 -20.67 34.27 34.08
N MET B 867 -21.66 33.62 33.46
CA MET B 867 -22.74 33.04 34.26
C MET B 867 -22.28 31.80 35.03
N ILE B 868 -21.27 31.09 34.54
CA ILE B 868 -20.67 30.02 35.34
C ILE B 868 -20.04 30.60 36.60
N ALA B 869 -19.32 31.71 36.46
CA ALA B 869 -18.77 32.39 37.62
C ALA B 869 -19.87 32.89 38.54
N GLN B 870 -20.98 33.36 37.99
CA GLN B 870 -22.11 33.78 38.80
C GLN B 870 -22.70 32.60 39.58
N TYR B 871 -22.80 31.44 38.94
CA TYR B 871 -23.28 30.24 39.63
C TYR B 871 -22.35 29.88 40.78
N THR B 872 -21.04 29.91 40.53
CA THR B 872 -20.07 29.60 41.59
C THR B 872 -20.17 30.62 42.72
N SER B 873 -20.35 31.89 42.38
CA SER B 873 -20.49 32.92 43.40
C SER B 873 -21.72 32.69 44.27
N ALA B 874 -22.84 32.36 43.63
CA ALA B 874 -24.06 32.08 44.40
C ALA B 874 -23.87 30.86 45.29
N LEU B 875 -23.22 29.82 44.77
CA LEU B 875 -22.98 28.62 45.56
C LEU B 875 -22.07 28.92 46.75
N LEU B 876 -21.03 29.72 46.54
CA LEU B 876 -20.13 30.09 47.63
C LEU B 876 -20.85 30.94 48.67
N ALA B 877 -21.68 31.89 48.22
CA ALA B 877 -22.46 32.68 49.17
C ALA B 877 -23.38 31.79 49.99
N GLY B 878 -24.03 30.82 49.35
CA GLY B 878 -24.87 29.89 50.09
C GLY B 878 -24.08 29.08 51.10
N THR B 879 -22.93 28.55 50.71
CA THR B 879 -22.17 27.67 51.58
C THR B 879 -21.43 28.42 52.69
N ILE B 880 -21.26 29.74 52.57
CA ILE B 880 -20.62 30.52 53.63
C ILE B 880 -21.58 31.39 54.42
N THR B 881 -22.84 31.52 54.01
CA THR B 881 -23.83 32.25 54.78
C THR B 881 -25.01 31.40 55.23
N SER B 882 -25.06 30.13 54.85
CA SER B 882 -26.14 29.26 55.30
C SER B 882 -25.67 27.85 55.64
N GLY B 883 -24.38 27.63 55.77
CA GLY B 883 -23.88 26.29 56.04
C GLY B 883 -24.23 25.35 54.91
N TRP B 884 -24.67 24.15 55.27
CA TRP B 884 -25.13 23.15 54.31
C TRP B 884 -26.64 23.08 54.22
N THR B 885 -27.37 23.96 54.90
CA THR B 885 -28.82 23.90 54.91
C THR B 885 -29.40 24.10 53.52
N PHE B 886 -28.86 25.08 52.79
CA PHE B 886 -29.36 25.36 51.44
C PHE B 886 -29.13 24.20 50.48
N GLY B 887 -28.17 23.32 50.77
CA GLY B 887 -27.97 22.15 49.95
C GLY B 887 -29.05 21.10 50.10
N ALA B 888 -29.81 21.16 51.19
CA ALA B 888 -30.91 20.23 51.44
C ALA B 888 -32.27 20.88 51.22
N GLY B 889 -32.54 22.00 51.89
CA GLY B 889 -33.80 22.69 51.75
C GLY B 889 -33.61 24.19 51.65
N PRO B 890 -34.55 24.95 52.21
CA PRO B 890 -34.42 26.41 52.21
C PRO B 890 -33.16 26.84 52.96
N ALA B 891 -32.54 27.92 52.47
CA ALA B 891 -31.31 28.42 53.07
C ALA B 891 -31.60 29.02 54.43
N LEU B 892 -31.00 28.45 55.47
CA LEU B 892 -31.12 28.96 56.84
C LEU B 892 -29.82 29.65 57.22
N GLN B 893 -29.90 30.95 57.48
CA GLN B 893 -28.69 31.71 57.80
C GLN B 893 -28.11 31.26 59.14
N ILE B 894 -26.79 31.13 59.16
CA ILE B 894 -26.05 30.72 60.35
C ILE B 894 -24.74 31.49 60.37
N PRO B 895 -24.35 32.11 61.49
CA PRO B 895 -23.06 32.80 61.53
C PRO B 895 -21.92 31.85 61.21
N PHE B 896 -20.93 32.38 60.48
CA PHE B 896 -19.83 31.54 60.01
C PHE B 896 -19.05 30.88 61.13
N PRO B 897 -18.72 31.55 62.25
CA PRO B 897 -18.09 30.81 63.36
C PRO B 897 -18.94 29.65 63.87
N MET B 898 -20.26 29.82 63.91
CA MET B 898 -21.13 28.73 64.37
C MET B 898 -21.14 27.59 63.36
N GLN B 899 -21.14 27.92 62.07
CA GLN B 899 -21.04 26.89 61.04
C GLN B 899 -19.73 26.13 61.15
N MET B 900 -18.63 26.85 61.39
CA MET B 900 -17.34 26.20 61.54
C MET B 900 -17.32 25.30 62.77
N ALA B 901 -17.94 25.74 63.87
CA ALA B 901 -18.08 24.89 65.04
C ALA B 901 -18.88 23.65 64.73
N TYR B 902 -19.94 23.79 63.92
CA TYR B 902 -20.74 22.64 63.52
C TYR B 902 -19.91 21.64 62.72
N ARG B 903 -19.10 22.13 61.77
CA ARG B 903 -18.24 21.23 61.02
C ARG B 903 -17.20 20.56 61.91
N PHE B 904 -16.66 21.32 62.87
CA PHE B 904 -15.72 20.74 63.82
C PHE B 904 -16.37 19.62 64.63
N ASN B 905 -17.59 19.85 65.10
CA ASN B 905 -18.34 18.79 65.78
C ASN B 905 -18.56 17.60 64.85
N GLY B 906 -18.75 17.87 63.56
CA GLY B 906 -18.87 16.80 62.59
C GLY B 906 -17.62 15.97 62.40
N ILE B 907 -16.44 16.57 62.53
CA ILE B 907 -15.19 15.85 62.34
C ILE B 907 -14.70 15.23 63.65
N GLY B 908 -15.36 15.49 64.77
CA GLY B 908 -15.08 14.80 66.01
C GLY B 908 -14.47 15.62 67.13
N VAL B 909 -14.40 16.94 67.00
CA VAL B 909 -13.93 17.80 68.08
C VAL B 909 -15.04 18.78 68.43
N THR B 910 -15.15 19.13 69.71
CA THR B 910 -16.26 19.94 70.16
C THR B 910 -16.07 21.41 69.79
N GLN B 911 -17.16 22.17 69.90
CA GLN B 911 -17.17 23.55 69.44
C GLN B 911 -16.24 24.44 70.26
N ASN B 912 -15.96 24.05 71.51
CA ASN B 912 -15.07 24.85 72.35
C ASN B 912 -13.66 24.92 71.78
N VAL B 913 -13.23 23.90 71.04
CA VAL B 913 -11.90 23.93 70.45
C VAL B 913 -11.79 25.09 69.47
N LEU B 914 -12.80 25.27 68.62
CA LEU B 914 -12.80 26.41 67.71
C LEU B 914 -12.98 27.72 68.45
N TYR B 915 -13.97 27.78 69.35
CA TYR B 915 -14.32 29.04 69.98
C TYR B 915 -13.21 29.54 70.90
N GLU B 916 -12.33 28.64 71.33
CA GLU B 916 -11.22 29.07 72.19
C GLU B 916 -10.11 29.76 71.41
N ASN B 917 -9.90 29.37 70.16
CA ASN B 917 -8.84 29.94 69.33
C ASN B 917 -9.40 30.37 67.98
N GLN B 918 -10.52 31.09 68.01
CA GLN B 918 -11.14 31.55 66.77
C GLN B 918 -10.20 32.47 66.00
N LYS B 919 -9.53 33.38 66.69
CA LYS B 919 -8.58 34.26 66.03
C LYS B 919 -7.46 33.47 65.38
N LEU B 920 -6.93 32.46 66.08
CA LEU B 920 -5.82 31.67 65.55
C LEU B 920 -6.25 30.91 64.30
N ILE B 921 -7.42 30.27 64.34
CA ILE B 921 -7.85 29.50 63.17
C ILE B 921 -8.20 30.43 62.02
N ALA B 922 -8.77 31.60 62.32
CA ALA B 922 -9.06 32.56 61.26
C ALA B 922 -7.78 33.05 60.61
N ASN B 923 -6.74 33.31 61.41
CA ASN B 923 -5.46 33.73 60.85
C ASN B 923 -4.85 32.64 59.99
N GLN B 924 -4.92 31.38 60.45
CA GLN B 924 -4.39 30.28 59.65
C GLN B 924 -5.15 30.12 58.34
N PHE B 925 -6.48 30.24 58.40
CA PHE B 925 -7.30 30.14 57.20
C PHE B 925 -6.96 31.25 56.22
N ASN B 926 -6.81 32.48 56.72
CA ASN B 926 -6.47 33.61 55.87
C ASN B 926 -5.10 33.43 55.25
N SER B 927 -4.13 32.95 56.02
CA SER B 927 -2.79 32.73 55.49
C SER B 927 -2.80 31.67 54.39
N ALA B 928 -3.53 30.56 54.61
CA ALA B 928 -3.60 29.52 53.60
C ALA B 928 -4.30 30.02 52.34
N ILE B 929 -5.39 30.78 52.50
CA ILE B 929 -6.10 31.32 51.35
C ILE B 929 -5.22 32.28 50.58
N GLY B 930 -4.46 33.13 51.29
CA GLY B 930 -3.55 34.03 50.62
C GLY B 930 -2.43 33.30 49.89
N LYS B 931 -1.89 32.24 50.51
CA LYS B 931 -0.76 31.54 49.90
C LYS B 931 -1.17 30.61 48.77
N ILE B 932 -2.42 30.17 48.71
CA ILE B 932 -2.83 29.41 47.52
C ILE B 932 -2.78 30.30 46.28
N GLN B 933 -3.00 31.61 46.46
CA GLN B 933 -2.91 32.55 45.35
C GLN B 933 -1.51 32.53 44.74
N ASP B 934 -0.47 32.71 45.57
CA ASP B 934 0.88 32.71 45.02
C ASP B 934 1.34 31.31 44.63
N SER B 935 0.78 30.27 45.25
CA SER B 935 1.08 28.91 44.81
C SER B 935 0.62 28.69 43.38
N LEU B 936 -0.57 29.18 43.03
CA LEU B 936 -1.02 29.12 41.65
C LEU B 936 -0.29 30.11 40.75
N PHE B 937 0.13 31.25 41.31
CA PHE B 937 0.78 32.28 40.50
C PHE B 937 2.18 31.85 40.06
N SER B 938 2.98 31.32 40.99
CA SER B 938 4.40 31.09 40.70
C SER B 938 4.64 29.76 40.02
N THR B 939 3.76 28.78 40.21
CA THR B 939 3.97 27.48 39.61
C THR B 939 3.90 27.55 38.09
N PRO B 940 4.68 26.73 37.38
CA PRO B 940 4.59 26.74 35.91
C PRO B 940 3.21 26.35 35.40
N SER B 941 2.65 25.24 35.88
CA SER B 941 1.32 24.82 35.46
C SER B 941 0.73 23.93 36.55
N ALA B 942 -0.13 24.50 37.40
CA ALA B 942 -0.91 23.72 38.34
C ALA B 942 -2.23 23.26 37.75
N LEU B 943 -2.72 23.93 36.71
CA LEU B 943 -3.92 23.56 35.99
C LEU B 943 -3.63 22.61 34.84
N GLY B 944 -2.62 21.74 35.01
CA GLY B 944 -2.20 20.86 33.94
C GLY B 944 -3.32 20.00 33.38
N LYS B 945 -4.29 19.63 34.20
CA LYS B 945 -5.39 18.79 33.71
C LYS B 945 -6.23 19.55 32.68
N LEU B 946 -6.67 20.76 33.01
CA LEU B 946 -7.45 21.56 32.07
C LEU B 946 -6.62 21.93 30.85
N GLN B 947 -5.36 22.30 31.06
CA GLN B 947 -4.50 22.66 29.94
C GLN B 947 -4.28 21.47 29.02
N ASP B 948 -4.16 20.27 29.60
CA ASP B 948 -3.99 19.07 28.80
C ASP B 948 -5.26 18.72 28.03
N VAL B 949 -6.42 18.94 28.64
CA VAL B 949 -7.68 18.72 27.92
C VAL B 949 -7.76 19.66 26.72
N VAL B 950 -7.46 20.95 26.94
CA VAL B 950 -7.52 21.92 25.85
C VAL B 950 -6.50 21.58 24.77
N ASN B 951 -5.28 21.23 25.18
CA ASN B 951 -4.24 20.90 24.22
C ASN B 951 -4.57 19.63 23.45
N HIS B 952 -5.19 18.64 24.11
CA HIS B 952 -5.60 17.43 23.42
C HIS B 952 -6.64 17.72 22.37
N ASN B 953 -7.64 18.55 22.71
CA ASN B 953 -8.64 18.92 21.72
C ASN B 953 -8.02 19.69 20.56
N ALA B 954 -7.14 20.64 20.87
CA ALA B 954 -6.49 21.43 19.81
C ALA B 954 -5.63 20.54 18.92
N GLN B 955 -4.90 19.59 19.50
CA GLN B 955 -4.05 18.71 18.72
C GLN B 955 -4.87 17.75 17.87
N ALA B 956 -5.99 17.26 18.41
CA ALA B 956 -6.87 16.40 17.60
C ALA B 956 -7.43 17.18 16.42
N LEU B 957 -7.87 18.41 16.65
CA LEU B 957 -8.39 19.22 15.55
C LEU B 957 -7.29 19.53 14.53
N ASN B 958 -6.08 19.81 15.02
CA ASN B 958 -4.96 20.10 14.12
C ASN B 958 -4.62 18.88 13.26
N THR B 959 -4.61 17.69 13.85
CA THR B 959 -4.37 16.48 13.07
C THR B 959 -5.49 16.25 12.06
N LEU B 960 -6.73 16.50 12.47
CA LEU B 960 -7.85 16.34 11.55
C LEU B 960 -7.71 17.26 10.35
N VAL B 961 -7.33 18.51 10.57
CA VAL B 961 -7.16 19.45 9.47
C VAL B 961 -5.94 19.06 8.63
N LYS B 962 -4.85 18.65 9.27
CA LYS B 962 -3.64 18.29 8.54
C LYS B 962 -3.84 17.05 7.69
N GLN B 963 -4.80 16.19 8.07
CA GLN B 963 -5.06 14.98 7.29
C GLN B 963 -5.61 15.28 5.91
N LEU B 964 -6.06 16.51 5.66
CA LEU B 964 -6.56 16.85 4.32
C LEU B 964 -5.43 17.12 3.33
N SER B 965 -4.19 17.19 3.80
CA SER B 965 -3.02 17.38 2.93
C SER B 965 -2.33 16.07 2.63
N SER B 966 -2.95 14.95 2.95
CA SER B 966 -2.39 13.62 2.69
C SER B 966 -2.93 13.14 1.35
N LYS B 967 -2.02 12.73 0.46
CA LYS B 967 -2.42 12.30 -0.87
C LYS B 967 -3.27 11.03 -0.82
N PHE B 968 -3.10 10.22 0.23
CA PHE B 968 -3.86 9.00 0.43
C PHE B 968 -3.70 8.02 -0.74
N GLY B 969 -2.52 8.02 -1.36
CA GLY B 969 -2.26 7.13 -2.48
C GLY B 969 -2.92 7.52 -3.78
N ALA B 970 -3.27 8.80 -3.96
CA ALA B 970 -3.90 9.29 -5.16
C ALA B 970 -2.98 10.27 -5.88
N ILE B 971 -3.49 10.85 -6.97
CA ILE B 971 -2.69 11.78 -7.77
C ILE B 971 -2.31 13.01 -6.96
N SER B 972 -3.29 13.59 -6.26
CA SER B 972 -3.05 14.78 -5.45
C SER B 972 -4.12 14.87 -4.37
N SER B 973 -3.83 15.69 -3.36
CA SER B 973 -4.73 15.86 -2.23
C SER B 973 -5.71 17.02 -2.41
N VAL B 974 -5.69 17.68 -3.57
CA VAL B 974 -6.57 18.82 -3.83
C VAL B 974 -7.71 18.37 -4.74
N LEU B 975 -8.93 18.43 -4.21
CA LEU B 975 -10.10 17.98 -4.96
C LEU B 975 -10.27 18.77 -6.25
N ASN B 976 -10.16 20.10 -6.16
CA ASN B 976 -10.36 20.94 -7.33
C ASN B 976 -9.29 20.70 -8.39
N ASP B 977 -8.03 20.57 -7.97
CA ASP B 977 -6.96 20.34 -8.94
C ASP B 977 -7.10 18.98 -9.61
N ILE B 978 -7.41 17.94 -8.85
CA ILE B 978 -7.59 16.63 -9.49
C ILE B 978 -8.82 16.62 -10.40
N LEU B 979 -9.89 17.33 -10.03
CA LEU B 979 -11.03 17.43 -10.94
C LEU B 979 -10.67 18.18 -12.22
N SER B 980 -9.93 19.27 -12.12
CA SER B 980 -9.55 20.05 -13.29
C SER B 980 -8.46 19.39 -14.11
N ARG B 981 -7.78 18.37 -13.57
CA ARG B 981 -6.74 17.67 -14.30
C ARG B 981 -7.15 16.29 -14.81
N LEU B 982 -8.24 15.72 -14.30
CA LEU B 982 -8.68 14.39 -14.74
C LEU B 982 -10.17 14.42 -15.05
N ASP B 983 -10.56 13.64 -16.05
CA ASP B 983 -11.96 13.53 -16.40
C ASP B 983 -12.73 12.80 -15.30
N PRO B 984 -14.05 12.98 -15.23
CA PRO B 984 -14.85 12.28 -14.21
C PRO B 984 -14.67 10.77 -14.23
N PRO B 985 -14.86 10.08 -15.37
CA PRO B 985 -14.91 8.62 -15.33
C PRO B 985 -13.56 7.93 -15.20
N GLU B 986 -12.46 8.67 -15.03
CA GLU B 986 -11.21 8.11 -14.54
C GLU B 986 -10.83 8.68 -13.19
N ALA B 987 -11.20 9.93 -12.92
CA ALA B 987 -10.88 10.57 -11.65
C ALA B 987 -11.73 10.09 -10.49
N GLU B 988 -12.88 9.45 -10.76
CA GLU B 988 -13.71 9.03 -9.64
C GLU B 988 -13.03 7.97 -8.78
N VAL B 989 -12.06 7.26 -9.33
CA VAL B 989 -11.32 6.29 -8.53
C VAL B 989 -10.48 7.00 -7.47
N GLN B 990 -9.74 8.03 -7.88
CA GLN B 990 -8.98 8.82 -6.91
C GLN B 990 -9.92 9.59 -6.00
N ILE B 991 -11.10 9.96 -6.52
CA ILE B 991 -12.10 10.60 -5.69
C ILE B 991 -12.54 9.67 -4.56
N ASP B 992 -12.79 8.41 -4.90
CA ASP B 992 -13.17 7.42 -3.89
C ASP B 992 -12.02 7.15 -2.93
N ARG B 993 -10.78 7.17 -3.43
CA ARG B 993 -9.63 6.99 -2.55
C ARG B 993 -9.57 8.11 -1.52
N LEU B 994 -9.70 9.36 -1.97
CA LEU B 994 -9.72 10.49 -1.04
C LEU B 994 -10.92 10.41 -0.12
N ILE B 995 -12.08 10.01 -0.66
CA ILE B 995 -13.29 9.88 0.15
C ILE B 995 -13.06 8.93 1.30
N THR B 996 -12.54 7.74 1.00
CA THR B 996 -12.37 6.74 2.05
C THR B 996 -11.25 7.10 3.01
N GLY B 997 -10.16 7.71 2.53
CA GLY B 997 -9.11 8.14 3.44
C GLY B 997 -9.58 9.21 4.41
N ARG B 998 -10.22 10.26 3.87
CA ARG B 998 -10.71 11.33 4.74
C ARG B 998 -11.83 10.82 5.63
N LEU B 999 -12.63 9.88 5.15
CA LEU B 999 -13.75 9.39 5.93
C LEU B 999 -13.27 8.53 7.09
N GLN B 1000 -12.24 7.70 6.84
CA GLN B 1000 -11.63 6.94 7.92
C GLN B 1000 -10.95 7.87 8.92
N SER B 1001 -10.33 8.95 8.43
CA SER B 1001 -9.75 9.93 9.35
C SER B 1001 -10.82 10.57 10.23
N LEU B 1002 -11.96 10.94 9.63
CA LEU B 1002 -13.05 11.53 10.41
C LEU B 1002 -13.63 10.54 11.41
N GLN B 1003 -13.75 9.27 11.00
CA GLN B 1003 -14.21 8.23 11.91
C GLN B 1003 -13.25 8.06 13.08
N THR B 1004 -11.96 8.07 12.81
CA THR B 1004 -10.98 8.02 13.90
C THR B 1004 -11.12 9.22 14.81
N TYR B 1005 -11.30 10.41 14.24
CA TYR B 1005 -11.41 11.62 15.05
C TYR B 1005 -12.63 11.56 15.95
N VAL B 1006 -13.78 11.13 15.40
CA VAL B 1006 -15.00 11.10 16.20
C VAL B 1006 -14.92 9.98 17.25
N THR B 1007 -14.26 8.87 16.93
CA THR B 1007 -14.09 7.81 17.92
C THR B 1007 -13.21 8.29 19.08
N GLN B 1008 -12.11 8.97 18.77
CA GLN B 1008 -11.25 9.51 19.83
C GLN B 1008 -11.97 10.59 20.62
N GLN B 1009 -12.77 11.41 19.94
CA GLN B 1009 -13.56 12.42 20.65
C GLN B 1009 -14.59 11.79 21.55
N LEU B 1010 -15.17 10.66 21.14
CA LEU B 1010 -16.11 9.94 22.00
C LEU B 1010 -15.41 9.36 23.21
N ILE B 1011 -14.19 8.82 23.02
CA ILE B 1011 -13.39 8.38 24.16
C ILE B 1011 -13.16 9.53 25.13
N ARG B 1012 -12.71 10.67 24.60
CA ARG B 1012 -12.39 11.81 25.44
C ARG B 1012 -13.64 12.35 26.13
N ALA B 1013 -14.77 12.34 25.42
CA ALA B 1013 -16.02 12.83 26.00
C ALA B 1013 -16.54 11.90 27.09
N ALA B 1014 -16.37 10.59 26.91
CA ALA B 1014 -16.76 9.66 27.96
C ALA B 1014 -15.88 9.85 29.20
N GLU B 1015 -14.57 10.02 29.00
CA GLU B 1015 -13.69 10.26 30.15
C GLU B 1015 -14.02 11.58 30.83
N ILE B 1016 -14.30 12.62 30.05
CA ILE B 1016 -14.66 13.92 30.61
C ILE B 1016 -16.00 13.84 31.32
N ARG B 1017 -16.93 13.03 30.81
CA ARG B 1017 -18.20 12.84 31.48
C ARG B 1017 -18.03 12.14 32.82
N ALA B 1018 -17.15 11.13 32.87
CA ALA B 1018 -16.85 10.50 34.16
C ALA B 1018 -16.22 11.50 35.12
N SER B 1019 -15.28 12.30 34.62
CA SER B 1019 -14.64 13.30 35.48
C SER B 1019 -15.64 14.36 35.94
N ALA B 1020 -16.60 14.71 35.08
CA ALA B 1020 -17.58 15.74 35.43
C ALA B 1020 -18.61 15.20 36.42
N ASN B 1021 -18.97 13.91 36.29
CA ASN B 1021 -19.81 13.30 37.30
C ASN B 1021 -19.10 13.24 38.65
N LEU B 1022 -17.81 12.91 38.63
CA LEU B 1022 -17.03 12.95 39.86
C LEU B 1022 -16.99 14.37 40.43
N ALA B 1023 -16.82 15.37 39.57
CA ALA B 1023 -16.78 16.76 40.02
C ALA B 1023 -18.11 17.20 40.59
N ALA B 1024 -19.22 16.78 39.96
CA ALA B 1024 -20.54 17.13 40.48
C ALA B 1024 -20.79 16.48 41.83
N THR B 1025 -20.40 15.21 41.98
CA THR B 1025 -20.53 14.55 43.29
C THR B 1025 -19.68 15.26 44.33
N LYS B 1026 -18.44 15.60 43.97
CA LYS B 1026 -17.55 16.31 44.88
C LYS B 1026 -18.15 17.65 45.28
N MET B 1027 -18.69 18.39 44.33
CA MET B 1027 -19.33 19.66 44.63
C MET B 1027 -20.49 19.47 45.59
N SER B 1028 -21.38 18.52 45.29
CA SER B 1028 -22.56 18.31 46.12
C SER B 1028 -22.19 17.94 47.54
N GLU B 1029 -21.20 17.07 47.71
CA GLU B 1029 -20.83 16.62 49.05
C GLU B 1029 -19.95 17.63 49.78
N CYS B 1030 -18.77 17.91 49.23
CA CYS B 1030 -17.81 18.77 49.93
C CYS B 1030 -18.30 20.21 50.02
N VAL B 1031 -18.94 20.72 48.97
CA VAL B 1031 -19.40 22.11 49.00
C VAL B 1031 -20.68 22.24 49.80
N LEU B 1032 -21.72 21.51 49.39
CA LEU B 1032 -23.01 21.62 50.06
C LEU B 1032 -23.07 20.73 51.28
N GLY B 1033 -22.04 20.79 52.13
CA GLY B 1033 -22.00 19.93 53.29
C GLY B 1033 -20.60 19.45 53.64
N GLN B 1034 -20.49 18.58 54.63
CA GLN B 1034 -19.22 18.00 55.04
C GLN B 1034 -19.24 16.51 54.74
N SER B 1035 -18.20 16.03 54.06
CA SER B 1035 -18.11 14.64 53.65
C SER B 1035 -17.24 13.87 54.64
N LYS B 1036 -17.84 12.85 55.28
CA LYS B 1036 -17.07 11.99 56.17
C LYS B 1036 -16.11 11.08 55.41
N ARG B 1037 -16.25 10.96 54.10
CA ARG B 1037 -15.33 10.16 53.32
C ARG B 1037 -13.92 10.73 53.39
N VAL B 1038 -13.04 9.99 54.06
CA VAL B 1038 -11.67 10.46 54.29
C VAL B 1038 -10.90 10.44 52.98
N ASP B 1039 -10.07 11.46 52.77
CA ASP B 1039 -9.22 11.61 51.58
C ASP B 1039 -10.04 11.75 50.30
N PHE B 1040 -11.27 12.25 50.41
CA PHE B 1040 -12.09 12.57 49.25
C PHE B 1040 -12.06 14.05 48.91
N CYS B 1041 -12.40 14.90 49.86
CA CYS B 1041 -12.35 16.35 49.68
C CYS B 1041 -11.04 16.92 50.21
N GLY B 1042 -9.94 16.50 49.59
CA GLY B 1042 -8.63 16.92 50.00
C GLY B 1042 -8.05 16.06 51.10
N LYS B 1043 -6.73 16.11 51.22
CA LYS B 1043 -6.03 15.34 52.25
C LYS B 1043 -6.36 15.88 53.64
N GLY B 1044 -6.48 14.97 54.59
CA GLY B 1044 -6.84 15.34 55.95
C GLY B 1044 -8.34 15.32 56.17
N TYR B 1045 -8.72 15.58 57.43
CA TYR B 1045 -10.12 15.66 57.78
C TYR B 1045 -10.76 16.85 57.06
N HIS B 1046 -11.78 16.55 56.25
CA HIS B 1046 -12.43 17.58 55.45
C HIS B 1046 -13.35 18.43 56.31
N LEU B 1047 -13.32 19.74 56.07
CA LEU B 1047 -14.21 20.68 56.74
C LEU B 1047 -15.23 21.28 55.79
N MET B 1048 -14.76 21.98 54.77
CA MET B 1048 -15.61 22.66 53.81
C MET B 1048 -14.74 23.06 52.62
N SER B 1049 -15.39 23.51 51.54
CA SER B 1049 -14.69 23.67 50.28
C SER B 1049 -15.39 24.74 49.44
N PHE B 1050 -14.58 25.53 48.73
CA PHE B 1050 -15.11 26.53 47.81
C PHE B 1050 -14.89 26.07 46.38
N PRO B 1051 -15.93 26.00 45.56
CA PRO B 1051 -15.72 25.81 44.13
C PRO B 1051 -15.35 27.11 43.44
N GLN B 1052 -14.48 27.00 42.44
CA GLN B 1052 -14.04 28.16 41.67
C GLN B 1052 -14.11 27.84 40.19
N SER B 1053 -14.71 28.74 39.42
CA SER B 1053 -14.85 28.53 37.99
C SER B 1053 -13.50 28.54 37.29
N ALA B 1054 -13.38 27.69 36.28
CA ALA B 1054 -12.16 27.56 35.49
C ALA B 1054 -12.55 27.35 34.04
N PRO B 1055 -11.66 27.70 33.10
CA PRO B 1055 -11.95 27.45 31.68
C PRO B 1055 -12.08 25.96 31.38
N HIS B 1056 -13.29 25.52 31.02
CA HIS B 1056 -13.57 24.12 30.73
C HIS B 1056 -13.20 23.22 31.90
N GLY B 1057 -13.47 23.69 33.11
CA GLY B 1057 -13.16 22.91 34.30
C GLY B 1057 -13.63 23.62 35.54
N VAL B 1058 -13.46 22.94 36.67
CA VAL B 1058 -13.78 23.49 37.98
C VAL B 1058 -12.59 23.27 38.89
N VAL B 1059 -12.41 24.20 39.82
CA VAL B 1059 -11.32 24.15 40.79
C VAL B 1059 -11.91 24.26 42.18
N PHE B 1060 -11.62 23.28 43.02
CA PHE B 1060 -12.12 23.25 44.39
C PHE B 1060 -11.03 23.73 45.35
N LEU B 1061 -11.46 24.41 46.42
CA LEU B 1061 -10.57 24.87 47.47
C LEU B 1061 -10.94 24.12 48.75
N HIS B 1062 -10.36 22.93 48.91
CA HIS B 1062 -10.70 22.09 50.03
C HIS B 1062 -10.04 22.61 51.31
N VAL B 1063 -10.85 23.03 52.27
CA VAL B 1063 -10.38 23.49 53.56
C VAL B 1063 -10.42 22.30 54.50
N THR B 1064 -9.25 21.81 54.89
CA THR B 1064 -9.13 20.56 55.61
C THR B 1064 -8.49 20.78 56.98
N TYR B 1065 -8.95 20.00 57.95
CA TYR B 1065 -8.39 20.02 59.29
C TYR B 1065 -7.30 18.96 59.38
N VAL B 1066 -6.06 19.40 59.57
CA VAL B 1066 -4.90 18.51 59.62
C VAL B 1066 -4.29 18.64 61.01
N PRO B 1067 -4.07 17.53 61.73
CA PRO B 1067 -3.47 17.62 63.06
C PRO B 1067 -2.05 18.18 63.05
N ALA B 1068 -1.46 18.32 64.23
CA ALA B 1068 -0.17 18.97 64.38
C ALA B 1068 0.58 18.28 65.52
N GLN B 1069 1.58 18.97 66.08
CA GLN B 1069 2.48 18.44 67.10
C GLN B 1069 1.75 17.55 68.10
N GLU B 1070 2.29 16.35 68.31
CA GLU B 1070 1.67 15.34 69.16
C GLU B 1070 2.70 14.76 70.11
N LYS B 1071 2.22 14.22 71.23
CA LYS B 1071 3.06 13.70 72.29
C LYS B 1071 2.60 12.31 72.70
N ASN B 1072 3.57 11.41 72.94
CA ASN B 1072 3.27 10.16 73.60
C ASN B 1072 2.91 10.44 75.05
N PHE B 1073 1.77 9.94 75.52
CA PHE B 1073 1.53 10.08 76.95
C PHE B 1073 1.45 8.74 77.67
N THR B 1074 0.36 8.00 77.44
CA THR B 1074 0.09 6.64 77.93
C THR B 1074 -1.34 6.32 77.50
N THR B 1075 -1.72 5.04 77.42
CA THR B 1075 -3.13 4.72 77.21
C THR B 1075 -3.47 3.41 77.87
N ALA B 1076 -4.73 3.29 78.29
CA ALA B 1076 -5.31 2.08 78.81
C ALA B 1076 -6.70 1.93 78.21
N PRO B 1077 -7.14 0.69 77.94
CA PRO B 1077 -8.48 0.51 77.38
C PRO B 1077 -9.60 1.01 78.27
N ALA B 1078 -9.44 0.92 79.59
CA ALA B 1078 -10.50 1.31 80.51
C ALA B 1078 -9.88 1.69 81.85
N ILE B 1079 -10.74 2.12 82.77
CA ILE B 1079 -10.34 2.49 84.13
C ILE B 1079 -11.18 1.67 85.10
N CYS B 1080 -10.53 1.08 86.10
CA CYS B 1080 -11.20 0.28 87.12
C CYS B 1080 -11.22 1.08 88.42
N HIS B 1081 -12.39 1.61 88.78
CA HIS B 1081 -12.53 2.36 90.01
C HIS B 1081 -12.77 1.44 91.20
N ASP B 1082 -13.88 0.69 91.19
CA ASP B 1082 -14.21 -0.24 92.27
C ASP B 1082 -14.82 -1.48 91.64
N GLY B 1083 -13.97 -2.45 91.30
CA GLY B 1083 -14.41 -3.73 90.76
C GLY B 1083 -15.17 -3.63 89.45
N LYS B 1084 -15.25 -2.44 88.87
CA LYS B 1084 -16.00 -2.20 87.65
C LYS B 1084 -15.12 -1.44 86.65
N ALA B 1085 -15.27 -1.78 85.38
CA ALA B 1085 -14.45 -1.19 84.32
C ALA B 1085 -15.18 0.01 83.74
N HIS B 1086 -14.53 1.17 83.78
CA HIS B 1086 -15.08 2.40 83.22
C HIS B 1086 -14.45 2.64 81.85
N PHE B 1087 -15.29 2.72 80.83
CA PHE B 1087 -14.83 3.05 79.48
C PHE B 1087 -15.22 4.48 79.12
N PRO B 1088 -14.38 5.20 78.39
CA PRO B 1088 -14.70 6.59 78.06
C PRO B 1088 -15.93 6.69 77.19
N ARG B 1089 -16.71 7.75 77.39
CA ARG B 1089 -17.89 7.94 76.56
C ARG B 1089 -17.50 8.26 75.12
N GLU B 1090 -16.75 9.35 74.92
CA GLU B 1090 -16.23 9.72 73.61
C GLU B 1090 -14.80 10.23 73.82
N GLY B 1091 -13.81 9.38 73.60
CA GLY B 1091 -12.44 9.83 73.71
C GLY B 1091 -11.47 8.76 74.17
N VAL B 1092 -10.22 9.15 74.35
CA VAL B 1092 -9.18 8.24 74.79
C VAL B 1092 -9.01 8.36 76.30
N PHE B 1093 -8.41 7.34 76.90
CA PHE B 1093 -7.90 7.44 78.27
C PHE B 1093 -6.41 7.74 78.18
N VAL B 1094 -6.05 8.99 78.47
CA VAL B 1094 -4.68 9.48 78.33
C VAL B 1094 -4.14 9.81 79.71
N SER B 1095 -2.84 9.61 79.90
CA SER B 1095 -2.20 9.85 81.18
C SER B 1095 -1.05 10.83 81.01
N ASN B 1096 -1.07 11.90 81.80
CA ASN B 1096 0.09 12.80 81.89
C ASN B 1096 1.38 12.03 82.14
N GLY B 1097 1.28 10.93 82.88
CA GLY B 1097 2.43 10.19 83.36
C GLY B 1097 2.17 9.76 84.80
N THR B 1098 1.38 10.54 85.51
CA THR B 1098 1.01 10.26 86.89
C THR B 1098 -0.50 10.22 87.11
N HIS B 1099 -1.25 11.14 86.51
CA HIS B 1099 -2.68 11.25 86.72
C HIS B 1099 -3.41 10.96 85.41
N TRP B 1100 -4.32 9.99 85.44
CA TRP B 1100 -5.03 9.60 84.23
C TRP B 1100 -6.08 10.64 83.86
N PHE B 1101 -6.36 10.73 82.57
CA PHE B 1101 -7.28 11.74 82.04
C PHE B 1101 -8.03 11.17 80.84
N VAL B 1102 -9.09 11.87 80.45
CA VAL B 1102 -9.86 11.56 79.26
C VAL B 1102 -9.88 12.78 78.35
N THR B 1103 -9.68 12.56 77.06
CA THR B 1103 -9.65 13.66 76.10
C THR B 1103 -10.11 13.15 74.73
N GLN B 1104 -10.46 14.10 73.88
CA GLN B 1104 -10.92 13.78 72.53
C GLN B 1104 -9.79 13.20 71.68
N ARG B 1105 -10.18 12.40 70.70
CA ARG B 1105 -9.20 11.68 69.87
C ARG B 1105 -8.36 12.64 69.03
N ASN B 1106 -8.97 13.68 68.47
CA ASN B 1106 -8.30 14.54 67.51
C ASN B 1106 -7.77 15.84 68.13
N PHE B 1107 -7.87 15.99 69.45
CA PHE B 1107 -7.33 17.18 70.10
C PHE B 1107 -7.08 16.86 71.57
N TYR B 1108 -5.91 17.26 72.06
CA TYR B 1108 -5.53 16.99 73.45
C TYR B 1108 -6.22 17.99 74.34
N GLU B 1109 -7.37 17.60 74.90
CA GLU B 1109 -8.12 18.41 75.86
C GLU B 1109 -8.40 17.55 77.09
N PRO B 1110 -7.38 17.32 77.91
CA PRO B 1110 -7.57 16.43 79.07
C PRO B 1110 -8.57 16.99 80.05
N GLN B 1111 -9.36 16.08 80.65
CA GLN B 1111 -10.36 16.44 81.63
C GLN B 1111 -10.32 15.41 82.76
N ILE B 1112 -10.80 15.83 83.94
CA ILE B 1112 -10.89 14.91 85.07
C ILE B 1112 -11.83 13.78 84.71
N ILE B 1113 -11.47 12.56 85.10
CA ILE B 1113 -12.27 11.39 84.78
C ILE B 1113 -13.48 11.39 85.71
N THR B 1114 -14.59 11.94 85.24
CA THR B 1114 -15.84 11.95 85.97
C THR B 1114 -16.76 10.86 85.45
N THR B 1115 -17.78 10.53 86.26
CA THR B 1115 -18.77 9.54 85.83
C THR B 1115 -19.49 10.01 84.58
N ASP B 1116 -19.76 11.31 84.47
CA ASP B 1116 -20.38 11.85 83.27
C ASP B 1116 -19.50 11.67 82.04
N ASN B 1117 -18.18 11.68 82.23
CA ASN B 1117 -17.24 11.53 81.12
C ASN B 1117 -17.11 10.09 80.63
N THR B 1118 -17.67 9.12 81.35
CA THR B 1118 -17.49 7.71 81.03
C THR B 1118 -18.81 6.97 81.17
N PHE B 1119 -18.78 5.68 80.84
CA PHE B 1119 -19.86 4.76 81.11
C PHE B 1119 -19.27 3.44 81.56
N VAL B 1120 -19.88 2.84 82.58
CA VAL B 1120 -19.31 1.68 83.26
C VAL B 1120 -20.06 0.42 82.84
N SER B 1121 -19.31 -0.59 82.42
CA SER B 1121 -19.88 -1.90 82.10
C SER B 1121 -18.75 -2.92 82.11
N GLY B 1122 -18.77 -3.82 83.08
CA GLY B 1122 -17.74 -4.83 83.20
C GLY B 1122 -17.57 -5.27 84.63
N ASN B 1123 -16.51 -6.05 84.86
CA ASN B 1123 -16.25 -6.58 86.20
C ASN B 1123 -14.77 -6.52 86.57
N CYS B 1124 -13.96 -5.72 85.86
CA CYS B 1124 -12.57 -5.47 86.19
C CYS B 1124 -11.71 -6.74 86.16
N ASP B 1125 -12.15 -7.77 85.43
CA ASP B 1125 -11.38 -8.99 85.34
C ASP B 1125 -11.28 -9.56 83.93
N VAL B 1126 -11.91 -8.94 82.94
CA VAL B 1126 -11.85 -9.43 81.57
C VAL B 1126 -11.24 -8.42 80.61
N VAL B 1127 -11.20 -7.13 80.95
CA VAL B 1127 -10.62 -6.11 80.07
C VAL B 1127 -9.11 -6.17 80.20
N ILE B 1128 -8.44 -6.70 79.18
CA ILE B 1128 -6.99 -6.83 79.20
C ILE B 1128 -6.35 -5.44 79.07
N GLY B 1129 -5.35 -5.18 79.90
CA GLY B 1129 -4.65 -3.91 79.87
C GLY B 1129 -5.25 -2.80 80.71
N ILE B 1130 -6.30 -3.09 81.48
CA ILE B 1130 -6.90 -2.07 82.33
C ILE B 1130 -5.92 -1.68 83.44
N VAL B 1131 -6.05 -0.43 83.91
CA VAL B 1131 -5.18 0.11 84.93
C VAL B 1131 -6.02 0.68 86.07
N ASN B 1132 -5.38 0.89 87.21
CA ASN B 1132 -6.07 1.32 88.42
C ASN B 1132 -6.05 2.84 88.53
N ASN B 1133 -7.22 3.43 88.68
CA ASN B 1133 -7.36 4.87 88.91
C ASN B 1133 -8.74 5.11 89.50
N THR B 1134 -8.95 6.32 89.99
CA THR B 1134 -10.19 6.68 90.67
C THR B 1134 -11.04 7.58 89.77
N VAL B 1135 -12.34 7.26 89.68
CA VAL B 1135 -13.29 8.07 88.95
C VAL B 1135 -14.10 8.87 89.95
N TYR B 1136 -14.38 10.13 89.61
CA TYR B 1136 -15.05 11.05 90.49
C TYR B 1136 -16.47 11.31 90.01
N ASP B 1137 -17.33 11.71 90.93
CA ASP B 1137 -18.71 12.03 90.59
C ASP B 1137 -19.15 13.30 91.29
N PRO B 1138 -20.01 14.10 90.64
CA PRO B 1138 -20.53 15.31 91.29
C PRO B 1138 -21.67 15.05 92.26
N LEU B 1139 -22.09 13.80 92.42
CA LEU B 1139 -23.25 13.50 93.26
C LEU B 1139 -22.83 13.23 94.71
N GLN B 1140 -21.76 12.47 94.92
CA GLN B 1140 -21.37 12.09 96.27
C GLN B 1140 -20.96 13.29 97.11
N LEU B 1141 -20.41 14.33 96.48
CA LEU B 1141 -20.06 15.54 97.22
C LEU B 1141 -21.30 16.21 97.80
N GLU B 1142 -22.38 16.24 97.03
CA GLU B 1142 -23.65 16.81 97.50
C GLU B 1142 -24.61 15.71 97.93
N THR C 26 -13.84 -61.83 -7.14
CA THR C 26 -15.01 -61.16 -6.59
C THR C 26 -14.62 -60.29 -5.40
N THR C 27 -15.59 -59.53 -4.88
CA THR C 27 -15.32 -58.62 -3.78
C THR C 27 -16.61 -58.37 -3.01
N THR C 28 -16.45 -57.89 -1.78
CA THR C 28 -17.54 -57.43 -0.95
C THR C 28 -17.56 -55.92 -0.91
N GLN C 29 -18.67 -55.36 -0.39
CA GLN C 29 -18.82 -53.92 -0.27
C GLN C 29 -19.43 -53.59 1.09
N SER C 30 -18.92 -54.22 2.14
CA SER C 30 -19.38 -53.94 3.49
C SER C 30 -18.93 -52.55 3.92
N TYR C 31 -19.62 -52.01 4.92
CA TYR C 31 -19.40 -50.65 5.39
C TYR C 31 -18.93 -50.67 6.84
N THR C 32 -18.07 -49.72 7.19
CA THR C 32 -17.54 -49.60 8.54
C THR C 32 -17.43 -48.12 8.88
N ASN C 33 -16.84 -47.84 10.04
CA ASN C 33 -16.67 -46.47 10.53
C ASN C 33 -15.21 -46.07 10.44
N SER C 34 -14.96 -44.86 9.94
CA SER C 34 -13.59 -44.39 9.78
C SER C 34 -12.95 -44.01 11.11
N PHE C 35 -13.75 -43.66 12.11
CA PHE C 35 -13.26 -43.11 13.39
C PHE C 35 -12.42 -41.88 13.07
N THR C 36 -11.46 -41.56 13.93
CA THR C 36 -10.53 -40.46 13.69
C THR C 36 -9.35 -41.03 12.89
N ARG C 37 -9.44 -40.92 11.56
CA ARG C 37 -8.47 -41.55 10.68
C ARG C 37 -8.43 -40.78 9.36
N GLY C 38 -7.25 -40.75 8.75
CA GLY C 38 -7.10 -40.13 7.45
C GLY C 38 -6.84 -38.64 7.50
N VAL C 39 -5.85 -38.23 8.29
CA VAL C 39 -5.49 -36.83 8.45
C VAL C 39 -4.03 -36.66 8.05
N TYR C 40 -3.77 -35.75 7.11
CA TYR C 40 -2.44 -35.49 6.60
C TYR C 40 -2.00 -34.09 6.98
N TYR C 41 -0.69 -33.88 6.98
CA TYR C 41 -0.15 -32.55 7.19
C TYR C 41 -0.59 -31.65 6.04
N PRO C 42 -1.31 -30.55 6.32
CA PRO C 42 -1.83 -29.72 5.22
C PRO C 42 -0.75 -29.09 4.37
N ASP C 43 0.43 -28.83 4.91
CA ASP C 43 1.47 -28.13 4.18
C ASP C 43 2.83 -28.64 4.67
N LYS C 44 3.88 -27.90 4.36
CA LYS C 44 5.24 -28.23 4.74
C LYS C 44 5.77 -27.29 5.81
N VAL C 45 4.91 -26.94 6.77
CA VAL C 45 5.20 -25.95 7.80
C VAL C 45 5.26 -26.64 9.15
N PHE C 46 6.33 -26.40 9.89
CA PHE C 46 6.50 -26.98 11.22
C PHE C 46 5.77 -26.14 12.26
N ARG C 47 5.09 -26.81 13.18
CA ARG C 47 4.40 -26.16 14.28
C ARG C 47 4.56 -27.00 15.54
N SER C 48 4.91 -26.34 16.64
CA SER C 48 5.16 -27.03 17.91
C SER C 48 4.21 -26.50 18.97
N SER C 49 3.51 -27.42 19.64
CA SER C 49 2.54 -27.07 20.67
C SER C 49 1.52 -26.05 20.16
N VAL C 50 0.99 -26.32 18.97
CA VAL C 50 0.13 -25.38 18.25
C VAL C 50 -1.18 -26.08 17.93
N LEU C 51 -2.26 -25.29 17.92
CA LEU C 51 -3.61 -25.79 17.68
C LEU C 51 -4.13 -25.20 16.37
N HIS C 52 -3.28 -25.22 15.34
CA HIS C 52 -3.55 -24.55 14.08
C HIS C 52 -4.86 -25.01 13.45
N LEU C 53 -5.55 -24.07 12.80
CA LEU C 53 -6.81 -24.32 12.11
C LEU C 53 -6.58 -24.29 10.61
N THR C 54 -7.06 -25.31 9.91
CA THR C 54 -6.89 -25.42 8.47
C THR C 54 -8.22 -25.72 7.80
N GLN C 55 -8.33 -25.28 6.55
CA GLN C 55 -9.46 -25.58 5.68
C GLN C 55 -8.92 -26.24 4.42
N ASP C 56 -9.19 -27.52 4.25
CA ASP C 56 -8.64 -28.28 3.14
C ASP C 56 -9.48 -29.54 2.94
N LEU C 57 -9.20 -30.26 1.85
CA LEU C 57 -9.90 -31.50 1.54
C LEU C 57 -9.44 -32.57 2.52
N PHE C 58 -10.28 -32.84 3.54
CA PHE C 58 -9.99 -33.86 4.53
C PHE C 58 -11.07 -34.94 4.49
N LEU C 59 -10.76 -36.08 5.09
CA LEU C 59 -11.74 -37.15 5.24
C LEU C 59 -12.65 -36.84 6.44
N PRO C 60 -13.96 -36.77 6.25
CA PRO C 60 -14.84 -36.45 7.38
C PRO C 60 -14.74 -37.48 8.49
N PHE C 61 -14.77 -37.00 9.72
CA PHE C 61 -14.67 -37.89 10.87
C PHE C 61 -15.92 -38.74 11.02
N PHE C 62 -15.72 -40.02 11.35
CA PHE C 62 -16.78 -40.99 11.51
C PHE C 62 -17.63 -41.17 10.25
N SER C 63 -17.09 -40.82 9.09
CA SER C 63 -17.74 -41.12 7.83
C SER C 63 -17.55 -42.59 7.48
N ASN C 64 -18.50 -43.15 6.75
CA ASN C 64 -18.47 -44.57 6.44
C ASN C 64 -17.48 -44.88 5.33
N VAL C 65 -16.75 -45.98 5.50
CA VAL C 65 -15.73 -46.42 4.55
C VAL C 65 -16.15 -47.78 4.02
N THR C 66 -15.96 -47.98 2.71
CA THR C 66 -16.37 -49.20 2.04
C THR C 66 -15.28 -50.26 2.18
N TRP C 67 -15.63 -51.40 2.79
CA TRP C 67 -14.72 -52.51 2.94
C TRP C 67 -14.89 -53.49 1.78
N PHE C 68 -13.78 -53.93 1.22
CA PHE C 68 -13.78 -54.83 0.08
C PHE C 68 -13.10 -56.15 0.43
N HIS C 69 -12.95 -57.00 -0.58
CA HIS C 69 -12.28 -58.29 -0.41
C HIS C 69 -11.64 -58.66 -1.74
N ALA C 70 -10.56 -59.43 -1.66
CA ALA C 70 -9.81 -59.86 -2.84
C ALA C 70 -9.75 -61.38 -2.87
N ILE C 71 -10.24 -61.96 -3.96
CA ILE C 71 -10.22 -63.41 -4.14
C ILE C 71 -10.45 -63.76 -5.60
N ASP C 81 -14.53 -58.98 -9.37
CA ASP C 81 -13.09 -58.80 -9.42
C ASP C 81 -12.73 -57.39 -9.84
N ASN C 82 -12.17 -56.62 -8.91
CA ASN C 82 -11.69 -55.26 -9.13
C ASN C 82 -12.80 -54.36 -9.67
N PRO C 83 -13.78 -54.00 -8.84
CA PRO C 83 -14.84 -53.09 -9.30
C PRO C 83 -14.32 -51.69 -9.53
N VAL C 84 -15.17 -50.87 -10.15
CA VAL C 84 -14.80 -49.51 -10.50
C VAL C 84 -15.29 -48.56 -9.41
N LEU C 85 -14.39 -47.70 -8.93
CA LEU C 85 -14.70 -46.69 -7.94
C LEU C 85 -14.39 -45.31 -8.50
N PRO C 86 -15.34 -44.37 -8.50
CA PRO C 86 -15.09 -43.05 -9.08
C PRO C 86 -14.10 -42.26 -8.25
N PHE C 87 -13.67 -41.14 -8.81
CA PHE C 87 -12.73 -40.22 -8.19
C PHE C 87 -13.36 -38.83 -8.08
N ASN C 88 -13.21 -38.21 -6.92
CA ASN C 88 -13.75 -36.87 -6.72
C ASN C 88 -12.99 -36.20 -5.58
N ASP C 89 -12.21 -35.16 -5.91
CA ASP C 89 -11.51 -34.33 -4.93
C ASP C 89 -10.62 -35.15 -4.00
N GLY C 90 -10.01 -36.21 -4.53
CA GLY C 90 -9.10 -37.01 -3.72
C GLY C 90 -9.76 -38.25 -3.15
N VAL C 91 -8.92 -39.25 -2.86
CA VAL C 91 -9.37 -40.51 -2.30
C VAL C 91 -8.39 -40.95 -1.23
N TYR C 92 -8.92 -41.48 -0.13
CA TYR C 92 -8.10 -42.03 0.95
C TYR C 92 -8.07 -43.55 0.81
N PHE C 93 -6.87 -44.11 0.77
CA PHE C 93 -6.68 -45.53 0.52
C PHE C 93 -6.01 -46.20 1.72
N ALA C 94 -6.53 -47.39 2.07
CA ALA C 94 -5.94 -48.18 3.14
C ALA C 94 -6.00 -49.65 2.75
N SER C 95 -5.07 -50.43 3.29
CA SER C 95 -5.00 -51.84 2.99
C SER C 95 -4.13 -52.54 4.03
N THR C 96 -4.56 -53.74 4.44
CA THR C 96 -3.81 -54.59 5.34
C THR C 96 -3.59 -55.95 4.67
N GLU C 97 -2.36 -56.47 4.79
CA GLU C 97 -1.97 -57.65 4.05
C GLU C 97 -1.02 -58.48 4.89
N LYS C 98 -0.73 -59.69 4.41
CA LYS C 98 0.29 -60.52 5.04
C LYS C 98 1.68 -60.09 4.58
N SER C 99 1.96 -60.24 3.29
CA SER C 99 3.19 -59.70 2.70
C SER C 99 2.89 -58.69 1.60
N ASN C 100 2.13 -59.07 0.58
CA ASN C 100 1.73 -58.16 -0.50
C ASN C 100 0.70 -58.85 -1.37
N ILE C 101 -0.36 -58.13 -1.70
CA ILE C 101 -1.39 -58.63 -2.62
C ILE C 101 -1.72 -57.56 -3.65
N ILE C 102 -1.32 -56.32 -3.39
CA ILE C 102 -1.64 -55.17 -4.22
C ILE C 102 -0.36 -54.44 -4.58
N ARG C 103 -0.24 -54.05 -5.86
CA ARG C 103 0.95 -53.38 -6.38
C ARG C 103 0.77 -51.87 -6.51
N GLY C 104 -0.21 -51.43 -7.29
CA GLY C 104 -0.35 -50.03 -7.58
C GLY C 104 -1.75 -49.64 -7.99
N TRP C 105 -1.86 -48.45 -8.58
CA TRP C 105 -3.15 -47.85 -8.91
C TRP C 105 -3.11 -47.30 -10.34
N ILE C 106 -4.28 -47.24 -10.96
CA ILE C 106 -4.46 -46.66 -12.29
C ILE C 106 -5.43 -45.49 -12.17
N PHE C 107 -4.99 -44.31 -12.62
CA PHE C 107 -5.83 -43.12 -12.63
C PHE C 107 -6.16 -42.77 -14.07
N GLY C 108 -7.13 -41.87 -14.25
CA GLY C 108 -7.48 -41.37 -15.56
C GLY C 108 -8.98 -41.38 -15.76
N THR C 109 -9.39 -41.25 -17.02
CA THR C 109 -10.80 -41.24 -17.40
C THR C 109 -11.06 -42.31 -18.44
N THR C 110 -12.10 -43.11 -18.20
CA THR C 110 -12.68 -44.07 -19.15
C THR C 110 -11.76 -45.27 -19.40
N LEU C 111 -10.54 -45.22 -18.87
CA LEU C 111 -9.58 -46.32 -18.96
C LEU C 111 -9.54 -46.96 -20.34
N ASP C 112 -9.31 -46.13 -21.35
CA ASP C 112 -9.22 -46.59 -22.72
C ASP C 112 -8.12 -45.84 -23.43
N SER C 113 -7.83 -46.23 -24.67
CA SER C 113 -6.81 -45.56 -25.48
C SER C 113 -7.39 -44.36 -26.22
N LYS C 114 -8.09 -43.51 -25.47
CA LYS C 114 -8.67 -42.28 -26.00
C LYS C 114 -8.28 -41.06 -25.19
N THR C 115 -8.19 -41.20 -23.86
CA THR C 115 -7.82 -40.11 -22.97
C THR C 115 -6.67 -40.57 -22.08
N GLN C 116 -5.76 -39.65 -21.77
CA GLN C 116 -4.57 -39.99 -21.00
C GLN C 116 -4.94 -40.49 -19.60
N SER C 117 -4.14 -41.43 -19.11
CA SER C 117 -4.35 -42.07 -17.82
C SER C 117 -3.02 -42.06 -17.06
N LEU C 118 -3.09 -42.30 -15.75
CA LEU C 118 -1.92 -42.26 -14.88
C LEU C 118 -1.68 -43.65 -14.32
N LEU C 119 -0.42 -44.10 -14.32
CA LEU C 119 -0.06 -45.43 -13.85
C LEU C 119 0.96 -45.29 -12.73
N ILE C 120 0.59 -45.76 -11.53
CA ILE C 120 1.36 -45.52 -10.31
C ILE C 120 1.79 -46.88 -9.76
N VAL C 121 2.13 -47.83 -10.64
CA VAL C 121 2.48 -49.17 -10.20
C VAL C 121 3.80 -49.14 -9.45
N ASN C 122 3.88 -49.90 -8.37
CA ASN C 122 5.12 -50.14 -7.64
C ASN C 122 5.58 -51.57 -7.85
N ASN C 123 6.83 -51.83 -7.49
CA ASN C 123 7.36 -53.19 -7.50
C ASN C 123 8.37 -53.33 -6.37
N ALA C 124 9.21 -54.36 -6.42
CA ALA C 124 10.03 -54.73 -5.28
C ALA C 124 11.00 -53.61 -4.89
N THR C 125 11.49 -52.85 -5.86
CA THR C 125 12.53 -51.86 -5.60
C THR C 125 12.14 -50.43 -5.94
N ASN C 126 11.34 -50.19 -6.98
CA ASN C 126 11.05 -48.81 -7.39
C ASN C 126 9.57 -48.58 -7.68
N VAL C 127 9.26 -47.40 -8.22
CA VAL C 127 7.92 -47.07 -8.69
C VAL C 127 8.03 -46.67 -10.16
N PHE C 128 6.89 -46.65 -10.84
CA PHE C 128 6.83 -46.43 -12.28
C PHE C 128 5.77 -45.38 -12.61
N ILE C 129 5.83 -44.24 -11.93
CA ILE C 129 4.89 -43.17 -12.18
C ILE C 129 5.00 -42.69 -13.62
N LYS C 130 3.88 -42.69 -14.33
CA LYS C 130 3.83 -42.25 -15.73
C LYS C 130 2.39 -41.96 -16.08
N VAL C 131 2.21 -41.05 -17.05
CA VAL C 131 0.89 -40.71 -17.57
C VAL C 131 0.85 -41.10 -19.04
N CYS C 132 -0.15 -41.88 -19.43
CA CYS C 132 -0.23 -42.35 -20.80
C CYS C 132 -1.67 -42.77 -21.09
N GLU C 133 -1.86 -43.44 -22.23
CA GLU C 133 -3.19 -43.72 -22.75
C GLU C 133 -3.38 -45.20 -23.03
N PHE C 134 -3.07 -46.05 -22.05
CA PHE C 134 -3.19 -47.49 -22.21
C PHE C 134 -4.63 -47.88 -22.52
N GLN C 135 -4.79 -49.00 -23.22
CA GLN C 135 -6.12 -49.44 -23.64
C GLN C 135 -6.84 -50.20 -22.51
N PHE C 136 -6.27 -51.32 -22.07
CA PHE C 136 -6.92 -52.18 -21.10
C PHE C 136 -5.96 -53.31 -20.75
N CYS C 137 -6.31 -54.07 -19.72
CA CYS C 137 -5.57 -55.26 -19.33
C CYS C 137 -6.41 -56.52 -19.35
N ASN C 138 -7.62 -56.48 -18.81
CA ASN C 138 -8.55 -57.61 -18.74
C ASN C 138 -7.93 -58.84 -18.07
N ASP C 139 -6.88 -58.64 -17.28
CA ASP C 139 -6.20 -59.74 -16.60
C ASP C 139 -5.55 -59.27 -15.30
N GLY C 158 2.60 -56.86 -17.77
CA GLY C 158 1.33 -57.53 -17.99
C GLY C 158 0.14 -56.74 -17.47
N VAL C 159 0.26 -55.41 -17.49
CA VAL C 159 -0.80 -54.54 -17.02
C VAL C 159 -1.30 -53.57 -18.08
N TYR C 160 -0.47 -53.19 -19.05
CA TYR C 160 -0.92 -52.35 -20.14
C TYR C 160 -0.38 -52.92 -21.45
N SER C 161 -1.09 -52.64 -22.54
CA SER C 161 -0.74 -53.16 -23.85
C SER C 161 -0.72 -52.06 -24.89
N SER C 162 -0.40 -50.84 -24.49
CA SER C 162 -0.31 -49.72 -25.41
C SER C 162 0.99 -48.97 -25.15
N ALA C 163 1.67 -48.60 -26.23
CA ALA C 163 2.91 -47.83 -26.18
C ALA C 163 2.75 -46.58 -27.02
N ASN C 164 1.60 -45.94 -26.91
CA ASN C 164 1.22 -44.83 -27.77
C ASN C 164 1.82 -43.50 -27.30
N ASN C 165 1.24 -42.42 -27.79
CA ASN C 165 1.73 -41.04 -27.68
C ASN C 165 1.57 -40.59 -26.22
N CYS C 166 2.58 -40.93 -25.42
CA CYS C 166 2.61 -40.67 -23.98
C CYS C 166 4.00 -40.20 -23.55
N THR C 167 4.07 -39.51 -22.40
CA THR C 167 5.33 -38.95 -21.90
C THR C 167 5.33 -38.99 -20.37
N PHE C 168 6.27 -38.25 -19.77
CA PHE C 168 6.33 -38.01 -18.32
C PHE C 168 6.49 -39.31 -17.52
N GLU C 169 7.63 -39.98 -17.74
CA GLU C 169 7.99 -41.15 -16.96
C GLU C 169 8.78 -40.75 -15.72
N TYR C 170 8.41 -41.33 -14.58
CA TYR C 170 9.06 -40.99 -13.31
C TYR C 170 9.26 -42.25 -12.49
N VAL C 171 10.46 -42.41 -11.93
CA VAL C 171 10.83 -43.58 -11.14
C VAL C 171 11.50 -43.10 -9.86
N SER C 172 11.10 -43.67 -8.72
CA SER C 172 11.64 -43.26 -7.43
C SER C 172 11.48 -44.43 -6.45
N GLN C 173 11.68 -44.13 -5.17
CA GLN C 173 11.67 -45.15 -4.13
C GLN C 173 10.25 -45.70 -3.94
N PRO C 174 10.12 -46.96 -3.50
CA PRO C 174 8.78 -47.56 -3.38
C PRO C 174 7.99 -46.96 -2.24
N PHE C 175 6.66 -47.05 -2.37
CA PHE C 175 5.75 -46.57 -1.34
C PHE C 175 5.36 -47.64 -0.33
N LEU C 176 5.84 -48.87 -0.50
CA LEU C 176 5.47 -49.99 0.36
C LEU C 176 6.73 -50.53 1.04
N MET C 177 6.90 -50.20 2.32
CA MET C 177 7.97 -50.75 3.13
C MET C 177 7.36 -51.65 4.20
N ASP C 178 7.81 -52.90 4.25
CA ASP C 178 7.28 -53.90 5.16
C ASP C 178 8.37 -54.32 6.15
N LEU C 179 8.06 -54.25 7.43
CA LEU C 179 8.96 -54.66 8.50
C LEU C 179 8.29 -55.72 9.36
N GLU C 180 9.05 -56.75 9.72
CA GLU C 180 8.55 -57.83 10.57
C GLU C 180 9.62 -58.21 11.58
N GLY C 181 9.19 -58.50 12.81
CA GLY C 181 10.09 -58.93 13.85
C GLY C 181 10.22 -60.44 13.91
N LYS C 182 10.69 -61.04 12.82
CA LYS C 182 10.81 -62.49 12.66
C LYS C 182 9.46 -63.19 12.77
N GLN C 183 8.37 -62.46 12.56
CA GLN C 183 7.04 -63.03 12.61
C GLN C 183 6.10 -62.19 11.76
N GLY C 184 5.19 -62.85 11.06
CA GLY C 184 4.28 -62.19 10.15
C GLY C 184 3.06 -61.56 10.78
N ASN C 185 2.91 -61.64 12.09
CA ASN C 185 1.74 -61.06 12.76
C ASN C 185 1.69 -59.54 12.63
N PHE C 186 2.81 -58.90 12.30
CA PHE C 186 2.86 -57.45 12.10
C PHE C 186 2.22 -57.10 10.75
N LYS C 187 0.90 -57.21 10.71
CA LYS C 187 0.15 -56.86 9.51
C LYS C 187 0.17 -55.34 9.34
N ASN C 188 0.96 -54.87 8.37
CA ASN C 188 1.16 -53.43 8.20
C ASN C 188 -0.12 -52.80 7.65
N LEU C 189 -0.69 -51.86 8.42
CA LEU C 189 -1.86 -51.12 7.99
C LEU C 189 -1.39 -49.92 7.17
N ARG C 190 -1.31 -50.11 5.85
CA ARG C 190 -0.76 -49.11 4.95
C ARG C 190 -1.87 -48.16 4.51
N GLU C 191 -1.81 -46.92 4.99
CA GLU C 191 -2.81 -45.90 4.71
C GLU C 191 -2.24 -44.88 3.75
N PHE C 192 -2.98 -44.61 2.68
CA PHE C 192 -2.58 -43.64 1.67
C PHE C 192 -3.72 -42.68 1.40
N VAL C 193 -3.37 -41.45 1.03
CA VAL C 193 -4.36 -40.45 0.63
C VAL C 193 -3.78 -39.61 -0.49
N PHE C 194 -4.56 -39.47 -1.57
CA PHE C 194 -4.15 -38.70 -2.74
C PHE C 194 -5.15 -37.59 -2.97
N LYS C 195 -4.71 -36.52 -3.63
CA LYS C 195 -5.60 -35.42 -3.97
C LYS C 195 -5.10 -34.74 -5.24
N ASN C 196 -6.04 -34.22 -6.02
CA ASN C 196 -5.77 -33.56 -7.30
C ASN C 196 -6.32 -32.14 -7.20
N ILE C 197 -5.49 -31.22 -6.72
CA ILE C 197 -5.85 -29.81 -6.57
C ILE C 197 -5.03 -28.98 -7.53
N ASP C 198 -5.70 -28.17 -8.34
CA ASP C 198 -5.11 -27.41 -9.46
C ASP C 198 -4.05 -28.25 -10.19
N GLY C 199 -4.45 -29.45 -10.56
CA GLY C 199 -3.49 -30.44 -11.02
C GLY C 199 -2.63 -30.88 -9.86
N TYR C 200 -1.31 -30.76 -10.02
CA TYR C 200 -0.34 -30.87 -8.93
C TYR C 200 -0.68 -32.05 -8.00
N PHE C 201 -0.62 -33.25 -8.58
CA PHE C 201 -0.98 -34.45 -7.84
C PHE C 201 -0.12 -34.61 -6.60
N LYS C 202 -0.77 -34.86 -5.47
CA LYS C 202 -0.10 -34.99 -4.18
C LYS C 202 -0.40 -36.34 -3.56
N ILE C 203 0.55 -36.87 -2.80
CA ILE C 203 0.45 -38.19 -2.20
C ILE C 203 0.94 -38.12 -0.77
N TYR C 204 0.27 -38.87 0.12
CA TYR C 204 0.67 -39.00 1.51
C TYR C 204 0.55 -40.47 1.91
N SER C 205 1.37 -40.89 2.88
CA SER C 205 1.38 -42.28 3.30
C SER C 205 1.88 -42.40 4.72
N LYS C 206 1.51 -43.52 5.37
CA LYS C 206 1.93 -43.84 6.71
C LYS C 206 1.56 -45.30 6.99
N HIS C 207 2.48 -46.05 7.59
CA HIS C 207 2.30 -47.46 7.85
C HIS C 207 2.35 -47.71 9.35
N THR C 208 1.30 -48.32 9.89
CA THR C 208 1.25 -48.71 11.30
C THR C 208 0.94 -50.20 11.39
N PRO C 209 1.93 -51.05 11.68
CA PRO C 209 1.69 -52.51 11.65
C PRO C 209 1.03 -53.04 12.92
N ILE C 210 1.33 -52.43 14.06
CA ILE C 210 0.88 -52.97 15.34
C ILE C 210 -0.63 -52.74 15.50
N ILE C 211 -1.18 -53.39 16.54
CA ILE C 211 -2.50 -53.23 17.16
C ILE C 211 -3.25 -54.54 16.85
N GLY C 212 -4.58 -54.54 16.92
CA GLY C 212 -5.32 -55.78 16.89
C GLY C 212 -5.94 -56.19 15.56
N ARG C 213 -6.67 -55.26 14.93
CA ARG C 213 -7.48 -55.62 13.77
C ARG C 213 -7.62 -54.38 12.90
N ASP C 214 -8.53 -54.43 11.93
CA ASP C 214 -8.68 -53.39 10.92
C ASP C 214 -9.16 -52.08 11.53
N PHE C 215 -8.77 -50.97 10.89
CA PHE C 215 -9.13 -49.60 11.26
C PHE C 215 -8.99 -49.34 12.75
N PRO C 216 -7.77 -49.25 13.27
CA PRO C 216 -7.60 -48.84 14.67
C PRO C 216 -8.13 -47.43 14.89
N GLN C 217 -8.68 -47.21 16.08
CA GLN C 217 -9.17 -45.87 16.44
C GLN C 217 -8.05 -44.94 16.87
N GLY C 218 -6.83 -45.45 17.04
CA GLY C 218 -5.72 -44.57 17.36
C GLY C 218 -5.39 -43.65 16.20
N PHE C 219 -5.00 -42.43 16.52
CA PHE C 219 -4.71 -41.44 15.50
C PHE C 219 -3.40 -41.75 14.78
N SER C 220 -3.30 -41.26 13.55
CA SER C 220 -2.09 -41.44 12.74
C SER C 220 -2.07 -40.37 11.66
N ALA C 221 -0.99 -39.59 11.61
CA ALA C 221 -0.82 -38.58 10.59
C ALA C 221 -0.33 -39.20 9.29
N LEU C 222 -0.42 -38.43 8.21
CA LEU C 222 0.01 -38.86 6.89
C LEU C 222 1.08 -37.90 6.37
N GLU C 223 2.24 -38.45 6.01
CA GLU C 223 3.31 -37.57 5.57
C GLU C 223 3.43 -37.55 4.04
N PRO C 224 3.66 -36.37 3.46
CA PRO C 224 3.82 -36.30 2.01
C PRO C 224 5.10 -36.97 1.55
N LEU C 225 5.05 -37.53 0.34
CA LEU C 225 6.24 -38.12 -0.29
C LEU C 225 6.65 -37.39 -1.55
N VAL C 226 5.77 -37.27 -2.54
CA VAL C 226 6.12 -36.68 -3.83
C VAL C 226 4.92 -35.89 -4.34
N ASP C 227 5.19 -34.72 -4.91
CA ASP C 227 4.19 -33.95 -5.63
C ASP C 227 4.64 -33.79 -7.08
N LEU C 228 3.77 -34.17 -8.01
CA LEU C 228 4.10 -34.13 -9.43
C LEU C 228 2.96 -33.45 -10.18
N PRO C 229 3.20 -32.33 -10.85
CA PRO C 229 2.12 -31.60 -11.55
C PRO C 229 1.68 -32.28 -12.86
N ILE C 230 0.95 -33.40 -12.70
CA ILE C 230 0.41 -34.08 -13.87
C ILE C 230 -0.67 -33.24 -14.53
N GLY C 231 -1.60 -32.70 -13.74
CA GLY C 231 -2.60 -31.78 -14.23
C GLY C 231 -3.55 -32.35 -15.28
N ILE C 232 -4.09 -33.53 -15.03
CA ILE C 232 -4.98 -34.20 -15.96
C ILE C 232 -6.33 -34.44 -15.31
N ASN C 233 -7.35 -34.53 -16.16
CA ASN C 233 -8.71 -34.87 -15.73
C ASN C 233 -8.72 -36.30 -15.18
N ILE C 234 -9.29 -36.48 -13.99
CA ILE C 234 -9.42 -37.78 -13.37
C ILE C 234 -10.82 -37.90 -12.78
N THR C 235 -11.51 -38.98 -13.11
CA THR C 235 -12.80 -39.29 -12.53
C THR C 235 -12.95 -40.74 -12.08
N ARG C 236 -12.07 -41.63 -12.51
CA ARG C 236 -12.09 -43.03 -12.11
C ARG C 236 -10.74 -43.40 -11.50
N PHE C 237 -10.73 -44.49 -10.75
CA PHE C 237 -9.54 -44.91 -10.02
C PHE C 237 -9.64 -46.40 -9.75
N GLN C 238 -8.70 -47.17 -10.29
CA GLN C 238 -8.64 -48.61 -10.10
C GLN C 238 -7.37 -49.02 -9.37
N THR C 239 -7.27 -50.30 -9.09
CA THR C 239 -6.17 -50.87 -8.32
C THR C 239 -5.76 -52.22 -8.90
N LEU C 240 -4.49 -52.57 -8.73
CA LEU C 240 -3.93 -53.79 -9.28
C LEU C 240 -3.78 -54.86 -8.20
N LEU C 241 -3.59 -56.10 -8.66
CA LEU C 241 -3.45 -57.23 -7.76
C LEU C 241 -2.14 -57.97 -7.99
N ALA C 242 -1.96 -59.09 -7.30
CA ALA C 242 -0.73 -59.88 -7.42
C ALA C 242 -1.03 -61.33 -7.78
N LEU C 243 -0.02 -62.18 -7.75
CA LEU C 243 -0.16 -63.59 -8.10
C LEU C 243 0.15 -64.46 -6.90
N ASN C 244 -0.55 -65.58 -6.80
CA ASN C 244 -0.37 -66.51 -5.69
C ASN C 244 -0.56 -67.92 -6.21
N ARG C 245 -0.29 -68.90 -5.35
CA ARG C 245 -0.41 -70.30 -5.70
C ARG C 245 -0.74 -71.16 -4.47
N ALA C 262 -10.73 -58.06 3.64
CA ALA C 262 -9.62 -57.94 4.57
C ALA C 262 -8.58 -56.96 4.05
N ASP C 263 -9.00 -56.05 3.17
CA ASP C 263 -8.14 -55.05 2.57
C ASP C 263 -9.02 -54.04 1.82
N TYR C 264 -8.38 -53.11 1.13
CA TYR C 264 -9.05 -52.24 0.16
C TYR C 264 -10.07 -51.32 0.82
N TYR C 265 -9.63 -50.56 1.81
CA TYR C 265 -10.47 -49.52 2.41
C TYR C 265 -10.31 -48.23 1.63
N VAL C 266 -11.42 -47.71 1.12
CA VAL C 266 -11.42 -46.54 0.26
C VAL C 266 -12.45 -45.54 0.76
N GLY C 267 -12.04 -44.28 0.93
CA GLY C 267 -12.93 -43.23 1.34
C GLY C 267 -12.74 -41.99 0.49
N TYR C 268 -13.70 -41.08 0.58
CA TYR C 268 -13.72 -39.86 -0.21
C TYR C 268 -13.57 -38.65 0.69
N LEU C 269 -12.77 -37.69 0.24
CA LEU C 269 -12.48 -36.48 1.02
C LEU C 269 -13.41 -35.34 0.60
N GLN C 270 -13.62 -34.42 1.53
CA GLN C 270 -14.51 -33.29 1.34
C GLN C 270 -13.85 -32.03 1.89
N PRO C 271 -14.23 -30.85 1.39
CA PRO C 271 -13.66 -29.61 1.94
C PRO C 271 -14.21 -29.29 3.33
N ARG C 272 -13.39 -29.48 4.35
CA ARG C 272 -13.79 -29.28 5.74
C ARG C 272 -12.74 -28.48 6.48
N THR C 273 -13.18 -27.80 7.52
CA THR C 273 -12.29 -27.11 8.45
C THR C 273 -11.91 -28.06 9.58
N PHE C 274 -10.62 -28.21 9.82
CA PHE C 274 -10.12 -29.13 10.83
C PHE C 274 -9.17 -28.42 11.77
N LEU C 275 -9.32 -28.72 13.06
CA LEU C 275 -8.43 -28.22 14.10
C LEU C 275 -7.48 -29.35 14.47
N LEU C 276 -6.19 -29.12 14.27
CA LEU C 276 -5.17 -30.15 14.48
C LEU C 276 -4.23 -29.71 15.59
N LYS C 277 -4.09 -30.55 16.61
CA LYS C 277 -3.10 -30.30 17.65
C LYS C 277 -1.74 -30.77 17.16
N TYR C 278 -0.70 -30.03 17.55
CA TYR C 278 0.67 -30.32 17.14
C TYR C 278 1.50 -30.64 18.37
N ASN C 279 2.17 -31.79 18.35
CA ASN C 279 3.09 -32.14 19.42
C ASN C 279 4.30 -31.21 19.38
N GLU C 280 4.97 -31.09 20.53
CA GLU C 280 6.17 -30.25 20.62
C GLU C 280 7.27 -30.74 19.67
N ASN C 281 7.21 -32.00 19.25
CA ASN C 281 8.17 -32.53 18.29
C ASN C 281 7.69 -32.41 16.85
N GLY C 282 6.52 -31.80 16.61
CA GLY C 282 6.02 -31.54 15.29
C GLY C 282 4.95 -32.49 14.79
N THR C 283 4.84 -33.67 15.39
CA THR C 283 3.83 -34.62 14.97
C THR C 283 2.42 -34.15 15.36
N ILE C 284 1.43 -34.58 14.58
CA ILE C 284 0.04 -34.25 14.85
C ILE C 284 -0.49 -35.31 15.81
N THR C 285 -0.50 -34.99 17.10
CA THR C 285 -0.94 -35.95 18.11
C THR C 285 -2.44 -36.21 18.01
N ASP C 286 -3.24 -35.16 17.86
CA ASP C 286 -4.68 -35.30 17.79
C ASP C 286 -5.26 -34.22 16.89
N ALA C 287 -6.44 -34.49 16.34
CA ALA C 287 -7.15 -33.54 15.52
C ALA C 287 -8.64 -33.71 15.75
N VAL C 288 -9.39 -32.62 15.54
CA VAL C 288 -10.83 -32.60 15.78
C VAL C 288 -11.51 -31.89 14.62
N ASP C 289 -12.59 -32.46 14.12
CA ASP C 289 -13.36 -31.84 13.04
C ASP C 289 -14.10 -30.62 13.56
N CYS C 290 -14.54 -29.78 12.62
CA CYS C 290 -15.31 -28.58 12.96
C CYS C 290 -16.72 -28.60 12.39
N ALA C 291 -17.19 -29.76 11.91
CA ALA C 291 -18.55 -29.86 11.39
C ALA C 291 -19.21 -31.19 11.74
N LEU C 292 -18.65 -31.93 12.70
CA LEU C 292 -19.16 -33.25 13.07
C LEU C 292 -20.10 -33.21 14.26
N ASP C 293 -19.70 -32.56 15.35
CA ASP C 293 -20.47 -32.53 16.58
C ASP C 293 -20.54 -31.11 17.11
N PRO C 294 -21.60 -30.78 17.88
CA PRO C 294 -21.65 -29.44 18.49
C PRO C 294 -20.44 -29.14 19.37
N LEU C 295 -19.99 -30.13 20.13
CA LEU C 295 -18.78 -29.96 20.94
C LEU C 295 -17.56 -29.70 20.05
N SER C 296 -17.46 -30.42 18.93
CA SER C 296 -16.34 -30.22 18.02
C SER C 296 -16.35 -28.80 17.45
N GLU C 297 -17.53 -28.32 17.07
CA GLU C 297 -17.63 -26.94 16.57
C GLU C 297 -17.27 -25.93 17.64
N THR C 298 -17.68 -26.21 18.89
CA THR C 298 -17.32 -25.33 20.00
C THR C 298 -15.80 -25.26 20.16
N LYS C 299 -15.14 -26.43 20.16
CA LYS C 299 -13.68 -26.47 20.25
C LYS C 299 -13.04 -25.74 19.08
N CYS C 300 -13.62 -25.84 17.88
CA CYS C 300 -13.09 -25.14 16.73
C CYS C 300 -13.22 -23.63 16.89
N THR C 301 -14.37 -23.16 17.36
CA THR C 301 -14.61 -21.72 17.47
C THR C 301 -13.86 -21.08 18.62
N LEU C 302 -13.44 -21.86 19.62
CA LEU C 302 -12.65 -21.31 20.72
C LEU C 302 -11.30 -22.01 20.80
N LYS C 303 -10.58 -22.08 19.67
CA LYS C 303 -9.61 -23.12 19.37
C LYS C 303 -8.85 -23.60 20.59
N SER C 304 -9.00 -24.89 20.87
CA SER C 304 -8.46 -25.54 22.06
C SER C 304 -8.85 -27.01 22.05
N PHE C 305 -8.28 -27.81 22.95
CA PHE C 305 -8.74 -29.17 23.18
C PHE C 305 -9.37 -29.38 24.54
N THR C 306 -9.40 -28.37 25.40
CA THR C 306 -10.12 -28.42 26.67
C THR C 306 -11.08 -27.23 26.71
N VAL C 307 -12.37 -27.49 26.51
CA VAL C 307 -13.39 -26.45 26.52
C VAL C 307 -14.03 -26.42 27.90
N GLU C 308 -14.06 -25.24 28.51
CA GLU C 308 -14.60 -25.10 29.86
C GLU C 308 -16.12 -25.10 29.83
N LYS C 309 -16.71 -25.34 31.00
CA LYS C 309 -18.16 -25.35 31.13
C LYS C 309 -18.74 -23.97 30.85
N GLY C 310 -19.77 -23.92 30.02
CA GLY C 310 -20.42 -22.68 29.69
C GLY C 310 -21.08 -22.74 28.34
N ILE C 311 -21.71 -21.63 27.98
CA ILE C 311 -22.37 -21.48 26.68
C ILE C 311 -21.40 -20.76 25.74
N TYR C 312 -21.55 -21.03 24.44
CA TYR C 312 -20.64 -20.47 23.46
C TYR C 312 -21.38 -20.24 22.14
N GLN C 313 -21.29 -19.03 21.62
CA GLN C 313 -21.84 -18.70 20.31
C GLN C 313 -20.88 -19.22 19.25
N THR C 314 -21.25 -20.33 18.61
CA THR C 314 -20.35 -21.01 17.68
C THR C 314 -20.49 -20.50 16.25
N SER C 315 -21.69 -20.57 15.68
CA SER C 315 -21.90 -20.20 14.28
C SER C 315 -23.35 -19.78 14.11
N ASN C 316 -23.82 -19.74 12.87
CA ASN C 316 -25.20 -19.45 12.54
C ASN C 316 -25.83 -20.65 11.83
N PHE C 317 -27.15 -20.57 11.67
CA PHE C 317 -27.89 -21.62 10.98
C PHE C 317 -28.95 -21.00 10.09
N ARG C 318 -29.19 -21.64 8.94
CA ARG C 318 -30.22 -21.19 8.02
C ARG C 318 -30.76 -22.41 7.27
N VAL C 319 -32.00 -22.30 6.82
CA VAL C 319 -32.62 -23.38 6.04
C VAL C 319 -32.15 -23.27 4.59
N GLN C 320 -31.48 -24.30 4.12
CA GLN C 320 -31.07 -24.33 2.72
C GLN C 320 -32.29 -24.49 1.82
N PRO C 321 -32.30 -23.83 0.67
CA PRO C 321 -33.46 -23.96 -0.23
C PRO C 321 -33.60 -25.37 -0.77
N THR C 322 -34.86 -25.77 -0.98
CA THR C 322 -35.13 -27.09 -1.52
C THR C 322 -35.14 -27.07 -3.05
N GLU C 323 -35.97 -26.22 -3.64
CA GLU C 323 -36.01 -26.01 -5.08
C GLU C 323 -35.60 -24.59 -5.40
N SER C 324 -35.55 -24.28 -6.70
CA SER C 324 -35.14 -22.95 -7.16
C SER C 324 -35.99 -22.60 -8.37
N ILE C 325 -36.91 -21.65 -8.20
CA ILE C 325 -37.76 -21.18 -9.29
C ILE C 325 -37.04 -20.07 -10.04
N VAL C 326 -37.18 -20.07 -11.36
CA VAL C 326 -36.44 -19.17 -12.24
C VAL C 326 -37.42 -18.44 -13.15
N ARG C 327 -38.61 -18.16 -12.61
CA ARG C 327 -39.69 -17.51 -13.35
C ARG C 327 -39.18 -16.37 -14.23
N PHE C 328 -39.67 -16.34 -15.46
CA PHE C 328 -39.31 -15.34 -16.45
C PHE C 328 -40.53 -15.05 -17.31
N PRO C 329 -40.58 -13.87 -17.94
CA PRO C 329 -41.72 -13.55 -18.80
C PRO C 329 -41.82 -14.50 -19.98
N ASN C 330 -43.06 -14.73 -20.43
CA ASN C 330 -43.34 -15.73 -21.46
C ASN C 330 -43.34 -15.06 -22.83
N VAL C 331 -42.13 -14.85 -23.34
CA VAL C 331 -41.92 -14.37 -24.71
C VAL C 331 -40.85 -15.22 -25.36
N THR C 332 -40.90 -15.30 -26.69
CA THR C 332 -39.96 -16.14 -27.43
C THR C 332 -39.40 -15.51 -28.69
N ASN C 333 -39.95 -14.37 -29.09
CA ASN C 333 -39.44 -13.64 -30.29
C ASN C 333 -37.95 -13.35 -30.10
N LEU C 334 -37.15 -13.51 -31.15
CA LEU C 334 -35.71 -13.15 -31.06
C LEU C 334 -35.58 -11.64 -31.20
N CYS C 335 -34.41 -11.08 -30.83
CA CYS C 335 -34.25 -9.60 -30.86
C CYS C 335 -33.66 -9.16 -32.20
N PRO C 336 -33.97 -7.95 -32.70
CA PRO C 336 -33.52 -7.49 -34.01
C PRO C 336 -32.04 -7.22 -34.14
N PHE C 337 -31.21 -7.83 -33.28
CA PHE C 337 -29.76 -7.67 -33.41
C PHE C 337 -29.29 -7.96 -34.83
N HIS C 338 -29.88 -8.96 -35.49
CA HIS C 338 -29.58 -9.22 -36.89
C HIS C 338 -29.97 -8.03 -37.75
N GLU C 339 -31.15 -7.45 -37.49
CA GLU C 339 -31.62 -6.32 -38.28
C GLU C 339 -30.76 -5.08 -38.08
N VAL C 340 -30.06 -4.98 -36.96
CA VAL C 340 -29.16 -3.84 -36.71
C VAL C 340 -27.74 -4.10 -37.19
N PHE C 341 -27.30 -5.37 -37.21
CA PHE C 341 -25.97 -5.72 -37.67
C PHE C 341 -25.87 -5.91 -39.18
N ASN C 342 -26.98 -6.22 -39.85
CA ASN C 342 -26.98 -6.55 -41.26
C ASN C 342 -27.25 -5.35 -42.16
N ALA C 343 -27.34 -4.15 -41.59
CA ALA C 343 -27.61 -2.98 -42.40
C ALA C 343 -26.44 -2.67 -43.33
N THR C 344 -26.75 -1.92 -44.40
CA THR C 344 -25.74 -1.49 -45.36
C THR C 344 -25.39 -0.02 -45.25
N ARG C 345 -26.18 0.77 -44.53
CA ARG C 345 -26.06 2.22 -44.49
C ARG C 345 -25.95 2.71 -43.05
N PHE C 346 -25.03 2.13 -42.29
CA PHE C 346 -24.76 2.61 -40.94
C PHE C 346 -24.49 4.11 -40.95
N ALA C 347 -25.39 4.86 -40.32
CA ALA C 347 -25.34 6.31 -40.37
C ALA C 347 -24.09 6.83 -39.66
N SER C 348 -23.85 8.13 -39.82
CA SER C 348 -22.63 8.71 -39.27
C SER C 348 -22.83 9.12 -37.82
N VAL C 349 -21.72 9.50 -37.19
CA VAL C 349 -21.75 9.86 -35.77
C VAL C 349 -22.50 11.19 -35.57
N TYR C 350 -22.53 12.05 -36.58
CA TYR C 350 -23.27 13.31 -36.41
C TYR C 350 -24.76 13.05 -36.30
N ALA C 351 -25.25 12.03 -37.02
CA ALA C 351 -26.62 11.53 -36.90
C ALA C 351 -26.50 10.03 -36.73
N TRP C 352 -26.21 9.62 -35.50
CA TRP C 352 -26.17 8.21 -35.11
C TRP C 352 -27.59 7.67 -35.04
N ASN C 353 -27.90 6.70 -35.91
CA ASN C 353 -29.20 6.05 -35.87
C ASN C 353 -29.31 5.22 -34.59
N ARG C 354 -30.42 5.42 -33.87
CA ARG C 354 -30.69 4.69 -32.64
C ARG C 354 -31.95 3.85 -32.83
N THR C 355 -31.85 2.57 -32.51
CA THR C 355 -32.97 1.64 -32.59
C THR C 355 -33.28 1.10 -31.21
N ARG C 356 -34.57 0.98 -30.91
CA ARG C 356 -35.04 0.49 -29.61
C ARG C 356 -35.40 -0.98 -29.72
N ILE C 357 -34.91 -1.77 -28.75
CA ILE C 357 -35.16 -3.20 -28.70
C ILE C 357 -35.95 -3.49 -27.43
N SER C 358 -37.14 -4.06 -27.58
CA SER C 358 -37.97 -4.40 -26.45
C SER C 358 -38.88 -5.57 -26.83
N ASN C 359 -39.36 -6.28 -25.82
CA ASN C 359 -40.28 -7.39 -25.98
C ASN C 359 -39.70 -8.46 -26.91
N CYS C 360 -38.59 -9.05 -26.47
CA CYS C 360 -37.93 -10.09 -27.25
C CYS C 360 -37.09 -10.95 -26.31
N VAL C 361 -36.37 -11.91 -26.89
CA VAL C 361 -35.46 -12.79 -26.16
C VAL C 361 -34.11 -12.76 -26.87
N ALA C 362 -33.05 -12.53 -26.10
CA ALA C 362 -31.72 -12.26 -26.65
C ALA C 362 -30.81 -13.47 -26.46
N ASP C 363 -30.14 -13.86 -27.54
CA ASP C 363 -29.09 -14.88 -27.51
C ASP C 363 -27.93 -14.25 -28.28
N TYR C 364 -27.00 -13.67 -27.56
CA TYR C 364 -25.91 -12.83 -28.10
C TYR C 364 -24.85 -13.61 -28.84
N SER C 365 -24.95 -14.94 -29.00
CA SER C 365 -24.04 -15.63 -29.91
C SER C 365 -24.26 -15.18 -31.35
N VAL C 366 -25.50 -14.85 -31.71
CA VAL C 366 -25.77 -14.30 -33.03
C VAL C 366 -25.09 -12.95 -33.21
N LEU C 367 -24.90 -12.21 -32.10
CA LEU C 367 -24.12 -10.98 -32.17
C LEU C 367 -22.63 -11.27 -32.23
N TYR C 368 -22.19 -12.37 -31.60
CA TYR C 368 -20.78 -12.73 -31.63
C TYR C 368 -20.34 -13.18 -33.01
N ASN C 369 -21.19 -13.92 -33.72
CA ASN C 369 -20.82 -14.48 -35.02
C ASN C 369 -21.15 -13.57 -36.18
N PHE C 370 -21.47 -12.30 -35.93
CA PHE C 370 -21.78 -11.34 -36.98
C PHE C 370 -20.74 -10.25 -37.12
N ALA C 371 -19.55 -10.43 -36.53
CA ALA C 371 -18.52 -9.41 -36.62
C ALA C 371 -17.15 -9.97 -36.26
N PRO C 372 -16.12 -9.66 -37.06
CA PRO C 372 -14.74 -9.98 -36.64
C PRO C 372 -14.29 -9.03 -35.56
N PHE C 373 -14.61 -9.35 -34.31
CA PHE C 373 -14.54 -8.39 -33.21
C PHE C 373 -13.14 -7.82 -33.05
N PHE C 374 -13.07 -6.50 -32.86
CA PHE C 374 -11.83 -5.79 -32.61
C PHE C 374 -11.79 -5.11 -31.25
N ALA C 375 -12.93 -4.67 -30.74
CA ALA C 375 -13.01 -4.07 -29.41
C ALA C 375 -14.39 -4.35 -28.83
N PHE C 376 -14.43 -4.97 -27.65
CA PHE C 376 -15.65 -5.37 -26.98
C PHE C 376 -15.62 -4.98 -25.51
N LYS C 377 -15.27 -3.73 -25.23
CA LYS C 377 -15.14 -3.24 -23.86
C LYS C 377 -16.54 -2.99 -23.27
N CYS C 378 -17.12 -4.05 -22.73
CA CYS C 378 -18.36 -3.92 -21.98
C CYS C 378 -18.10 -3.19 -20.66
N TYR C 379 -19.10 -2.43 -20.21
CA TYR C 379 -18.94 -1.56 -19.05
C TYR C 379 -19.73 -2.04 -17.85
N GLY C 380 -21.05 -2.21 -17.99
CA GLY C 380 -21.89 -2.52 -16.85
C GLY C 380 -22.15 -4.00 -16.62
N VAL C 381 -22.06 -4.81 -17.67
CA VAL C 381 -22.40 -6.22 -17.59
C VAL C 381 -21.28 -7.04 -18.21
N SER C 382 -20.95 -8.15 -17.58
CA SER C 382 -19.96 -9.07 -18.14
C SER C 382 -20.52 -9.70 -19.41
N PRO C 383 -19.83 -9.62 -20.54
CA PRO C 383 -20.37 -10.22 -21.78
C PRO C 383 -20.60 -11.71 -21.68
N THR C 384 -19.83 -12.42 -20.86
CA THR C 384 -19.96 -13.88 -20.77
C THR C 384 -21.34 -14.28 -20.25
N LYS C 385 -21.66 -13.88 -19.02
CA LYS C 385 -22.95 -14.20 -18.41
C LYS C 385 -23.97 -13.08 -18.69
N LEU C 386 -24.23 -12.88 -19.98
CA LEU C 386 -25.17 -11.87 -20.44
C LEU C 386 -26.56 -12.44 -20.77
N ASN C 387 -26.68 -13.76 -20.84
CA ASN C 387 -27.91 -14.41 -21.27
C ASN C 387 -28.89 -14.68 -20.14
N ASP C 388 -28.60 -14.24 -18.91
CA ASP C 388 -29.45 -14.55 -17.77
C ASP C 388 -29.95 -13.29 -17.04
N LEU C 389 -29.91 -12.13 -17.69
CA LEU C 389 -30.34 -10.89 -17.09
C LEU C 389 -31.66 -10.43 -17.68
N CYS C 390 -32.17 -9.34 -17.11
CA CYS C 390 -33.40 -8.69 -17.56
C CYS C 390 -33.16 -7.20 -17.67
N PHE C 391 -33.59 -6.61 -18.78
CA PHE C 391 -33.38 -5.20 -19.06
C PHE C 391 -34.71 -4.54 -19.36
N THR C 392 -34.89 -3.32 -18.86
CA THR C 392 -36.13 -2.58 -19.10
C THR C 392 -36.30 -2.29 -20.59
N ASN C 393 -35.40 -1.50 -21.16
CA ASN C 393 -35.38 -1.23 -22.59
C ASN C 393 -33.94 -1.20 -23.06
N VAL C 394 -33.71 -1.73 -24.26
CA VAL C 394 -32.38 -1.82 -24.86
C VAL C 394 -32.29 -0.82 -26.00
N TYR C 395 -31.14 -0.16 -26.11
CA TYR C 395 -30.87 0.81 -27.15
C TYR C 395 -29.65 0.39 -27.95
N ALA C 396 -29.74 0.52 -29.27
CA ALA C 396 -28.64 0.18 -30.17
C ALA C 396 -28.38 1.36 -31.09
N ASP C 397 -27.21 1.98 -30.96
CA ASP C 397 -26.80 3.09 -31.81
C ASP C 397 -25.72 2.60 -32.76
N SER C 398 -25.97 2.72 -34.05
CA SER C 398 -25.07 2.23 -35.09
C SER C 398 -24.44 3.41 -35.83
N PHE C 399 -23.11 3.45 -35.85
CA PHE C 399 -22.39 4.51 -36.53
C PHE C 399 -21.05 3.95 -36.99
N VAL C 400 -20.30 4.77 -37.72
CA VAL C 400 -19.00 4.40 -38.25
C VAL C 400 -17.99 5.48 -37.86
N ILE C 401 -16.87 5.07 -37.29
CA ILE C 401 -15.81 5.96 -36.83
C ILE C 401 -14.47 5.33 -37.15
N LYS C 402 -13.39 6.02 -36.79
CA LYS C 402 -12.05 5.61 -37.16
C LYS C 402 -11.43 4.72 -36.06
N GLY C 403 -10.21 4.23 -36.33
CA GLY C 403 -9.56 3.34 -35.40
C GLY C 403 -9.22 4.00 -34.07
N ASN C 404 -8.66 5.21 -34.12
CA ASN C 404 -8.45 5.96 -32.88
C ASN C 404 -9.79 6.32 -32.25
N GLU C 405 -10.81 6.55 -33.07
CA GLU C 405 -12.14 6.84 -32.54
C GLU C 405 -12.75 5.64 -31.82
N VAL C 406 -12.29 4.42 -32.11
CA VAL C 406 -12.76 3.25 -31.37
C VAL C 406 -12.35 3.36 -29.90
N SER C 407 -11.09 3.75 -29.65
CA SER C 407 -10.68 4.02 -28.28
C SER C 407 -11.30 5.31 -27.76
N GLN C 408 -11.59 6.25 -28.65
CA GLN C 408 -12.20 7.51 -28.24
C GLN C 408 -13.59 7.30 -27.66
N ILE C 409 -14.39 6.44 -28.29
CA ILE C 409 -15.80 6.29 -27.88
C ILE C 409 -15.84 5.57 -26.55
N ALA C 410 -16.09 6.33 -25.49
CA ALA C 410 -16.17 5.82 -24.13
C ALA C 410 -16.75 6.93 -23.25
N PRO C 411 -17.31 6.58 -22.09
CA PRO C 411 -17.87 7.61 -21.21
C PRO C 411 -16.83 8.66 -20.84
N GLY C 412 -17.20 9.93 -21.04
CA GLY C 412 -16.37 11.05 -20.66
C GLY C 412 -14.99 11.05 -21.27
N GLN C 413 -14.90 11.24 -22.60
CA GLN C 413 -13.62 11.11 -23.27
C GLN C 413 -13.23 12.37 -24.06
N THR C 414 -12.10 12.29 -24.75
CA THR C 414 -11.54 13.39 -25.52
C THR C 414 -12.02 13.33 -26.97
N GLY C 415 -11.84 14.43 -27.68
CA GLY C 415 -12.06 14.43 -29.12
C GLY C 415 -13.23 15.28 -29.57
N ASN C 416 -13.09 15.86 -30.77
CA ASN C 416 -14.21 16.60 -31.35
C ASN C 416 -15.42 15.70 -31.54
N ILE C 417 -15.20 14.44 -31.92
CA ILE C 417 -16.31 13.51 -32.05
C ILE C 417 -16.99 13.29 -30.71
N ALA C 418 -16.23 12.98 -29.67
CA ALA C 418 -16.80 12.68 -28.37
C ALA C 418 -17.36 13.92 -27.68
N ASP C 419 -17.06 15.12 -28.16
CA ASP C 419 -17.58 16.34 -27.55
C ASP C 419 -18.67 17.03 -28.34
N TYR C 420 -18.78 16.76 -29.64
CA TYR C 420 -19.77 17.43 -30.50
C TYR C 420 -20.69 16.48 -31.25
N ASN C 421 -20.25 15.26 -31.55
CA ASN C 421 -21.01 14.31 -32.36
C ASN C 421 -21.80 13.31 -31.53
N TYR C 422 -21.16 12.66 -30.57
CA TYR C 422 -21.81 11.66 -29.74
C TYR C 422 -20.96 11.39 -28.51
N LYS C 423 -21.61 11.34 -27.36
CA LYS C 423 -20.94 11.04 -26.09
C LYS C 423 -21.83 10.14 -25.24
N LEU C 424 -21.20 9.17 -24.59
CA LEU C 424 -21.92 8.30 -23.68
C LEU C 424 -22.01 8.93 -22.29
N PRO C 425 -23.03 8.58 -21.51
CA PRO C 425 -23.10 9.05 -20.12
C PRO C 425 -21.98 8.46 -19.29
N ASP C 426 -21.60 9.18 -18.24
CA ASP C 426 -20.48 8.75 -17.40
C ASP C 426 -20.77 7.40 -16.74
N ASP C 427 -21.98 7.20 -16.26
CA ASP C 427 -22.38 5.93 -15.66
C ASP C 427 -23.01 5.00 -16.70
N PHE C 428 -22.32 4.81 -17.81
CA PHE C 428 -22.84 3.96 -18.87
C PHE C 428 -22.81 2.50 -18.45
N THR C 429 -23.91 1.79 -18.71
CA THR C 429 -24.05 0.36 -18.39
C THR C 429 -24.47 -0.37 -19.66
N GLY C 430 -23.48 -0.92 -20.37
CA GLY C 430 -23.77 -1.61 -21.60
C GLY C 430 -22.50 -2.14 -22.23
N CYS C 431 -22.57 -2.42 -23.53
CA CYS C 431 -21.45 -2.96 -24.28
C CYS C 431 -21.24 -2.13 -25.54
N VAL C 432 -19.98 -2.09 -25.98
CA VAL C 432 -19.59 -1.41 -27.21
C VAL C 432 -18.97 -2.44 -28.15
N ILE C 433 -19.47 -2.47 -29.38
CA ILE C 433 -19.03 -3.44 -30.37
C ILE C 433 -18.39 -2.69 -31.53
N ALA C 434 -17.16 -3.05 -31.87
CA ALA C 434 -16.45 -2.43 -32.97
C ALA C 434 -15.78 -3.51 -33.80
N TRP C 435 -15.98 -3.46 -35.12
CA TRP C 435 -15.33 -4.39 -36.04
C TRP C 435 -14.97 -3.64 -37.32
N ASN C 436 -13.79 -3.95 -37.85
CA ASN C 436 -13.32 -3.29 -39.06
C ASN C 436 -14.19 -3.69 -40.25
N SER C 437 -14.55 -2.70 -41.06
CA SER C 437 -15.41 -2.91 -42.23
C SER C 437 -14.74 -2.22 -43.44
N ASN C 438 -13.87 -2.97 -44.11
CA ASN C 438 -13.20 -2.47 -45.31
C ASN C 438 -13.93 -2.86 -46.58
N LYS C 439 -15.08 -3.54 -46.48
CA LYS C 439 -15.77 -4.07 -47.64
C LYS C 439 -16.95 -3.23 -48.11
N LEU C 440 -17.53 -2.41 -47.24
CA LEU C 440 -18.74 -1.67 -47.58
C LEU C 440 -18.62 -0.16 -47.42
N ASP C 441 -17.58 0.35 -46.75
CA ASP C 441 -17.37 1.78 -46.61
C ASP C 441 -16.18 2.28 -47.43
N SER C 442 -15.71 1.48 -48.38
CA SER C 442 -14.58 1.88 -49.20
C SER C 442 -14.77 1.31 -50.61
N LYS C 443 -14.29 2.07 -51.59
CA LYS C 443 -14.39 1.67 -52.98
C LYS C 443 -13.32 2.42 -53.78
N HIS C 444 -13.15 2.00 -55.03
CA HIS C 444 -12.18 2.65 -55.91
C HIS C 444 -12.57 4.10 -56.15
N SER C 445 -11.55 4.95 -56.33
CA SER C 445 -11.67 6.39 -56.50
C SER C 445 -12.24 7.08 -55.27
N GLY C 446 -12.16 6.44 -54.11
CA GLY C 446 -12.58 7.04 -52.86
C GLY C 446 -14.07 6.90 -52.61
N ASN C 447 -14.46 7.29 -51.39
CA ASN C 447 -15.87 7.25 -50.99
C ASN C 447 -16.06 8.34 -49.92
N TYR C 448 -16.58 9.49 -50.35
CA TYR C 448 -16.75 10.65 -49.49
C TYR C 448 -18.18 10.82 -49.00
N ASP C 449 -18.95 9.72 -48.94
CA ASP C 449 -20.35 9.82 -48.55
C ASP C 449 -20.49 10.29 -47.10
N TYR C 450 -19.65 9.79 -46.22
CA TYR C 450 -19.78 10.10 -44.80
C TYR C 450 -19.36 11.55 -44.52
N TRP C 451 -19.80 12.04 -43.37
CA TRP C 451 -19.42 13.34 -42.84
C TRP C 451 -19.11 13.16 -41.37
N TYR C 452 -18.52 14.21 -40.76
CA TYR C 452 -18.31 14.19 -39.32
C TYR C 452 -18.14 15.62 -38.84
N ARG C 453 -18.73 15.92 -37.69
CA ARG C 453 -18.74 17.27 -37.15
C ARG C 453 -17.46 17.59 -36.40
N LEU C 454 -17.03 18.85 -36.51
CA LEU C 454 -15.93 19.37 -35.72
C LEU C 454 -16.20 20.71 -35.06
N PHE C 455 -17.21 21.46 -35.52
CA PHE C 455 -17.49 22.79 -35.03
C PHE C 455 -18.87 22.83 -34.40
N ARG C 456 -18.97 23.42 -33.21
CA ARG C 456 -20.24 23.57 -32.51
C ARG C 456 -20.10 24.68 -31.48
N LYS C 457 -21.21 25.39 -31.25
CA LYS C 457 -21.18 26.56 -30.37
C LYS C 457 -21.02 26.16 -28.90
N SER C 458 -21.39 24.93 -28.56
CA SER C 458 -21.29 24.48 -27.18
C SER C 458 -21.07 22.97 -27.17
N LYS C 459 -20.68 22.45 -26.01
CA LYS C 459 -20.45 21.03 -25.86
C LYS C 459 -21.77 20.25 -25.96
N LEU C 460 -21.67 19.03 -26.47
CA LEU C 460 -22.84 18.18 -26.63
C LEU C 460 -23.24 17.57 -25.30
N LYS C 461 -24.48 17.03 -25.26
CA LYS C 461 -25.06 16.28 -24.17
C LYS C 461 -25.10 14.79 -24.51
N PRO C 462 -24.90 13.92 -23.52
CA PRO C 462 -24.96 12.47 -23.80
C PRO C 462 -26.32 12.05 -24.34
N PHE C 463 -26.28 11.14 -25.31
CA PHE C 463 -27.49 10.58 -25.95
C PHE C 463 -28.35 11.68 -26.56
N GLU C 464 -27.71 12.76 -27.03
CA GLU C 464 -28.40 13.89 -27.63
C GLU C 464 -27.92 14.08 -29.05
N ARG C 465 -28.86 14.20 -29.99
CA ARG C 465 -28.53 14.42 -31.38
C ARG C 465 -28.52 15.91 -31.69
N ASP C 466 -27.56 16.34 -32.52
CA ASP C 466 -27.38 17.73 -32.89
C ASP C 466 -27.22 17.88 -34.40
N ILE C 467 -28.08 17.20 -35.16
CA ILE C 467 -28.04 17.34 -36.61
C ILE C 467 -28.46 18.75 -36.99
N SER C 468 -27.63 19.42 -37.80
CA SER C 468 -27.85 20.79 -38.21
C SER C 468 -26.75 21.17 -39.19
N THR C 469 -26.94 22.31 -39.85
CA THR C 469 -25.94 22.90 -40.75
C THR C 469 -25.85 24.39 -40.41
N GLU C 470 -25.04 24.71 -39.41
CA GLU C 470 -24.81 26.10 -39.01
C GLU C 470 -23.32 26.36 -39.03
N ILE C 471 -22.90 27.34 -39.85
CA ILE C 471 -21.50 27.56 -40.11
C ILE C 471 -20.86 28.24 -38.90
N TYR C 472 -19.66 27.79 -38.54
CA TYR C 472 -19.02 28.23 -37.31
C TYR C 472 -18.76 29.74 -37.32
N GLN C 473 -18.90 30.35 -36.14
CA GLN C 473 -18.70 31.79 -35.99
C GLN C 473 -17.30 32.05 -35.45
N ALA C 474 -16.51 32.81 -36.21
CA ALA C 474 -15.16 33.18 -35.82
C ALA C 474 -15.07 34.68 -35.64
N GLY C 475 -14.38 35.10 -34.57
CA GLY C 475 -14.26 36.52 -34.28
C GLY C 475 -15.58 37.14 -33.85
N ASN C 476 -16.07 38.10 -34.65
CA ASN C 476 -17.34 38.75 -34.34
C ASN C 476 -18.24 38.86 -35.57
N LYS C 477 -17.98 38.06 -36.61
CA LYS C 477 -18.74 38.15 -37.85
C LYS C 477 -19.96 37.23 -37.80
N PRO C 478 -21.16 37.75 -38.08
CA PRO C 478 -22.33 36.88 -38.25
C PRO C 478 -22.34 36.19 -39.61
N CYS C 479 -21.19 36.22 -40.29
CA CYS C 479 -21.01 35.67 -41.63
C CYS C 479 -21.66 34.30 -41.78
N LYS C 480 -22.29 34.10 -42.93
CA LYS C 480 -22.94 32.83 -43.29
C LYS C 480 -22.40 32.42 -44.65
N GLY C 481 -21.30 31.67 -44.64
CA GLY C 481 -20.66 31.26 -45.89
C GLY C 481 -19.45 30.39 -45.59
N LYS C 482 -18.76 30.00 -46.66
CA LYS C 482 -17.61 29.14 -46.56
C LYS C 482 -16.37 29.84 -47.11
N GLY C 483 -15.26 29.67 -46.39
CA GLY C 483 -14.03 30.33 -46.75
C GLY C 483 -13.27 30.81 -45.53
N PRO C 484 -12.96 32.11 -45.47
CA PRO C 484 -12.20 32.66 -44.35
C PRO C 484 -13.10 32.96 -43.16
N ASN C 485 -12.69 32.51 -41.98
CA ASN C 485 -13.33 32.75 -40.68
C ASN C 485 -14.83 32.45 -40.67
N CYS C 486 -15.30 31.65 -41.62
CA CYS C 486 -16.65 31.09 -41.63
C CYS C 486 -16.52 29.64 -42.09
N TYR C 487 -16.39 28.74 -41.12
CA TYR C 487 -16.08 27.33 -41.41
C TYR C 487 -17.31 26.47 -41.26
N PHE C 488 -17.44 25.49 -42.16
CA PHE C 488 -18.59 24.59 -42.14
C PHE C 488 -18.56 23.72 -40.89
N PRO C 489 -19.70 23.51 -40.23
CA PRO C 489 -19.68 22.75 -38.97
C PRO C 489 -19.19 21.32 -39.10
N LEU C 490 -19.49 20.64 -40.21
CA LEU C 490 -19.14 19.23 -40.37
C LEU C 490 -18.42 19.04 -41.70
N GLN C 491 -17.29 18.35 -41.65
CA GLN C 491 -16.47 18.10 -42.83
C GLN C 491 -16.61 16.66 -43.29
N SER C 492 -16.23 16.43 -44.54
CA SER C 492 -16.46 15.13 -45.18
C SER C 492 -15.61 14.05 -44.53
N TYR C 493 -16.25 12.92 -44.23
CA TYR C 493 -15.56 11.75 -43.68
C TYR C 493 -15.26 10.78 -44.83
N GLY C 494 -14.33 11.19 -45.68
CA GLY C 494 -14.01 10.41 -46.86
C GLY C 494 -13.29 9.12 -46.52
N PHE C 495 -13.28 8.20 -47.48
CA PHE C 495 -12.71 6.88 -47.26
C PHE C 495 -12.11 6.34 -48.54
N ARG C 496 -11.20 5.39 -48.38
CA ARG C 496 -10.62 4.62 -49.48
C ARG C 496 -10.14 3.30 -48.91
N PRO C 497 -10.09 2.25 -49.73
CA PRO C 497 -9.64 0.94 -49.23
C PRO C 497 -8.19 0.93 -48.76
N THR C 498 -7.36 1.88 -49.20
CA THR C 498 -5.95 1.93 -48.85
C THR C 498 -5.79 2.89 -47.66
N TYR C 499 -6.09 2.38 -46.46
CA TYR C 499 -5.90 3.11 -45.23
C TYR C 499 -5.22 2.22 -44.20
N GLY C 500 -4.40 2.84 -43.36
CA GLY C 500 -3.83 2.15 -42.22
C GLY C 500 -4.88 1.87 -41.17
N VAL C 501 -4.50 1.06 -40.18
CA VAL C 501 -5.44 0.61 -39.15
C VAL C 501 -6.06 1.80 -38.43
N GLY C 502 -5.27 2.84 -38.19
CA GLY C 502 -5.77 4.05 -37.57
C GLY C 502 -6.76 4.82 -38.42
N HIS C 503 -6.87 4.52 -39.71
CA HIS C 503 -7.79 5.22 -40.60
C HIS C 503 -8.79 4.29 -41.28
N GLN C 504 -8.80 3.00 -40.90
CA GLN C 504 -9.69 2.04 -41.54
C GLN C 504 -11.15 2.33 -41.18
N PRO C 505 -12.09 1.96 -42.06
CA PRO C 505 -13.52 2.21 -41.79
C PRO C 505 -14.11 1.26 -40.75
N TYR C 506 -13.93 1.63 -39.48
CA TYR C 506 -14.43 0.82 -38.37
C TYR C 506 -15.93 1.07 -38.19
N ARG C 507 -16.69 -0.02 -38.07
CA ARG C 507 -18.13 0.04 -37.83
C ARG C 507 -18.39 -0.23 -36.35
N VAL C 508 -19.12 0.68 -35.72
CA VAL C 508 -19.33 0.64 -34.27
C VAL C 508 -20.83 0.60 -33.99
N VAL C 509 -21.27 -0.40 -33.23
CA VAL C 509 -22.61 -0.45 -32.67
C VAL C 509 -22.50 -0.60 -31.16
N VAL C 510 -23.28 0.19 -30.43
CA VAL C 510 -23.30 0.17 -28.98
C VAL C 510 -24.62 -0.44 -28.53
N LEU C 511 -24.61 -1.08 -27.37
CA LEU C 511 -25.79 -1.71 -26.79
C LEU C 511 -25.98 -1.15 -25.39
N SER C 512 -26.93 -0.23 -25.24
CA SER C 512 -27.18 0.45 -23.98
C SER C 512 -28.34 -0.22 -23.25
N PHE C 513 -28.10 -0.62 -22.01
CA PHE C 513 -29.12 -1.22 -21.16
C PHE C 513 -29.46 -0.30 -20.00
N GLU C 514 -30.59 -0.60 -19.35
CA GLU C 514 -31.01 0.09 -18.14
C GLU C 514 -31.29 -0.97 -17.07
N LEU C 515 -30.33 -1.17 -16.17
CA LEU C 515 -30.48 -2.16 -15.10
C LEU C 515 -31.14 -1.49 -13.89
N LEU C 516 -32.36 -1.03 -14.11
CA LEU C 516 -33.17 -0.38 -13.08
C LEU C 516 -34.43 -1.19 -12.84
N HIS C 517 -35.05 -0.94 -11.69
CA HIS C 517 -36.18 -1.74 -11.22
C HIS C 517 -37.44 -1.31 -11.97
N ALA C 518 -37.78 -2.05 -13.00
CA ALA C 518 -38.96 -1.79 -13.82
C ALA C 518 -39.37 -3.10 -14.49
N PRO C 519 -40.62 -3.20 -14.96
CA PRO C 519 -41.03 -4.40 -15.72
C PRO C 519 -40.14 -4.61 -16.94
N ALA C 520 -39.38 -5.70 -16.93
CA ALA C 520 -38.42 -5.95 -18.00
C ALA C 520 -39.13 -6.42 -19.26
N THR C 521 -38.40 -6.35 -20.37
CA THR C 521 -38.95 -6.72 -21.68
C THR C 521 -38.10 -7.73 -22.44
N VAL C 522 -36.84 -7.93 -22.07
CA VAL C 522 -35.93 -8.80 -22.82
C VAL C 522 -35.17 -9.69 -21.84
N CYS C 523 -35.03 -10.96 -22.20
CA CYS C 523 -34.26 -11.91 -21.40
C CYS C 523 -33.47 -12.80 -22.36
N GLY C 524 -32.87 -13.85 -21.82
CA GLY C 524 -32.18 -14.84 -22.62
C GLY C 524 -32.90 -16.18 -22.57
N PRO C 525 -32.15 -17.27 -22.47
CA PRO C 525 -32.77 -18.57 -22.21
C PRO C 525 -33.56 -18.53 -20.90
N LYS C 526 -34.75 -19.13 -20.92
CA LYS C 526 -35.66 -19.06 -19.79
C LYS C 526 -36.24 -20.43 -19.47
N LYS C 527 -36.56 -20.63 -18.19
CA LYS C 527 -37.40 -21.73 -17.76
C LYS C 527 -38.52 -21.15 -16.90
N SER C 528 -39.68 -21.80 -16.95
CA SER C 528 -40.87 -21.26 -16.31
C SER C 528 -41.41 -22.20 -15.23
N THR C 529 -40.51 -22.67 -14.36
CA THR C 529 -40.92 -23.56 -13.28
C THR C 529 -42.00 -22.91 -12.43
N ASN C 530 -43.00 -23.70 -12.05
CA ASN C 530 -44.13 -23.18 -11.29
C ASN C 530 -43.68 -22.65 -9.94
N LEU C 531 -44.25 -21.53 -9.54
CA LEU C 531 -43.90 -20.92 -8.26
C LEU C 531 -44.52 -21.71 -7.12
N VAL C 532 -43.70 -22.01 -6.11
CA VAL C 532 -44.12 -22.74 -4.92
C VAL C 532 -44.19 -21.76 -3.76
N LYS C 533 -45.10 -22.02 -2.83
CA LYS C 533 -45.36 -21.13 -1.71
C LYS C 533 -45.01 -21.78 -0.39
N ASN C 534 -44.75 -20.93 0.61
CA ASN C 534 -44.48 -21.37 1.99
C ASN C 534 -43.31 -22.35 2.05
N LYS C 535 -42.22 -22.01 1.36
CA LYS C 535 -41.02 -22.83 1.38
C LYS C 535 -39.83 -21.97 0.97
N CYS C 536 -38.70 -22.18 1.65
CA CYS C 536 -37.49 -21.44 1.33
C CYS C 536 -36.94 -21.90 -0.01
N VAL C 537 -36.94 -21.01 -1.00
CA VAL C 537 -36.48 -21.33 -2.35
C VAL C 537 -35.62 -20.19 -2.87
N ASN C 538 -34.94 -20.45 -3.98
CA ASN C 538 -34.18 -19.44 -4.70
C ASN C 538 -35.02 -18.94 -5.86
N PHE C 539 -35.31 -17.65 -5.88
CA PHE C 539 -36.16 -17.06 -6.91
C PHE C 539 -35.35 -16.19 -7.85
N ASN C 540 -35.79 -16.12 -9.11
CA ASN C 540 -35.19 -15.31 -10.15
C ASN C 540 -36.27 -14.47 -10.83
N PHE C 541 -37.06 -13.77 -10.02
CA PHE C 541 -38.26 -13.08 -10.49
C PHE C 541 -37.87 -11.94 -11.42
N ASN C 542 -38.08 -12.14 -12.71
CA ASN C 542 -37.85 -11.12 -13.74
C ASN C 542 -36.45 -10.51 -13.61
N GLY C 543 -35.47 -11.39 -13.38
CA GLY C 543 -34.10 -10.98 -13.22
C GLY C 543 -33.68 -10.63 -11.81
N LEU C 544 -34.62 -10.58 -10.86
CA LEU C 544 -34.31 -10.32 -9.46
C LEU C 544 -33.95 -11.65 -8.79
N THR C 545 -32.66 -11.87 -8.58
CA THR C 545 -32.18 -13.12 -8.00
C THR C 545 -32.05 -12.98 -6.49
N GLY C 546 -32.50 -14.01 -5.77
CA GLY C 546 -32.43 -13.98 -4.32
C GLY C 546 -33.00 -15.25 -3.75
N THR C 547 -33.03 -15.30 -2.41
CA THR C 547 -33.49 -16.47 -1.69
C THR C 547 -34.45 -16.04 -0.58
N GLY C 548 -35.51 -16.80 -0.39
CA GLY C 548 -36.48 -16.50 0.65
C GLY C 548 -37.69 -17.39 0.54
N VAL C 549 -38.71 -17.02 1.32
CA VAL C 549 -39.99 -17.73 1.37
C VAL C 549 -41.06 -16.82 0.78
N LEU C 550 -41.82 -17.36 -0.17
CA LEU C 550 -42.82 -16.59 -0.90
C LEU C 550 -44.21 -17.05 -0.51
N THR C 551 -45.07 -16.10 -0.14
CA THR C 551 -46.46 -16.40 0.21
C THR C 551 -47.35 -15.30 -0.35
N LYS C 552 -48.61 -15.63 -0.55
CA LYS C 552 -49.58 -14.66 -1.07
C LYS C 552 -49.69 -13.48 -0.11
N SER C 553 -49.62 -12.27 -0.66
CA SER C 553 -49.63 -11.04 0.12
C SER C 553 -50.97 -10.34 -0.01
N ASN C 554 -51.24 -9.47 0.96
CA ASN C 554 -52.47 -8.68 0.99
C ASN C 554 -52.19 -7.19 0.85
N LYS C 555 -51.15 -6.85 0.09
CA LYS C 555 -50.80 -5.46 -0.14
C LYS C 555 -51.72 -4.86 -1.20
N LYS C 556 -51.41 -3.64 -1.62
CA LYS C 556 -52.25 -2.91 -2.57
C LYS C 556 -51.43 -2.44 -3.77
N PHE C 557 -50.69 -3.36 -4.38
CA PHE C 557 -49.91 -3.05 -5.58
C PHE C 557 -50.80 -2.39 -6.64
N LEU C 558 -50.47 -1.14 -6.98
CA LEU C 558 -51.12 -0.48 -8.09
C LEU C 558 -50.67 -1.13 -9.39
N PRO C 559 -51.48 -1.01 -10.45
CA PRO C 559 -51.15 -1.71 -11.71
C PRO C 559 -49.75 -1.41 -12.25
N PHE C 560 -49.28 -0.16 -12.11
CA PHE C 560 -47.95 0.17 -12.59
C PHE C 560 -46.84 -0.36 -11.69
N GLN C 561 -47.16 -0.66 -10.42
CA GLN C 561 -46.14 -1.12 -9.49
C GLN C 561 -45.62 -2.51 -9.89
N GLN C 562 -44.30 -2.68 -9.82
CA GLN C 562 -43.65 -3.90 -10.27
C GLN C 562 -42.90 -4.63 -9.16
N PHE C 563 -41.99 -3.95 -8.48
CA PHE C 563 -41.05 -4.61 -7.58
C PHE C 563 -41.46 -4.57 -6.11
N GLY C 564 -41.74 -3.37 -5.58
CA GLY C 564 -42.06 -3.26 -4.17
C GLY C 564 -40.83 -3.34 -3.29
N ARG C 565 -40.99 -3.03 -2.00
CA ARG C 565 -39.86 -3.01 -1.08
C ARG C 565 -40.40 -2.97 0.35
N ASP C 566 -39.52 -2.71 1.30
CA ASP C 566 -39.85 -2.57 2.72
C ASP C 566 -39.33 -1.22 3.21
N ILE C 567 -39.32 -1.05 4.54
CA ILE C 567 -38.85 0.20 5.12
C ILE C 567 -37.41 0.48 4.71
N VAL C 568 -36.49 -0.37 5.14
CA VAL C 568 -35.06 -0.17 4.83
C VAL C 568 -34.78 -0.95 3.55
N ASP C 569 -35.12 -0.35 2.42
CA ASP C 569 -34.60 -0.64 1.08
C ASP C 569 -34.22 -2.10 0.80
N THR C 570 -35.11 -3.05 1.07
CA THR C 570 -34.93 -4.43 0.64
C THR C 570 -36.22 -4.92 0.01
N THR C 571 -36.09 -5.64 -1.11
CA THR C 571 -37.24 -6.20 -1.81
C THR C 571 -38.02 -7.13 -0.90
N ASP C 572 -39.24 -6.75 -0.55
CA ASP C 572 -40.05 -7.47 0.42
C ASP C 572 -41.27 -8.16 -0.17
N ALA C 573 -41.96 -7.53 -1.11
CA ALA C 573 -43.16 -8.10 -1.71
C ALA C 573 -43.12 -7.87 -3.21
N VAL C 574 -42.98 -8.95 -3.97
CA VAL C 574 -42.91 -8.90 -5.42
C VAL C 574 -44.18 -9.52 -5.98
N ARG C 575 -44.88 -8.79 -6.83
CA ARG C 575 -46.10 -9.29 -7.43
C ARG C 575 -45.78 -10.34 -8.50
N ASP C 576 -46.61 -11.37 -8.57
CA ASP C 576 -46.42 -12.42 -9.57
C ASP C 576 -46.72 -11.85 -10.95
N PRO C 577 -45.77 -11.84 -11.88
CA PRO C 577 -46.07 -11.30 -13.22
C PRO C 577 -47.13 -12.07 -13.99
N GLN C 578 -47.27 -13.38 -13.76
CA GLN C 578 -48.29 -14.14 -14.47
C GLN C 578 -49.67 -13.98 -13.83
N THR C 579 -49.81 -14.40 -12.57
CA THR C 579 -51.10 -14.40 -11.90
C THR C 579 -51.48 -13.06 -11.31
N LEU C 580 -50.60 -12.06 -11.39
CA LEU C 580 -50.88 -10.69 -10.95
C LEU C 580 -51.15 -10.60 -9.45
N GLU C 581 -50.73 -11.61 -8.68
CA GLU C 581 -50.87 -11.60 -7.23
C GLU C 581 -49.55 -11.22 -6.57
N ILE C 582 -49.64 -10.63 -5.39
CA ILE C 582 -48.49 -10.11 -4.66
C ILE C 582 -47.92 -11.23 -3.78
N LEU C 583 -46.61 -11.45 -3.89
CA LEU C 583 -45.92 -12.45 -3.09
C LEU C 583 -44.93 -11.78 -2.15
N ASP C 584 -45.09 -12.03 -0.85
CA ASP C 584 -44.14 -11.52 0.13
C ASP C 584 -42.83 -12.31 0.08
N ILE C 585 -41.78 -11.72 0.65
CA ILE C 585 -40.47 -12.34 0.73
C ILE C 585 -40.06 -12.38 2.19
N THR C 586 -39.56 -13.52 2.65
CA THR C 586 -39.27 -13.80 4.03
C THR C 586 -37.86 -14.35 4.18
N PRO C 587 -37.16 -14.05 5.28
CA PRO C 587 -35.86 -14.69 5.53
C PRO C 587 -36.00 -16.21 5.52
N CYS C 588 -34.92 -16.89 5.14
CA CYS C 588 -34.99 -18.34 4.99
C CYS C 588 -35.32 -19.00 6.33
N SER C 589 -34.36 -18.99 7.27
CA SER C 589 -34.68 -19.29 8.66
C SER C 589 -33.77 -18.53 9.63
N PHE C 590 -33.06 -17.51 9.17
CA PHE C 590 -31.78 -17.14 9.76
C PHE C 590 -31.89 -16.82 11.24
N GLY C 591 -30.92 -17.32 12.00
CA GLY C 591 -30.80 -17.04 13.42
C GLY C 591 -29.39 -17.26 13.89
N GLY C 592 -29.23 -17.89 15.04
CA GLY C 592 -27.92 -18.22 15.56
C GLY C 592 -27.94 -19.48 16.41
N VAL C 593 -26.83 -20.23 16.39
CA VAL C 593 -26.71 -21.46 17.14
C VAL C 593 -25.63 -21.29 18.21
N SER C 594 -25.97 -21.66 19.44
CA SER C 594 -25.04 -21.66 20.56
C SER C 594 -25.08 -23.01 21.24
N VAL C 595 -23.91 -23.52 21.61
CA VAL C 595 -23.78 -24.86 22.18
C VAL C 595 -23.57 -24.75 23.68
N ILE C 596 -24.39 -25.47 24.44
CA ILE C 596 -24.30 -25.51 25.89
C ILE C 596 -23.64 -26.81 26.29
N THR C 597 -22.48 -26.73 26.93
CA THR C 597 -21.74 -27.91 27.33
C THR C 597 -21.09 -27.69 28.69
N PRO C 598 -21.03 -28.72 29.53
CA PRO C 598 -20.20 -28.64 30.74
C PRO C 598 -18.73 -28.81 30.39
N GLY C 599 -17.86 -28.87 31.40
CA GLY C 599 -16.46 -29.09 31.16
C GLY C 599 -16.18 -30.38 30.41
N THR C 600 -15.32 -30.32 29.39
CA THR C 600 -15.00 -31.52 28.62
C THR C 600 -14.33 -32.57 29.50
N ASN C 601 -13.62 -32.14 30.55
CA ASN C 601 -13.08 -33.08 31.52
C ASN C 601 -14.17 -33.80 32.30
N THR C 602 -15.36 -33.22 32.37
CA THR C 602 -16.49 -33.84 33.07
C THR C 602 -17.25 -34.80 32.15
N SER C 603 -17.76 -34.28 31.04
CA SER C 603 -18.53 -35.10 30.11
C SER C 603 -18.52 -34.43 28.74
N ASN C 604 -18.90 -35.21 27.72
CA ASN C 604 -19.00 -34.71 26.35
C ASN C 604 -20.45 -34.43 25.95
N GLN C 605 -21.40 -34.52 26.87
CA GLN C 605 -22.79 -34.23 26.56
C GLN C 605 -22.95 -32.74 26.27
N VAL C 606 -23.68 -32.42 25.21
CA VAL C 606 -23.85 -31.04 24.76
C VAL C 606 -25.30 -30.77 24.44
N ALA C 607 -25.66 -29.49 24.45
CA ALA C 607 -26.99 -29.04 24.10
C ALA C 607 -26.89 -27.95 23.04
N VAL C 608 -27.85 -27.93 22.13
CA VAL C 608 -27.85 -27.01 21.00
C VAL C 608 -29.02 -26.05 21.16
N LEU C 609 -28.73 -24.76 21.17
CA LEU C 609 -29.74 -23.71 21.29
C LEU C 609 -29.79 -22.94 19.98
N TYR C 610 -30.97 -22.88 19.35
CA TYR C 610 -31.18 -22.10 18.15
C TYR C 610 -31.85 -20.79 18.55
N GLN C 611 -31.17 -19.67 18.29
CA GLN C 611 -31.61 -18.38 18.78
C GLN C 611 -32.76 -17.84 17.94
N GLY C 612 -33.85 -17.48 18.61
CA GLY C 612 -34.96 -16.80 17.96
C GLY C 612 -35.65 -17.57 16.86
N VAL C 613 -35.86 -18.87 17.06
CA VAL C 613 -36.54 -19.70 16.08
C VAL C 613 -37.38 -20.74 16.82
N ASN C 614 -38.66 -20.82 16.44
CA ASN C 614 -39.54 -21.85 17.00
C ASN C 614 -39.07 -23.23 16.56
N CYS C 615 -39.03 -24.18 17.51
CA CYS C 615 -38.66 -25.55 17.19
C CYS C 615 -39.85 -26.41 16.78
N THR C 616 -40.95 -25.79 16.36
CA THR C 616 -41.89 -26.44 15.48
C THR C 616 -41.54 -26.20 14.02
N GLU C 617 -40.60 -25.28 13.76
CA GLU C 617 -40.11 -24.97 12.43
C GLU C 617 -38.77 -25.65 12.15
N VAL C 618 -37.79 -25.48 13.05
CA VAL C 618 -36.51 -26.13 12.85
C VAL C 618 -36.64 -27.65 12.99
N SER C 619 -37.67 -28.13 13.71
CA SER C 619 -37.91 -29.57 13.76
C SER C 619 -38.25 -30.12 12.38
N VAL C 620 -39.19 -29.46 11.68
CA VAL C 620 -39.52 -29.93 10.34
C VAL C 620 -38.39 -29.64 9.37
N ALA C 621 -37.57 -28.63 9.66
CA ALA C 621 -36.37 -28.40 8.86
C ALA C 621 -35.38 -29.56 8.99
N ILE C 622 -35.19 -30.05 10.22
CA ILE C 622 -34.35 -31.23 10.45
C ILE C 622 -34.95 -32.44 9.75
N HIS C 623 -36.27 -32.60 9.86
CA HIS C 623 -36.94 -33.74 9.23
C HIS C 623 -36.77 -33.72 7.71
N ALA C 624 -36.86 -32.53 7.11
CA ALA C 624 -36.64 -32.39 5.68
C ALA C 624 -35.17 -32.27 5.31
N ASP C 625 -34.29 -32.19 6.31
CA ASP C 625 -32.84 -32.13 6.10
C ASP C 625 -32.45 -30.95 5.21
N GLN C 626 -33.11 -29.81 5.41
CA GLN C 626 -32.82 -28.60 4.66
C GLN C 626 -32.06 -27.57 5.50
N LEU C 627 -31.55 -27.95 6.66
CA LEU C 627 -30.84 -27.04 7.54
C LEU C 627 -29.36 -27.02 7.21
N THR C 628 -28.78 -25.83 7.14
CA THR C 628 -27.35 -25.71 6.83
C THR C 628 -26.46 -26.44 7.83
N PRO C 629 -26.70 -26.38 9.16
CA PRO C 629 -25.90 -27.19 10.08
C PRO C 629 -25.80 -28.66 9.67
N THR C 630 -24.58 -29.10 9.37
CA THR C 630 -24.39 -30.49 8.98
C THR C 630 -24.60 -31.44 10.14
N TRP C 631 -24.12 -31.08 11.33
CA TRP C 631 -24.34 -31.92 12.51
C TRP C 631 -25.81 -31.92 12.88
N ARG C 632 -26.33 -33.11 13.19
CA ARG C 632 -27.73 -33.28 13.58
C ARG C 632 -27.74 -33.91 14.98
N VAL C 633 -27.86 -33.06 16.00
CA VAL C 633 -27.87 -33.53 17.37
C VAL C 633 -29.12 -34.35 17.61
N TYR C 634 -28.99 -35.41 18.42
CA TYR C 634 -30.08 -36.34 18.66
C TYR C 634 -31.21 -35.66 19.42
N SER C 635 -32.44 -36.06 19.09
CA SER C 635 -33.64 -35.50 19.70
C SER C 635 -34.63 -36.63 19.91
N THR C 636 -34.97 -36.90 21.17
CA THR C 636 -35.92 -37.95 21.53
C THR C 636 -37.34 -37.42 21.73
N GLY C 637 -37.57 -36.15 21.48
CA GLY C 637 -38.87 -35.52 21.71
C GLY C 637 -39.01 -34.96 23.11
N SER C 638 -38.44 -35.64 24.11
CA SER C 638 -38.46 -35.13 25.47
C SER C 638 -37.46 -34.00 25.68
N ASN C 639 -36.36 -33.99 24.95
CA ASN C 639 -35.30 -33.00 25.11
C ASN C 639 -35.57 -31.85 24.16
N VAL C 640 -36.74 -31.25 24.30
CA VAL C 640 -37.13 -30.07 23.53
C VAL C 640 -37.83 -29.10 24.45
N PHE C 641 -37.30 -27.88 24.55
CA PHE C 641 -37.85 -26.85 25.42
C PHE C 641 -37.88 -25.53 24.66
N GLN C 642 -39.08 -25.08 24.29
CA GLN C 642 -39.25 -23.81 23.59
C GLN C 642 -39.22 -22.66 24.58
N THR C 643 -38.09 -21.96 24.65
CA THR C 643 -37.93 -20.82 25.53
C THR C 643 -38.20 -19.52 24.77
N ARG C 644 -38.05 -18.40 25.48
CA ARG C 644 -38.16 -17.09 24.83
C ARG C 644 -36.88 -16.67 24.13
N ALA C 645 -35.78 -17.40 24.34
CA ALA C 645 -34.52 -17.17 23.65
C ALA C 645 -34.29 -18.16 22.52
N GLY C 646 -35.35 -18.56 21.83
CA GLY C 646 -35.26 -19.64 20.86
C GLY C 646 -35.79 -20.92 21.46
N CYS C 647 -35.01 -22.00 21.38
CA CYS C 647 -35.38 -23.21 22.10
C CYS C 647 -34.14 -24.10 22.22
N LEU C 648 -34.18 -24.97 23.21
CA LEU C 648 -33.06 -25.88 23.51
C LEU C 648 -33.32 -27.25 22.94
N ILE C 649 -32.27 -27.84 22.37
CA ILE C 649 -32.31 -29.19 21.82
C ILE C 649 -31.23 -30.01 22.50
N GLY C 650 -31.61 -31.18 23.02
CA GLY C 650 -30.69 -32.06 23.69
C GLY C 650 -30.65 -31.96 25.20
N ALA C 651 -31.50 -31.13 25.80
CA ALA C 651 -31.58 -31.00 27.25
C ALA C 651 -33.04 -31.06 27.68
N GLU C 652 -33.34 -31.90 28.66
CA GLU C 652 -34.69 -32.02 29.18
C GLU C 652 -34.95 -30.93 30.21
N TYR C 653 -36.16 -30.39 30.19
CA TYR C 653 -36.54 -29.31 31.08
C TYR C 653 -37.12 -29.88 32.37
N VAL C 654 -36.51 -29.54 33.50
CA VAL C 654 -37.01 -29.90 34.82
C VAL C 654 -37.71 -28.68 35.41
N ASN C 655 -38.65 -28.94 36.30
CA ASN C 655 -39.41 -27.86 36.94
C ASN C 655 -38.75 -27.33 38.21
N ASN C 656 -37.64 -27.92 38.63
CA ASN C 656 -36.96 -27.48 39.83
C ASN C 656 -36.24 -26.16 39.58
N SER C 657 -35.79 -25.53 40.67
CA SER C 657 -35.11 -24.24 40.61
C SER C 657 -33.83 -24.29 41.42
N TYR C 658 -32.73 -23.89 40.80
CA TYR C 658 -31.44 -23.78 41.47
C TYR C 658 -30.75 -22.50 41.02
N GLU C 659 -29.70 -22.12 41.73
CA GLU C 659 -28.81 -21.07 41.25
C GLU C 659 -28.11 -21.59 40.00
N CYS C 660 -28.54 -21.12 38.83
CA CYS C 660 -28.18 -21.79 37.59
C CYS C 660 -26.70 -21.59 37.26
N ASP C 661 -26.12 -22.60 36.62
CA ASP C 661 -24.69 -22.67 36.37
C ASP C 661 -24.31 -22.11 35.01
N ILE C 662 -25.03 -22.48 33.95
CA ILE C 662 -24.76 -21.97 32.61
C ILE C 662 -25.92 -21.12 32.13
N PRO C 663 -25.85 -19.80 32.24
CA PRO C 663 -26.95 -18.95 31.79
C PRO C 663 -27.22 -19.14 30.30
N ILE C 664 -28.50 -19.13 29.95
CA ILE C 664 -28.94 -19.20 28.56
C ILE C 664 -29.62 -17.90 28.13
N GLY C 665 -30.52 -17.39 28.95
CA GLY C 665 -31.26 -16.18 28.65
C GLY C 665 -32.76 -16.41 28.72
N ALA C 666 -33.47 -15.30 28.90
CA ALA C 666 -34.93 -15.30 28.92
C ALA C 666 -35.50 -16.21 30.01
N GLY C 667 -34.74 -16.39 31.09
CA GLY C 667 -35.23 -17.06 32.26
C GLY C 667 -34.81 -18.50 32.44
N ILE C 668 -34.03 -19.06 31.53
CA ILE C 668 -33.63 -20.47 31.57
C ILE C 668 -32.12 -20.55 31.61
N CYS C 669 -31.61 -21.48 32.42
CA CYS C 669 -30.21 -21.88 32.38
C CYS C 669 -30.12 -23.39 32.42
N ALA C 670 -29.09 -23.93 31.78
CA ALA C 670 -28.82 -25.35 31.77
C ALA C 670 -27.67 -25.68 32.72
N SER C 671 -27.69 -26.89 33.25
CA SER C 671 -26.64 -27.34 34.14
C SER C 671 -26.50 -28.86 34.04
N TYR C 672 -25.28 -29.34 34.27
CA TYR C 672 -25.02 -30.77 34.23
C TYR C 672 -25.32 -31.35 35.62
N GLN C 673 -26.40 -32.14 35.72
CA GLN C 673 -26.88 -32.65 36.98
C GLN C 673 -27.14 -34.15 36.88
N THR C 674 -26.92 -34.84 37.99
CA THR C 674 -27.14 -36.27 38.06
C THR C 674 -28.63 -36.59 37.97
N GLN C 675 -28.95 -37.63 37.19
CA GLN C 675 -30.32 -38.07 37.00
C GLN C 675 -31.01 -38.39 38.33
N SER C 687 -26.23 -41.77 34.08
CA SER C 687 -26.81 -41.27 35.33
C SER C 687 -26.65 -39.76 35.43
N GLN C 688 -25.99 -39.17 34.44
CA GLN C 688 -25.77 -37.73 34.40
C GLN C 688 -26.22 -37.19 33.04
N SER C 689 -26.81 -36.00 33.06
CA SER C 689 -27.29 -35.36 31.84
C SER C 689 -27.35 -33.86 32.08
N ILE C 690 -27.79 -33.12 31.06
CA ILE C 690 -27.90 -31.67 31.11
C ILE C 690 -29.37 -31.32 31.23
N ILE C 691 -29.71 -30.50 32.23
CA ILE C 691 -31.09 -30.16 32.56
C ILE C 691 -31.23 -28.64 32.53
N ALA C 692 -32.22 -28.16 31.79
CA ALA C 692 -32.55 -26.74 31.76
C ALA C 692 -33.66 -26.44 32.76
N TYR C 693 -33.55 -25.30 33.43
CA TYR C 693 -34.49 -24.94 34.47
C TYR C 693 -34.52 -23.43 34.65
N THR C 694 -35.58 -22.98 35.33
CA THR C 694 -35.75 -21.56 35.63
C THR C 694 -34.77 -21.11 36.72
N MET C 695 -34.35 -19.85 36.64
CA MET C 695 -33.50 -19.28 37.67
C MET C 695 -34.18 -19.34 39.03
N SER C 696 -33.41 -19.74 40.05
CA SER C 696 -33.80 -19.60 41.43
C SER C 696 -33.05 -18.40 42.00
N LEU C 697 -33.79 -17.36 42.38
CA LEU C 697 -33.15 -16.11 42.80
C LEU C 697 -32.53 -16.19 44.18
N GLY C 698 -32.75 -17.27 44.92
CA GLY C 698 -32.17 -17.43 46.23
C GLY C 698 -33.09 -18.25 47.11
N ALA C 699 -32.71 -18.34 48.38
CA ALA C 699 -33.51 -19.08 49.35
C ALA C 699 -34.76 -18.30 49.70
N GLU C 700 -35.92 -18.96 49.58
CA GLU C 700 -37.19 -18.31 49.92
C GLU C 700 -37.25 -18.05 51.41
N ASN C 701 -37.29 -16.78 51.80
CA ASN C 701 -37.26 -16.39 53.20
C ASN C 701 -38.41 -15.45 53.49
N SER C 702 -38.95 -15.55 54.70
CA SER C 702 -40.03 -14.69 55.17
C SER C 702 -39.62 -14.06 56.49
N VAL C 703 -39.75 -12.74 56.58
CA VAL C 703 -39.43 -11.98 57.78
C VAL C 703 -40.68 -11.92 58.65
N ALA C 704 -40.50 -12.01 59.96
CA ALA C 704 -41.58 -12.07 60.93
C ALA C 704 -41.89 -10.71 61.53
N TYR C 705 -41.81 -9.65 60.72
CA TYR C 705 -42.10 -8.31 61.17
C TYR C 705 -43.50 -8.22 61.77
N SER C 706 -43.59 -7.53 62.90
CA SER C 706 -44.86 -7.32 63.60
C SER C 706 -44.86 -5.91 64.18
N ASN C 707 -45.96 -5.57 64.87
CA ASN C 707 -46.09 -4.25 65.45
C ASN C 707 -45.02 -3.99 66.51
N ASN C 708 -44.75 -5.00 67.35
CA ASN C 708 -43.83 -4.83 68.48
C ASN C 708 -42.83 -5.97 68.56
N SER C 709 -42.44 -6.53 67.42
CA SER C 709 -41.46 -7.61 67.38
C SER C 709 -40.17 -7.10 66.77
N ILE C 710 -39.06 -7.25 67.49
CA ILE C 710 -37.75 -6.83 67.03
C ILE C 710 -36.75 -7.95 67.29
N ALA C 711 -35.87 -8.20 66.32
CA ALA C 711 -34.79 -9.16 66.47
C ALA C 711 -33.48 -8.41 66.66
N ILE C 712 -32.73 -8.78 67.69
CA ILE C 712 -31.47 -8.12 68.00
C ILE C 712 -30.39 -9.19 68.15
N PRO C 713 -29.23 -9.03 67.50
CA PRO C 713 -28.20 -10.08 67.57
C PRO C 713 -27.51 -10.09 68.92
N THR C 714 -27.55 -11.25 69.59
CA THR C 714 -26.84 -11.43 70.84
C THR C 714 -25.39 -11.82 70.64
N ASN C 715 -24.95 -11.94 69.38
CA ASN C 715 -23.58 -12.33 69.06
C ASN C 715 -23.22 -11.75 67.70
N PHE C 716 -21.94 -11.76 67.38
CA PHE C 716 -21.47 -11.21 66.13
C PHE C 716 -20.33 -12.07 65.59
N THR C 717 -20.02 -11.89 64.31
CA THR C 717 -18.94 -12.60 63.66
C THR C 717 -18.14 -11.62 62.82
N ILE C 718 -16.87 -11.94 62.60
CA ILE C 718 -15.96 -11.13 61.80
C ILE C 718 -15.52 -11.96 60.61
N SER C 719 -15.72 -11.42 59.41
CA SER C 719 -15.36 -12.10 58.17
C SER C 719 -14.45 -11.19 57.34
N VAL C 720 -13.55 -11.81 56.60
CA VAL C 720 -12.62 -11.07 55.76
C VAL C 720 -12.89 -11.41 54.30
N THR C 721 -13.72 -10.59 53.65
CA THR C 721 -13.98 -10.76 52.23
C THR C 721 -12.85 -10.16 51.42
N THR C 722 -12.85 -10.45 50.12
CA THR C 722 -11.82 -9.97 49.21
C THR C 722 -12.44 -9.32 48.00
N GLU C 723 -11.81 -8.23 47.53
CA GLU C 723 -12.22 -7.55 46.32
C GLU C 723 -11.03 -7.51 45.36
N ILE C 724 -11.27 -7.92 44.11
CA ILE C 724 -10.25 -7.94 43.08
C ILE C 724 -10.52 -6.79 42.12
N LEU C 725 -9.55 -5.89 41.99
CA LEU C 725 -9.73 -4.67 41.19
C LEU C 725 -8.50 -4.46 40.32
N PRO C 726 -8.64 -4.49 38.99
CA PRO C 726 -7.50 -4.17 38.12
C PRO C 726 -7.13 -2.70 38.24
N VAL C 727 -5.84 -2.42 38.06
CA VAL C 727 -5.34 -1.06 38.18
C VAL C 727 -4.72 -0.62 36.85
N SER C 728 -4.18 -1.58 36.12
CA SER C 728 -3.50 -1.29 34.86
C SER C 728 -3.35 -2.58 34.07
N MET C 729 -2.71 -2.47 32.91
CA MET C 729 -2.40 -3.62 32.08
C MET C 729 -1.05 -3.37 31.41
N THR C 730 -0.73 -4.19 30.42
CA THR C 730 0.57 -4.11 29.75
C THR C 730 0.62 -2.87 28.86
N LYS C 731 1.55 -1.97 29.17
CA LYS C 731 1.76 -0.78 28.34
C LYS C 731 2.33 -1.18 26.99
N THR C 732 1.84 -0.54 25.93
CA THR C 732 2.26 -0.84 24.57
C THR C 732 2.66 0.44 23.86
N SER C 733 3.67 0.34 23.01
CA SER C 733 4.21 1.45 22.24
C SER C 733 4.38 1.05 20.77
N VAL C 734 3.31 0.47 20.21
CA VAL C 734 3.28 -0.02 18.83
C VAL C 734 3.87 0.99 17.87
N ASP C 735 4.76 0.53 16.99
CA ASP C 735 5.39 1.39 15.99
C ASP C 735 4.72 1.20 14.64
N CYS C 736 4.79 2.24 13.81
CA CYS C 736 4.15 2.21 12.50
C CYS C 736 4.97 1.43 11.48
N THR C 737 6.21 1.88 11.25
CA THR C 737 6.91 1.51 10.03
C THR C 737 7.26 0.02 10.01
N MET C 738 7.85 -0.49 11.08
CA MET C 738 8.22 -1.90 11.10
C MET C 738 6.99 -2.80 11.05
N TYR C 739 5.92 -2.43 11.77
CA TYR C 739 4.73 -3.28 11.80
C TYR C 739 4.07 -3.34 10.44
N ILE C 740 3.82 -2.19 9.81
CA ILE C 740 3.06 -2.20 8.57
C ILE C 740 3.95 -2.56 7.39
N CYS C 741 5.07 -1.85 7.23
CA CYS C 741 5.98 -2.05 6.10
C CYS C 741 7.32 -2.56 6.64
N GLY C 742 7.46 -3.87 6.76
CA GLY C 742 8.70 -4.45 7.24
C GLY C 742 9.89 -4.06 6.40
N ASP C 743 10.74 -3.18 6.96
CA ASP C 743 11.99 -2.68 6.39
C ASP C 743 11.94 -2.51 4.87
N SER C 744 10.89 -1.88 4.38
CA SER C 744 10.69 -1.68 2.94
C SER C 744 10.64 -0.18 2.66
N THR C 745 11.62 0.31 1.91
CA THR C 745 11.71 1.74 1.65
C THR C 745 10.52 2.23 0.84
N GLU C 746 10.14 1.50 -0.21
CA GLU C 746 9.02 1.93 -1.04
C GLU C 746 7.71 1.88 -0.26
N CYS C 747 7.54 0.88 0.60
CA CYS C 747 6.32 0.80 1.40
C CYS C 747 6.25 1.93 2.40
N SER C 748 7.38 2.27 3.02
CA SER C 748 7.39 3.41 3.94
C SER C 748 7.11 4.71 3.20
N ASN C 749 7.65 4.86 1.99
CA ASN C 749 7.36 6.04 1.19
C ASN C 749 5.87 6.14 0.86
N LEU C 750 5.25 5.01 0.51
CA LEU C 750 3.82 5.02 0.23
C LEU C 750 3.01 5.32 1.49
N LEU C 751 3.45 4.80 2.64
CA LEU C 751 2.78 5.12 3.89
C LEU C 751 2.90 6.60 4.23
N LEU C 752 4.02 7.22 3.87
CA LEU C 752 4.19 8.65 4.10
C LEU C 752 3.13 9.47 3.37
N GLN C 753 2.55 8.92 2.30
CA GLN C 753 1.47 9.58 1.59
C GLN C 753 0.18 9.65 2.40
N TYR C 754 0.09 8.88 3.49
CA TYR C 754 -1.08 8.91 4.37
C TYR C 754 -1.00 10.00 5.43
N GLY C 755 0.07 10.79 5.45
CA GLY C 755 0.20 11.84 6.44
C GLY C 755 0.44 11.30 7.84
N SER C 756 0.05 12.10 8.82
CA SER C 756 0.18 11.72 10.23
C SER C 756 -1.01 10.88 10.68
N PHE C 757 -1.30 9.80 9.94
CA PHE C 757 -2.42 8.93 10.32
C PHE C 757 -2.05 8.03 11.49
N CYS C 758 -0.77 7.67 11.61
CA CYS C 758 -0.34 6.75 12.65
C CYS C 758 0.42 7.43 13.78
N THR C 759 0.93 8.64 13.55
CA THR C 759 1.43 9.44 14.67
C THR C 759 0.34 9.63 15.71
N GLN C 760 -0.92 9.68 15.28
CA GLN C 760 -2.04 9.66 16.21
C GLN C 760 -2.03 8.38 17.04
N LEU C 761 -1.74 7.24 16.42
CA LEU C 761 -1.68 5.98 17.15
C LEU C 761 -0.55 5.99 18.17
N LYS C 762 0.62 6.47 17.76
CA LYS C 762 1.75 6.52 18.69
C LYS C 762 1.45 7.43 19.87
N ARG C 763 0.86 8.61 19.60
CA ARG C 763 0.52 9.53 20.68
C ARG C 763 -0.54 8.94 21.59
N ALA C 764 -1.55 8.25 21.02
CA ALA C 764 -2.60 7.65 21.83
C ALA C 764 -2.03 6.56 22.73
N LEU C 765 -1.14 5.72 22.20
CA LEU C 765 -0.56 4.65 23.02
C LEU C 765 0.36 5.21 24.10
N THR C 766 1.12 6.26 23.78
CA THR C 766 1.93 6.92 24.79
C THR C 766 1.06 7.51 25.89
N GLY C 767 -0.06 8.14 25.51
CA GLY C 767 -0.97 8.66 26.50
C GLY C 767 -1.60 7.56 27.34
N ILE C 768 -1.88 6.41 26.72
CA ILE C 768 -2.41 5.28 27.46
C ILE C 768 -1.41 4.81 28.51
N ALA C 769 -0.14 4.68 28.11
CA ALA C 769 0.89 4.26 29.05
C ALA C 769 1.04 5.27 30.19
N VAL C 770 1.02 6.55 29.86
CA VAL C 770 1.11 7.59 30.89
C VAL C 770 -0.08 7.51 31.84
N GLU C 771 -1.28 7.28 31.27
CA GLU C 771 -2.47 7.17 32.09
C GLU C 771 -2.42 5.96 33.01
N GLN C 772 -1.87 4.85 32.53
CA GLN C 772 -1.75 3.67 33.38
C GLN C 772 -0.73 3.89 34.50
N ASP C 773 0.38 4.58 34.18
CA ASP C 773 1.34 4.92 35.22
C ASP C 773 0.71 5.83 36.28
N LYS C 774 -0.05 6.83 35.82
CA LYS C 774 -0.76 7.70 36.76
C LYS C 774 -1.80 6.92 37.54
N ASN C 775 -2.42 5.91 36.93
CA ASN C 775 -3.38 5.07 37.63
C ASN C 775 -2.71 4.34 38.79
N THR C 776 -1.55 3.74 38.52
CA THR C 776 -0.81 3.07 39.58
C THR C 776 -0.39 4.06 40.67
N GLN C 777 0.08 5.25 40.26
CA GLN C 777 0.50 6.25 41.24
C GLN C 777 -0.67 6.68 42.13
N GLU C 778 -1.82 6.93 41.53
CA GLU C 778 -2.99 7.35 42.29
C GLU C 778 -3.49 6.24 43.21
N VAL C 779 -3.44 5.00 42.73
CA VAL C 779 -4.04 3.91 43.50
C VAL C 779 -3.11 3.42 44.60
N PHE C 780 -1.81 3.70 44.52
CA PHE C 780 -0.89 3.20 45.53
C PHE C 780 -0.19 4.31 46.33
N ALA C 781 0.40 5.29 45.66
CA ALA C 781 1.15 6.34 46.35
C ALA C 781 0.20 7.37 46.98
N GLN C 782 -0.65 6.88 47.87
CA GLN C 782 -1.53 7.73 48.65
C GLN C 782 -0.89 8.25 49.93
N VAL C 783 0.23 7.65 50.35
CA VAL C 783 0.94 8.05 51.56
C VAL C 783 2.31 8.56 51.16
N LYS C 784 2.67 9.75 51.67
CA LYS C 784 3.94 10.38 51.32
C LYS C 784 5.11 9.82 52.10
N GLN C 785 4.87 9.08 53.18
CA GLN C 785 5.93 8.56 54.05
C GLN C 785 5.83 7.05 54.09
N ILE C 786 6.95 6.38 53.84
CA ILE C 786 7.01 4.92 53.86
C ILE C 786 7.15 4.48 55.32
N TYR C 787 6.05 4.00 55.90
CA TYR C 787 6.06 3.55 57.28
C TYR C 787 6.59 2.13 57.37
N LYS C 788 7.16 1.80 58.53
CA LYS C 788 7.71 0.49 58.81
C LYS C 788 7.05 -0.11 60.04
N THR C 789 6.70 -1.39 59.96
CA THR C 789 6.13 -2.09 61.09
C THR C 789 7.18 -2.24 62.19
N PRO C 790 6.75 -2.23 63.46
CA PRO C 790 7.71 -2.45 64.54
C PRO C 790 8.31 -3.85 64.44
N PRO C 791 9.55 -4.01 64.91
CA PRO C 791 10.19 -5.34 64.81
C PRO C 791 9.40 -6.44 65.51
N ILE C 792 8.77 -6.13 66.64
CA ILE C 792 7.89 -7.09 67.30
C ILE C 792 6.51 -7.03 66.67
N LYS C 793 5.81 -8.16 66.64
CA LYS C 793 4.47 -8.27 66.06
C LYS C 793 3.55 -8.94 67.07
N TYR C 794 2.95 -8.13 67.95
CA TYR C 794 1.90 -8.58 68.87
C TYR C 794 0.87 -7.43 68.92
N PHE C 795 -0.12 -7.50 68.04
CA PHE C 795 -1.13 -6.45 67.95
C PHE C 795 -2.39 -6.88 68.71
N GLY C 796 -2.24 -6.95 70.03
CA GLY C 796 -3.35 -7.33 70.89
C GLY C 796 -3.89 -8.73 70.63
N GLY C 797 -3.04 -9.64 70.16
CA GLY C 797 -3.44 -10.99 69.82
C GLY C 797 -3.85 -11.18 68.38
N PHE C 798 -4.01 -10.10 67.62
CA PHE C 798 -4.32 -10.22 66.20
C PHE C 798 -3.09 -10.67 65.43
N ASN C 799 -3.26 -11.69 64.60
CA ASN C 799 -2.16 -12.30 63.86
C ASN C 799 -2.09 -11.64 62.48
N PHE C 800 -0.97 -10.97 62.21
CA PHE C 800 -0.79 -10.21 60.97
C PHE C 800 0.37 -10.72 60.12
N SER C 801 0.96 -11.87 60.46
CA SER C 801 2.07 -12.38 59.69
C SER C 801 1.66 -12.79 58.28
N GLN C 802 0.37 -13.03 58.04
CA GLN C 802 -0.07 -13.43 56.71
C GLN C 802 -0.08 -12.28 55.72
N ILE C 803 -0.32 -11.05 56.19
CA ILE C 803 -0.39 -9.90 55.30
C ILE C 803 0.83 -9.00 55.41
N LEU C 804 1.55 -9.01 56.52
CA LEU C 804 2.79 -8.25 56.59
C LEU C 804 3.89 -8.97 55.80
N PRO C 805 4.77 -8.21 55.15
CA PRO C 805 5.80 -8.85 54.30
C PRO C 805 6.71 -9.76 55.10
N ASP C 806 7.13 -10.86 54.46
CA ASP C 806 8.02 -11.82 55.09
C ASP C 806 9.46 -11.45 54.78
N PRO C 807 10.28 -11.11 55.78
CA PRO C 807 11.67 -10.73 55.50
C PRO C 807 12.50 -11.82 54.84
N SER C 808 12.23 -13.10 55.16
CA SER C 808 13.03 -14.18 54.59
C SER C 808 12.87 -14.27 53.08
N LYS C 809 11.66 -13.99 52.59
CA LYS C 809 11.42 -14.04 51.15
C LYS C 809 12.25 -12.96 50.46
N PRO C 810 13.00 -13.31 49.40
CA PRO C 810 13.83 -12.29 48.73
C PRO C 810 13.02 -11.13 48.17
N SER C 811 11.81 -11.40 47.68
CA SER C 811 10.96 -10.32 47.17
C SER C 811 10.33 -9.48 48.28
N LYS C 812 10.44 -9.92 49.54
CA LYS C 812 9.89 -9.20 50.69
C LYS C 812 8.39 -8.95 50.51
N ARG C 813 7.67 -10.02 50.18
CA ARG C 813 6.23 -9.97 50.00
C ARG C 813 5.56 -10.95 50.94
N SER C 814 4.35 -10.62 51.37
CA SER C 814 3.60 -11.48 52.26
C SER C 814 3.13 -12.73 51.52
N PRO C 815 2.75 -13.78 52.26
CA PRO C 815 2.21 -14.98 51.60
C PRO C 815 1.02 -14.70 50.70
N ILE C 816 0.19 -13.71 51.03
CA ILE C 816 -0.95 -13.40 50.18
C ILE C 816 -0.49 -12.91 48.81
N GLU C 817 0.46 -11.97 48.78
CA GLU C 817 0.96 -11.51 47.49
C GLU C 817 1.78 -12.58 46.79
N ASP C 818 2.41 -13.48 47.55
CA ASP C 818 3.10 -14.61 46.93
C ASP C 818 2.11 -15.51 46.20
N LEU C 819 0.98 -15.84 46.84
CA LEU C 819 -0.05 -16.64 46.17
C LEU C 819 -0.63 -15.88 44.98
N LEU C 820 -0.81 -14.57 45.12
CA LEU C 820 -1.32 -13.76 44.01
C LEU C 820 -0.38 -13.83 42.81
N PHE C 821 0.93 -13.71 43.06
CA PHE C 821 1.89 -13.81 41.98
C PHE C 821 1.92 -15.20 41.37
N ASN C 822 1.86 -16.24 42.21
CA ASN C 822 1.91 -17.61 41.69
C ASN C 822 0.64 -18.00 40.95
N LYS C 823 -0.49 -17.36 41.24
CA LYS C 823 -1.75 -17.68 40.60
C LYS C 823 -2.00 -16.86 39.34
N VAL C 824 -1.13 -15.90 39.02
CA VAL C 824 -1.27 -15.08 37.83
C VAL C 824 -0.09 -15.36 36.93
N THR C 825 -0.36 -15.80 35.70
CA THR C 825 0.66 -16.09 34.72
C THR C 825 0.59 -15.03 33.62
N LEU C 826 1.69 -14.31 33.42
CA LEU C 826 1.75 -13.26 32.41
C LEU C 826 2.27 -13.85 31.10
N ALA C 827 1.49 -13.66 30.03
CA ALA C 827 1.97 -14.07 28.71
C ALA C 827 3.22 -13.27 28.33
N ASP C 828 3.19 -11.95 28.57
CA ASP C 828 4.32 -11.08 28.28
C ASP C 828 4.73 -10.37 29.57
N ALA C 829 5.93 -10.66 30.07
CA ALA C 829 6.45 -9.92 31.21
C ALA C 829 6.89 -8.52 30.80
N GLY C 830 7.46 -8.38 29.61
CA GLY C 830 7.93 -7.09 29.13
C GLY C 830 9.30 -6.67 29.63
N PHE C 831 9.53 -6.77 30.94
CA PHE C 831 10.82 -6.40 31.51
C PHE C 831 11.78 -7.58 31.48
N ILE C 832 11.95 -8.19 30.30
CA ILE C 832 12.76 -9.39 30.18
C ILE C 832 13.94 -9.12 29.25
N LYS C 833 13.77 -8.18 28.32
CA LYS C 833 14.73 -7.97 27.23
C LYS C 833 14.97 -9.29 26.49
N GLN C 834 13.86 -9.90 26.05
CA GLN C 834 13.89 -11.25 25.49
C GLN C 834 14.79 -11.36 24.27
N TYR C 835 15.07 -10.24 23.59
CA TYR C 835 16.00 -10.28 22.47
C TYR C 835 17.34 -10.82 22.90
N GLY C 836 17.85 -11.79 22.14
CA GLY C 836 19.07 -12.51 22.46
C GLY C 836 18.86 -14.00 22.63
N ASP C 837 17.73 -14.39 23.23
CA ASP C 837 17.37 -15.80 23.37
C ASP C 837 16.29 -16.22 22.39
N CYS C 838 15.77 -15.29 21.58
CA CYS C 838 14.84 -15.68 20.52
C CYS C 838 15.52 -16.59 19.51
N LEU C 839 16.77 -16.29 19.16
CA LEU C 839 17.56 -17.21 18.35
C LEU C 839 17.82 -18.50 19.10
N GLY C 840 18.07 -18.41 20.41
CA GLY C 840 18.27 -19.56 21.26
C GLY C 840 17.00 -20.22 21.76
N ASP C 841 15.83 -19.74 21.33
CA ASP C 841 14.57 -20.35 21.72
C ASP C 841 14.48 -21.80 21.24
N ILE C 842 15.24 -22.14 20.19
CA ILE C 842 15.34 -23.50 19.66
C ILE C 842 13.98 -23.97 19.15
N ALA C 843 12.99 -24.05 20.04
CA ALA C 843 11.65 -24.47 19.65
C ALA C 843 10.93 -23.33 18.93
N ALA C 844 9.65 -23.53 18.64
CA ALA C 844 8.85 -22.49 18.03
C ALA C 844 8.78 -21.28 18.95
N ARG C 845 9.20 -20.13 18.45
CA ARG C 845 9.28 -18.95 19.30
C ARG C 845 7.89 -18.53 19.75
N ASP C 846 7.84 -17.95 20.95
CA ASP C 846 6.57 -17.66 21.60
C ASP C 846 6.02 -16.31 21.12
N LEU C 847 4.96 -15.86 21.79
CA LEU C 847 4.30 -14.62 21.41
C LEU C 847 5.25 -13.44 21.52
N ILE C 848 6.16 -13.48 22.49
CA ILE C 848 7.07 -12.34 22.71
C ILE C 848 8.03 -12.20 21.54
N CYS C 849 8.69 -13.30 21.15
CA CYS C 849 9.61 -13.24 20.02
C CYS C 849 8.86 -12.91 18.73
N ALA C 850 7.68 -13.49 18.54
CA ALA C 850 6.90 -13.18 17.34
C ALA C 850 6.55 -11.70 17.27
N GLN C 851 6.11 -11.13 18.40
CA GLN C 851 5.69 -9.73 18.40
C GLN C 851 6.88 -8.80 18.23
N LYS C 852 8.03 -9.13 18.81
CA LYS C 852 9.24 -8.37 18.51
C LYS C 852 9.62 -8.50 17.05
N PHE C 853 9.31 -9.64 16.42
CA PHE C 853 9.58 -9.81 15.01
C PHE C 853 8.68 -8.94 14.14
N ASN C 854 7.41 -8.77 14.50
CA ASN C 854 6.45 -8.12 13.61
C ASN C 854 6.00 -6.78 14.17
N GLY C 855 6.93 -6.01 14.71
CA GLY C 855 6.64 -4.62 15.02
C GLY C 855 5.89 -4.37 16.32
N LEU C 856 5.85 -5.33 17.24
CA LEU C 856 5.14 -5.18 18.50
C LEU C 856 6.17 -5.16 19.62
N THR C 857 5.98 -4.25 20.58
CA THR C 857 6.84 -4.20 21.76
C THR C 857 5.99 -3.80 22.98
N VAL C 858 6.52 -4.10 24.16
CA VAL C 858 5.82 -3.86 25.42
C VAL C 858 6.75 -3.10 26.35
N LEU C 859 6.29 -1.96 26.86
CA LEU C 859 7.03 -1.21 27.85
C LEU C 859 6.74 -1.73 29.26
N PRO C 860 7.68 -1.62 30.18
CA PRO C 860 7.45 -2.07 31.55
C PRO C 860 6.88 -0.94 32.40
N PRO C 861 6.13 -1.27 33.44
CA PRO C 861 5.58 -0.22 34.31
C PRO C 861 6.67 0.54 35.04
N LEU C 862 6.40 1.83 35.27
CA LEU C 862 7.37 2.67 35.96
C LEU C 862 7.63 2.18 37.37
N LEU C 863 6.57 1.77 38.07
CA LEU C 863 6.67 1.30 39.44
C LEU C 863 6.87 -0.21 39.42
N THR C 864 8.01 -0.69 39.91
CA THR C 864 8.27 -2.13 39.87
C THR C 864 7.39 -2.88 40.85
N ASP C 865 7.25 -4.18 40.59
CA ASP C 865 6.42 -5.04 41.44
C ASP C 865 6.97 -5.15 42.85
N GLU C 866 8.25 -4.82 43.06
CA GLU C 866 8.82 -4.84 44.39
C GLU C 866 8.43 -3.59 45.17
N MET C 867 8.59 -2.42 44.54
CA MET C 867 8.23 -1.18 45.22
C MET C 867 6.72 -1.02 45.35
N ILE C 868 5.93 -1.65 44.48
CA ILE C 868 4.49 -1.63 44.67
C ILE C 868 4.12 -2.37 45.96
N ALA C 869 4.77 -3.51 46.19
CA ALA C 869 4.63 -4.20 47.47
C ALA C 869 5.19 -3.37 48.62
N GLN C 870 6.22 -2.57 48.36
CA GLN C 870 6.74 -1.67 49.40
C GLN C 870 5.71 -0.61 49.79
N TYR C 871 5.03 -0.03 48.80
CA TYR C 871 3.93 0.89 49.09
C TYR C 871 2.82 0.18 49.86
N THR C 872 2.48 -1.04 49.47
CA THR C 872 1.48 -1.81 50.20
C THR C 872 1.91 -2.04 51.65
N SER C 873 3.19 -2.37 51.86
CA SER C 873 3.71 -2.59 53.20
C SER C 873 3.64 -1.32 54.03
N ALA C 874 4.00 -0.18 53.44
CA ALA C 874 3.91 1.09 54.16
C ALA C 874 2.46 1.39 54.54
N LEU C 875 1.53 1.18 53.61
CA LEU C 875 0.12 1.40 53.90
C LEU C 875 -0.35 0.48 55.03
N LEU C 876 0.06 -0.79 54.99
CA LEU C 876 -0.32 -1.73 56.03
C LEU C 876 0.24 -1.31 57.38
N ALA C 877 1.51 -0.91 57.41
CA ALA C 877 2.11 -0.47 58.67
C ALA C 877 1.37 0.74 59.22
N GLY C 878 1.04 1.70 58.35
CA GLY C 878 0.28 2.84 58.81
C GLY C 878 -1.08 2.46 59.36
N THR C 879 -1.80 1.62 58.63
CA THR C 879 -3.17 1.29 59.00
C THR C 879 -3.27 0.32 60.17
N ILE C 880 -2.19 -0.36 60.53
CA ILE C 880 -2.19 -1.24 61.69
C ILE C 880 -1.37 -0.70 62.87
N THR C 881 -0.68 0.43 62.71
CA THR C 881 0.03 1.02 63.83
C THR C 881 -0.44 2.42 64.20
N SER C 882 -1.16 3.12 63.32
CA SER C 882 -1.60 4.48 63.60
C SER C 882 -3.07 4.70 63.29
N GLY C 883 -3.84 3.63 63.08
CA GLY C 883 -5.24 3.80 62.76
C GLY C 883 -5.42 4.51 61.43
N TRP C 884 -6.41 5.40 61.37
CA TRP C 884 -6.66 6.22 60.20
C TRP C 884 -6.03 7.61 60.32
N THR C 885 -5.31 7.87 61.40
CA THR C 885 -4.70 9.19 61.59
C THR C 885 -3.66 9.49 60.52
N PHE C 886 -2.86 8.49 60.15
CA PHE C 886 -1.83 8.71 59.13
C PHE C 886 -2.42 9.00 57.77
N GLY C 887 -3.68 8.62 57.53
CA GLY C 887 -4.34 8.96 56.28
C GLY C 887 -4.76 10.42 56.20
N ALA C 888 -4.85 11.10 57.34
CA ALA C 888 -5.23 12.50 57.38
C ALA C 888 -4.01 13.41 57.56
N GLY C 889 -3.22 13.18 58.60
CA GLY C 889 -2.05 13.98 58.86
C GLY C 889 -0.89 13.14 59.37
N PRO C 890 -0.25 13.61 60.45
CA PRO C 890 0.86 12.84 61.02
C PRO C 890 0.39 11.51 61.58
N ALA C 891 1.26 10.50 61.49
CA ALA C 891 0.93 9.18 62.00
C ALA C 891 1.00 9.18 63.52
N LEU C 892 -0.14 8.95 64.17
CA LEU C 892 -0.23 8.92 65.62
C LEU C 892 -0.37 7.47 66.06
N GLN C 893 0.66 6.95 66.73
CA GLN C 893 0.63 5.55 67.16
C GLN C 893 -0.49 5.33 68.17
N ILE C 894 -1.11 4.16 68.08
CA ILE C 894 -2.26 3.81 68.92
C ILE C 894 -2.33 2.29 69.01
N PRO C 895 -2.58 1.72 70.19
CA PRO C 895 -2.67 0.25 70.29
C PRO C 895 -3.75 -0.30 69.37
N PHE C 896 -3.44 -1.46 68.79
CA PHE C 896 -4.38 -2.10 67.88
C PHE C 896 -5.72 -2.45 68.54
N PRO C 897 -5.78 -2.97 69.78
CA PRO C 897 -7.10 -3.14 70.41
C PRO C 897 -7.86 -1.83 70.53
N MET C 898 -7.18 -0.73 70.85
CA MET C 898 -7.85 0.56 70.91
C MET C 898 -8.38 0.97 69.55
N GLN C 899 -7.59 0.75 68.50
CA GLN C 899 -8.04 1.09 67.15
C GLN C 899 -9.25 0.28 66.73
N MET C 900 -9.23 -1.03 67.00
CA MET C 900 -10.38 -1.86 66.66
C MET C 900 -11.60 -1.46 67.49
N ALA C 901 -11.39 -1.10 68.76
CA ALA C 901 -12.50 -0.63 69.59
C ALA C 901 -13.08 0.65 69.02
N TYR C 902 -12.24 1.53 68.49
CA TYR C 902 -12.75 2.78 67.90
C TYR C 902 -13.45 2.52 66.57
N ARG C 903 -13.01 1.52 65.81
CA ARG C 903 -13.79 1.10 64.64
C ARG C 903 -15.17 0.59 65.07
N PHE C 904 -15.22 -0.19 66.15
CA PHE C 904 -16.50 -0.62 66.70
C PHE C 904 -17.35 0.58 67.08
N ASN C 905 -16.75 1.57 67.74
CA ASN C 905 -17.49 2.77 68.12
C ASN C 905 -18.01 3.50 66.89
N GLY C 906 -17.21 3.55 65.83
CA GLY C 906 -17.65 4.17 64.59
C GLY C 906 -18.75 3.41 63.90
N ILE C 907 -18.86 2.11 64.16
CA ILE C 907 -19.91 1.30 63.55
C ILE C 907 -21.13 1.18 64.47
N GLY C 908 -21.24 2.05 65.47
CA GLY C 908 -22.42 2.10 66.32
C GLY C 908 -22.45 1.14 67.47
N VAL C 909 -21.32 0.55 67.84
CA VAL C 909 -21.24 -0.33 69.00
C VAL C 909 -20.08 0.10 69.90
N THR C 910 -20.37 0.20 71.20
CA THR C 910 -19.40 0.73 72.15
C THR C 910 -18.24 -0.25 72.38
N GLN C 911 -17.10 0.30 72.82
CA GLN C 911 -15.85 -0.43 72.88
C GLN C 911 -15.88 -1.57 73.90
N ASN C 912 -16.86 -1.58 74.80
CA ASN C 912 -16.91 -2.60 75.83
C ASN C 912 -17.13 -4.00 75.26
N VAL C 913 -17.94 -4.12 74.21
CA VAL C 913 -18.17 -5.44 73.62
C VAL C 913 -16.87 -6.03 73.09
N LEU C 914 -16.01 -5.17 72.53
CA LEU C 914 -14.71 -5.63 72.08
C LEU C 914 -13.80 -5.96 73.25
N TYR C 915 -13.75 -5.07 74.24
CA TYR C 915 -12.82 -5.25 75.35
C TYR C 915 -13.19 -6.42 76.25
N GLU C 916 -14.44 -6.88 76.19
CA GLU C 916 -14.81 -8.12 76.88
C GLU C 916 -14.57 -9.36 76.04
N ASN C 917 -14.64 -9.26 74.72
CA ASN C 917 -14.45 -10.39 73.81
C ASN C 917 -13.27 -10.17 72.87
N GLN C 918 -12.19 -9.59 73.41
CA GLN C 918 -10.99 -9.38 72.60
C GLN C 918 -10.42 -10.71 72.13
N LYS C 919 -10.40 -11.72 73.00
CA LYS C 919 -9.88 -13.03 72.63
C LYS C 919 -10.70 -13.63 71.49
N LEU C 920 -12.03 -13.57 71.60
CA LEU C 920 -12.89 -14.12 70.56
C LEU C 920 -12.71 -13.37 69.24
N ILE C 921 -12.62 -12.04 69.31
CA ILE C 921 -12.43 -11.26 68.09
C ILE C 921 -11.10 -11.61 67.43
N ALA C 922 -10.05 -11.73 68.22
CA ALA C 922 -8.74 -12.08 67.67
C ALA C 922 -8.77 -13.48 67.04
N ASN C 923 -9.42 -14.43 67.71
CA ASN C 923 -9.48 -15.79 67.17
C ASN C 923 -10.27 -15.83 65.87
N GLN C 924 -11.39 -15.11 65.81
CA GLN C 924 -12.18 -15.07 64.58
C GLN C 924 -11.39 -14.40 63.46
N PHE C 925 -10.66 -13.33 63.78
CA PHE C 925 -9.85 -12.65 62.79
C PHE C 925 -8.77 -13.58 62.25
N ASN C 926 -8.10 -14.31 63.14
CA ASN C 926 -7.06 -15.24 62.71
C ASN C 926 -7.64 -16.36 61.85
N SER C 927 -8.81 -16.88 62.24
CA SER C 927 -9.45 -17.94 61.45
C SER C 927 -9.81 -17.45 60.06
N ALA C 928 -10.39 -16.25 59.97
CA ALA C 928 -10.76 -15.72 58.66
C ALA C 928 -9.52 -15.45 57.81
N ILE C 929 -8.46 -14.93 58.42
CA ILE C 929 -7.24 -14.63 57.67
C ILE C 929 -6.58 -15.92 57.18
N GLY C 930 -6.65 -16.97 57.99
CA GLY C 930 -6.14 -18.26 57.54
C GLY C 930 -6.99 -18.85 56.43
N LYS C 931 -8.31 -18.72 56.53
CA LYS C 931 -9.20 -19.37 55.57
C LYS C 931 -9.25 -18.64 54.22
N ILE C 932 -9.00 -17.32 54.20
CA ILE C 932 -9.00 -16.64 52.90
C ILE C 932 -7.84 -17.12 52.05
N GLN C 933 -6.68 -17.39 52.68
CA GLN C 933 -5.55 -17.94 51.95
C GLN C 933 -5.89 -19.28 51.32
N ASP C 934 -6.53 -20.17 52.08
CA ASP C 934 -6.92 -21.46 51.55
C ASP C 934 -7.99 -21.33 50.46
N SER C 935 -8.91 -20.38 50.62
CA SER C 935 -9.90 -20.15 49.57
C SER C 935 -9.24 -19.71 48.28
N LEU C 936 -8.29 -18.78 48.36
CA LEU C 936 -7.56 -18.36 47.17
C LEU C 936 -6.76 -19.52 46.58
N PHE C 937 -6.16 -20.35 47.42
CA PHE C 937 -5.34 -21.45 46.94
C PHE C 937 -6.19 -22.49 46.21
N SER C 938 -7.35 -22.84 46.76
CA SER C 938 -8.14 -23.95 46.24
C SER C 938 -9.18 -23.53 45.21
N THR C 939 -9.51 -22.23 45.12
CA THR C 939 -10.49 -21.79 44.15
C THR C 939 -9.94 -21.95 42.73
N PRO C 940 -10.81 -22.21 41.75
CA PRO C 940 -10.36 -22.27 40.36
C PRO C 940 -9.78 -20.95 39.88
N SER C 941 -10.54 -19.87 40.00
CA SER C 941 -10.05 -18.54 39.62
C SER C 941 -10.80 -17.50 40.44
N ALA C 942 -10.19 -17.05 41.54
CA ALA C 942 -10.65 -15.86 42.23
C ALA C 942 -9.93 -14.60 41.77
N LEU C 943 -8.91 -14.75 40.91
CA LEU C 943 -8.25 -13.64 40.24
C LEU C 943 -8.84 -13.37 38.87
N GLY C 944 -10.15 -13.60 38.73
CA GLY C 944 -10.77 -13.56 37.41
C GLY C 944 -10.60 -12.23 36.71
N LYS C 945 -10.73 -11.12 37.46
CA LYS C 945 -10.63 -9.80 36.84
C LYS C 945 -9.24 -9.57 36.23
N LEU C 946 -8.20 -9.80 37.03
CA LEU C 946 -6.83 -9.60 36.54
C LEU C 946 -6.49 -10.56 35.42
N GLN C 947 -6.89 -11.83 35.57
CA GLN C 947 -6.60 -12.82 34.53
C GLN C 947 -7.32 -12.48 33.24
N ASP C 948 -8.57 -12.02 33.33
CA ASP C 948 -9.30 -11.59 32.13
C ASP C 948 -8.64 -10.40 31.48
N VAL C 949 -8.16 -9.44 32.28
CA VAL C 949 -7.47 -8.28 31.72
C VAL C 949 -6.23 -8.72 30.96
N VAL C 950 -5.40 -9.55 31.60
CA VAL C 950 -4.16 -10.01 30.97
C VAL C 950 -4.45 -10.81 29.71
N ASN C 951 -5.46 -11.69 29.78
CA ASN C 951 -5.85 -12.47 28.61
C ASN C 951 -6.36 -11.57 27.50
N HIS C 952 -7.06 -10.49 27.85
CA HIS C 952 -7.54 -9.55 26.84
C HIS C 952 -6.38 -8.88 26.13
N ASN C 953 -5.38 -8.40 26.88
CA ASN C 953 -4.22 -7.79 26.21
C ASN C 953 -3.48 -8.80 25.34
N ALA C 954 -3.28 -10.02 25.87
CA ALA C 954 -2.56 -11.04 25.11
C ALA C 954 -3.30 -11.41 23.84
N GLN C 955 -4.62 -11.57 23.92
CA GLN C 955 -5.42 -11.92 22.76
C GLN C 955 -5.47 -10.79 21.75
N ALA C 956 -5.53 -9.54 22.23
CA ALA C 956 -5.48 -8.41 21.32
C ALA C 956 -4.17 -8.37 20.55
N LEU C 957 -3.05 -8.59 21.26
CA LEU C 957 -1.76 -8.62 20.58
C LEU C 957 -1.67 -9.79 19.60
N ASN C 958 -2.22 -10.95 19.99
CA ASN C 958 -2.19 -12.11 19.12
C ASN C 958 -2.98 -11.87 17.84
N THR C 959 -4.16 -11.27 17.95
CA THR C 959 -4.94 -10.93 16.77
C THR C 959 -4.23 -9.87 15.94
N LEU C 960 -3.61 -8.89 16.59
CA LEU C 960 -2.85 -7.86 15.90
C LEU C 960 -1.76 -8.47 15.03
N VAL C 961 -0.98 -9.39 15.61
CA VAL C 961 0.10 -10.01 14.85
C VAL C 961 -0.42 -11.07 13.89
N LYS C 962 -1.63 -11.58 14.10
CA LYS C 962 -2.21 -12.52 13.15
C LYS C 962 -2.73 -11.82 11.90
N GLN C 963 -3.17 -10.56 12.04
CA GLN C 963 -3.66 -9.83 10.89
C GLN C 963 -2.60 -9.62 9.82
N LEU C 964 -1.31 -9.75 10.18
CA LEU C 964 -0.25 -9.62 9.19
C LEU C 964 -0.32 -10.71 8.13
N SER C 965 -0.82 -11.89 8.47
CA SER C 965 -0.91 -13.00 7.53
C SER C 965 -2.16 -12.92 6.66
N SER C 966 -3.04 -11.96 6.90
CA SER C 966 -4.26 -11.84 6.11
C SER C 966 -3.93 -11.27 4.73
N LYS C 967 -4.57 -11.83 3.71
CA LYS C 967 -4.33 -11.34 2.34
C LYS C 967 -4.94 -9.96 2.14
N PHE C 968 -6.03 -9.65 2.84
CA PHE C 968 -6.74 -8.38 2.72
C PHE C 968 -7.19 -8.12 1.29
N GLY C 969 -7.55 -9.18 0.57
CA GLY C 969 -7.99 -9.04 -0.81
C GLY C 969 -6.92 -8.59 -1.78
N ALA C 970 -5.71 -9.15 -1.66
CA ALA C 970 -4.60 -8.81 -2.55
C ALA C 970 -3.98 -10.10 -3.08
N ILE C 971 -2.90 -9.94 -3.85
CA ILE C 971 -2.22 -11.09 -4.44
C ILE C 971 -1.60 -11.97 -3.36
N SER C 972 -0.92 -11.35 -2.40
CA SER C 972 -0.22 -12.10 -1.36
C SER C 972 -0.12 -11.24 -0.11
N SER C 973 0.15 -11.91 1.01
CA SER C 973 0.33 -11.25 2.30
C SER C 973 1.81 -11.00 2.62
N VAL C 974 2.70 -11.25 1.66
CA VAL C 974 4.13 -11.04 1.85
C VAL C 974 4.54 -9.82 1.05
N LEU C 975 5.09 -8.82 1.74
CA LEU C 975 5.45 -7.56 1.08
C LEU C 975 6.56 -7.79 0.05
N ASN C 976 7.51 -8.67 0.37
CA ASN C 976 8.55 -8.99 -0.60
C ASN C 976 7.97 -9.76 -1.78
N ASP C 977 7.02 -10.67 -1.53
CA ASP C 977 6.45 -11.47 -2.60
C ASP C 977 5.65 -10.62 -3.57
N ILE C 978 4.85 -9.67 -3.07
CA ILE C 978 4.05 -8.85 -3.97
C ILE C 978 4.93 -7.98 -4.85
N LEU C 979 6.09 -7.54 -4.35
CA LEU C 979 7.06 -6.82 -5.18
C LEU C 979 7.75 -7.73 -6.18
N SER C 980 8.13 -8.94 -5.75
CA SER C 980 8.85 -9.88 -6.62
C SER C 980 7.93 -10.54 -7.64
N ARG C 981 6.67 -10.12 -7.71
CA ARG C 981 5.73 -10.64 -8.70
C ARG C 981 5.13 -9.56 -9.59
N LEU C 982 4.91 -8.35 -9.07
CA LEU C 982 4.42 -7.23 -9.85
C LEU C 982 5.36 -6.06 -9.68
N ASP C 983 5.75 -5.44 -10.79
CA ASP C 983 6.60 -4.26 -10.75
C ASP C 983 5.82 -3.15 -10.05
N PRO C 984 6.45 -2.38 -9.16
CA PRO C 984 5.70 -1.43 -8.31
C PRO C 984 4.74 -0.54 -9.07
N PRO C 985 5.03 -0.14 -10.32
CA PRO C 985 4.01 0.61 -11.07
C PRO C 985 2.66 -0.09 -11.16
N GLU C 986 2.63 -1.43 -11.26
CA GLU C 986 1.37 -2.17 -11.20
C GLU C 986 1.15 -2.86 -9.86
N ALA C 987 2.09 -2.76 -8.93
CA ALA C 987 1.96 -3.37 -7.61
C ALA C 987 1.55 -2.37 -6.54
N GLU C 988 1.54 -1.07 -6.85
CA GLU C 988 1.19 -0.07 -5.85
C GLU C 988 -0.27 -0.20 -5.43
N VAL C 989 -1.13 -0.75 -6.27
CA VAL C 989 -2.52 -0.97 -5.87
C VAL C 989 -2.58 -1.99 -4.74
N GLN C 990 -1.85 -3.10 -4.88
CA GLN C 990 -1.83 -4.10 -3.80
C GLN C 990 -1.06 -3.59 -2.59
N ILE C 991 -0.04 -2.77 -2.80
CA ILE C 991 0.67 -2.14 -1.68
C ILE C 991 -0.29 -1.28 -0.88
N ASP C 992 -1.11 -0.48 -1.58
CA ASP C 992 -2.09 0.37 -0.92
C ASP C 992 -3.15 -0.48 -0.23
N ARG C 993 -3.53 -1.61 -0.85
CA ARG C 993 -4.49 -2.52 -0.23
C ARG C 993 -3.96 -3.05 1.10
N LEU C 994 -2.72 -3.54 1.11
CA LEU C 994 -2.11 -4.00 2.36
C LEU C 994 -1.99 -2.85 3.36
N ILE C 995 -1.62 -1.66 2.87
CA ILE C 995 -1.48 -0.49 3.74
C ILE C 995 -2.79 -0.20 4.45
N THR C 996 -3.88 -0.12 3.69
CA THR C 996 -5.16 0.24 4.30
C THR C 996 -5.70 -0.87 5.19
N GLY C 997 -5.47 -2.13 4.81
CA GLY C 997 -5.90 -3.22 5.67
C GLY C 997 -5.19 -3.22 7.00
N ARG C 998 -3.86 -3.07 6.98
CA ARG C 998 -3.11 -3.05 8.23
C ARG C 998 -3.39 -1.78 9.02
N LEU C 999 -3.60 -0.65 8.34
CA LEU C 999 -3.96 0.58 9.03
C LEU C 999 -5.29 0.44 9.76
N GLN C 1000 -6.29 -0.16 9.09
CA GLN C 1000 -7.59 -0.34 9.73
C GLN C 1000 -7.51 -1.34 10.87
N SER C 1001 -6.71 -2.39 10.71
CA SER C 1001 -6.53 -3.35 11.81
C SER C 1001 -5.88 -2.68 13.02
N LEU C 1002 -4.83 -1.90 12.80
CA LEU C 1002 -4.18 -1.18 13.88
C LEU C 1002 -5.12 -0.14 14.49
N GLN C 1003 -5.96 0.49 13.65
CA GLN C 1003 -6.93 1.45 14.15
C GLN C 1003 -7.92 0.76 15.09
N THR C 1004 -8.40 -0.42 14.70
CA THR C 1004 -9.29 -1.19 15.56
C THR C 1004 -8.60 -1.58 16.85
N TYR C 1005 -7.35 -2.03 16.77
CA TYR C 1005 -6.63 -2.42 17.98
C TYR C 1005 -6.45 -1.23 18.92
N VAL C 1006 -6.10 -0.07 18.37
CA VAL C 1006 -5.85 1.10 19.19
C VAL C 1006 -7.16 1.61 19.80
N THR C 1007 -8.25 1.57 19.04
CA THR C 1007 -9.53 1.98 19.60
C THR C 1007 -9.97 1.04 20.72
N GLN C 1008 -9.79 -0.27 20.52
CA GLN C 1008 -10.14 -1.21 21.58
C GLN C 1008 -9.25 -1.02 22.80
N GLN C 1009 -7.97 -0.72 22.59
CA GLN C 1009 -7.08 -0.43 23.70
C GLN C 1009 -7.50 0.84 24.43
N LEU C 1010 -7.94 1.85 23.69
CA LEU C 1010 -8.43 3.07 24.32
C LEU C 1010 -9.67 2.79 25.16
N ILE C 1011 -10.58 1.97 24.64
CA ILE C 1011 -11.80 1.62 25.37
C ILE C 1011 -11.44 0.86 26.65
N ARG C 1012 -10.56 -0.14 26.52
CA ARG C 1012 -10.14 -0.91 27.69
C ARG C 1012 -9.37 -0.03 28.67
N ALA C 1013 -8.63 0.96 28.17
CA ALA C 1013 -7.90 1.86 29.06
C ALA C 1013 -8.86 2.77 29.82
N ALA C 1014 -9.92 3.22 29.16
CA ALA C 1014 -10.95 3.99 29.87
C ALA C 1014 -11.61 3.14 30.95
N GLU C 1015 -11.93 1.88 30.62
CA GLU C 1015 -12.54 0.99 31.61
C GLU C 1015 -11.59 0.74 32.77
N ILE C 1016 -10.31 0.54 32.48
CA ILE C 1016 -9.30 0.31 33.51
C ILE C 1016 -9.09 1.57 34.34
N ARG C 1017 -9.16 2.74 33.72
CA ARG C 1017 -9.05 3.98 34.48
C ARG C 1017 -10.23 4.12 35.44
N ALA C 1018 -11.43 3.77 34.98
CA ALA C 1018 -12.59 3.78 35.88
C ALA C 1018 -12.39 2.79 37.04
N SER C 1019 -11.94 1.58 36.72
CA SER C 1019 -11.73 0.57 37.76
C SER C 1019 -10.65 1.01 38.75
N ALA C 1020 -9.58 1.63 38.26
CA ALA C 1020 -8.49 2.05 39.12
C ALA C 1020 -8.88 3.27 39.95
N ASN C 1021 -9.71 4.16 39.41
CA ASN C 1021 -10.24 5.25 40.22
C ASN C 1021 -11.15 4.72 41.33
N LEU C 1022 -11.97 3.71 41.00
CA LEU C 1022 -12.76 3.06 42.03
C LEU C 1022 -11.87 2.42 43.09
N ALA C 1023 -10.78 1.77 42.65
CA ALA C 1023 -9.86 1.15 43.59
C ALA C 1023 -9.17 2.19 44.46
N ALA C 1024 -8.79 3.32 43.88
CA ALA C 1024 -8.16 4.39 44.65
C ALA C 1024 -9.12 4.98 45.67
N THR C 1025 -10.38 5.17 45.28
CA THR C 1025 -11.38 5.62 46.23
C THR C 1025 -11.58 4.61 47.35
N LYS C 1026 -11.64 3.32 47.00
CA LYS C 1026 -11.76 2.27 48.00
C LYS C 1026 -10.58 2.30 48.96
N MET C 1027 -9.37 2.50 48.42
CA MET C 1027 -8.20 2.66 49.28
C MET C 1027 -8.35 3.82 50.23
N SER C 1028 -8.61 5.01 49.68
CA SER C 1028 -8.64 6.23 50.48
C SER C 1028 -9.77 6.23 51.49
N GLU C 1029 -10.80 5.41 51.29
CA GLU C 1029 -11.91 5.35 52.23
C GLU C 1029 -11.80 4.20 53.21
N CYS C 1030 -11.73 2.96 52.71
CA CYS C 1030 -11.72 1.79 53.59
C CYS C 1030 -10.35 1.55 54.23
N VAL C 1031 -9.26 1.87 53.55
CA VAL C 1031 -7.94 1.63 54.12
C VAL C 1031 -7.56 2.73 55.11
N LEU C 1032 -7.52 3.97 54.62
CA LEU C 1032 -7.13 5.09 55.48
C LEU C 1032 -8.34 5.65 56.22
N GLY C 1033 -9.11 4.79 56.85
CA GLY C 1033 -10.33 5.21 57.51
C GLY C 1033 -11.37 4.12 57.45
N GLN C 1034 -12.51 4.40 58.07
CA GLN C 1034 -13.67 3.51 58.03
C GLN C 1034 -14.81 4.22 57.31
N SER C 1035 -15.39 3.55 56.32
CA SER C 1035 -16.43 4.15 55.49
C SER C 1035 -17.80 3.78 56.03
N LYS C 1036 -18.65 4.79 56.23
CA LYS C 1036 -20.01 4.55 56.69
C LYS C 1036 -20.89 3.95 55.59
N ARG C 1037 -20.48 4.07 54.32
CA ARG C 1037 -21.26 3.52 53.23
C ARG C 1037 -21.20 2.00 53.27
N VAL C 1038 -22.37 1.36 53.06
CA VAL C 1038 -22.43 -0.13 53.20
C VAL C 1038 -22.05 -0.80 51.88
N ASP C 1039 -21.65 -2.09 51.94
CA ASP C 1039 -21.30 -2.86 50.72
C ASP C 1039 -20.04 -2.27 50.06
N PHE C 1040 -19.82 -0.96 50.17
CA PHE C 1040 -18.69 -0.37 49.47
C PHE C 1040 -17.39 -1.06 49.86
N CYS C 1041 -17.15 -1.23 51.16
CA CYS C 1041 -15.97 -1.95 51.65
C CYS C 1041 -16.36 -3.35 52.11
N GLY C 1042 -16.82 -4.14 51.16
CA GLY C 1042 -17.23 -5.51 51.43
C GLY C 1042 -18.64 -5.59 52.02
N LYS C 1043 -19.17 -6.81 52.01
CA LYS C 1043 -20.50 -7.04 52.56
C LYS C 1043 -20.47 -6.92 54.08
N GLY C 1044 -21.55 -6.41 54.64
CA GLY C 1044 -21.65 -6.24 56.08
C GLY C 1044 -21.07 -4.92 56.54
N TYR C 1045 -21.18 -4.69 57.84
CA TYR C 1045 -20.63 -3.47 58.44
C TYR C 1045 -19.11 -3.49 58.32
N HIS C 1046 -18.56 -2.43 57.73
CA HIS C 1046 -17.13 -2.39 57.44
C HIS C 1046 -16.32 -2.05 58.69
N LEU C 1047 -15.20 -2.74 58.85
CA LEU C 1047 -14.25 -2.47 59.93
C LEU C 1047 -12.89 -2.04 59.39
N MET C 1048 -12.33 -2.80 58.46
CA MET C 1048 -10.99 -2.53 57.96
C MET C 1048 -10.89 -3.02 56.52
N SER C 1049 -9.73 -2.77 55.92
CA SER C 1049 -9.41 -3.30 54.60
C SER C 1049 -7.89 -3.23 54.42
N PHE C 1050 -7.28 -4.40 54.29
CA PHE C 1050 -5.83 -4.49 54.15
C PHE C 1050 -5.46 -4.80 52.71
N PRO C 1051 -4.79 -3.89 52.02
CA PRO C 1051 -4.45 -4.10 50.61
C PRO C 1051 -3.32 -5.11 50.42
N GLN C 1052 -3.35 -5.74 49.25
CA GLN C 1052 -2.29 -6.65 48.84
C GLN C 1052 -1.98 -6.41 47.37
N SER C 1053 -0.69 -6.27 47.05
CA SER C 1053 -0.29 -6.02 45.68
C SER C 1053 -0.57 -7.23 44.80
N ALA C 1054 -1.02 -6.96 43.58
CA ALA C 1054 -1.36 -8.00 42.63
C ALA C 1054 -0.80 -7.62 41.28
N PRO C 1055 -0.53 -8.59 40.40
CA PRO C 1055 -0.06 -8.26 39.04
C PRO C 1055 -1.07 -7.41 38.28
N HIS C 1056 -0.69 -6.16 37.99
CA HIS C 1056 -1.54 -5.23 37.26
C HIS C 1056 -2.89 -5.04 37.94
N GLY C 1057 -2.88 -4.98 39.26
CA GLY C 1057 -4.12 -4.80 40.01
C GLY C 1057 -3.84 -4.75 41.49
N VAL C 1058 -4.92 -4.59 42.25
CA VAL C 1058 -4.86 -4.54 43.70
C VAL C 1058 -5.91 -5.49 44.27
N VAL C 1059 -5.68 -5.94 45.50
CA VAL C 1059 -6.58 -6.86 46.20
C VAL C 1059 -6.81 -6.32 47.60
N PHE C 1060 -8.08 -6.14 47.95
CA PHE C 1060 -8.47 -5.60 49.25
C PHE C 1060 -8.94 -6.73 50.15
N LEU C 1061 -8.48 -6.72 51.40
CA LEU C 1061 -8.93 -7.68 52.42
C LEU C 1061 -9.90 -6.95 53.34
N HIS C 1062 -11.17 -6.86 52.92
CA HIS C 1062 -12.18 -6.12 53.67
C HIS C 1062 -12.56 -6.88 54.91
N VAL C 1063 -12.07 -6.44 56.06
CA VAL C 1063 -12.46 -7.00 57.35
C VAL C 1063 -13.76 -6.33 57.77
N THR C 1064 -14.84 -7.11 57.85
CA THR C 1064 -16.17 -6.57 58.07
C THR C 1064 -16.78 -7.18 59.32
N TYR C 1065 -17.59 -6.38 60.01
CA TYR C 1065 -18.33 -6.81 61.19
C TYR C 1065 -19.71 -7.24 60.75
N VAL C 1066 -20.05 -8.49 61.00
CA VAL C 1066 -21.31 -9.08 60.55
C VAL C 1066 -22.03 -9.63 61.78
N PRO C 1067 -23.30 -9.30 62.00
CA PRO C 1067 -24.03 -9.84 63.15
C PRO C 1067 -24.18 -11.35 63.06
N ALA C 1068 -24.80 -11.90 64.09
CA ALA C 1068 -24.91 -13.35 64.27
C ALA C 1068 -26.25 -13.64 64.93
N GLN C 1069 -26.37 -14.83 65.51
CA GLN C 1069 -27.60 -15.33 66.11
C GLN C 1069 -28.39 -14.24 66.82
N GLU C 1070 -29.68 -14.15 66.49
CA GLU C 1070 -30.56 -13.11 66.98
C GLU C 1070 -31.83 -13.73 67.56
N LYS C 1071 -32.46 -12.99 68.47
CA LYS C 1071 -33.66 -13.45 69.17
C LYS C 1071 -34.70 -12.34 69.18
N ASN C 1072 -35.95 -12.70 68.85
CA ASN C 1072 -37.06 -11.78 69.09
C ASN C 1072 -37.20 -11.55 70.59
N PHE C 1073 -37.32 -10.28 71.00
CA PHE C 1073 -37.69 -10.09 72.40
C PHE C 1073 -39.03 -9.39 72.57
N THR C 1074 -39.06 -8.08 72.27
CA THR C 1074 -40.24 -7.22 72.25
C THR C 1074 -39.73 -5.81 71.96
N THR C 1075 -40.59 -4.87 71.55
CA THR C 1075 -40.16 -3.49 71.47
C THR C 1075 -41.33 -2.56 71.74
N ALA C 1076 -41.00 -1.33 72.18
CA ALA C 1076 -41.95 -0.27 72.41
C ALA C 1076 -41.22 1.03 72.08
N PRO C 1077 -41.81 1.90 71.26
CA PRO C 1077 -41.10 3.13 70.86
C PRO C 1077 -40.69 4.01 72.03
N ALA C 1078 -41.50 4.06 73.08
CA ALA C 1078 -41.21 4.92 74.23
C ALA C 1078 -41.73 4.25 75.50
N ILE C 1079 -41.27 4.76 76.63
CA ILE C 1079 -41.67 4.27 77.94
C ILE C 1079 -42.21 5.44 78.74
N CYS C 1080 -43.41 5.26 79.31
CA CYS C 1080 -44.07 6.30 80.10
C CYS C 1080 -43.94 5.96 81.58
N HIS C 1081 -43.30 6.85 82.33
CA HIS C 1081 -43.13 6.67 83.78
C HIS C 1081 -44.11 7.49 84.58
N ASP C 1082 -44.07 8.81 84.45
CA ASP C 1082 -44.97 9.72 85.14
C ASP C 1082 -45.49 10.74 84.13
N GLY C 1083 -46.54 10.37 83.41
CA GLY C 1083 -47.19 11.26 82.46
C GLY C 1083 -46.30 11.81 81.35
N LYS C 1084 -45.04 11.38 81.31
CA LYS C 1084 -44.06 11.89 80.37
C LYS C 1084 -43.39 10.75 79.65
N ALA C 1085 -43.37 10.79 78.32
CA ALA C 1085 -42.74 9.74 77.53
C ALA C 1085 -41.22 9.82 77.64
N HIS C 1086 -40.60 8.66 77.77
CA HIS C 1086 -39.15 8.53 77.82
C HIS C 1086 -38.66 7.79 76.58
N PHE C 1087 -37.69 8.39 75.88
CA PHE C 1087 -37.10 7.79 74.70
C PHE C 1087 -35.63 7.50 74.94
N PRO C 1088 -35.11 6.37 74.48
CA PRO C 1088 -33.70 6.05 74.73
C PRO C 1088 -32.78 7.06 74.08
N ARG C 1089 -31.69 7.38 74.79
CA ARG C 1089 -30.66 8.23 74.19
C ARG C 1089 -30.02 7.54 73.00
N GLU C 1090 -29.77 6.25 73.11
CA GLU C 1090 -29.34 5.42 72.00
C GLU C 1090 -29.72 3.98 72.30
N GLY C 1091 -30.12 3.24 71.27
CA GLY C 1091 -30.50 1.85 71.42
C GLY C 1091 -32.01 1.66 71.48
N VAL C 1092 -32.41 0.40 71.31
CA VAL C 1092 -33.82 0.01 71.25
C VAL C 1092 -34.30 -0.37 72.65
N PHE C 1093 -35.49 0.12 73.02
CA PHE C 1093 -36.17 -0.37 74.20
C PHE C 1093 -36.62 -1.81 73.94
N VAL C 1094 -35.96 -2.76 74.59
CA VAL C 1094 -36.20 -4.18 74.35
C VAL C 1094 -36.69 -4.82 75.65
N SER C 1095 -37.45 -5.90 75.51
CA SER C 1095 -38.09 -6.55 76.65
C SER C 1095 -37.76 -8.03 76.67
N ASN C 1096 -37.18 -8.49 77.78
CA ASN C 1096 -36.98 -9.92 78.00
C ASN C 1096 -38.29 -10.68 77.84
N GLY C 1097 -39.40 -10.07 78.23
CA GLY C 1097 -40.69 -10.71 78.30
C GLY C 1097 -41.43 -10.27 79.53
N THR C 1098 -40.69 -9.92 80.58
CA THR C 1098 -41.28 -9.45 81.84
C THR C 1098 -40.71 -8.12 82.32
N HIS C 1099 -39.41 -7.88 82.13
CA HIS C 1099 -38.74 -6.67 82.63
C HIS C 1099 -38.13 -5.93 81.45
N TRP C 1100 -38.59 -4.70 81.22
CA TRP C 1100 -38.12 -3.92 80.09
C TRP C 1100 -36.65 -3.53 80.27
N PHE C 1101 -35.98 -3.32 79.15
CA PHE C 1101 -34.56 -2.98 79.14
C PHE C 1101 -34.27 -2.11 77.93
N VAL C 1102 -33.10 -1.45 77.97
CA VAL C 1102 -32.56 -0.73 76.83
C VAL C 1102 -31.20 -1.31 76.50
N THR C 1103 -30.98 -1.63 75.23
CA THR C 1103 -29.77 -2.29 74.78
C THR C 1103 -29.16 -1.51 73.62
N GLN C 1104 -28.19 -2.12 72.97
CA GLN C 1104 -27.42 -1.46 71.92
C GLN C 1104 -28.14 -1.57 70.58
N ARG C 1105 -27.44 -1.24 69.50
CA ARG C 1105 -27.98 -1.37 68.15
C ARG C 1105 -27.76 -2.77 67.57
N ASN C 1106 -26.51 -3.21 67.49
CA ASN C 1106 -26.14 -4.46 66.83
C ASN C 1106 -25.51 -5.45 67.80
N PHE C 1107 -25.85 -5.34 69.09
CA PHE C 1107 -25.38 -6.28 70.08
C PHE C 1107 -26.31 -6.21 71.30
N TYR C 1108 -26.85 -7.35 71.69
CA TYR C 1108 -27.78 -7.42 72.82
C TYR C 1108 -27.00 -7.25 74.12
N GLU C 1109 -26.98 -6.03 74.64
CA GLU C 1109 -26.34 -5.70 75.90
C GLU C 1109 -27.37 -4.98 76.77
N PRO C 1110 -28.30 -5.71 77.37
CA PRO C 1110 -29.36 -5.05 78.15
C PRO C 1110 -28.81 -4.31 79.35
N GLN C 1111 -29.42 -3.17 79.65
CA GLN C 1111 -29.06 -2.35 80.79
C GLN C 1111 -30.33 -1.88 81.48
N ILE C 1112 -30.21 -1.59 82.78
CA ILE C 1112 -31.34 -1.09 83.53
C ILE C 1112 -31.71 0.29 83.01
N ILE C 1113 -33.01 0.50 82.75
CA ILE C 1113 -33.48 1.75 82.18
C ILE C 1113 -33.40 2.85 83.24
N THR C 1114 -32.40 3.71 83.12
CA THR C 1114 -32.20 4.83 84.02
C THR C 1114 -32.40 6.14 83.27
N THR C 1115 -32.41 7.24 84.02
CA THR C 1115 -32.50 8.56 83.41
C THR C 1115 -31.27 8.92 82.58
N ASP C 1116 -30.16 8.18 82.75
CA ASP C 1116 -29.00 8.39 81.91
C ASP C 1116 -29.21 7.82 80.52
N ASN C 1117 -29.85 6.65 80.43
CA ASN C 1117 -30.04 5.99 79.15
C ASN C 1117 -31.16 6.63 78.32
N THR C 1118 -32.02 7.42 78.93
CA THR C 1118 -33.19 7.96 78.26
C THR C 1118 -33.26 9.47 78.44
N PHE C 1119 -33.94 10.12 77.49
CA PHE C 1119 -34.26 11.54 77.58
C PHE C 1119 -35.77 11.71 77.47
N VAL C 1120 -36.31 12.59 78.30
CA VAL C 1120 -37.75 12.74 78.47
C VAL C 1120 -38.24 13.94 77.67
N SER C 1121 -39.21 13.70 76.80
CA SER C 1121 -39.84 14.78 76.02
C SER C 1121 -41.16 14.24 75.48
N GLY C 1122 -42.28 14.75 75.97
CA GLY C 1122 -43.58 14.33 75.51
C GLY C 1122 -44.62 14.47 76.60
N ASN C 1123 -45.78 13.86 76.34
CA ASN C 1123 -46.90 13.94 77.28
C ASN C 1123 -47.62 12.62 77.47
N CYS C 1124 -47.01 11.49 77.09
CA CYS C 1124 -47.52 10.14 77.32
C CYS C 1124 -48.81 9.84 76.54
N ASP C 1125 -49.33 10.78 75.76
CA ASP C 1125 -50.56 10.57 75.03
C ASP C 1125 -50.42 10.71 73.52
N VAL C 1126 -49.29 11.22 73.03
CA VAL C 1126 -49.09 11.39 71.59
C VAL C 1126 -48.28 10.26 70.97
N VAL C 1127 -47.53 9.50 71.76
CA VAL C 1127 -46.72 8.40 71.23
C VAL C 1127 -47.59 7.17 71.08
N ILE C 1128 -47.58 6.58 69.90
CA ILE C 1128 -48.39 5.39 69.60
C ILE C 1128 -47.57 4.15 69.97
N GLY C 1129 -48.21 3.23 70.69
CA GLY C 1129 -47.54 2.01 71.10
C GLY C 1129 -46.67 2.14 72.34
N ILE C 1130 -46.75 3.26 73.05
CA ILE C 1130 -45.94 3.44 74.25
C ILE C 1130 -46.37 2.46 75.32
N VAL C 1131 -45.40 1.92 76.07
CA VAL C 1131 -45.64 0.90 77.08
C VAL C 1131 -45.52 1.55 78.46
N ASN C 1132 -46.14 0.91 79.44
CA ASN C 1132 -46.07 1.36 80.83
C ASN C 1132 -44.94 0.61 81.54
N ASN C 1133 -44.02 1.36 82.12
CA ASN C 1133 -42.89 0.79 82.84
C ASN C 1133 -42.34 1.86 83.78
N THR C 1134 -41.36 1.47 84.60
CA THR C 1134 -40.74 2.36 85.58
C THR C 1134 -39.28 2.55 85.20
N VAL C 1135 -38.92 3.78 84.84
CA VAL C 1135 -37.53 4.14 84.60
C VAL C 1135 -36.95 4.74 85.88
N TYR C 1136 -35.80 4.22 86.29
CA TYR C 1136 -35.18 4.60 87.56
C TYR C 1136 -34.21 5.76 87.34
N ASP C 1137 -33.62 6.22 88.45
CA ASP C 1137 -32.69 7.33 88.41
C ASP C 1137 -31.78 7.25 89.62
N PRO C 1138 -30.51 7.62 89.48
CA PRO C 1138 -29.58 7.59 90.60
C PRO C 1138 -29.54 8.86 91.45
N LEU C 1139 -30.50 9.76 91.29
CA LEU C 1139 -30.50 11.04 92.01
C LEU C 1139 -31.42 11.03 93.22
N GLN C 1140 -32.64 10.49 93.09
CA GLN C 1140 -33.56 10.47 94.22
C GLN C 1140 -33.11 9.49 95.31
N LEU C 1141 -32.29 8.50 94.96
CA LEU C 1141 -31.80 7.57 95.97
C LEU C 1141 -30.86 8.28 96.94
N GLU C 1142 -30.10 9.26 96.46
CA GLU C 1142 -29.19 10.03 97.32
C GLU C 1142 -29.66 11.48 97.43
N THR D 26 -58.09 34.05 -27.97
CA THR D 26 -56.93 34.48 -27.21
C THR D 26 -56.90 33.81 -25.84
N THR D 27 -56.03 34.31 -24.96
CA THR D 27 -55.84 33.70 -23.65
C THR D 27 -55.35 34.74 -22.66
N THR D 28 -55.45 34.39 -21.39
CA THR D 28 -54.93 35.20 -20.29
C THR D 28 -53.73 34.51 -19.66
N GLN D 29 -52.98 35.25 -18.85
CA GLN D 29 -51.77 34.74 -18.22
C GLN D 29 -51.69 35.19 -16.77
N SER D 30 -52.81 35.11 -16.04
CA SER D 30 -52.83 35.50 -14.64
C SER D 30 -51.98 34.53 -13.81
N TYR D 31 -51.54 35.00 -12.64
CA TYR D 31 -50.65 34.26 -11.77
C TYR D 31 -51.38 33.87 -10.50
N THR D 32 -51.12 32.65 -10.03
CA THR D 32 -51.72 32.12 -8.82
C THR D 32 -50.67 31.32 -8.06
N ASN D 33 -51.06 30.81 -6.89
CA ASN D 33 -50.16 30.01 -6.07
C ASN D 33 -50.35 28.53 -6.37
N SER D 34 -49.28 27.76 -6.16
CA SER D 34 -49.31 26.34 -6.46
C SER D 34 -49.76 25.48 -5.27
N PHE D 35 -49.62 25.99 -4.05
CA PHE D 35 -50.04 25.28 -2.83
C PHE D 35 -49.34 23.92 -2.77
N THR D 36 -49.99 22.93 -2.16
CA THR D 36 -49.46 21.57 -2.05
C THR D 36 -50.08 20.75 -3.17
N ARG D 37 -49.44 20.76 -4.34
CA ARG D 37 -49.93 20.06 -5.50
C ARG D 37 -48.76 19.76 -6.43
N GLY D 38 -48.87 18.66 -7.17
CA GLY D 38 -47.86 18.30 -8.14
C GLY D 38 -46.86 17.29 -7.61
N VAL D 39 -47.35 16.25 -6.96
CA VAL D 39 -46.52 15.20 -6.39
C VAL D 39 -46.89 13.87 -7.05
N TYR D 40 -45.87 13.16 -7.54
CA TYR D 40 -46.06 11.91 -8.25
C TYR D 40 -45.16 10.83 -7.66
N TYR D 41 -45.60 9.59 -7.80
CA TYR D 41 -44.80 8.43 -7.40
C TYR D 41 -43.52 8.38 -8.21
N PRO D 42 -42.36 8.62 -7.58
CA PRO D 42 -41.10 8.64 -8.35
C PRO D 42 -40.75 7.30 -8.96
N ASP D 43 -41.26 6.20 -8.42
CA ASP D 43 -40.94 4.86 -8.89
C ASP D 43 -42.20 4.01 -8.88
N LYS D 44 -42.03 2.71 -9.09
CA LYS D 44 -43.12 1.74 -9.05
C LYS D 44 -42.94 0.77 -7.90
N VAL D 45 -42.53 1.29 -6.74
CA VAL D 45 -42.19 0.50 -5.58
C VAL D 45 -43.23 0.74 -4.49
N PHE D 46 -43.81 -0.34 -3.99
CA PHE D 46 -44.84 -0.24 -2.96
C PHE D 46 -44.23 -0.04 -1.59
N ARG D 47 -44.77 0.92 -0.84
CA ARG D 47 -44.26 1.26 0.48
C ARG D 47 -45.44 1.62 1.36
N SER D 48 -45.47 1.07 2.58
CA SER D 48 -46.57 1.30 3.51
C SER D 48 -46.04 1.78 4.85
N SER D 49 -46.73 2.76 5.43
CA SER D 49 -46.38 3.33 6.73
C SER D 49 -44.90 3.70 6.80
N VAL D 50 -44.41 4.33 5.73
CA VAL D 50 -43.00 4.67 5.62
C VAL D 50 -42.88 6.16 5.31
N LEU D 51 -41.67 6.69 5.56
CA LEU D 51 -41.37 8.09 5.31
C LEU D 51 -40.21 8.20 4.33
N HIS D 52 -40.30 7.47 3.22
CA HIS D 52 -39.23 7.46 2.23
C HIS D 52 -38.98 8.86 1.69
N LEU D 53 -37.70 9.19 1.53
CA LEU D 53 -37.25 10.50 1.05
C LEU D 53 -36.68 10.34 -0.35
N THR D 54 -37.13 11.19 -1.27
CA THR D 54 -36.71 11.13 -2.66
C THR D 54 -36.19 12.48 -3.12
N GLN D 55 -35.22 12.43 -4.02
CA GLN D 55 -34.71 13.62 -4.72
C GLN D 55 -34.98 13.43 -6.20
N ASP D 56 -35.86 14.26 -6.75
CA ASP D 56 -36.29 14.11 -8.14
C ASP D 56 -36.86 15.44 -8.62
N LEU D 57 -37.15 15.50 -9.92
CA LEU D 57 -37.74 16.69 -10.51
C LEU D 57 -39.18 16.81 -10.03
N PHE D 58 -39.41 17.67 -9.05
CA PHE D 58 -40.71 17.88 -8.46
C PHE D 58 -41.16 19.32 -8.69
N LEU D 59 -42.46 19.54 -8.52
CA LEU D 59 -43.00 20.89 -8.57
C LEU D 59 -42.84 21.55 -7.20
N PRO D 60 -42.13 22.67 -7.11
CA PRO D 60 -41.91 23.29 -5.80
C PRO D 60 -43.23 23.72 -5.16
N PHE D 61 -43.30 23.55 -3.84
CA PHE D 61 -44.49 23.97 -3.10
C PHE D 61 -44.58 25.49 -3.08
N PHE D 62 -45.82 25.99 -3.23
CA PHE D 62 -46.10 27.43 -3.21
C PHE D 62 -45.27 28.17 -4.24
N SER D 63 -45.13 27.59 -5.43
CA SER D 63 -44.35 28.18 -6.51
C SER D 63 -45.27 28.89 -7.50
N ASN D 64 -44.65 29.67 -8.39
CA ASN D 64 -45.40 30.36 -9.42
C ASN D 64 -46.07 29.38 -10.37
N VAL D 65 -47.38 29.47 -10.48
CA VAL D 65 -48.15 28.74 -11.47
C VAL D 65 -48.96 29.74 -12.27
N THR D 66 -48.95 29.58 -13.60
CA THR D 66 -49.59 30.51 -14.52
C THR D 66 -50.93 29.95 -14.96
N TRP D 67 -51.98 30.74 -14.77
CA TRP D 67 -53.35 30.32 -15.05
C TRP D 67 -53.83 31.03 -16.32
N PHE D 68 -54.37 30.25 -17.26
CA PHE D 68 -54.78 30.75 -18.56
C PHE D 68 -56.31 30.76 -18.65
N HIS D 69 -56.79 31.08 -19.86
CA HIS D 69 -58.20 31.02 -20.19
C HIS D 69 -58.32 30.77 -21.69
N ALA D 70 -59.49 30.30 -22.11
CA ALA D 70 -59.71 29.96 -23.50
C ALA D 70 -60.86 30.80 -24.06
N ILE D 71 -60.63 31.36 -25.25
CA ILE D 71 -61.65 32.16 -25.92
C ILE D 71 -61.32 32.26 -27.41
N ASP D 81 -53.36 33.29 -28.51
CA ASP D 81 -53.87 32.17 -29.28
C ASP D 81 -52.94 30.96 -29.20
N ASN D 82 -53.08 30.18 -28.12
CA ASN D 82 -52.32 28.97 -27.89
C ASN D 82 -50.82 29.28 -27.90
N PRO D 83 -50.31 30.00 -26.91
CA PRO D 83 -48.89 30.39 -26.92
C PRO D 83 -47.99 29.19 -26.70
N VAL D 84 -46.79 29.29 -27.26
CA VAL D 84 -45.74 28.28 -27.04
C VAL D 84 -45.01 28.62 -25.74
N LEU D 85 -44.91 27.63 -24.85
CA LEU D 85 -44.25 27.85 -23.58
C LEU D 85 -43.00 26.99 -23.47
N PRO D 86 -41.94 27.50 -22.85
CA PRO D 86 -40.71 26.72 -22.72
C PRO D 86 -40.92 25.48 -21.85
N PHE D 87 -40.21 24.41 -22.21
CA PHE D 87 -40.25 23.14 -21.50
C PHE D 87 -38.87 22.91 -20.88
N ASN D 88 -38.72 23.30 -19.61
CA ASN D 88 -37.44 23.20 -18.91
C ASN D 88 -37.61 22.28 -17.71
N ASP D 89 -36.85 21.19 -17.69
CA ASP D 89 -36.87 20.23 -16.58
C ASP D 89 -38.27 19.71 -16.28
N GLY D 90 -39.09 19.57 -17.32
CA GLY D 90 -40.44 19.10 -17.16
C GLY D 90 -41.44 20.24 -16.97
N VAL D 91 -42.70 19.93 -17.23
CA VAL D 91 -43.79 20.89 -17.09
C VAL D 91 -44.96 20.19 -16.43
N TYR D 92 -45.49 20.79 -15.37
CA TYR D 92 -46.68 20.29 -14.68
C TYR D 92 -47.91 20.92 -15.31
N PHE D 93 -48.94 20.11 -15.53
CA PHE D 93 -50.13 20.55 -16.24
C PHE D 93 -51.39 20.19 -15.47
N ALA D 94 -52.31 21.14 -15.40
CA ALA D 94 -53.60 20.91 -14.75
C ALA D 94 -54.66 21.72 -15.48
N SER D 95 -55.87 21.16 -15.57
CA SER D 95 -56.95 21.81 -16.29
C SER D 95 -58.29 21.30 -15.76
N THR D 96 -59.27 22.20 -15.67
CA THR D 96 -60.64 21.86 -15.34
C THR D 96 -61.54 22.32 -16.47
N GLU D 97 -62.54 21.49 -16.80
CA GLU D 97 -63.37 21.74 -17.97
C GLU D 97 -64.74 21.11 -17.75
N LYS D 98 -65.70 21.50 -18.58
CA LYS D 98 -67.05 20.96 -18.47
C LYS D 98 -67.12 19.57 -19.11
N SER D 99 -66.92 19.49 -20.43
CA SER D 99 -66.83 18.21 -21.11
C SER D 99 -65.50 18.03 -21.81
N ASN D 100 -65.11 18.94 -22.70
CA ASN D 100 -63.84 18.83 -23.42
C ASN D 100 -63.50 20.13 -24.14
N ILE D 101 -62.28 20.64 -23.91
CA ILE D 101 -61.77 21.79 -24.66
C ILE D 101 -60.33 21.48 -25.06
N ILE D 102 -59.75 20.44 -24.46
CA ILE D 102 -58.35 20.09 -24.65
C ILE D 102 -58.28 18.72 -25.31
N ARG D 103 -57.47 18.60 -26.36
CA ARG D 103 -57.28 17.35 -27.07
C ARG D 103 -55.88 16.78 -26.93
N GLY D 104 -54.89 17.60 -26.62
CA GLY D 104 -53.54 17.09 -26.48
C GLY D 104 -52.52 18.20 -26.43
N TRP D 105 -51.25 17.80 -26.60
CA TRP D 105 -50.13 18.72 -26.56
C TRP D 105 -49.16 18.36 -27.68
N ILE D 106 -48.34 19.34 -28.06
CA ILE D 106 -47.28 19.13 -29.05
C ILE D 106 -45.95 19.48 -28.40
N PHE D 107 -44.97 18.59 -28.55
CA PHE D 107 -43.63 18.79 -28.01
C PHE D 107 -42.61 18.63 -29.12
N GLY D 108 -41.48 19.32 -28.97
CA GLY D 108 -40.41 19.32 -29.93
C GLY D 108 -39.69 20.64 -29.94
N THR D 109 -38.79 20.80 -30.91
CA THR D 109 -38.00 22.02 -31.06
C THR D 109 -38.29 22.64 -32.41
N THR D 110 -38.68 23.93 -32.40
CA THR D 110 -38.95 24.75 -33.58
C THR D 110 -40.18 24.27 -34.36
N LEU D 111 -40.77 23.15 -33.93
CA LEU D 111 -42.05 22.66 -34.44
C LEU D 111 -42.13 22.74 -35.97
N ASP D 112 -41.09 22.25 -36.63
CA ASP D 112 -40.99 22.32 -38.08
C ASP D 112 -40.45 20.99 -38.60
N SER D 113 -40.33 20.91 -39.92
CA SER D 113 -39.83 19.70 -40.58
C SER D 113 -38.31 19.75 -40.76
N LYS D 114 -37.60 19.98 -39.65
CA LYS D 114 -36.15 19.87 -39.63
C LYS D 114 -35.71 19.01 -38.46
N THR D 115 -36.51 19.01 -37.39
CA THR D 115 -36.27 18.19 -36.21
C THR D 115 -37.55 17.46 -35.86
N GLN D 116 -37.45 16.16 -35.60
CA GLN D 116 -38.61 15.38 -35.22
C GLN D 116 -39.20 15.91 -33.91
N SER D 117 -40.53 15.87 -33.82
CA SER D 117 -41.25 16.41 -32.69
C SER D 117 -42.21 15.34 -32.15
N LEU D 118 -42.93 15.68 -31.08
CA LEU D 118 -43.91 14.79 -30.49
C LEU D 118 -45.30 15.41 -30.61
N LEU D 119 -46.26 14.60 -31.04
CA LEU D 119 -47.66 14.98 -31.08
C LEU D 119 -48.45 14.07 -30.16
N ILE D 120 -49.12 14.66 -29.18
CA ILE D 120 -49.77 13.91 -28.10
C ILE D 120 -51.28 14.13 -28.16
N VAL D 121 -51.82 14.24 -29.38
CA VAL D 121 -53.25 14.48 -29.54
C VAL D 121 -54.03 13.25 -29.08
N ASN D 122 -55.03 13.46 -28.24
CA ASN D 122 -55.96 12.42 -27.85
C ASN D 122 -57.23 12.55 -28.69
N ASN D 123 -58.07 11.52 -28.63
CA ASN D 123 -59.37 11.62 -29.30
C ASN D 123 -60.39 10.84 -28.48
N ALA D 124 -61.54 10.54 -29.09
CA ALA D 124 -62.70 10.08 -28.34
C ALA D 124 -62.42 8.76 -27.62
N THR D 125 -61.79 7.81 -28.31
CA THR D 125 -61.61 6.47 -27.76
C THR D 125 -60.18 6.01 -27.63
N ASN D 126 -59.21 6.71 -28.24
CA ASN D 126 -57.82 6.28 -28.17
C ASN D 126 -56.88 7.46 -27.97
N VAL D 127 -55.58 7.23 -28.18
CA VAL D 127 -54.59 8.30 -28.20
C VAL D 127 -53.83 8.20 -29.52
N PHE D 128 -53.20 9.30 -29.89
CA PHE D 128 -52.43 9.39 -31.13
C PHE D 128 -51.04 9.94 -30.85
N ILE D 129 -50.39 9.40 -29.82
CA ILE D 129 -49.02 9.80 -29.53
C ILE D 129 -48.09 9.29 -30.62
N LYS D 130 -47.25 10.18 -31.14
CA LYS D 130 -46.35 9.82 -32.22
C LYS D 130 -45.17 10.78 -32.21
N VAL D 131 -44.01 10.27 -32.63
CA VAL D 131 -42.79 11.08 -32.66
C VAL D 131 -42.32 11.22 -34.10
N CYS D 132 -42.71 12.33 -34.74
CA CYS D 132 -42.39 12.53 -36.15
C CYS D 132 -41.97 13.98 -36.37
N GLU D 133 -41.65 14.29 -37.61
CA GLU D 133 -41.07 15.57 -38.02
C GLU D 133 -42.09 16.48 -38.70
N PHE D 134 -43.31 16.55 -38.16
CA PHE D 134 -44.37 17.36 -38.75
C PHE D 134 -43.88 18.77 -39.04
N GLN D 135 -44.29 19.30 -40.21
CA GLN D 135 -43.83 20.63 -40.61
C GLN D 135 -44.58 21.71 -39.83
N PHE D 136 -45.91 21.72 -39.93
CA PHE D 136 -46.74 22.67 -39.20
C PHE D 136 -48.20 22.35 -39.51
N CYS D 137 -49.09 22.85 -38.66
CA CYS D 137 -50.53 22.80 -38.91
C CYS D 137 -51.16 24.18 -38.97
N ASN D 138 -50.93 25.03 -37.96
CA ASN D 138 -51.50 26.37 -37.89
C ASN D 138 -53.02 26.38 -38.01
N ASP D 139 -53.66 25.27 -37.66
CA ASP D 139 -55.12 25.15 -37.78
C ASP D 139 -55.67 24.18 -36.74
N GLY D 158 -56.66 16.53 -39.25
CA GLY D 158 -55.40 16.81 -39.91
C GLY D 158 -54.61 17.92 -39.25
N VAL D 159 -53.71 17.54 -38.34
CA VAL D 159 -52.88 18.49 -37.61
C VAL D 159 -51.42 18.37 -38.05
N TYR D 160 -51.17 17.70 -39.17
CA TYR D 160 -49.81 17.53 -39.67
C TYR D 160 -49.85 17.33 -41.18
N SER D 161 -48.74 17.63 -41.83
CA SER D 161 -48.64 17.51 -43.29
C SER D 161 -47.27 16.97 -43.70
N SER D 162 -46.61 16.21 -42.84
CA SER D 162 -45.30 15.67 -43.15
C SER D 162 -45.29 14.17 -42.89
N ALA D 163 -44.81 13.40 -43.87
CA ALA D 163 -44.74 11.95 -43.76
C ALA D 163 -43.33 11.45 -44.03
N ASN D 164 -42.34 12.13 -43.46
CA ASN D 164 -40.94 11.77 -43.64
C ASN D 164 -40.55 10.61 -42.72
N ASN D 165 -39.25 10.41 -42.52
CA ASN D 165 -38.75 9.24 -41.78
C ASN D 165 -39.13 9.42 -40.30
N CYS D 166 -40.35 9.00 -39.98
CA CYS D 166 -40.89 9.11 -38.63
C CYS D 166 -41.21 7.73 -38.08
N THR D 167 -41.11 7.59 -36.76
CA THR D 167 -41.32 6.31 -36.09
C THR D 167 -42.05 6.57 -34.78
N PHE D 168 -42.27 5.50 -34.01
CA PHE D 168 -42.85 5.54 -32.67
C PHE D 168 -44.25 6.18 -32.68
N GLU D 169 -45.15 5.49 -33.36
CA GLU D 169 -46.57 5.81 -33.33
C GLU D 169 -47.26 4.90 -32.32
N TYR D 170 -47.74 5.47 -31.23
CA TYR D 170 -48.24 4.71 -30.09
C TYR D 170 -49.70 5.06 -29.84
N VAL D 171 -50.55 4.03 -29.75
CA VAL D 171 -51.98 4.18 -29.57
C VAL D 171 -52.43 3.26 -28.44
N SER D 172 -53.23 3.81 -27.53
CA SER D 172 -53.69 3.07 -26.35
C SER D 172 -54.93 3.75 -25.80
N GLN D 173 -55.28 3.41 -24.56
CA GLN D 173 -56.46 3.98 -23.91
C GLN D 173 -56.31 5.49 -23.79
N PRO D 174 -57.40 6.25 -23.90
CA PRO D 174 -57.30 7.71 -23.80
C PRO D 174 -56.88 8.16 -22.41
N PHE D 175 -56.39 9.40 -22.33
CA PHE D 175 -55.86 9.94 -21.09
C PHE D 175 -56.90 10.62 -20.22
N LEU D 176 -58.14 10.74 -20.70
CA LEU D 176 -59.15 11.57 -20.05
C LEU D 176 -60.33 10.70 -19.61
N MET D 177 -60.38 10.37 -18.32
CA MET D 177 -61.58 9.81 -17.73
C MET D 177 -62.55 10.93 -17.41
N ASP D 178 -63.75 10.87 -17.99
CA ASP D 178 -64.77 11.88 -17.78
C ASP D 178 -66.03 11.22 -17.23
N LEU D 179 -66.41 11.59 -16.02
CA LEU D 179 -67.59 11.05 -15.36
C LEU D 179 -68.40 12.18 -14.77
N GLU D 180 -69.72 11.99 -14.74
CA GLU D 180 -70.64 13.00 -14.21
C GLU D 180 -71.84 12.30 -13.59
N GLY D 181 -72.27 12.80 -12.44
CA GLY D 181 -73.42 12.25 -11.75
C GLY D 181 -74.71 12.93 -12.12
N LYS D 182 -75.12 12.78 -13.38
CA LYS D 182 -76.36 13.36 -13.92
C LYS D 182 -76.37 14.88 -13.88
N GLN D 183 -75.20 15.51 -13.73
CA GLN D 183 -75.10 16.95 -13.72
C GLN D 183 -73.71 17.37 -14.12
N GLY D 184 -73.60 18.58 -14.68
CA GLY D 184 -72.33 19.15 -15.06
C GLY D 184 -71.57 19.84 -13.96
N ASN D 185 -72.10 19.81 -12.73
CA ASN D 185 -71.42 20.46 -11.61
C ASN D 185 -70.09 19.81 -11.28
N PHE D 186 -69.88 18.56 -11.69
CA PHE D 186 -68.62 17.86 -11.43
C PHE D 186 -67.59 18.25 -12.49
N LYS D 187 -67.09 19.47 -12.35
CA LYS D 187 -66.03 19.97 -13.22
C LYS D 187 -64.71 19.28 -12.88
N ASN D 188 -64.38 18.22 -13.61
CA ASN D 188 -63.26 17.38 -13.24
C ASN D 188 -61.93 18.11 -13.41
N LEU D 189 -61.12 18.09 -12.36
CA LEU D 189 -59.78 18.67 -12.39
C LEU D 189 -58.77 17.56 -12.67
N ARG D 190 -58.14 17.61 -13.84
CA ARG D 190 -57.20 16.60 -14.28
C ARG D 190 -55.80 17.19 -14.26
N GLU D 191 -54.89 16.53 -13.55
CA GLU D 191 -53.53 17.00 -13.38
C GLU D 191 -52.57 16.07 -14.11
N PHE D 192 -51.71 16.66 -14.94
CA PHE D 192 -50.74 15.91 -15.74
C PHE D 192 -49.34 16.45 -15.52
N VAL D 193 -48.36 15.55 -15.52
CA VAL D 193 -46.96 15.91 -15.36
C VAL D 193 -46.16 15.28 -16.49
N PHE D 194 -45.41 16.10 -17.22
CA PHE D 194 -44.57 15.64 -18.31
C PHE D 194 -43.11 15.85 -17.95
N LYS D 195 -42.33 14.76 -17.98
CA LYS D 195 -40.90 14.84 -17.77
C LYS D 195 -40.20 13.90 -18.75
N ASN D 196 -39.02 14.31 -19.20
CA ASN D 196 -38.30 13.62 -20.27
C ASN D 196 -36.83 13.44 -19.89
N ILE D 197 -36.58 12.97 -18.67
CA ILE D 197 -35.20 12.72 -18.25
C ILE D 197 -34.65 11.49 -18.99
N ASP D 198 -33.38 11.58 -19.38
CA ASP D 198 -32.68 10.55 -20.16
C ASP D 198 -33.58 9.97 -21.26
N GLY D 199 -34.14 10.86 -22.06
CA GLY D 199 -35.15 10.45 -23.02
C GLY D 199 -36.35 9.90 -22.27
N TYR D 200 -36.76 8.69 -22.63
CA TYR D 200 -37.69 7.86 -21.86
C TYR D 200 -38.86 8.70 -21.31
N PHE D 201 -39.65 9.23 -22.25
CA PHE D 201 -40.67 10.20 -21.90
C PHE D 201 -41.62 9.64 -20.83
N LYS D 202 -41.80 10.41 -19.76
CA LYS D 202 -42.58 10.01 -18.61
C LYS D 202 -43.79 10.93 -18.47
N ILE D 203 -44.95 10.35 -18.17
CA ILE D 203 -46.16 11.12 -17.91
C ILE D 203 -46.82 10.58 -16.64
N TYR D 204 -47.59 11.43 -16.00
CA TYR D 204 -48.36 11.06 -14.81
C TYR D 204 -49.72 11.72 -14.89
N SER D 205 -50.73 11.07 -14.31
CA SER D 205 -52.09 11.57 -14.42
C SER D 205 -52.86 11.23 -13.15
N LYS D 206 -53.86 12.06 -12.86
CA LYS D 206 -54.77 11.86 -11.75
C LYS D 206 -55.96 12.79 -11.93
N HIS D 207 -57.15 12.27 -11.70
CA HIS D 207 -58.40 13.00 -11.94
C HIS D 207 -59.15 13.18 -10.62
N THR D 208 -59.55 14.41 -10.34
CA THR D 208 -60.29 14.73 -9.12
C THR D 208 -61.43 15.70 -9.44
N PRO D 209 -62.65 15.20 -9.61
CA PRO D 209 -63.77 16.08 -10.01
C PRO D 209 -64.20 17.08 -8.95
N ILE D 210 -64.37 16.58 -7.72
CA ILE D 210 -64.81 17.40 -6.54
C ILE D 210 -65.94 18.39 -6.87
N ILE D 211 -66.10 19.42 -6.04
CA ILE D 211 -67.16 20.45 -6.25
C ILE D 211 -66.63 21.77 -5.71
N GLY D 212 -65.37 21.77 -5.23
CA GLY D 212 -64.74 23.01 -4.73
C GLY D 212 -64.38 23.94 -5.86
N ARG D 213 -63.66 25.02 -5.57
CA ARG D 213 -63.39 25.99 -6.63
C ARG D 213 -62.17 25.54 -7.40
N ASP D 214 -61.63 26.45 -8.22
CA ASP D 214 -60.49 26.12 -9.07
C ASP D 214 -59.23 25.93 -8.24
N PHE D 215 -58.48 24.88 -8.56
CA PHE D 215 -57.19 24.54 -7.95
C PHE D 215 -57.25 24.53 -6.43
N PRO D 216 -57.92 23.54 -5.82
CA PRO D 216 -57.97 23.47 -4.36
C PRO D 216 -56.61 23.09 -3.78
N GLN D 217 -56.44 23.38 -2.49
CA GLN D 217 -55.20 23.09 -1.79
C GLN D 217 -55.11 21.64 -1.33
N GLY D 218 -56.19 20.87 -1.43
CA GLY D 218 -56.14 19.49 -0.98
C GLY D 218 -55.12 18.67 -1.75
N PHE D 219 -54.45 17.78 -1.03
CA PHE D 219 -53.38 16.99 -1.63
C PHE D 219 -53.94 15.90 -2.54
N SER D 220 -53.12 15.49 -3.50
CA SER D 220 -53.44 14.38 -4.40
C SER D 220 -52.18 13.88 -5.09
N ALA D 221 -52.00 12.56 -5.12
CA ALA D 221 -50.84 11.97 -5.77
C ALA D 221 -51.07 11.90 -7.28
N LEU D 222 -50.00 11.57 -8.01
CA LEU D 222 -50.05 11.45 -9.46
C LEU D 222 -49.52 10.07 -9.85
N GLU D 223 -50.39 9.24 -10.41
CA GLU D 223 -49.93 7.92 -10.81
C GLU D 223 -49.38 7.94 -12.22
N PRO D 224 -48.29 7.20 -12.49
CA PRO D 224 -47.82 7.06 -13.86
C PRO D 224 -48.84 6.32 -14.72
N LEU D 225 -48.94 6.74 -15.98
CA LEU D 225 -49.90 6.17 -16.91
C LEU D 225 -49.22 5.44 -18.07
N VAL D 226 -48.34 6.12 -18.81
CA VAL D 226 -47.58 5.50 -19.88
C VAL D 226 -46.16 6.01 -19.83
N ASP D 227 -45.19 5.11 -19.96
CA ASP D 227 -43.76 5.43 -19.98
C ASP D 227 -43.21 4.93 -21.31
N LEU D 228 -43.02 5.85 -22.25
CA LEU D 228 -42.60 5.50 -23.59
C LEU D 228 -41.23 6.10 -23.90
N PRO D 229 -40.28 5.30 -24.38
CA PRO D 229 -38.91 5.79 -24.57
C PRO D 229 -38.72 6.57 -25.87
N ILE D 230 -38.98 7.88 -25.82
CA ILE D 230 -38.86 8.70 -27.02
C ILE D 230 -37.39 9.01 -27.33
N GLY D 231 -36.69 9.59 -26.36
CA GLY D 231 -35.27 9.84 -26.50
C GLY D 231 -34.85 10.84 -27.56
N ILE D 232 -35.52 12.00 -27.62
CA ILE D 232 -35.18 13.06 -28.56
C ILE D 232 -35.07 14.38 -27.80
N ASN D 233 -34.82 15.45 -28.54
CA ASN D 233 -34.57 16.78 -27.98
C ASN D 233 -35.86 17.57 -27.94
N ILE D 234 -36.21 18.07 -26.75
CA ILE D 234 -37.43 18.86 -26.55
C ILE D 234 -37.09 20.11 -25.77
N THR D 235 -37.49 21.27 -26.30
CA THR D 235 -37.34 22.53 -25.59
C THR D 235 -38.66 23.29 -25.55
N ARG D 236 -39.40 23.26 -26.66
CA ARG D 236 -40.66 23.99 -26.76
C ARG D 236 -41.83 23.12 -26.30
N PHE D 237 -42.96 23.77 -26.05
CA PHE D 237 -44.17 23.09 -25.61
C PHE D 237 -45.38 23.93 -25.99
N GLN D 238 -46.41 23.27 -26.49
CA GLN D 238 -47.65 23.93 -26.88
C GLN D 238 -48.80 22.94 -26.76
N THR D 239 -50.02 23.48 -26.65
CA THR D 239 -51.22 22.68 -26.53
C THR D 239 -52.08 22.82 -27.78
N LEU D 240 -53.20 22.11 -27.79
CA LEU D 240 -54.21 22.22 -28.84
C LEU D 240 -55.58 22.49 -28.23
N LEU D 241 -56.55 22.74 -29.09
CA LEU D 241 -57.91 23.02 -28.65
C LEU D 241 -58.91 22.09 -29.35
N ALA D 242 -60.20 22.36 -29.15
CA ALA D 242 -61.25 21.55 -29.76
C ALA D 242 -62.17 22.42 -30.60
N LEU D 243 -63.26 21.84 -31.11
CA LEU D 243 -64.20 22.56 -31.96
C LEU D 243 -65.54 22.68 -31.24
N ASN D 244 -66.12 23.89 -31.29
CA ASN D 244 -67.40 24.14 -30.68
C ASN D 244 -68.24 24.98 -31.65
N ARG D 245 -69.56 24.90 -31.48
CA ARG D 245 -70.49 25.60 -32.35
C ARG D 245 -71.56 26.34 -31.56
N ALA D 262 -59.59 29.69 -17.16
CA ALA D 262 -60.40 28.64 -16.53
C ALA D 262 -59.74 27.27 -16.69
N ASP D 263 -58.53 27.26 -17.23
CA ASP D 263 -57.79 26.02 -17.45
C ASP D 263 -56.31 26.36 -17.66
N TYR D 264 -55.53 25.36 -18.07
CA TYR D 264 -54.11 25.51 -18.36
C TYR D 264 -53.34 26.01 -17.13
N TYR D 265 -53.38 25.22 -16.07
CA TYR D 265 -52.57 25.47 -14.88
C TYR D 265 -51.21 24.83 -15.10
N VAL D 266 -50.21 25.65 -15.42
CA VAL D 266 -48.89 25.17 -15.83
C VAL D 266 -47.86 25.59 -14.80
N GLY D 267 -47.10 24.62 -14.29
CA GLY D 267 -46.00 24.89 -13.39
C GLY D 267 -44.75 24.18 -13.86
N TYR D 268 -43.60 24.75 -13.48
CA TYR D 268 -42.30 24.26 -13.92
C TYR D 268 -41.63 23.50 -12.79
N LEU D 269 -41.26 22.25 -13.05
CA LEU D 269 -40.60 21.42 -12.05
C LEU D 269 -39.12 21.77 -11.95
N GLN D 270 -38.55 21.48 -10.79
CA GLN D 270 -37.15 21.75 -10.50
C GLN D 270 -36.60 20.60 -9.68
N PRO D 271 -35.28 20.38 -9.73
CA PRO D 271 -34.69 19.31 -8.91
C PRO D 271 -34.69 19.65 -7.43
N ARG D 272 -35.53 18.97 -6.67
CA ARG D 272 -35.67 19.21 -5.24
C ARG D 272 -35.72 17.88 -4.49
N THR D 273 -35.41 17.94 -3.21
CA THR D 273 -35.57 16.79 -2.33
C THR D 273 -36.92 16.86 -1.65
N PHE D 274 -37.63 15.74 -1.64
CA PHE D 274 -38.97 15.67 -1.06
C PHE D 274 -39.08 14.47 -0.13
N LEU D 275 -39.88 14.65 0.93
CA LEU D 275 -40.22 13.58 1.86
C LEU D 275 -41.71 13.30 1.70
N LEU D 276 -42.05 12.05 1.42
CA LEU D 276 -43.42 11.65 1.11
C LEU D 276 -43.90 10.67 2.17
N LYS D 277 -45.05 10.94 2.76
CA LYS D 277 -45.64 10.06 3.76
C LYS D 277 -46.50 9.02 3.06
N TYR D 278 -46.11 7.76 3.16
CA TYR D 278 -46.82 6.66 2.52
C TYR D 278 -47.87 6.10 3.48
N ASN D 279 -49.10 5.99 3.00
CA ASN D 279 -50.17 5.44 3.82
C ASN D 279 -49.98 3.93 4.01
N GLU D 280 -50.76 3.37 4.94
CA GLU D 280 -50.72 1.93 5.16
C GLU D 280 -51.15 1.16 3.92
N ASN D 281 -51.97 1.77 3.08
CA ASN D 281 -52.42 1.16 1.83
C ASN D 281 -51.48 1.44 0.67
N GLY D 282 -50.39 2.18 0.89
CA GLY D 282 -49.43 2.49 -0.15
C GLY D 282 -49.60 3.84 -0.80
N THR D 283 -50.73 4.51 -0.59
CA THR D 283 -50.94 5.82 -1.17
C THR D 283 -50.08 6.87 -0.47
N ILE D 284 -49.79 7.95 -1.19
CA ILE D 284 -48.99 9.05 -0.66
C ILE D 284 -49.93 9.97 0.09
N THR D 285 -49.89 9.90 1.43
CA THR D 285 -50.80 10.70 2.24
C THR D 285 -50.45 12.19 2.16
N ASP D 286 -49.17 12.52 2.33
CA ASP D 286 -48.76 13.91 2.30
C ASP D 286 -47.28 13.95 1.95
N ALA D 287 -46.85 15.06 1.36
CA ALA D 287 -45.47 15.28 0.98
C ALA D 287 -45.04 16.67 1.43
N VAL D 288 -43.77 16.80 1.79
CA VAL D 288 -43.21 18.04 2.30
C VAL D 288 -41.94 18.38 1.54
N ASP D 289 -41.83 19.62 1.09
CA ASP D 289 -40.63 20.09 0.41
C ASP D 289 -39.48 20.21 1.40
N CYS D 290 -38.26 20.23 0.87
CA CYS D 290 -37.05 20.37 1.69
C CYS D 290 -36.23 21.59 1.29
N ALA D 291 -36.82 22.53 0.54
CA ALA D 291 -36.13 23.74 0.14
C ALA D 291 -37.04 24.96 0.17
N LEU D 292 -38.08 24.93 1.01
CA LEU D 292 -39.09 25.98 1.06
C LEU D 292 -39.12 26.73 2.39
N ASP D 293 -39.14 25.99 3.50
CA ASP D 293 -39.36 26.49 4.84
C ASP D 293 -38.25 25.95 5.71
N PRO D 294 -37.72 26.75 6.65
CA PRO D 294 -36.82 26.16 7.66
C PRO D 294 -37.47 25.02 8.43
N LEU D 295 -38.75 25.14 8.74
CA LEU D 295 -39.47 24.04 9.38
C LEU D 295 -39.48 22.81 8.47
N SER D 296 -39.74 23.01 7.18
CA SER D 296 -39.75 21.89 6.24
C SER D 296 -38.37 21.25 6.12
N GLU D 297 -37.32 22.07 6.10
CA GLU D 297 -35.96 21.53 6.01
C GLU D 297 -35.60 20.74 7.26
N THR D 298 -35.99 21.22 8.43
CA THR D 298 -35.78 20.45 9.66
C THR D 298 -36.56 19.14 9.63
N LYS D 299 -37.82 19.19 9.20
CA LYS D 299 -38.62 17.98 9.05
C LYS D 299 -37.97 16.99 8.08
N CYS D 300 -37.33 17.52 7.04
CA CYS D 300 -36.64 16.67 6.07
C CYS D 300 -35.40 16.03 6.68
N THR D 301 -34.63 16.83 7.43
CA THR D 301 -33.44 16.29 8.13
C THR D 301 -33.88 15.15 9.04
N LEU D 302 -34.57 15.46 10.14
CA LEU D 302 -35.13 14.37 11.00
C LEU D 302 -36.39 13.88 10.29
N LYS D 303 -36.23 13.03 9.28
CA LYS D 303 -37.38 12.63 8.47
C LYS D 303 -38.55 12.19 9.32
N SER D 304 -39.65 12.93 9.20
CA SER D 304 -40.83 12.78 10.03
C SER D 304 -41.87 13.80 9.58
N PHE D 305 -43.02 13.84 10.25
CA PHE D 305 -43.95 14.94 10.08
C PHE D 305 -44.25 15.66 11.39
N THR D 306 -43.65 15.21 12.51
CA THR D 306 -43.75 15.89 13.79
C THR D 306 -42.36 16.18 14.30
N VAL D 307 -42.09 17.45 14.61
CA VAL D 307 -40.80 17.88 15.15
C VAL D 307 -41.04 18.42 16.54
N GLU D 308 -40.30 17.89 17.52
CA GLU D 308 -40.48 18.31 18.90
C GLU D 308 -39.85 19.68 19.13
N LYS D 309 -40.23 20.29 20.25
CA LYS D 309 -39.71 21.61 20.60
C LYS D 309 -38.22 21.52 20.91
N GLY D 310 -37.42 22.25 20.13
CA GLY D 310 -35.99 22.23 20.32
C GLY D 310 -35.27 22.86 19.14
N ILE D 311 -33.95 22.78 19.18
CA ILE D 311 -33.07 23.29 18.13
C ILE D 311 -32.42 22.10 17.43
N TYR D 312 -32.50 22.08 16.11
CA TYR D 312 -31.97 20.99 15.31
C TYR D 312 -30.96 21.53 14.31
N GLN D 313 -29.73 21.04 14.39
CA GLN D 313 -28.72 21.33 13.37
C GLN D 313 -29.10 20.58 12.10
N THR D 314 -29.54 21.31 11.08
CA THR D 314 -30.16 20.71 9.91
C THR D 314 -29.28 20.70 8.66
N SER D 315 -28.58 21.79 8.37
CA SER D 315 -27.80 21.89 7.14
C SER D 315 -26.70 22.93 7.34
N ASN D 316 -26.08 23.33 6.24
CA ASN D 316 -24.99 24.30 6.27
C ASN D 316 -25.18 25.30 5.14
N PHE D 317 -24.70 26.53 5.36
CA PHE D 317 -24.90 27.61 4.41
C PHE D 317 -23.57 28.16 3.95
N ARG D 318 -23.55 28.64 2.71
CA ARG D 318 -22.39 29.31 2.14
C ARG D 318 -22.86 30.27 1.05
N VAL D 319 -22.08 31.30 0.81
CA VAL D 319 -22.42 32.30 -0.21
C VAL D 319 -21.97 31.78 -1.56
N GLN D 320 -22.90 31.71 -2.51
CA GLN D 320 -22.56 31.27 -3.85
C GLN D 320 -21.81 32.37 -4.60
N PRO D 321 -20.91 31.99 -5.50
CA PRO D 321 -20.13 33.00 -6.23
C PRO D 321 -21.02 33.80 -7.18
N THR D 322 -20.61 35.05 -7.40
CA THR D 322 -21.33 35.92 -8.33
C THR D 322 -20.81 35.73 -9.76
N GLU D 323 -19.51 35.91 -9.96
CA GLU D 323 -18.86 35.71 -11.25
C GLU D 323 -17.75 34.69 -11.11
N SER D 324 -16.96 34.54 -12.16
CA SER D 324 -15.83 33.61 -12.18
C SER D 324 -14.62 34.29 -12.81
N ILE D 325 -13.44 34.01 -12.29
CA ILE D 325 -12.18 34.55 -12.80
C ILE D 325 -11.34 33.40 -13.34
N VAL D 326 -10.84 33.56 -14.55
CA VAL D 326 -10.05 32.52 -15.22
C VAL D 326 -8.73 33.11 -15.69
N ARG D 327 -8.21 34.08 -14.94
CA ARG D 327 -6.98 34.76 -15.32
C ARG D 327 -5.84 33.78 -15.57
N PHE D 328 -5.17 33.97 -16.70
CA PHE D 328 -4.04 33.17 -17.14
C PHE D 328 -2.90 34.11 -17.51
N PRO D 329 -1.69 33.58 -17.74
CA PRO D 329 -0.58 34.47 -18.13
C PRO D 329 -0.81 35.10 -19.49
N ASN D 330 -0.08 36.20 -19.71
CA ASN D 330 -0.23 37.06 -20.89
C ASN D 330 0.59 36.57 -22.07
N VAL D 331 0.32 35.36 -22.54
CA VAL D 331 1.02 34.80 -23.69
C VAL D 331 -0.01 34.22 -24.66
N THR D 332 0.32 34.30 -25.96
CA THR D 332 -0.57 33.79 -27.00
C THR D 332 0.13 32.98 -28.08
N ASN D 333 1.46 32.97 -28.14
CA ASN D 333 2.16 32.26 -29.21
C ASN D 333 1.96 30.75 -29.07
N LEU D 334 1.98 30.07 -30.21
CA LEU D 334 1.76 28.63 -30.24
C LEU D 334 3.06 27.87 -29.95
N CYS D 335 2.89 26.61 -29.56
CA CYS D 335 4.01 25.76 -29.18
C CYS D 335 4.57 25.02 -30.39
N PRO D 336 5.82 24.54 -30.29
CA PRO D 336 6.47 23.93 -31.46
C PRO D 336 6.06 22.48 -31.73
N PHE D 337 4.92 22.04 -31.18
CA PHE D 337 4.37 20.71 -31.47
C PHE D 337 4.40 20.41 -32.97
N HIS D 338 4.14 21.43 -33.79
CA HIS D 338 4.17 21.25 -35.24
C HIS D 338 5.54 20.76 -35.70
N GLU D 339 6.60 21.39 -35.21
CA GLU D 339 7.95 20.99 -35.58
C GLU D 339 8.37 19.68 -34.93
N VAL D 340 7.89 19.40 -33.71
CA VAL D 340 8.21 18.13 -33.07
C VAL D 340 7.61 16.96 -33.82
N PHE D 341 6.37 17.07 -34.28
CA PHE D 341 5.72 15.98 -35.02
C PHE D 341 5.93 16.06 -36.52
N ASN D 342 6.56 17.12 -37.02
CA ASN D 342 6.82 17.25 -38.45
C ASN D 342 8.22 16.80 -38.85
N ALA D 343 9.03 16.33 -37.90
CA ALA D 343 10.41 15.95 -38.20
C ALA D 343 10.45 14.67 -39.02
N THR D 344 11.59 14.46 -39.70
CA THR D 344 11.79 13.31 -40.56
C THR D 344 12.87 12.35 -40.06
N ARG D 345 13.71 12.76 -39.11
CA ARG D 345 14.85 11.97 -38.66
C ARG D 345 14.82 11.81 -37.15
N PHE D 346 13.68 11.38 -36.62
CA PHE D 346 13.53 11.09 -35.20
C PHE D 346 14.70 10.26 -34.69
N ALA D 347 15.35 10.74 -33.63
CA ALA D 347 16.53 10.09 -33.09
C ALA D 347 16.18 8.72 -32.51
N SER D 348 17.20 7.86 -32.46
CA SER D 348 17.01 6.51 -31.97
C SER D 348 16.75 6.49 -30.47
N VAL D 349 16.17 5.38 -30.01
CA VAL D 349 15.81 5.27 -28.59
C VAL D 349 17.05 5.19 -27.71
N TYR D 350 18.17 4.69 -28.24
CA TYR D 350 19.40 4.68 -27.46
C TYR D 350 19.84 6.10 -27.10
N ALA D 351 19.75 7.02 -28.06
CA ALA D 351 19.93 8.44 -27.82
C ALA D 351 18.66 9.13 -28.29
N TRP D 352 17.64 9.11 -27.43
CA TRP D 352 16.36 9.73 -27.71
C TRP D 352 16.51 11.25 -27.71
N ASN D 353 16.08 11.88 -28.80
CA ASN D 353 16.07 13.34 -28.84
C ASN D 353 15.06 13.87 -27.84
N ARG D 354 15.49 14.87 -27.07
CA ARG D 354 14.64 15.48 -26.05
C ARG D 354 14.56 16.98 -26.32
N THR D 355 13.34 17.51 -26.40
CA THR D 355 13.11 18.91 -26.67
C THR D 355 12.31 19.53 -25.55
N ARG D 356 12.58 20.82 -25.28
CA ARG D 356 11.89 21.55 -24.24
C ARG D 356 10.87 22.50 -24.86
N ILE D 357 9.66 22.51 -24.29
CA ILE D 357 8.57 23.33 -24.78
C ILE D 357 8.15 24.28 -23.67
N SER D 358 8.29 25.58 -23.91
CA SER D 358 7.97 26.57 -22.89
C SER D 358 7.62 27.88 -23.59
N ASN D 359 7.00 28.78 -22.81
CA ASN D 359 6.65 30.14 -23.27
C ASN D 359 5.82 30.10 -24.54
N CYS D 360 4.71 29.38 -24.48
CA CYS D 360 3.80 29.28 -25.61
C CYS D 360 2.43 28.86 -25.09
N VAL D 361 1.49 28.65 -26.02
CA VAL D 361 0.14 28.21 -25.71
C VAL D 361 -0.05 26.84 -26.34
N ALA D 362 -0.37 25.85 -25.52
CA ALA D 362 -0.52 24.47 -25.97
C ALA D 362 -1.97 24.21 -26.32
N ASP D 363 -2.26 24.06 -27.61
CA ASP D 363 -3.58 23.66 -28.10
C ASP D 363 -3.38 22.31 -28.79
N TYR D 364 -3.88 21.25 -28.17
CA TYR D 364 -3.61 19.89 -28.62
C TYR D 364 -4.46 19.47 -29.83
N SER D 365 -5.23 20.36 -30.46
CA SER D 365 -5.92 20.00 -31.69
C SER D 365 -4.92 19.65 -32.79
N VAL D 366 -3.82 20.39 -32.87
CA VAL D 366 -2.78 20.10 -33.85
C VAL D 366 -2.16 18.74 -33.56
N LEU D 367 -2.01 18.38 -32.29
CA LEU D 367 -1.53 17.03 -31.96
C LEU D 367 -2.53 15.97 -32.41
N TYR D 368 -3.83 16.21 -32.15
CA TYR D 368 -4.83 15.23 -32.55
C TYR D 368 -4.84 15.03 -34.07
N ASN D 369 -4.73 16.11 -34.84
CA ASN D 369 -4.81 15.99 -36.29
C ASN D 369 -3.46 15.79 -36.97
N PHE D 370 -2.36 15.72 -36.22
CA PHE D 370 -1.03 15.52 -36.79
C PHE D 370 -0.55 14.08 -36.72
N ALA D 371 -1.39 13.13 -36.29
CA ALA D 371 -0.88 11.77 -36.18
C ALA D 371 -2.03 10.78 -36.15
N PRO D 372 -1.92 9.66 -36.88
CA PRO D 372 -2.87 8.53 -36.73
C PRO D 372 -2.52 7.72 -35.49
N PHE D 373 -3.05 8.18 -34.35
CA PHE D 373 -2.64 7.64 -33.06
C PHE D 373 -2.92 6.14 -32.96
N PHE D 374 -1.98 5.43 -32.35
CA PHE D 374 -2.13 4.02 -32.02
C PHE D 374 -2.19 3.75 -30.53
N ALA D 375 -1.50 4.56 -29.72
CA ALA D 375 -1.57 4.44 -28.26
C ALA D 375 -1.42 5.83 -27.67
N PHE D 376 -2.48 6.29 -27.00
CA PHE D 376 -2.52 7.60 -26.36
C PHE D 376 -2.69 7.45 -24.85
N LYS D 377 -1.94 6.52 -24.27
CA LYS D 377 -2.09 6.18 -22.86
C LYS D 377 -1.53 7.31 -21.99
N CYS D 378 -2.41 8.15 -21.48
CA CYS D 378 -2.03 9.18 -20.52
C CYS D 378 -2.10 8.65 -19.10
N TYR D 379 -1.21 9.15 -18.26
CA TYR D 379 -1.07 8.67 -16.88
C TYR D 379 -1.38 9.75 -15.85
N GLY D 380 -0.73 10.90 -15.94
CA GLY D 380 -0.92 11.93 -14.92
C GLY D 380 -2.09 12.86 -15.17
N VAL D 381 -2.44 13.08 -16.44
CA VAL D 381 -3.50 14.01 -16.80
C VAL D 381 -4.38 13.36 -17.86
N SER D 382 -5.69 13.49 -17.70
CA SER D 382 -6.62 12.94 -18.67
C SER D 382 -6.57 13.77 -19.96
N PRO D 383 -6.55 13.12 -21.13
CA PRO D 383 -6.52 13.89 -22.38
C PRO D 383 -7.74 14.77 -22.59
N THR D 384 -8.89 14.44 -21.98
CA THR D 384 -10.11 15.20 -22.18
C THR D 384 -9.92 16.65 -21.80
N LYS D 385 -9.61 16.91 -20.53
CA LYS D 385 -9.31 18.26 -20.06
C LYS D 385 -7.78 18.44 -20.06
N LEU D 386 -7.23 18.59 -21.27
CA LEU D 386 -5.80 18.80 -21.45
C LEU D 386 -5.46 20.20 -21.93
N ASN D 387 -6.43 20.95 -22.45
CA ASN D 387 -6.19 22.30 -22.94
C ASN D 387 -6.57 23.37 -21.93
N ASP D 388 -6.99 22.99 -20.72
CA ASP D 388 -7.47 23.94 -19.73
C ASP D 388 -6.66 23.86 -18.43
N LEU D 389 -5.35 23.66 -18.55
CA LEU D 389 -4.49 23.66 -17.37
C LEU D 389 -3.31 24.61 -17.57
N CYS D 390 -2.35 24.55 -16.65
CA CYS D 390 -1.14 25.36 -16.72
C CYS D 390 0.02 24.50 -16.25
N PHE D 391 0.95 24.20 -17.15
CA PHE D 391 2.09 23.34 -16.84
C PHE D 391 3.33 24.20 -16.63
N THR D 392 4.14 23.82 -15.64
CA THR D 392 5.37 24.55 -15.35
C THR D 392 6.33 24.49 -16.54
N ASN D 393 6.48 23.30 -17.13
CA ASN D 393 7.33 23.10 -18.29
C ASN D 393 7.01 21.75 -18.89
N VAL D 394 7.06 21.66 -20.22
CA VAL D 394 6.73 20.44 -20.94
C VAL D 394 7.97 19.95 -21.67
N TYR D 395 8.30 18.68 -21.48
CA TYR D 395 9.40 18.03 -22.17
C TYR D 395 8.87 17.01 -23.15
N ALA D 396 9.39 17.05 -24.37
CA ALA D 396 8.99 16.12 -25.44
C ALA D 396 10.20 15.27 -25.82
N ASP D 397 10.08 13.96 -25.65
CA ASP D 397 11.12 13.01 -26.02
C ASP D 397 10.59 12.15 -27.16
N SER D 398 11.33 12.11 -28.27
CA SER D 398 10.88 11.44 -29.48
C SER D 398 11.88 10.37 -29.90
N PHE D 399 11.36 9.22 -30.32
CA PHE D 399 12.19 8.12 -30.79
C PHE D 399 11.31 7.16 -31.59
N VAL D 400 11.90 6.04 -31.99
CA VAL D 400 11.22 5.03 -32.78
C VAL D 400 11.45 3.66 -32.14
N ILE D 401 10.38 2.89 -31.97
CA ILE D 401 10.43 1.58 -31.32
C ILE D 401 9.49 0.63 -32.05
N LYS D 402 9.42 -0.60 -31.55
CA LYS D 402 8.66 -1.68 -32.17
C LYS D 402 7.25 -1.77 -31.56
N GLY D 403 6.46 -2.70 -32.09
CA GLY D 403 5.07 -2.86 -31.66
C GLY D 403 4.91 -3.40 -30.27
N ASN D 404 5.52 -4.55 -29.98
CA ASN D 404 5.55 -5.03 -28.60
C ASN D 404 6.27 -4.04 -27.70
N GLU D 405 7.20 -3.26 -28.26
CA GLU D 405 7.90 -2.27 -27.47
C GLU D 405 7.05 -1.06 -27.15
N VAL D 406 5.96 -0.83 -27.89
CA VAL D 406 4.99 0.19 -27.48
C VAL D 406 4.32 -0.24 -26.18
N SER D 407 3.92 -1.51 -26.09
CA SER D 407 3.42 -2.04 -24.82
C SER D 407 4.50 -2.02 -23.76
N GLN D 408 5.75 -2.28 -24.16
CA GLN D 408 6.87 -2.27 -23.22
C GLN D 408 7.06 -0.89 -22.61
N ILE D 409 7.00 0.16 -23.43
CA ILE D 409 7.29 1.50 -22.92
C ILE D 409 6.11 1.98 -22.09
N ALA D 410 6.37 2.24 -20.82
CA ALA D 410 5.39 2.68 -19.82
C ALA D 410 6.16 2.99 -18.55
N PRO D 411 5.60 3.76 -17.62
CA PRO D 411 6.30 4.00 -16.35
C PRO D 411 6.59 2.70 -15.64
N GLY D 412 7.88 2.39 -15.49
CA GLY D 412 8.27 1.18 -14.78
C GLY D 412 7.82 -0.11 -15.42
N GLN D 413 8.42 -0.46 -16.54
CA GLN D 413 8.21 -1.76 -17.17
C GLN D 413 9.55 -2.45 -17.38
N THR D 414 9.49 -3.66 -17.93
CA THR D 414 10.67 -4.47 -18.17
C THR D 414 10.90 -4.65 -19.67
N GLY D 415 12.12 -5.06 -20.03
CA GLY D 415 12.53 -5.19 -21.41
C GLY D 415 13.88 -4.53 -21.55
N ASN D 416 14.63 -4.96 -22.57
CA ASN D 416 15.98 -4.42 -22.77
C ASN D 416 15.95 -2.92 -23.02
N ILE D 417 15.05 -2.46 -23.90
CA ILE D 417 14.96 -1.04 -24.17
C ILE D 417 14.42 -0.28 -22.96
N ALA D 418 13.37 -0.78 -22.32
CA ALA D 418 12.81 -0.11 -21.16
C ALA D 418 13.77 -0.10 -19.97
N ASP D 419 14.80 -0.94 -19.97
CA ASP D 419 15.73 -1.01 -18.86
C ASP D 419 17.07 -0.35 -19.14
N TYR D 420 17.48 -0.22 -20.40
CA TYR D 420 18.80 0.33 -20.71
C TYR D 420 18.80 1.45 -21.75
N ASN D 421 17.72 1.66 -22.50
CA ASN D 421 17.64 2.72 -23.48
C ASN D 421 16.82 3.91 -23.00
N TYR D 422 15.67 3.67 -22.39
CA TYR D 422 14.77 4.74 -21.96
C TYR D 422 13.93 4.24 -20.81
N LYS D 423 14.08 4.87 -19.65
CA LYS D 423 13.33 4.50 -18.45
C LYS D 423 12.55 5.70 -17.97
N LEU D 424 11.25 5.51 -17.73
CA LEU D 424 10.46 6.61 -17.19
C LEU D 424 10.39 6.53 -15.66
N PRO D 425 10.23 7.66 -14.99
CA PRO D 425 10.07 7.64 -13.53
C PRO D 425 8.78 6.92 -13.14
N ASP D 426 8.81 6.33 -11.94
CA ASP D 426 7.63 5.60 -11.46
C ASP D 426 6.45 6.54 -11.30
N ASP D 427 6.68 7.74 -10.76
CA ASP D 427 5.63 8.75 -10.64
C ASP D 427 5.61 9.66 -11.86
N PHE D 428 5.50 9.06 -13.04
CA PHE D 428 5.50 9.81 -14.28
C PHE D 428 4.15 10.48 -14.48
N THR D 429 4.15 11.80 -14.64
CA THR D 429 2.95 12.58 -14.91
C THR D 429 3.05 13.05 -16.36
N GLY D 430 2.59 12.22 -17.28
CA GLY D 430 2.71 12.55 -18.69
C GLY D 430 1.88 11.64 -19.56
N CYS D 431 2.00 11.86 -20.87
CA CYS D 431 1.28 11.11 -21.88
C CYS D 431 2.28 10.50 -22.85
N VAL D 432 1.97 9.29 -23.32
CA VAL D 432 2.79 8.60 -24.31
C VAL D 432 2.02 8.52 -25.61
N ILE D 433 2.66 8.93 -26.70
CA ILE D 433 2.05 8.99 -28.03
C ILE D 433 2.72 7.93 -28.89
N ALA D 434 1.90 7.09 -29.53
CA ALA D 434 2.40 6.04 -30.41
C ALA D 434 1.62 6.05 -31.72
N TRP D 435 2.33 5.97 -32.84
CA TRP D 435 1.70 5.81 -34.14
C TRP D 435 2.68 5.09 -35.06
N ASN D 436 2.13 4.26 -35.95
CA ASN D 436 2.97 3.58 -36.93
C ASN D 436 3.47 4.55 -37.98
N SER D 437 4.78 4.50 -38.25
CA SER D 437 5.42 5.35 -39.26
C SER D 437 6.11 4.44 -40.26
N ASN D 438 5.34 4.02 -41.27
CA ASN D 438 5.88 3.20 -42.35
C ASN D 438 6.39 4.02 -43.52
N LYS D 439 6.02 5.29 -43.60
CA LYS D 439 6.39 6.15 -44.72
C LYS D 439 7.61 7.01 -44.45
N LEU D 440 8.25 6.85 -43.29
CA LEU D 440 9.48 7.58 -42.98
C LEU D 440 10.62 6.69 -42.51
N ASP D 441 10.36 5.46 -42.11
CA ASP D 441 11.38 4.56 -41.59
C ASP D 441 11.43 3.26 -42.39
N SER D 442 11.11 3.32 -43.67
CA SER D 442 11.11 2.13 -44.52
C SER D 442 11.38 2.53 -45.96
N LYS D 443 12.18 1.72 -46.64
CA LYS D 443 12.52 1.95 -48.03
C LYS D 443 12.90 0.62 -48.68
N HIS D 444 12.91 0.62 -50.00
CA HIS D 444 13.24 -0.59 -50.75
C HIS D 444 14.64 -1.07 -50.41
N SER D 445 14.82 -2.39 -50.45
CA SER D 445 16.07 -3.10 -50.14
C SER D 445 16.50 -2.96 -48.68
N GLY D 446 15.62 -2.47 -47.82
CA GLY D 446 15.90 -2.40 -46.40
C GLY D 446 16.41 -1.05 -45.95
N ASN D 447 16.30 -0.81 -44.64
CA ASN D 447 16.79 0.41 -44.02
C ASN D 447 17.06 0.13 -42.55
N TYR D 448 18.34 0.19 -42.15
CA TYR D 448 18.76 -0.10 -40.79
C TYR D 448 19.42 1.11 -40.13
N ASP D 449 18.93 2.32 -40.45
CA ASP D 449 19.57 3.54 -39.95
C ASP D 449 19.47 3.63 -38.43
N TYR D 450 18.33 3.23 -37.86
CA TYR D 450 18.10 3.42 -36.44
C TYR D 450 18.93 2.45 -35.61
N TRP D 451 18.95 2.69 -34.29
CA TRP D 451 19.76 1.91 -33.37
C TRP D 451 19.03 1.78 -32.04
N TYR D 452 19.46 0.81 -31.25
CA TYR D 452 18.92 0.62 -29.90
C TYR D 452 19.91 -0.20 -29.09
N ARG D 453 19.91 0.03 -27.78
CA ARG D 453 20.86 -0.59 -26.87
C ARG D 453 20.24 -1.78 -26.17
N LEU D 454 21.06 -2.80 -25.93
CA LEU D 454 20.68 -3.93 -25.10
C LEU D 454 21.74 -4.29 -24.07
N PHE D 455 22.94 -3.72 -24.17
CA PHE D 455 24.08 -4.10 -23.35
C PHE D 455 24.53 -2.86 -22.58
N ARG D 456 24.12 -2.77 -21.31
CA ARG D 456 24.52 -1.69 -20.43
C ARG D 456 25.03 -2.25 -19.12
N LYS D 457 26.03 -1.59 -18.54
CA LYS D 457 26.67 -2.10 -17.33
C LYS D 457 25.71 -2.16 -16.14
N SER D 458 24.59 -1.43 -16.19
CA SER D 458 23.61 -1.47 -15.12
C SER D 458 22.27 -1.02 -15.69
N LYS D 459 21.24 -1.06 -14.85
CA LYS D 459 19.92 -0.58 -15.27
C LYS D 459 19.93 0.94 -15.40
N LEU D 460 19.02 1.45 -16.23
CA LEU D 460 18.99 2.87 -16.54
C LEU D 460 18.07 3.61 -15.57
N LYS D 461 18.63 4.63 -14.92
CA LYS D 461 17.83 5.50 -14.07
C LYS D 461 16.92 6.37 -14.94
N PRO D 462 15.80 6.83 -14.39
CA PRO D 462 14.81 7.55 -15.20
C PRO D 462 15.39 8.81 -15.86
N PHE D 463 15.04 8.99 -17.13
CA PHE D 463 15.40 10.18 -17.91
C PHE D 463 16.90 10.43 -17.88
N GLU D 464 17.68 9.36 -18.05
CA GLU D 464 19.13 9.44 -18.14
C GLU D 464 19.56 8.83 -19.48
N ARG D 465 20.28 9.62 -20.27
CA ARG D 465 20.79 9.14 -21.56
C ARG D 465 22.17 8.51 -21.37
N ASP D 466 22.36 7.37 -22.02
CA ASP D 466 23.61 6.61 -21.94
C ASP D 466 24.22 6.42 -23.33
N ILE D 467 24.20 7.48 -24.15
CA ILE D 467 24.73 7.37 -25.50
C ILE D 467 26.25 7.25 -25.44
N SER D 468 26.76 6.12 -25.90
CA SER D 468 28.20 5.85 -25.91
C SER D 468 28.44 4.61 -26.74
N THR D 469 29.56 4.62 -27.48
CA THR D 469 29.95 3.50 -28.32
C THR D 469 31.04 2.65 -27.66
N GLU D 470 31.12 2.71 -26.34
CA GLU D 470 32.08 1.91 -25.59
C GLU D 470 31.83 0.43 -25.82
N ILE D 471 32.84 -0.29 -26.31
CA ILE D 471 32.69 -1.71 -26.59
C ILE D 471 32.35 -2.44 -25.29
N TYR D 472 31.31 -3.28 -25.35
CA TYR D 472 30.82 -3.96 -24.16
C TYR D 472 31.55 -5.29 -24.00
N GLN D 473 32.56 -5.27 -23.13
CA GLN D 473 33.29 -6.48 -22.76
C GLN D 473 32.74 -7.02 -21.45
N ALA D 474 32.04 -8.15 -21.49
CA ALA D 474 31.69 -8.82 -20.24
C ALA D 474 32.86 -9.68 -19.77
N GLY D 475 33.14 -10.76 -20.50
CA GLY D 475 34.42 -11.46 -20.51
C GLY D 475 35.18 -11.58 -19.19
N ASN D 476 36.49 -11.54 -19.31
CA ASN D 476 37.46 -11.19 -18.27
C ASN D 476 38.52 -10.23 -18.78
N LYS D 477 38.91 -10.36 -20.06
CA LYS D 477 39.99 -9.58 -20.64
C LYS D 477 39.55 -8.15 -20.95
N PRO D 478 40.51 -7.22 -21.13
CA PRO D 478 40.16 -5.83 -21.46
C PRO D 478 39.26 -5.67 -22.67
N CYS D 479 39.63 -6.25 -23.81
CA CYS D 479 38.87 -6.11 -25.05
C CYS D 479 38.58 -4.64 -25.38
N LYS D 480 39.67 -3.90 -25.65
CA LYS D 480 39.49 -2.56 -26.20
C LYS D 480 38.80 -2.58 -27.56
N GLY D 481 38.86 -3.71 -28.27
CA GLY D 481 38.20 -3.86 -29.54
C GLY D 481 37.03 -4.83 -29.49
N LYS D 482 36.60 -5.25 -30.69
CA LYS D 482 35.47 -6.14 -30.87
C LYS D 482 35.89 -7.59 -30.61
N GLY D 483 34.96 -8.52 -30.88
CA GLY D 483 35.29 -9.93 -30.90
C GLY D 483 34.61 -10.77 -29.83
N PRO D 484 35.25 -11.91 -29.49
CA PRO D 484 34.63 -12.88 -28.58
C PRO D 484 34.23 -12.31 -27.22
N ASN D 485 32.95 -12.41 -26.89
CA ASN D 485 32.42 -12.09 -25.56
C ASN D 485 32.59 -10.62 -25.22
N CYS D 486 33.12 -9.84 -26.16
CA CYS D 486 33.28 -8.39 -26.02
C CYS D 486 32.77 -7.76 -27.31
N TYR D 487 31.50 -7.37 -27.28
CA TYR D 487 30.68 -7.00 -28.42
C TYR D 487 30.23 -5.55 -28.31
N PHE D 488 29.65 -5.05 -29.39
CA PHE D 488 29.22 -3.65 -29.44
C PHE D 488 27.93 -3.49 -28.62
N PRO D 489 27.82 -2.43 -27.82
CA PRO D 489 26.70 -2.34 -26.86
C PRO D 489 25.33 -2.18 -27.50
N LEU D 490 25.26 -1.48 -28.64
CA LEU D 490 23.99 -1.19 -29.29
C LEU D 490 23.92 -1.90 -30.63
N GLN D 491 22.76 -2.49 -30.93
CA GLN D 491 22.53 -3.10 -32.21
C GLN D 491 21.57 -2.25 -33.05
N SER D 492 21.57 -2.49 -34.35
CA SER D 492 20.63 -1.83 -35.23
C SER D 492 19.24 -2.43 -35.04
N TYR D 493 18.23 -1.57 -34.99
CA TYR D 493 16.86 -2.04 -34.79
C TYR D 493 16.41 -2.92 -35.94
N GLY D 494 17.01 -2.75 -37.12
CA GLY D 494 16.61 -3.52 -38.29
C GLY D 494 15.19 -3.19 -38.71
N PHE D 495 14.89 -1.92 -38.86
CA PHE D 495 13.53 -1.45 -39.15
C PHE D 495 13.16 -1.60 -40.63
N ARG D 496 13.87 -2.47 -41.35
CA ARG D 496 13.67 -2.77 -42.76
C ARG D 496 12.20 -2.93 -43.10
N PRO D 497 11.72 -2.29 -44.19
CA PRO D 497 10.28 -2.17 -44.49
C PRO D 497 9.29 -2.79 -43.51
N THR D 498 8.58 -3.82 -43.95
CA THR D 498 7.56 -4.48 -43.13
C THR D 498 7.87 -5.97 -43.07
N TYR D 499 8.03 -6.48 -41.85
CA TYR D 499 8.15 -7.93 -41.65
C TYR D 499 7.33 -8.37 -40.45
N GLY D 500 6.22 -7.68 -40.18
CA GLY D 500 5.37 -8.02 -39.05
C GLY D 500 4.55 -6.86 -38.53
N VAL D 501 3.28 -7.14 -38.22
CA VAL D 501 2.40 -6.11 -37.68
C VAL D 501 2.92 -5.63 -36.33
N GLY D 502 3.46 -6.54 -35.52
CA GLY D 502 4.11 -6.16 -34.29
C GLY D 502 5.56 -5.77 -34.45
N HIS D 503 6.07 -5.73 -35.68
CA HIS D 503 7.45 -5.39 -35.97
C HIS D 503 7.59 -4.17 -36.86
N GLN D 504 6.49 -3.49 -37.17
CA GLN D 504 6.52 -2.29 -37.99
C GLN D 504 7.34 -1.18 -37.33
N PRO D 505 7.69 -0.13 -38.09
CA PRO D 505 8.37 1.07 -37.53
C PRO D 505 7.44 2.09 -36.86
N TYR D 506 7.18 1.87 -35.57
CA TYR D 506 6.35 2.79 -34.79
C TYR D 506 7.18 3.96 -34.30
N ARG D 507 6.70 5.18 -34.57
CA ARG D 507 7.28 6.40 -34.02
C ARG D 507 6.57 6.73 -32.71
N VAL D 508 7.33 6.76 -31.61
CA VAL D 508 6.76 6.99 -30.28
C VAL D 508 7.40 8.25 -29.70
N VAL D 509 6.56 9.18 -29.29
CA VAL D 509 6.98 10.40 -28.62
C VAL D 509 6.21 10.52 -27.30
N VAL D 510 6.92 10.86 -26.23
CA VAL D 510 6.34 10.98 -24.90
C VAL D 510 6.34 12.45 -24.51
N LEU D 511 5.24 12.89 -23.87
CA LEU D 511 5.09 14.26 -23.40
C LEU D 511 5.13 14.25 -21.88
N SER D 512 6.12 14.92 -21.30
CA SER D 512 6.32 14.93 -19.86
C SER D 512 5.91 16.29 -19.31
N PHE D 513 4.77 16.32 -18.61
CA PHE D 513 4.34 17.53 -17.90
C PHE D 513 4.83 17.47 -16.46
N GLU D 514 4.79 18.63 -15.80
CA GLU D 514 5.16 18.77 -14.39
C GLU D 514 4.06 19.58 -13.71
N LEU D 515 3.09 18.88 -13.14
CA LEU D 515 1.96 19.51 -12.45
C LEU D 515 2.36 19.77 -11.00
N LEU D 516 3.11 20.84 -10.80
CA LEU D 516 3.58 21.25 -9.48
C LEU D 516 3.29 22.74 -9.28
N HIS D 517 3.60 23.21 -8.07
CA HIS D 517 3.39 24.62 -7.69
C HIS D 517 4.61 25.42 -8.11
N ALA D 518 4.57 25.93 -9.33
CA ALA D 518 5.69 26.61 -9.97
C ALA D 518 5.14 27.48 -11.09
N PRO D 519 5.86 28.53 -11.50
CA PRO D 519 5.28 29.47 -12.48
C PRO D 519 5.16 28.82 -13.85
N ALA D 520 3.92 28.78 -14.34
CA ALA D 520 3.57 28.10 -15.57
C ALA D 520 4.11 28.82 -16.80
N THR D 521 4.23 28.06 -17.89
CA THR D 521 4.76 28.59 -19.14
C THR D 521 3.83 28.30 -20.32
N VAL D 522 3.12 27.18 -20.27
CA VAL D 522 2.26 26.74 -21.36
C VAL D 522 0.82 26.60 -20.86
N CYS D 523 -0.12 27.06 -21.67
CA CYS D 523 -1.53 26.99 -21.34
C CYS D 523 -2.31 26.64 -22.60
N GLY D 524 -3.64 26.76 -22.53
CA GLY D 524 -4.48 26.61 -23.69
C GLY D 524 -5.20 27.89 -24.01
N PRO D 525 -6.49 27.80 -24.33
CA PRO D 525 -7.29 29.02 -24.52
C PRO D 525 -7.35 29.83 -23.23
N LYS D 526 -7.31 31.15 -23.36
CA LYS D 526 -7.28 32.04 -22.22
C LYS D 526 -8.39 33.07 -22.31
N LYS D 527 -9.10 33.24 -21.20
CA LYS D 527 -9.97 34.39 -20.99
C LYS D 527 -9.29 35.31 -19.97
N SER D 528 -9.48 36.62 -20.16
CA SER D 528 -8.75 37.59 -19.36
C SER D 528 -9.71 38.45 -18.55
N THR D 529 -10.67 37.82 -17.88
CA THR D 529 -11.62 38.54 -17.03
C THR D 529 -10.87 39.32 -15.96
N ASN D 530 -11.25 40.58 -15.78
CA ASN D 530 -10.55 41.46 -14.86
C ASN D 530 -10.74 40.99 -13.42
N LEU D 531 -9.67 41.12 -12.63
CA LEU D 531 -9.69 40.67 -11.25
C LEU D 531 -10.63 41.52 -10.40
N VAL D 532 -11.45 40.87 -9.58
CA VAL D 532 -12.37 41.53 -8.68
C VAL D 532 -12.05 41.07 -7.26
N LYS D 533 -11.92 42.03 -6.34
CA LYS D 533 -11.56 41.76 -4.96
C LYS D 533 -12.73 42.09 -4.04
N ASN D 534 -12.59 41.65 -2.78
CA ASN D 534 -13.63 41.79 -1.76
C ASN D 534 -14.97 41.26 -2.26
N LYS D 535 -14.93 40.12 -2.94
CA LYS D 535 -16.14 39.47 -3.43
C LYS D 535 -15.89 37.98 -3.56
N CYS D 536 -16.94 37.19 -3.38
CA CYS D 536 -16.83 35.74 -3.50
C CYS D 536 -16.90 35.32 -4.96
N VAL D 537 -15.78 34.81 -5.48
CA VAL D 537 -15.65 34.52 -6.90
C VAL D 537 -15.07 33.12 -7.07
N ASN D 538 -15.37 32.50 -8.21
CA ASN D 538 -14.65 31.31 -8.65
C ASN D 538 -13.37 31.73 -9.37
N PHE D 539 -12.23 31.20 -8.95
CA PHE D 539 -10.96 31.55 -9.56
C PHE D 539 -10.31 30.32 -10.18
N ASN D 540 -9.59 30.55 -11.28
CA ASN D 540 -8.82 29.54 -11.99
C ASN D 540 -7.43 30.08 -12.28
N PHE D 541 -6.78 30.59 -11.23
CA PHE D 541 -5.52 31.30 -11.36
C PHE D 541 -4.41 30.35 -11.78
N ASN D 542 -3.96 30.46 -13.02
CA ASN D 542 -2.81 29.71 -13.53
C ASN D 542 -2.98 28.20 -13.30
N GLY D 543 -4.19 27.71 -13.58
CA GLY D 543 -4.50 26.31 -13.43
C GLY D 543 -5.00 25.91 -12.06
N LEU D 544 -4.80 26.76 -11.05
CA LEU D 544 -5.29 26.49 -9.71
C LEU D 544 -6.74 26.95 -9.61
N THR D 545 -7.66 26.00 -9.58
CA THR D 545 -9.08 26.30 -9.53
C THR D 545 -9.60 26.22 -8.10
N GLY D 546 -10.61 27.04 -7.81
CA GLY D 546 -11.18 27.08 -6.47
C GLY D 546 -12.13 28.25 -6.35
N THR D 547 -12.72 28.34 -5.16
CA THR D 547 -13.69 29.38 -4.86
C THR D 547 -13.29 30.11 -3.58
N GLY D 548 -13.42 31.43 -3.59
CA GLY D 548 -13.09 32.20 -2.41
C GLY D 548 -13.16 33.69 -2.69
N VAL D 549 -12.76 34.45 -1.67
CA VAL D 549 -12.74 35.91 -1.71
C VAL D 549 -11.29 36.38 -1.74
N LEU D 550 -11.01 37.35 -2.59
CA LEU D 550 -9.66 37.86 -2.78
C LEU D 550 -9.56 39.31 -2.32
N THR D 551 -8.36 39.68 -1.85
CA THR D 551 -8.10 41.04 -1.40
C THR D 551 -6.59 41.27 -1.38
N LYS D 552 -6.21 42.53 -1.54
CA LYS D 552 -4.80 42.89 -1.46
C LYS D 552 -4.28 42.63 -0.05
N SER D 553 -3.11 41.99 0.04
CA SER D 553 -2.54 41.56 1.31
C SER D 553 -1.21 42.26 1.56
N ASN D 554 -0.64 41.97 2.73
CA ASN D 554 0.62 42.58 3.15
C ASN D 554 1.63 41.47 3.42
N LYS D 555 1.72 40.51 2.50
CA LYS D 555 2.69 39.43 2.62
C LYS D 555 4.01 39.86 1.97
N LYS D 556 5.00 38.96 2.00
CA LYS D 556 6.34 39.29 1.53
C LYS D 556 6.83 38.29 0.49
N PHE D 557 6.02 38.04 -0.54
CA PHE D 557 6.39 37.09 -1.59
C PHE D 557 7.72 37.46 -2.21
N LEU D 558 8.63 36.49 -2.27
CA LEU D 558 9.87 36.71 -2.99
C LEU D 558 9.61 36.50 -4.48
N PRO D 559 10.30 37.26 -5.34
CA PRO D 559 10.02 37.18 -6.79
C PRO D 559 9.88 35.79 -7.38
N PHE D 560 10.48 34.77 -6.78
CA PHE D 560 10.32 33.42 -7.30
C PHE D 560 9.13 32.67 -6.69
N GLN D 561 8.48 33.24 -5.68
CA GLN D 561 7.34 32.60 -5.05
C GLN D 561 6.08 32.87 -5.86
N GLN D 562 5.29 31.81 -6.10
CA GLN D 562 4.10 31.93 -6.94
C GLN D 562 2.81 31.57 -6.23
N PHE D 563 2.76 30.44 -5.52
CA PHE D 563 1.47 29.91 -5.05
C PHE D 563 1.09 30.41 -3.67
N GLY D 564 1.97 30.27 -2.69
CA GLY D 564 1.64 30.63 -1.32
C GLY D 564 0.81 29.56 -0.63
N ARG D 565 0.69 29.69 0.69
CA ARG D 565 0.02 28.68 1.50
C ARG D 565 -0.26 29.29 2.88
N ASP D 566 -0.80 28.46 3.78
CA ASP D 566 -1.02 28.84 5.17
C ASP D 566 -0.32 27.81 6.04
N ILE D 567 -0.63 27.81 7.34
CA ILE D 567 -0.07 26.80 8.24
C ILE D 567 -0.31 25.41 7.69
N VAL D 568 -1.57 25.03 7.49
CA VAL D 568 -1.90 23.72 6.97
C VAL D 568 -2.04 23.71 5.44
N ASP D 569 -0.89 23.63 4.76
CA ASP D 569 -0.74 23.11 3.39
C ASP D 569 -1.97 23.32 2.50
N THR D 570 -2.41 24.57 2.39
CA THR D 570 -3.49 24.93 1.49
C THR D 570 -3.26 26.31 0.89
N THR D 571 -3.63 26.47 -0.38
CA THR D 571 -3.41 27.74 -1.08
C THR D 571 -4.11 28.89 -0.37
N ASP D 572 -3.34 29.81 0.20
CA ASP D 572 -3.87 30.91 1.00
C ASP D 572 -3.78 32.26 0.28
N ALA D 573 -2.64 32.57 -0.33
CA ALA D 573 -2.43 33.87 -0.95
C ALA D 573 -1.63 33.70 -2.22
N VAL D 574 -2.22 34.05 -3.36
CA VAL D 574 -1.57 33.99 -4.65
C VAL D 574 -1.29 35.42 -5.11
N ARG D 575 -0.01 35.73 -5.33
CA ARG D 575 0.36 37.06 -5.79
C ARG D 575 -0.07 37.27 -7.24
N ASP D 576 -0.43 38.50 -7.57
CA ASP D 576 -0.91 38.81 -8.91
C ASP D 576 0.25 38.75 -9.89
N PRO D 577 0.22 37.86 -10.88
CA PRO D 577 1.34 37.77 -11.83
C PRO D 577 1.49 38.99 -12.72
N GLN D 578 0.43 39.77 -12.89
CA GLN D 578 0.48 40.94 -13.76
C GLN D 578 0.93 42.19 -13.00
N THR D 579 0.17 42.61 -12.01
CA THR D 579 0.41 43.86 -11.27
C THR D 579 1.29 43.67 -10.03
N LEU D 580 1.70 42.44 -9.73
CA LEU D 580 2.68 42.16 -8.68
C LEU D 580 2.21 42.61 -7.30
N GLU D 581 0.92 42.41 -7.01
CA GLU D 581 0.44 42.52 -5.64
C GLU D 581 0.01 41.14 -5.15
N ILE D 582 -0.13 41.04 -3.83
CA ILE D 582 -0.34 39.77 -3.15
C ILE D 582 -1.81 39.68 -2.77
N LEU D 583 -2.46 38.59 -3.17
CA LEU D 583 -3.90 38.44 -3.03
C LEU D 583 -4.22 37.24 -2.14
N ASP D 584 -4.83 37.49 -0.99
CA ASP D 584 -5.25 36.39 -0.12
C ASP D 584 -6.46 35.67 -0.72
N ILE D 585 -6.71 34.47 -0.20
CA ILE D 585 -7.88 33.67 -0.54
C ILE D 585 -8.64 33.36 0.74
N THR D 586 -9.95 33.59 0.72
CA THR D 586 -10.78 33.52 1.92
C THR D 586 -11.99 32.65 1.65
N PRO D 587 -12.44 31.85 2.64
CA PRO D 587 -13.66 31.06 2.46
C PRO D 587 -14.84 31.95 2.10
N CYS D 588 -15.82 31.40 1.39
CA CYS D 588 -16.88 32.25 0.82
C CYS D 588 -17.70 32.93 1.91
N SER D 589 -18.55 32.17 2.60
CA SER D 589 -19.17 32.66 3.83
C SER D 589 -19.47 31.53 4.82
N PHE D 590 -18.82 30.38 4.68
CA PHE D 590 -19.39 29.13 5.18
C PHE D 590 -19.48 29.13 6.71
N GLY D 591 -20.60 28.63 7.21
CA GLY D 591 -20.81 28.45 8.64
C GLY D 591 -21.75 27.28 8.91
N GLY D 592 -22.73 27.49 9.77
CA GLY D 592 -23.70 26.45 10.06
C GLY D 592 -25.07 27.01 10.42
N VAL D 593 -26.11 26.41 9.86
CA VAL D 593 -27.49 26.86 10.08
C VAL D 593 -28.24 25.80 10.87
N SER D 594 -28.83 26.22 11.98
CA SER D 594 -29.68 25.36 12.81
C SER D 594 -31.00 26.07 13.05
N VAL D 595 -32.10 25.35 12.84
CA VAL D 595 -33.44 25.92 12.96
C VAL D 595 -33.91 25.75 14.39
N ILE D 596 -34.37 26.85 14.99
CA ILE D 596 -34.90 26.86 16.35
C ILE D 596 -36.42 26.96 16.24
N THR D 597 -37.12 25.90 16.62
CA THR D 597 -38.56 25.83 16.47
C THR D 597 -39.20 25.17 17.69
N PRO D 598 -40.41 25.58 18.05
CA PRO D 598 -41.19 24.82 19.04
C PRO D 598 -41.78 23.57 18.40
N GLY D 599 -42.57 22.86 19.19
CA GLY D 599 -43.27 21.70 18.67
C GLY D 599 -44.19 22.09 17.53
N THR D 600 -44.20 21.27 16.48
CA THR D 600 -45.06 21.54 15.33
C THR D 600 -46.54 21.49 15.72
N ASN D 601 -46.89 20.68 16.71
CA ASN D 601 -48.25 20.67 17.22
C ASN D 601 -48.59 21.95 17.97
N THR D 602 -47.59 22.74 18.34
CA THR D 602 -47.81 24.04 18.98
C THR D 602 -47.94 25.15 17.94
N SER D 603 -46.92 25.29 17.09
CA SER D 603 -46.94 26.32 16.06
C SER D 603 -45.95 25.94 14.96
N ASN D 604 -46.07 26.63 13.83
CA ASN D 604 -45.17 26.43 12.70
C ASN D 604 -44.10 27.52 12.60
N GLN D 605 -44.07 28.45 13.55
CA GLN D 605 -43.07 29.51 13.54
C GLN D 605 -41.69 28.93 13.81
N VAL D 606 -40.68 29.51 13.15
CA VAL D 606 -39.31 29.03 13.25
C VAL D 606 -38.37 30.22 13.43
N ALA D 607 -37.17 29.92 13.91
CA ALA D 607 -36.12 30.92 14.09
C ALA D 607 -34.81 30.36 13.55
N VAL D 608 -34.26 31.02 12.54
CA VAL D 608 -33.06 30.53 11.87
C VAL D 608 -31.82 31.08 12.57
N LEU D 609 -30.87 30.21 12.83
CA LEU D 609 -29.62 30.57 13.51
C LEU D 609 -28.45 30.16 12.63
N TYR D 610 -27.69 31.15 12.16
CA TYR D 610 -26.45 30.90 11.44
C TYR D 610 -25.30 30.92 12.44
N GLN D 611 -24.47 29.88 12.42
CA GLN D 611 -23.45 29.69 13.42
C GLN D 611 -22.17 30.43 13.05
N GLY D 612 -21.70 31.27 13.97
CA GLY D 612 -20.41 31.93 13.81
C GLY D 612 -20.29 32.84 12.61
N VAL D 613 -21.34 33.60 12.31
CA VAL D 613 -21.34 34.51 11.17
C VAL D 613 -22.12 35.77 11.56
N ASN D 614 -21.47 36.92 11.43
CA ASN D 614 -22.17 38.19 11.63
C ASN D 614 -23.25 38.34 10.57
N CYS D 615 -24.47 38.72 11.00
CA CYS D 615 -25.58 38.81 10.01
C CYS D 615 -25.35 40.02 9.11
N THR D 616 -24.29 40.78 9.35
CA THR D 616 -23.97 41.88 8.41
C THR D 616 -23.35 41.22 7.17
N GLU D 617 -22.59 40.14 7.40
CA GLU D 617 -22.01 39.39 6.26
C GLU D 617 -23.13 38.60 5.57
N VAL D 618 -24.19 38.24 6.31
CA VAL D 618 -25.21 37.41 5.69
C VAL D 618 -26.47 38.22 5.37
N SER D 619 -26.65 39.37 6.02
CA SER D 619 -27.76 40.25 5.63
C SER D 619 -27.58 40.77 4.21
N VAL D 620 -26.39 41.32 3.92
CA VAL D 620 -26.13 41.77 2.56
C VAL D 620 -26.03 40.58 1.61
N ALA D 621 -25.65 39.41 2.09
CA ALA D 621 -25.71 38.21 1.25
C ALA D 621 -27.15 37.89 0.85
N ILE D 622 -28.08 37.97 1.80
CA ILE D 622 -29.49 37.75 1.50
C ILE D 622 -29.98 38.81 0.52
N HIS D 623 -29.58 40.06 0.74
CA HIS D 623 -30.00 41.14 -0.15
C HIS D 623 -29.50 40.91 -1.57
N ALA D 624 -28.24 40.48 -1.72
CA ALA D 624 -27.67 40.22 -3.03
C ALA D 624 -28.09 38.88 -3.61
N ASP D 625 -28.75 38.03 -2.82
CA ASP D 625 -29.27 36.75 -3.29
C ASP D 625 -28.15 35.86 -3.81
N GLN D 626 -27.24 35.50 -2.89
CA GLN D 626 -26.15 34.58 -3.20
C GLN D 626 -25.97 33.50 -2.15
N LEU D 627 -26.93 33.34 -1.24
CA LEU D 627 -26.83 32.34 -0.18
C LEU D 627 -27.32 30.99 -0.69
N THR D 628 -26.59 29.93 -0.34
CA THR D 628 -26.96 28.59 -0.80
C THR D 628 -28.35 28.16 -0.34
N PRO D 629 -28.76 28.33 0.93
CA PRO D 629 -30.15 27.99 1.29
C PRO D 629 -31.15 28.83 0.51
N THR D 630 -31.95 28.18 -0.34
CA THR D 630 -32.91 28.91 -1.16
C THR D 630 -34.04 29.49 -0.32
N TRP D 631 -34.39 28.83 0.79
CA TRP D 631 -35.38 29.38 1.69
C TRP D 631 -34.85 30.65 2.35
N ARG D 632 -35.62 31.72 2.25
CA ARG D 632 -35.23 33.03 2.78
C ARG D 632 -36.22 33.40 3.89
N VAL D 633 -35.78 33.28 5.14
CA VAL D 633 -36.62 33.63 6.27
C VAL D 633 -36.80 35.14 6.32
N TYR D 634 -38.03 35.58 6.59
CA TYR D 634 -38.34 37.00 6.60
C TYR D 634 -37.54 37.73 7.67
N SER D 635 -36.98 38.87 7.29
CA SER D 635 -36.21 39.72 8.21
C SER D 635 -36.84 41.10 8.21
N THR D 636 -37.61 41.40 9.24
CA THR D 636 -38.28 42.68 9.38
C THR D 636 -37.41 43.75 10.02
N GLY D 637 -36.18 43.41 10.38
CA GLY D 637 -35.33 44.32 11.12
C GLY D 637 -35.58 44.23 12.61
N SER D 638 -36.85 44.02 12.99
CA SER D 638 -37.17 43.84 14.41
C SER D 638 -36.75 42.48 14.93
N ASN D 639 -36.63 41.47 14.06
CA ASN D 639 -36.21 40.14 14.48
C ASN D 639 -34.85 39.85 13.86
N VAL D 640 -33.81 40.35 14.51
CA VAL D 640 -32.41 40.05 14.22
C VAL D 640 -31.62 40.28 15.50
N PHE D 641 -30.85 39.27 15.92
CA PHE D 641 -30.11 39.34 17.18
C PHE D 641 -28.71 38.79 16.97
N GLN D 642 -27.73 39.69 16.89
CA GLN D 642 -26.34 39.28 16.78
C GLN D 642 -25.87 38.75 18.11
N THR D 643 -25.72 37.43 18.19
CA THR D 643 -25.27 36.76 19.41
C THR D 643 -23.79 36.37 19.28
N ARG D 644 -23.26 35.81 20.37
CA ARG D 644 -21.88 35.36 20.35
C ARG D 644 -21.73 33.98 19.70
N ALA D 645 -22.83 33.31 19.39
CA ALA D 645 -22.82 32.02 18.70
C ALA D 645 -23.17 32.16 17.22
N GLY D 646 -23.14 33.37 16.69
CA GLY D 646 -23.64 33.64 15.35
C GLY D 646 -24.63 34.77 15.40
N CYS D 647 -25.84 34.56 14.90
CA CYS D 647 -26.94 35.48 15.16
C CYS D 647 -28.25 34.79 14.81
N LEU D 648 -29.33 35.33 15.36
CA LEU D 648 -30.67 34.75 15.23
C LEU D 648 -31.53 35.58 14.29
N ILE D 649 -32.25 34.91 13.41
CA ILE D 649 -33.21 35.53 12.51
C ILE D 649 -34.56 34.86 12.73
N GLY D 650 -35.60 35.66 12.90
CA GLY D 650 -36.94 35.16 13.16
C GLY D 650 -37.37 35.19 14.60
N ALA D 651 -36.57 35.77 15.50
CA ALA D 651 -36.92 35.88 16.91
C ALA D 651 -36.52 37.26 17.41
N GLU D 652 -37.42 37.89 18.15
CA GLU D 652 -37.15 39.19 18.76
C GLU D 652 -36.53 38.99 20.13
N TYR D 653 -35.49 39.77 20.42
CA TYR D 653 -34.75 39.64 21.67
C TYR D 653 -35.39 40.52 22.73
N VAL D 654 -35.84 39.91 23.80
CA VAL D 654 -36.40 40.64 24.94
C VAL D 654 -35.33 40.77 26.02
N ASN D 655 -35.42 41.85 26.79
CA ASN D 655 -34.48 42.07 27.89
C ASN D 655 -34.86 41.27 29.14
N ASN D 656 -36.01 40.62 29.15
CA ASN D 656 -36.44 39.86 30.31
C ASN D 656 -35.61 38.59 30.47
N SER D 657 -35.82 37.90 31.58
CA SER D 657 -35.09 36.68 31.90
C SER D 657 -36.08 35.60 32.31
N TYR D 658 -36.06 34.48 31.60
CA TYR D 658 -36.90 33.34 31.89
C TYR D 658 -36.04 32.08 31.93
N GLU D 659 -36.60 31.02 32.51
CA GLU D 659 -35.92 29.73 32.51
C GLU D 659 -35.67 29.27 31.08
N CYS D 660 -34.49 28.73 30.84
CA CYS D 660 -34.10 28.34 29.49
C CYS D 660 -34.99 27.23 28.96
N ASP D 661 -35.54 27.45 27.76
CA ASP D 661 -36.40 26.46 27.11
C ASP D 661 -35.66 25.76 25.97
N ILE D 662 -35.12 26.52 25.02
CA ILE D 662 -34.36 25.96 23.91
C ILE D 662 -32.94 26.52 23.97
N PRO D 663 -31.94 25.70 24.30
CA PRO D 663 -30.56 26.20 24.36
C PRO D 663 -30.09 26.65 22.99
N ILE D 664 -29.36 27.76 22.96
CA ILE D 664 -28.83 28.33 21.72
C ILE D 664 -27.31 28.41 21.77
N GLY D 665 -26.77 29.05 22.80
CA GLY D 665 -25.34 29.25 22.94
C GLY D 665 -25.09 30.63 23.48
N ALA D 666 -23.98 30.79 24.23
CA ALA D 666 -23.58 32.07 24.79
C ALA D 666 -24.65 32.67 25.69
N GLY D 667 -25.30 31.81 26.48
CA GLY D 667 -26.20 32.29 27.52
C GLY D 667 -27.51 32.84 27.04
N ILE D 668 -27.94 32.51 25.83
CA ILE D 668 -29.24 32.95 25.32
C ILE D 668 -30.07 31.71 24.99
N CYS D 669 -31.39 31.85 25.14
CA CYS D 669 -32.32 30.77 24.87
C CYS D 669 -33.55 31.32 24.17
N ALA D 670 -34.21 30.47 23.41
CA ALA D 670 -35.43 30.82 22.69
C ALA D 670 -36.62 30.04 23.23
N SER D 671 -37.80 30.64 23.12
CA SER D 671 -39.01 30.02 23.60
C SER D 671 -40.21 30.62 22.88
N TYR D 672 -41.29 29.84 22.82
CA TYR D 672 -42.54 30.31 22.24
C TYR D 672 -43.38 30.91 23.36
N GLN D 673 -43.44 32.24 23.42
CA GLN D 673 -44.11 32.95 24.48
C GLN D 673 -45.14 33.91 23.90
N THR D 674 -46.13 34.25 24.72
CA THR D 674 -47.20 35.14 24.29
C THR D 674 -46.69 36.58 24.17
N GLN D 675 -47.47 37.40 23.47
CA GLN D 675 -47.12 38.80 23.27
C GLN D 675 -47.68 39.66 24.39
N SER D 687 -50.62 37.15 18.87
CA SER D 687 -50.64 37.07 20.32
C SER D 687 -49.52 36.16 20.83
N GLN D 688 -48.86 35.47 19.91
CA GLN D 688 -47.77 34.57 20.24
C GLN D 688 -46.64 34.75 19.23
N SER D 689 -45.42 34.48 19.67
CA SER D 689 -44.24 34.61 18.83
C SER D 689 -43.08 33.89 19.49
N ILE D 690 -41.92 33.95 18.85
CA ILE D 690 -40.70 33.33 19.33
C ILE D 690 -39.77 34.44 19.84
N ILE D 691 -39.30 34.30 21.06
CA ILE D 691 -38.47 35.32 21.71
C ILE D 691 -37.16 34.69 22.13
N ALA D 692 -36.06 35.38 21.82
CA ALA D 692 -34.74 35.03 22.33
C ALA D 692 -34.43 35.91 23.54
N TYR D 693 -33.80 35.32 24.55
CA TYR D 693 -33.56 36.04 25.79
C TYR D 693 -32.32 35.50 26.47
N THR D 694 -31.70 36.34 27.28
CA THR D 694 -30.62 35.88 28.15
C THR D 694 -31.19 34.98 29.24
N MET D 695 -30.59 33.81 29.40
CA MET D 695 -31.08 32.84 30.37
C MET D 695 -30.91 33.38 31.80
N SER D 696 -31.84 32.99 32.67
CA SER D 696 -31.79 33.35 34.08
C SER D 696 -31.35 32.13 34.88
N LEU D 697 -30.31 32.30 35.69
CA LEU D 697 -29.77 31.19 36.46
C LEU D 697 -30.74 30.70 37.53
N GLY D 698 -31.71 31.51 37.90
CA GLY D 698 -32.69 31.12 38.89
C GLY D 698 -33.27 32.33 39.57
N ALA D 699 -34.12 32.07 40.56
CA ALA D 699 -34.74 33.14 41.33
C ALA D 699 -33.69 33.86 42.18
N GLU D 700 -33.76 35.19 42.20
CA GLU D 700 -32.82 35.99 42.97
C GLU D 700 -33.20 35.94 44.45
N ASN D 701 -32.25 35.54 45.29
CA ASN D 701 -32.48 35.42 46.72
C ASN D 701 -31.32 36.03 47.48
N SER D 702 -31.63 36.61 48.64
CA SER D 702 -30.63 37.20 49.53
C SER D 702 -30.74 36.57 50.90
N VAL D 703 -29.61 36.15 51.44
CA VAL D 703 -29.55 35.52 52.76
C VAL D 703 -29.32 36.61 53.80
N ALA D 704 -29.95 36.46 54.96
CA ALA D 704 -29.92 37.45 56.03
C ALA D 704 -28.89 37.12 57.09
N TYR D 705 -27.75 36.57 56.69
CA TYR D 705 -26.69 36.24 57.62
C TYR D 705 -26.27 37.44 58.46
N SER D 706 -26.15 37.22 59.77
CA SER D 706 -25.76 38.27 60.70
C SER D 706 -24.84 37.67 61.75
N ASN D 707 -24.36 38.54 62.65
CA ASN D 707 -23.43 38.10 63.69
C ASN D 707 -24.09 37.10 64.64
N ASN D 708 -25.34 37.36 65.04
CA ASN D 708 -26.02 36.55 66.04
C ASN D 708 -27.44 36.19 65.62
N SER D 709 -27.67 36.02 64.32
CA SER D 709 -28.98 35.64 63.80
C SER D 709 -28.90 34.25 63.19
N ILE D 710 -29.79 33.36 63.61
CA ILE D 710 -29.85 32.00 63.11
C ILE D 710 -31.29 31.68 62.73
N ALA D 711 -31.46 30.93 61.64
CA ALA D 711 -32.76 30.46 61.20
C ALA D 711 -32.83 28.95 61.42
N ILE D 712 -33.90 28.50 62.08
CA ILE D 712 -34.08 27.09 62.38
C ILE D 712 -35.47 26.65 61.93
N PRO D 713 -35.60 25.51 61.26
CA PRO D 713 -36.92 25.08 60.76
C PRO D 713 -37.83 24.68 61.91
N THR D 714 -38.87 25.47 62.16
CA THR D 714 -39.86 25.13 63.17
C THR D 714 -40.75 23.96 62.75
N ASN D 715 -40.80 23.66 61.45
CA ASN D 715 -41.58 22.55 60.93
C ASN D 715 -40.69 21.77 59.96
N PHE D 716 -41.22 20.65 59.46
CA PHE D 716 -40.48 19.84 58.52
C PHE D 716 -41.45 19.27 57.49
N THR D 717 -40.88 18.64 56.46
CA THR D 717 -41.68 18.01 55.43
C THR D 717 -40.92 16.84 54.84
N ILE D 718 -41.65 15.93 54.22
CA ILE D 718 -41.08 14.79 53.51
C ILE D 718 -41.37 14.95 52.03
N SER D 719 -40.46 14.45 51.20
CA SER D 719 -40.59 14.56 49.75
C SER D 719 -40.03 13.30 49.11
N VAL D 720 -40.75 12.79 48.11
CA VAL D 720 -40.31 11.60 47.38
C VAL D 720 -39.95 11.99 45.97
N THR D 721 -38.67 12.24 45.73
CA THR D 721 -38.17 12.53 44.39
C THR D 721 -37.97 11.21 43.65
N THR D 722 -37.35 11.28 42.47
CA THR D 722 -37.13 10.08 41.68
C THR D 722 -35.83 10.22 40.91
N GLU D 723 -35.15 9.09 40.74
CA GLU D 723 -33.91 9.03 39.97
C GLU D 723 -34.05 7.96 38.89
N ILE D 724 -33.74 8.33 37.65
CA ILE D 724 -33.77 7.41 36.52
C ILE D 724 -32.35 7.00 36.22
N LEU D 725 -32.10 5.69 36.17
CA LEU D 725 -30.74 5.20 35.93
C LEU D 725 -30.75 4.00 34.99
N PRO D 726 -30.19 4.14 33.79
CA PRO D 726 -30.08 2.97 32.90
C PRO D 726 -29.20 1.89 33.52
N VAL D 727 -29.60 0.64 33.30
CA VAL D 727 -28.89 -0.50 33.87
C VAL D 727 -28.28 -1.34 32.75
N SER D 728 -28.97 -1.40 31.62
CA SER D 728 -28.53 -2.23 30.50
C SER D 728 -29.28 -1.80 29.24
N MET D 729 -28.85 -2.36 28.12
CA MET D 729 -29.46 -2.13 26.82
C MET D 729 -29.72 -3.47 26.16
N THR D 730 -30.33 -3.43 24.97
CA THR D 730 -30.57 -4.65 24.22
C THR D 730 -29.26 -5.30 23.79
N LYS D 731 -29.15 -6.61 23.98
CA LYS D 731 -27.94 -7.34 23.62
C LYS D 731 -27.94 -7.68 22.14
N THR D 732 -26.81 -7.49 21.48
CA THR D 732 -26.68 -7.69 20.05
C THR D 732 -25.63 -8.75 19.75
N SER D 733 -25.89 -9.55 18.73
CA SER D 733 -25.01 -10.66 18.34
C SER D 733 -24.80 -10.64 16.82
N VAL D 734 -24.42 -9.47 16.30
CA VAL D 734 -24.24 -9.28 14.87
C VAL D 734 -23.40 -10.40 14.27
N ASP D 735 -23.79 -10.88 13.09
CA ASP D 735 -23.14 -11.98 12.43
C ASP D 735 -22.46 -11.51 11.14
N CYS D 736 -21.15 -11.73 11.06
CA CYS D 736 -20.36 -11.20 9.95
C CYS D 736 -20.79 -11.79 8.62
N THR D 737 -20.84 -13.11 8.53
CA THR D 737 -21.09 -13.76 7.25
C THR D 737 -22.40 -13.29 6.65
N MET D 738 -23.46 -13.29 7.44
CA MET D 738 -24.75 -12.87 6.93
C MET D 738 -24.77 -11.37 6.61
N TYR D 739 -24.28 -10.54 7.53
CA TYR D 739 -24.42 -9.10 7.33
C TYR D 739 -23.62 -8.62 6.12
N ILE D 740 -22.43 -9.16 5.92
CA ILE D 740 -21.57 -8.65 4.86
C ILE D 740 -21.68 -9.45 3.57
N CYS D 741 -22.16 -10.69 3.62
CA CYS D 741 -22.25 -11.54 2.43
C CYS D 741 -23.51 -12.40 2.55
N GLY D 742 -24.61 -11.93 1.98
CA GLY D 742 -25.84 -12.71 2.02
C GLY D 742 -25.70 -14.03 1.30
N ASP D 743 -25.60 -15.12 2.06
CA ASP D 743 -25.48 -16.52 1.64
C ASP D 743 -24.76 -16.67 0.29
N SER D 744 -23.59 -16.05 0.16
CA SER D 744 -22.79 -16.11 -1.06
C SER D 744 -21.47 -16.78 -0.75
N THR D 745 -21.20 -17.90 -1.44
CA THR D 745 -19.99 -18.67 -1.17
C THR D 745 -18.74 -17.89 -1.55
N GLU D 746 -18.74 -17.28 -2.74
CA GLU D 746 -17.58 -16.52 -3.18
C GLU D 746 -17.35 -15.31 -2.28
N CYS D 747 -18.44 -14.65 -1.86
CA CYS D 747 -18.32 -13.52 -0.95
C CYS D 747 -17.72 -13.94 0.38
N SER D 748 -18.18 -15.07 0.92
CA SER D 748 -17.60 -15.55 2.17
C SER D 748 -16.14 -15.92 2.01
N ASN D 749 -15.77 -16.52 0.88
CA ASN D 749 -14.38 -16.86 0.62
C ASN D 749 -13.51 -15.60 0.56
N LEU D 750 -14.00 -14.55 -0.09
CA LEU D 750 -13.25 -13.30 -0.13
C LEU D 750 -13.15 -12.67 1.25
N LEU D 751 -14.23 -12.72 2.04
CA LEU D 751 -14.19 -12.17 3.39
C LEU D 751 -13.18 -12.93 4.25
N LEU D 752 -13.04 -14.23 4.01
CA LEU D 752 -12.04 -15.01 4.75
C LEU D 752 -10.63 -14.48 4.51
N GLN D 753 -10.38 -13.83 3.38
CA GLN D 753 -9.06 -13.29 3.08
C GLN D 753 -8.70 -12.09 3.96
N TYR D 754 -9.65 -11.54 4.69
CA TYR D 754 -9.40 -10.42 5.59
C TYR D 754 -8.93 -10.86 6.96
N GLY D 755 -8.62 -12.14 7.14
CA GLY D 755 -8.18 -12.64 8.43
C GLY D 755 -9.32 -12.72 9.45
N SER D 756 -8.92 -12.84 10.71
CA SER D 756 -9.87 -12.84 11.81
C SER D 756 -10.25 -11.41 12.17
N PHE D 757 -10.73 -10.65 11.18
CA PHE D 757 -11.05 -9.25 11.40
C PHE D 757 -12.35 -9.08 12.16
N CYS D 758 -13.30 -9.98 11.96
CA CYS D 758 -14.62 -9.85 12.58
C CYS D 758 -14.83 -10.81 13.75
N THR D 759 -13.97 -11.81 13.92
CA THR D 759 -14.03 -12.63 15.13
C THR D 759 -13.83 -11.76 16.37
N GLN D 760 -12.95 -10.77 16.26
CA GLN D 760 -12.83 -9.75 17.30
C GLN D 760 -14.16 -9.07 17.55
N LEU D 761 -14.90 -8.78 16.47
CA LEU D 761 -16.19 -8.11 16.60
C LEU D 761 -17.22 -8.98 17.29
N LYS D 762 -17.29 -10.26 16.92
CA LYS D 762 -18.22 -11.18 17.57
C LYS D 762 -17.88 -11.35 19.04
N ARG D 763 -16.58 -11.46 19.36
CA ARG D 763 -16.16 -11.56 20.75
C ARG D 763 -16.50 -10.31 21.52
N ALA D 764 -16.33 -9.13 20.91
CA ALA D 764 -16.67 -7.88 21.57
C ALA D 764 -18.16 -7.80 21.86
N LEU D 765 -19.00 -8.21 20.91
CA LEU D 765 -20.45 -8.16 21.14
C LEU D 765 -20.87 -9.17 22.20
N THR D 766 -20.25 -10.35 22.20
CA THR D 766 -20.52 -11.33 23.25
C THR D 766 -20.14 -10.78 24.62
N GLY D 767 -18.97 -10.14 24.70
CA GLY D 767 -18.56 -9.51 25.94
C GLY D 767 -19.50 -8.40 26.37
N ILE D 768 -20.04 -7.66 25.40
CA ILE D 768 -21.00 -6.60 25.71
C ILE D 768 -22.27 -7.19 26.30
N ALA D 769 -22.77 -8.28 25.72
CA ALA D 769 -23.96 -8.93 26.27
C ALA D 769 -23.68 -9.46 27.67
N VAL D 770 -22.51 -10.08 27.87
CA VAL D 770 -22.14 -10.58 29.19
C VAL D 770 -22.07 -9.43 30.19
N GLU D 771 -21.53 -8.29 29.75
CA GLU D 771 -21.45 -7.12 30.63
C GLU D 771 -22.82 -6.59 30.98
N GLN D 772 -23.76 -6.62 30.02
CA GLN D 772 -25.13 -6.20 30.33
C GLN D 772 -25.74 -7.11 31.38
N ASP D 773 -25.57 -8.43 31.21
CA ASP D 773 -26.09 -9.38 32.19
C ASP D 773 -25.46 -9.16 33.56
N LYS D 774 -24.14 -8.94 33.59
CA LYS D 774 -23.45 -8.70 34.85
C LYS D 774 -23.88 -7.40 35.50
N ASN D 775 -24.14 -6.36 34.70
CA ASN D 775 -24.65 -5.11 35.24
C ASN D 775 -26.00 -5.31 35.91
N THR D 776 -26.89 -6.04 35.24
CA THR D 776 -28.20 -6.33 35.83
C THR D 776 -28.04 -7.13 37.13
N GLN D 777 -27.18 -8.14 37.11
CA GLN D 777 -26.95 -8.96 38.30
C GLN D 777 -26.42 -8.12 39.45
N GLU D 778 -25.43 -7.28 39.17
CA GLU D 778 -24.83 -6.44 40.21
C GLU D 778 -25.83 -5.45 40.78
N VAL D 779 -26.68 -4.87 39.92
CA VAL D 779 -27.56 -3.82 40.42
C VAL D 779 -28.79 -4.39 41.11
N PHE D 780 -29.20 -5.62 40.79
CA PHE D 780 -30.42 -6.16 41.36
C PHE D 780 -30.19 -7.28 42.37
N ALA D 781 -29.38 -8.29 42.03
CA ALA D 781 -29.18 -9.44 42.91
C ALA D 781 -28.19 -9.11 44.02
N GLN D 782 -28.54 -8.10 44.81
CA GLN D 782 -27.74 -7.69 45.96
C GLN D 782 -28.12 -8.42 47.24
N VAL D 783 -29.17 -9.23 47.22
CA VAL D 783 -29.61 -9.99 48.38
C VAL D 783 -29.65 -11.46 48.01
N LYS D 784 -29.08 -12.30 48.87
CA LYS D 784 -29.03 -13.74 48.63
C LYS D 784 -30.32 -14.45 49.01
N GLN D 785 -31.25 -13.77 49.68
CA GLN D 785 -32.50 -14.37 50.12
C GLN D 785 -33.66 -13.51 49.66
N ILE D 786 -34.65 -14.12 49.03
CA ILE D 786 -35.82 -13.41 48.52
C ILE D 786 -36.80 -13.25 49.68
N TYR D 787 -36.79 -12.08 50.31
CA TYR D 787 -37.69 -11.80 51.41
C TYR D 787 -39.10 -11.53 50.90
N LYS D 788 -40.09 -11.82 51.73
CA LYS D 788 -41.49 -11.64 51.41
C LYS D 788 -42.15 -10.72 52.43
N THR D 789 -42.98 -9.81 51.94
CA THR D 789 -43.72 -8.92 52.81
C THR D 789 -44.74 -9.71 53.63
N PRO D 790 -45.00 -9.29 54.87
CA PRO D 790 -46.01 -9.98 55.67
C PRO D 790 -47.38 -9.85 55.03
N PRO D 791 -48.27 -10.82 55.25
CA PRO D 791 -49.60 -10.76 54.61
C PRO D 791 -50.38 -9.51 54.96
N ILE D 792 -50.26 -9.01 56.18
CA ILE D 792 -50.93 -7.80 56.60
C ILE D 792 -49.98 -6.62 56.40
N LYS D 793 -50.46 -5.59 55.72
CA LYS D 793 -49.65 -4.43 55.35
C LYS D 793 -50.15 -3.21 56.14
N TYR D 794 -49.61 -3.03 57.35
CA TYR D 794 -49.87 -1.85 58.17
C TYR D 794 -48.56 -1.49 58.86
N PHE D 795 -47.78 -0.63 58.22
CA PHE D 795 -46.47 -0.23 58.73
C PHE D 795 -46.57 1.10 59.47
N GLY D 796 -47.29 1.06 60.59
CA GLY D 796 -47.47 2.24 61.39
C GLY D 796 -48.17 3.39 60.70
N GLY D 797 -49.10 3.09 59.79
CA GLY D 797 -49.79 4.10 59.03
C GLY D 797 -49.19 4.38 57.66
N PHE D 798 -47.97 3.92 57.41
CA PHE D 798 -47.34 4.12 56.11
C PHE D 798 -47.99 3.22 55.08
N ASN D 799 -48.31 3.79 53.91
CA ASN D 799 -48.96 3.06 52.83
C ASN D 799 -47.91 2.64 51.81
N PHE D 800 -47.82 1.34 51.55
CA PHE D 800 -46.81 0.79 50.64
C PHE D 800 -47.42 -0.02 49.51
N SER D 801 -48.74 -0.01 49.35
CA SER D 801 -49.37 -0.76 48.26
C SER D 801 -49.00 -0.19 46.90
N GLN D 802 -48.57 1.07 46.83
CA GLN D 802 -48.18 1.68 45.57
C GLN D 802 -46.83 1.18 45.07
N ILE D 803 -46.01 0.62 45.95
CA ILE D 803 -44.70 0.12 45.56
C ILE D 803 -44.55 -1.38 45.79
N LEU D 804 -45.37 -2.00 46.63
CA LEU D 804 -45.33 -3.43 46.80
C LEU D 804 -46.08 -4.13 45.66
N PRO D 805 -45.71 -5.35 45.32
CA PRO D 805 -46.34 -6.03 44.18
C PRO D 805 -47.83 -6.26 44.40
N ASP D 806 -48.59 -6.20 43.30
CA ASP D 806 -50.03 -6.42 43.34
C ASP D 806 -50.32 -7.88 43.01
N PRO D 807 -50.91 -8.65 43.93
CA PRO D 807 -51.18 -10.06 43.64
C PRO D 807 -52.12 -10.27 42.46
N SER D 808 -53.08 -9.36 42.23
CA SER D 808 -54.04 -9.54 41.15
C SER D 808 -53.37 -9.47 39.79
N LYS D 809 -52.31 -8.69 39.67
CA LYS D 809 -51.62 -8.55 38.40
C LYS D 809 -50.95 -9.87 38.00
N PRO D 810 -51.10 -10.32 36.75
CA PRO D 810 -50.41 -11.55 36.34
C PRO D 810 -48.90 -11.45 36.42
N SER D 811 -48.32 -10.28 36.18
CA SER D 811 -46.87 -10.10 36.25
C SER D 811 -46.36 -9.91 37.66
N LYS D 812 -47.24 -9.68 38.63
CA LYS D 812 -46.87 -9.47 40.03
C LYS D 812 -45.89 -8.30 40.17
N ARG D 813 -46.38 -7.12 39.82
CA ARG D 813 -45.58 -5.90 39.82
C ARG D 813 -46.32 -4.79 40.54
N SER D 814 -45.58 -3.76 40.94
CA SER D 814 -46.18 -2.62 41.61
C SER D 814 -46.84 -1.68 40.59
N PRO D 815 -47.76 -0.83 41.05
CA PRO D 815 -48.34 0.17 40.14
C PRO D 815 -47.29 1.07 39.49
N ILE D 816 -46.25 1.45 40.23
CA ILE D 816 -45.18 2.25 39.63
C ILE D 816 -44.48 1.46 38.53
N GLU D 817 -44.29 0.15 38.75
CA GLU D 817 -43.72 -0.69 37.70
C GLU D 817 -44.62 -0.76 36.48
N ASP D 818 -45.93 -0.85 36.69
CA ASP D 818 -46.86 -0.83 35.57
C ASP D 818 -46.75 0.48 34.80
N LEU D 819 -46.69 1.60 35.51
CA LEU D 819 -46.57 2.89 34.85
C LEU D 819 -45.26 2.98 34.06
N LEU D 820 -44.17 2.48 34.64
CA LEU D 820 -42.89 2.50 33.94
C LEU D 820 -42.94 1.64 32.68
N PHE D 821 -43.54 0.46 32.78
CA PHE D 821 -43.63 -0.43 31.62
C PHE D 821 -44.55 0.14 30.54
N ASN D 822 -45.58 0.90 30.94
CA ASN D 822 -46.50 1.50 29.97
C ASN D 822 -46.01 2.84 29.47
N LYS D 823 -44.98 3.42 30.06
CA LYS D 823 -44.41 4.69 29.61
C LYS D 823 -43.11 4.50 28.85
N VAL D 824 -42.68 3.26 28.65
CA VAL D 824 -41.47 2.96 27.88
C VAL D 824 -41.87 2.05 26.72
N THR D 825 -41.57 2.48 25.51
CA THR D 825 -41.91 1.74 24.30
C THR D 825 -40.65 1.12 23.73
N LEU D 826 -40.71 -0.19 23.48
CA LEU D 826 -39.58 -0.94 22.95
C LEU D 826 -39.80 -1.21 21.46
N ALA D 827 -38.83 -0.82 20.64
CA ALA D 827 -38.92 -1.10 19.21
C ALA D 827 -38.76 -2.59 18.95
N ASP D 828 -37.78 -3.23 19.59
CA ASP D 828 -37.48 -4.64 19.41
C ASP D 828 -37.70 -5.36 20.73
N ALA D 829 -38.78 -6.15 20.81
CA ALA D 829 -39.01 -6.95 22.01
C ALA D 829 -37.94 -8.03 22.18
N GLY D 830 -37.56 -8.67 21.09
CA GLY D 830 -36.54 -9.72 21.16
C GLY D 830 -37.00 -11.07 21.65
N PHE D 831 -37.69 -11.11 22.79
CA PHE D 831 -38.19 -12.36 23.35
C PHE D 831 -39.53 -12.72 22.73
N ILE D 832 -39.60 -12.76 21.41
CA ILE D 832 -40.85 -13.01 20.71
C ILE D 832 -40.69 -14.15 19.71
N LYS D 833 -39.45 -14.43 19.32
CA LYS D 833 -39.15 -15.32 18.20
C LYS D 833 -39.95 -14.91 16.97
N GLN D 834 -39.63 -13.71 16.49
CA GLN D 834 -40.46 -13.05 15.48
C GLN D 834 -40.54 -13.86 14.19
N TYR D 835 -39.54 -14.68 13.90
CA TYR D 835 -39.60 -15.51 12.71
C TYR D 835 -40.79 -16.46 12.80
N GLY D 836 -41.54 -16.56 11.70
CA GLY D 836 -42.80 -17.29 11.66
C GLY D 836 -43.99 -16.39 11.35
N ASP D 837 -43.90 -15.11 11.70
CA ASP D 837 -44.95 -14.15 11.38
C ASP D 837 -44.49 -13.06 10.42
N CYS D 838 -43.22 -13.05 10.01
CA CYS D 838 -42.76 -12.08 9.02
C CYS D 838 -43.48 -12.30 7.69
N LEU D 839 -43.69 -13.57 7.31
CA LEU D 839 -44.47 -13.86 6.12
C LEU D 839 -45.94 -13.50 6.28
N GLY D 840 -46.43 -13.42 7.52
CA GLY D 840 -47.78 -13.02 7.83
C GLY D 840 -47.94 -11.55 8.16
N ASP D 841 -46.98 -10.71 7.79
CA ASP D 841 -47.04 -9.29 8.11
C ASP D 841 -48.14 -8.57 7.34
N ILE D 842 -48.66 -9.17 6.27
CA ILE D 842 -49.71 -8.60 5.43
C ILE D 842 -49.22 -7.30 4.81
N ALA D 843 -49.01 -6.28 5.63
CA ALA D 843 -48.46 -5.02 5.16
C ALA D 843 -46.94 -5.13 5.05
N ALA D 844 -46.27 -3.99 4.85
CA ALA D 844 -44.81 -3.99 4.78
C ALA D 844 -44.23 -4.43 6.13
N ARG D 845 -43.24 -5.32 6.06
CA ARG D 845 -42.63 -5.85 7.28
C ARG D 845 -41.92 -4.75 8.05
N ASP D 846 -41.90 -4.90 9.37
CA ASP D 846 -41.38 -3.86 10.26
C ASP D 846 -39.85 -3.94 10.33
N LEU D 847 -39.26 -3.04 11.12
CA LEU D 847 -37.81 -3.01 11.25
C LEU D 847 -37.26 -4.30 11.84
N ILE D 848 -38.04 -4.99 12.68
CA ILE D 848 -37.55 -6.21 13.31
C ILE D 848 -37.41 -7.32 12.27
N CYS D 849 -38.43 -7.49 11.42
CA CYS D 849 -38.32 -8.46 10.33
C CYS D 849 -37.24 -8.05 9.34
N ALA D 850 -37.09 -6.75 9.09
CA ALA D 850 -36.03 -6.29 8.20
C ALA D 850 -34.66 -6.63 8.76
N GLN D 851 -34.47 -6.46 10.07
CA GLN D 851 -33.21 -6.84 10.70
C GLN D 851 -33.00 -8.35 10.70
N LYS D 852 -34.08 -9.12 10.85
CA LYS D 852 -33.95 -10.57 10.72
C LYS D 852 -33.55 -10.96 9.30
N PHE D 853 -33.95 -10.17 8.30
CA PHE D 853 -33.60 -10.47 6.92
C PHE D 853 -32.10 -10.44 6.66
N ASN D 854 -31.34 -9.65 7.42
CA ASN D 854 -29.89 -9.58 7.24
C ASN D 854 -29.15 -10.03 8.49
N GLY D 855 -29.77 -10.91 9.28
CA GLY D 855 -29.13 -11.48 10.45
C GLY D 855 -28.80 -10.49 11.55
N LEU D 856 -29.66 -9.49 11.75
CA LEU D 856 -29.49 -8.52 12.83
C LEU D 856 -30.41 -8.95 13.97
N THR D 857 -30.00 -9.99 14.68
CA THR D 857 -30.78 -10.55 15.77
C THR D 857 -30.37 -9.93 17.10
N VAL D 858 -31.31 -9.94 18.05
CA VAL D 858 -31.11 -9.36 19.37
C VAL D 858 -31.32 -10.44 20.41
N LEU D 859 -30.31 -10.67 21.25
CA LEU D 859 -30.43 -11.63 22.32
C LEU D 859 -31.28 -11.05 23.46
N PRO D 860 -32.06 -11.89 24.13
CA PRO D 860 -32.86 -11.40 25.26
C PRO D 860 -32.05 -11.39 26.54
N PRO D 861 -32.41 -10.55 27.50
CA PRO D 861 -31.67 -10.53 28.77
C PRO D 861 -31.83 -11.83 29.54
N LEU D 862 -30.79 -12.19 30.28
CA LEU D 862 -30.82 -13.41 31.06
C LEU D 862 -31.89 -13.34 32.16
N LEU D 863 -31.95 -12.23 32.87
CA LEU D 863 -32.97 -12.01 33.89
C LEU D 863 -34.18 -11.34 33.27
N THR D 864 -35.31 -12.03 33.29
CA THR D 864 -36.53 -11.46 32.75
C THR D 864 -37.05 -10.34 33.64
N ASP D 865 -37.91 -9.50 33.06
CA ASP D 865 -38.55 -8.43 33.80
C ASP D 865 -39.43 -8.93 34.93
N GLU D 866 -39.81 -10.21 34.93
CA GLU D 866 -40.59 -10.75 36.03
C GLU D 866 -39.73 -10.96 37.27
N MET D 867 -38.63 -11.69 37.15
CA MET D 867 -37.79 -11.87 38.34
C MET D 867 -36.95 -10.64 38.65
N ILE D 868 -36.74 -9.73 37.69
CA ILE D 868 -36.13 -8.46 38.04
C ILE D 868 -37.04 -7.69 38.99
N ALA D 869 -38.34 -7.65 38.69
CA ALA D 869 -39.30 -7.08 39.62
C ALA D 869 -39.38 -7.89 40.91
N GLN D 870 -39.19 -9.20 40.84
CA GLN D 870 -39.20 -10.02 42.06
C GLN D 870 -38.01 -9.68 42.95
N TYR D 871 -36.83 -9.49 42.37
CA TYR D 871 -35.66 -9.04 43.12
C TYR D 871 -35.91 -7.66 43.72
N THR D 872 -36.53 -6.77 42.96
CA THR D 872 -36.91 -5.46 43.48
C THR D 872 -37.86 -5.61 44.67
N SER D 873 -38.83 -6.52 44.55
CA SER D 873 -39.78 -6.75 45.64
C SER D 873 -39.08 -7.31 46.87
N ALA D 874 -38.13 -8.21 46.68
CA ALA D 874 -37.37 -8.75 47.81
C ALA D 874 -36.58 -7.64 48.51
N LEU D 875 -35.94 -6.78 47.71
CA LEU D 875 -35.21 -5.65 48.29
C LEU D 875 -36.15 -4.73 49.06
N LEU D 876 -37.31 -4.44 48.49
CA LEU D 876 -38.28 -3.58 49.15
C LEU D 876 -38.77 -4.20 50.45
N ALA D 877 -39.09 -5.50 50.42
CA ALA D 877 -39.54 -6.18 51.63
C ALA D 877 -38.46 -6.14 52.71
N GLY D 878 -37.21 -6.36 52.31
CA GLY D 878 -36.12 -6.26 53.27
C GLY D 878 -36.02 -4.88 53.87
N THR D 879 -36.02 -3.85 53.03
CA THR D 879 -35.77 -2.49 53.53
C THR D 879 -36.96 -1.94 54.31
N ILE D 880 -38.14 -2.54 54.16
CA ILE D 880 -39.30 -2.08 54.92
C ILE D 880 -39.70 -3.00 56.06
N THR D 881 -39.08 -4.18 56.18
CA THR D 881 -39.36 -5.06 57.30
C THR D 881 -38.17 -5.33 58.21
N SER D 882 -36.95 -4.94 57.82
CA SER D 882 -35.79 -5.15 58.66
C SER D 882 -34.84 -3.97 58.64
N GLY D 883 -35.30 -2.80 58.20
CA GLY D 883 -34.42 -1.65 58.12
C GLY D 883 -33.28 -1.90 57.15
N TRP D 884 -32.05 -1.72 57.63
CA TRP D 884 -30.86 -1.94 56.83
C TRP D 884 -30.03 -3.13 57.31
N THR D 885 -30.52 -3.88 58.30
CA THR D 885 -29.75 -5.01 58.82
C THR D 885 -29.59 -6.10 57.76
N PHE D 886 -30.62 -6.33 56.95
CA PHE D 886 -30.52 -7.34 55.90
C PHE D 886 -29.47 -6.98 54.86
N GLY D 887 -29.12 -5.70 54.73
CA GLY D 887 -28.05 -5.31 53.83
C GLY D 887 -26.67 -5.68 54.32
N ALA D 888 -26.52 -5.93 55.62
CA ALA D 888 -25.23 -6.30 56.21
C ALA D 888 -25.16 -7.79 56.51
N GLY D 889 -26.13 -8.32 57.25
CA GLY D 889 -26.16 -9.72 57.60
C GLY D 889 -27.56 -10.29 57.58
N PRO D 890 -27.92 -11.07 58.59
CA PRO D 890 -29.28 -11.61 58.67
C PRO D 890 -30.29 -10.50 58.85
N ALA D 891 -31.49 -10.73 58.30
CA ALA D 891 -32.55 -9.74 58.38
C ALA D 891 -33.16 -9.74 59.78
N LEU D 892 -33.01 -8.63 60.49
CA LEU D 892 -33.55 -8.48 61.83
C LEU D 892 -34.80 -7.62 61.76
N GLN D 893 -35.96 -8.23 62.03
CA GLN D 893 -37.23 -7.52 61.93
C GLN D 893 -37.25 -6.34 62.90
N ILE D 894 -37.68 -5.18 62.40
CA ILE D 894 -37.81 -3.96 63.20
C ILE D 894 -39.08 -3.26 62.78
N PRO D 895 -39.91 -2.80 63.73
CA PRO D 895 -41.11 -2.05 63.36
C PRO D 895 -40.75 -0.83 62.53
N PHE D 896 -41.56 -0.58 61.50
CA PHE D 896 -41.30 0.56 60.61
C PHE D 896 -41.31 1.90 61.33
N PRO D 897 -42.20 2.18 62.29
CA PRO D 897 -42.07 3.45 63.03
C PRO D 897 -40.70 3.62 63.69
N MET D 898 -40.17 2.55 64.28
CA MET D 898 -38.86 2.65 64.92
C MET D 898 -37.74 2.76 63.89
N GLN D 899 -37.87 2.06 62.77
CA GLN D 899 -36.89 2.22 61.71
C GLN D 899 -36.88 3.65 61.18
N MET D 900 -38.06 4.25 61.02
CA MET D 900 -38.16 5.63 60.56
C MET D 900 -37.56 6.59 61.58
N ALA D 901 -37.89 6.42 62.86
CA ALA D 901 -37.26 7.24 63.89
C ALA D 901 -35.76 7.04 63.91
N TYR D 902 -35.29 5.85 63.53
CA TYR D 902 -33.87 5.57 63.55
C TYR D 902 -33.16 6.26 62.39
N ARG D 903 -33.80 6.29 61.22
CA ARG D 903 -33.29 7.11 60.13
C ARG D 903 -33.30 8.58 60.49
N PHE D 904 -34.33 9.03 61.22
CA PHE D 904 -34.35 10.40 61.73
C PHE D 904 -33.15 10.66 62.62
N ASN D 905 -32.84 9.73 63.52
CA ASN D 905 -31.63 9.86 64.34
C ASN D 905 -30.38 9.89 63.47
N GLY D 906 -30.39 9.14 62.36
CA GLY D 906 -29.27 9.18 61.45
C GLY D 906 -29.08 10.53 60.79
N ILE D 907 -30.18 11.20 60.45
CA ILE D 907 -30.10 12.52 59.80
C ILE D 907 -29.88 13.59 60.85
N GLY D 908 -29.80 13.19 62.12
CA GLY D 908 -29.45 14.12 63.18
C GLY D 908 -30.62 14.76 63.90
N VAL D 909 -31.78 14.10 63.97
CA VAL D 909 -32.92 14.60 64.72
C VAL D 909 -33.47 13.46 65.57
N THR D 910 -33.91 13.79 66.77
CA THR D 910 -34.27 12.77 67.74
C THR D 910 -35.56 12.06 67.36
N GLN D 911 -35.78 10.88 67.96
CA GLN D 911 -36.92 10.04 67.63
C GLN D 911 -38.24 10.68 68.06
N ASN D 912 -38.21 11.57 69.05
CA ASN D 912 -39.44 12.17 69.53
C ASN D 912 -40.11 13.03 68.46
N VAL D 913 -39.32 13.68 67.59
CA VAL D 913 -39.89 14.52 66.55
C VAL D 913 -40.75 13.69 65.60
N LEU D 914 -40.47 12.39 65.50
CA LEU D 914 -41.31 11.52 64.67
C LEU D 914 -42.43 10.91 65.50
N TYR D 915 -42.12 10.51 66.74
CA TYR D 915 -43.12 9.81 67.54
C TYR D 915 -44.28 10.73 67.94
N GLU D 916 -44.03 12.03 68.09
CA GLU D 916 -45.12 12.97 68.28
C GLU D 916 -45.81 13.34 66.96
N ASN D 917 -45.16 13.11 65.83
CA ASN D 917 -45.70 13.50 64.53
C ASN D 917 -45.83 12.29 63.59
N GLN D 918 -46.13 11.11 64.15
CA GLN D 918 -46.23 9.91 63.33
C GLN D 918 -47.36 10.02 62.31
N LYS D 919 -48.53 10.49 62.74
CA LYS D 919 -49.65 10.62 61.82
C LYS D 919 -49.33 11.63 60.71
N LEU D 920 -48.73 12.76 61.09
CA LEU D 920 -48.40 13.78 60.09
C LEU D 920 -47.39 13.25 59.08
N ILE D 921 -46.35 12.57 59.56
CA ILE D 921 -45.31 12.08 58.66
C ILE D 921 -45.87 10.98 57.75
N ALA D 922 -46.75 10.13 58.29
CA ALA D 922 -47.36 9.10 57.46
C ALA D 922 -48.26 9.72 56.39
N ASN D 923 -49.04 10.75 56.75
CA ASN D 923 -49.89 11.40 55.78
C ASN D 923 -49.07 12.08 54.69
N GLN D 924 -47.99 12.75 55.07
CA GLN D 924 -47.11 13.37 54.08
C GLN D 924 -46.47 12.33 53.17
N PHE D 925 -46.05 11.20 53.75
CA PHE D 925 -45.46 10.12 52.97
C PHE D 925 -46.46 9.60 51.94
N ASN D 926 -47.70 9.35 52.36
CA ASN D 926 -48.71 8.83 51.44
C ASN D 926 -49.04 9.85 50.36
N SER D 927 -49.15 11.13 50.74
CA SER D 927 -49.44 12.17 49.75
C SER D 927 -48.32 12.27 48.71
N ALA D 928 -47.06 12.22 49.16
CA ALA D 928 -45.94 12.27 48.23
C ALA D 928 -45.91 11.03 47.34
N ILE D 929 -46.23 9.86 47.89
CA ILE D 929 -46.23 8.63 47.11
C ILE D 929 -47.31 8.69 46.03
N GLY D 930 -48.48 9.24 46.37
CA GLY D 930 -49.50 9.43 45.36
C GLY D 930 -49.11 10.46 44.31
N LYS D 931 -48.52 11.57 44.74
CA LYS D 931 -48.21 12.65 43.82
C LYS D 931 -47.04 12.33 42.90
N ILE D 932 -46.11 11.47 43.31
CA ILE D 932 -45.05 11.08 42.39
C ILE D 932 -45.62 10.21 41.27
N GLN D 933 -46.55 9.30 41.60
CA GLN D 933 -47.24 8.53 40.58
C GLN D 933 -48.03 9.44 39.65
N ASP D 934 -48.74 10.42 40.22
CA ASP D 934 -49.51 11.35 39.40
C ASP D 934 -48.59 12.18 38.49
N SER D 935 -47.44 12.61 39.00
CA SER D 935 -46.49 13.35 38.18
C SER D 935 -45.93 12.48 37.06
N LEU D 936 -45.62 11.22 37.36
CA LEU D 936 -45.13 10.31 36.32
C LEU D 936 -46.19 10.10 35.25
N PHE D 937 -47.46 10.00 35.65
CA PHE D 937 -48.52 9.83 34.66
C PHE D 937 -48.70 11.08 33.80
N SER D 938 -48.74 12.25 34.43
CA SER D 938 -49.07 13.47 33.70
C SER D 938 -47.90 14.05 32.92
N THR D 939 -46.66 13.73 33.28
CA THR D 939 -45.51 14.25 32.57
C THR D 939 -45.44 13.63 31.17
N PRO D 940 -44.97 14.38 30.17
CA PRO D 940 -44.84 13.78 28.84
C PRO D 940 -43.75 12.72 28.77
N SER D 941 -42.56 12.99 29.30
CA SER D 941 -41.50 11.99 29.33
C SER D 941 -40.59 12.28 30.52
N ALA D 942 -40.83 11.60 31.64
CA ALA D 942 -39.89 11.58 32.75
C ALA D 942 -38.95 10.38 32.71
N LEU D 943 -39.16 9.47 31.76
CA LEU D 943 -38.26 8.34 31.52
C LEU D 943 -37.23 8.65 30.45
N GLY D 944 -36.78 9.90 30.39
CA GLY D 944 -35.92 10.34 29.30
C GLY D 944 -34.65 9.52 29.14
N LYS D 945 -34.02 9.15 30.25
CA LYS D 945 -32.75 8.42 30.16
C LYS D 945 -32.95 7.04 29.54
N LEU D 946 -33.91 6.27 30.04
CA LEU D 946 -34.16 4.94 29.48
C LEU D 946 -34.64 5.03 28.04
N GLN D 947 -35.54 5.97 27.76
CA GLN D 947 -36.02 6.14 26.39
C GLN D 947 -34.89 6.55 25.46
N ASP D 948 -33.97 7.39 25.94
CA ASP D 948 -32.81 7.78 25.14
C ASP D 948 -31.91 6.59 24.86
N VAL D 949 -31.70 5.73 25.86
CA VAL D 949 -30.88 4.54 25.65
C VAL D 949 -31.51 3.63 24.60
N VAL D 950 -32.81 3.38 24.74
CA VAL D 950 -33.51 2.51 23.80
C VAL D 950 -33.49 3.12 22.40
N ASN D 951 -33.74 4.43 22.30
CA ASN D 951 -33.73 5.10 21.01
C ASN D 951 -32.34 5.08 20.39
N HIS D 952 -31.29 5.24 21.20
CA HIS D 952 -29.94 5.18 20.67
C HIS D 952 -29.64 3.80 20.10
N ASN D 953 -30.01 2.74 20.82
CA ASN D 953 -29.78 1.39 20.30
C ASN D 953 -30.56 1.15 19.02
N ALA D 954 -31.84 1.54 19.01
CA ALA D 954 -32.67 1.34 17.82
C ALA D 954 -32.15 2.13 16.64
N GLN D 955 -31.71 3.37 16.87
CA GLN D 955 -31.21 4.22 15.80
C GLN D 955 -29.88 3.70 15.26
N ALA D 956 -29.01 3.19 16.15
CA ALA D 956 -27.78 2.58 15.68
C ALA D 956 -28.07 1.36 14.81
N LEU D 957 -29.00 0.52 15.24
CA LEU D 957 -29.37 -0.65 14.44
C LEU D 957 -29.98 -0.24 13.11
N ASN D 958 -30.82 0.80 13.12
CA ASN D 958 -31.44 1.28 11.89
C ASN D 958 -30.39 1.83 10.92
N THR D 959 -29.43 2.60 11.41
CA THR D 959 -28.35 3.09 10.55
C THR D 959 -27.52 1.93 10.01
N LEU D 960 -27.26 0.93 10.84
CA LEU D 960 -26.55 -0.25 10.38
C LEU D 960 -27.28 -0.92 9.21
N VAL D 961 -28.57 -1.20 9.40
CA VAL D 961 -29.31 -1.90 8.35
C VAL D 961 -29.50 -1.02 7.13
N LYS D 962 -29.52 0.31 7.31
CA LYS D 962 -29.60 1.20 6.16
C LYS D 962 -28.30 1.21 5.38
N GLN D 963 -27.15 1.04 6.05
CA GLN D 963 -25.87 1.01 5.37
C GLN D 963 -25.75 -0.16 4.39
N LEU D 964 -26.61 -1.18 4.53
CA LEU D 964 -26.57 -2.31 3.60
C LEU D 964 -26.90 -1.87 2.18
N SER D 965 -27.81 -0.91 2.02
CA SER D 965 -28.25 -0.46 0.71
C SER D 965 -27.32 0.58 0.10
N SER D 966 -26.27 0.96 0.81
CA SER D 966 -25.31 1.92 0.28
C SER D 966 -24.52 1.28 -0.86
N LYS D 967 -24.38 2.01 -1.96
CA LYS D 967 -23.63 1.48 -3.10
C LYS D 967 -22.15 1.34 -2.77
N PHE D 968 -21.62 2.20 -1.92
CA PHE D 968 -20.20 2.22 -1.54
C PHE D 968 -19.28 2.38 -2.74
N GLY D 969 -19.79 2.96 -3.83
CA GLY D 969 -19.03 3.11 -5.05
C GLY D 969 -19.10 1.96 -6.02
N ALA D 970 -19.76 0.87 -5.65
CA ALA D 970 -19.88 -0.30 -6.52
C ALA D 970 -21.00 -0.09 -7.54
N ILE D 971 -21.03 -0.96 -8.54
CA ILE D 971 -22.07 -0.86 -9.57
C ILE D 971 -23.44 -1.18 -8.99
N SER D 972 -23.51 -2.14 -8.07
CA SER D 972 -24.76 -2.48 -7.41
C SER D 972 -24.51 -2.78 -5.95
N SER D 973 -25.56 -2.65 -5.15
CA SER D 973 -25.50 -2.89 -3.71
C SER D 973 -26.13 -4.22 -3.31
N VAL D 974 -26.41 -5.10 -4.26
CA VAL D 974 -27.01 -6.40 -4.00
C VAL D 974 -26.02 -7.47 -4.40
N LEU D 975 -25.63 -8.32 -3.43
CA LEU D 975 -24.63 -9.35 -3.69
C LEU D 975 -25.12 -10.35 -4.74
N ASN D 976 -26.39 -10.77 -4.62
CA ASN D 976 -26.94 -11.76 -5.54
C ASN D 976 -26.92 -11.24 -6.97
N ASP D 977 -27.39 -10.01 -7.16
CA ASP D 977 -27.41 -9.44 -8.54
C ASP D 977 -25.95 -9.29 -9.00
N ILE D 978 -25.06 -8.80 -8.13
CA ILE D 978 -23.67 -8.61 -8.55
C ILE D 978 -23.10 -9.92 -9.08
N LEU D 979 -23.27 -11.01 -8.33
CA LEU D 979 -22.69 -12.28 -8.75
C LEU D 979 -23.42 -12.83 -9.98
N SER D 980 -24.71 -12.57 -10.12
CA SER D 980 -25.43 -13.00 -11.31
C SER D 980 -25.17 -12.14 -12.53
N ARG D 981 -24.66 -10.92 -12.34
CA ARG D 981 -24.40 -10.00 -13.44
C ARG D 981 -22.96 -10.06 -13.95
N LEU D 982 -21.98 -10.17 -13.05
CA LEU D 982 -20.58 -10.16 -13.46
C LEU D 982 -19.90 -11.47 -13.08
N ASP D 983 -19.01 -11.93 -13.97
CA ASP D 983 -18.21 -13.11 -13.71
C ASP D 983 -17.20 -12.82 -12.60
N PRO D 984 -16.75 -13.86 -11.89
CA PRO D 984 -15.87 -13.66 -10.71
C PRO D 984 -14.67 -12.77 -11.00
N PRO D 985 -13.88 -13.00 -12.06
CA PRO D 985 -12.62 -12.25 -12.20
C PRO D 985 -12.81 -10.74 -12.32
N GLU D 986 -13.96 -10.26 -12.77
CA GLU D 986 -14.24 -8.84 -12.82
C GLU D 986 -15.15 -8.34 -11.71
N ALA D 987 -16.02 -9.20 -11.19
CA ALA D 987 -16.85 -8.85 -10.04
C ALA D 987 -16.06 -8.84 -8.74
N GLU D 988 -14.83 -9.36 -8.74
CA GLU D 988 -14.03 -9.36 -7.52
C GLU D 988 -13.79 -7.95 -7.01
N VAL D 989 -13.51 -7.01 -7.91
CA VAL D 989 -13.25 -5.63 -7.48
C VAL D 989 -14.48 -5.04 -6.80
N GLN D 990 -15.65 -5.18 -7.44
CA GLN D 990 -16.87 -4.62 -6.88
C GLN D 990 -17.22 -5.28 -5.55
N ILE D 991 -17.12 -6.61 -5.47
CA ILE D 991 -17.46 -7.30 -4.24
C ILE D 991 -16.47 -6.96 -3.13
N ASP D 992 -15.18 -6.79 -3.47
CA ASP D 992 -14.20 -6.40 -2.46
C ASP D 992 -14.49 -5.00 -1.95
N ARG D 993 -14.85 -4.07 -2.83
CA ARG D 993 -15.19 -2.72 -2.41
C ARG D 993 -16.41 -2.72 -1.50
N LEU D 994 -17.44 -3.49 -1.87
CA LEU D 994 -18.63 -3.59 -1.03
C LEU D 994 -18.30 -4.21 0.32
N ILE D 995 -17.44 -5.23 0.33
CA ILE D 995 -17.03 -5.85 1.59
C ILE D 995 -16.30 -4.85 2.47
N THR D 996 -15.40 -4.07 1.87
CA THR D 996 -14.68 -3.07 2.64
C THR D 996 -15.64 -2.06 3.25
N GLY D 997 -16.60 -1.58 2.45
CA GLY D 997 -17.54 -0.60 2.97
C GLY D 997 -18.40 -1.16 4.10
N ARG D 998 -18.95 -2.37 3.90
CA ARG D 998 -19.82 -2.96 4.90
C ARG D 998 -19.06 -3.30 6.18
N LEU D 999 -17.84 -3.82 6.04
CA LEU D 999 -17.01 -4.11 7.20
C LEU D 999 -16.65 -2.84 7.95
N GLN D 1000 -16.36 -1.76 7.23
CA GLN D 1000 -16.08 -0.49 7.90
C GLN D 1000 -17.29 0.00 8.66
N SER D 1001 -18.47 -0.09 8.05
CA SER D 1001 -19.70 0.33 8.75
C SER D 1001 -19.95 -0.52 9.98
N LEU D 1002 -19.74 -1.83 9.87
CA LEU D 1002 -19.93 -2.72 11.02
C LEU D 1002 -18.93 -2.40 12.13
N GLN D 1003 -17.68 -2.09 11.75
CA GLN D 1003 -16.67 -1.72 12.75
C GLN D 1003 -17.07 -0.44 13.47
N THR D 1004 -17.58 0.54 12.73
CA THR D 1004 -18.06 1.78 13.36
C THR D 1004 -19.21 1.48 14.31
N TYR D 1005 -20.16 0.65 13.89
CA TYR D 1005 -21.28 0.31 14.76
C TYR D 1005 -20.80 -0.36 16.04
N VAL D 1006 -19.86 -1.30 15.90
CA VAL D 1006 -19.38 -2.04 17.07
C VAL D 1006 -18.60 -1.11 18.00
N THR D 1007 -17.84 -0.17 17.42
CA THR D 1007 -17.14 0.81 18.25
C THR D 1007 -18.13 1.67 19.03
N GLN D 1008 -19.19 2.15 18.36
CA GLN D 1008 -20.19 2.96 19.06
C GLN D 1008 -20.90 2.15 20.13
N GLN D 1009 -21.19 0.88 19.83
CA GLN D 1009 -21.82 0.01 20.83
C GLN D 1009 -20.90 -0.21 22.03
N LEU D 1010 -19.60 -0.33 21.78
CA LEU D 1010 -18.65 -0.45 22.88
C LEU D 1010 -18.63 0.82 23.73
N ILE D 1011 -18.68 1.99 23.08
CA ILE D 1011 -18.71 3.24 23.84
C ILE D 1011 -19.98 3.31 24.69
N ARG D 1012 -21.12 3.00 24.08
CA ARG D 1012 -22.38 3.01 24.82
C ARG D 1012 -22.38 1.97 25.93
N ALA D 1013 -21.72 0.83 25.72
CA ALA D 1013 -21.65 -0.19 26.75
C ALA D 1013 -20.79 0.26 27.91
N ALA D 1014 -19.68 0.96 27.63
CA ALA D 1014 -18.88 1.52 28.71
C ALA D 1014 -19.67 2.57 29.49
N GLU D 1015 -20.41 3.42 28.79
CA GLU D 1015 -21.23 4.42 29.47
C GLU D 1015 -22.31 3.77 30.32
N ILE D 1016 -22.96 2.73 29.78
CA ILE D 1016 -23.99 2.02 30.53
C ILE D 1016 -23.38 1.27 31.71
N ARG D 1017 -22.15 0.75 31.56
CA ARG D 1017 -21.47 0.11 32.68
C ARG D 1017 -21.20 1.11 33.79
N ALA D 1018 -20.76 2.32 33.44
CA ALA D 1018 -20.56 3.36 34.44
C ALA D 1018 -21.87 3.72 35.13
N SER D 1019 -22.94 3.87 34.33
CA SER D 1019 -24.25 4.21 34.90
C SER D 1019 -24.76 3.10 35.80
N ALA D 1020 -24.52 1.83 35.42
CA ALA D 1020 -24.97 0.71 36.23
C ALA D 1020 -24.15 0.57 37.49
N ASN D 1021 -22.85 0.88 37.44
CA ASN D 1021 -22.06 0.91 38.66
C ASN D 1021 -22.57 1.99 39.61
N LEU D 1022 -22.89 3.17 39.05
CA LEU D 1022 -23.50 4.22 39.87
C LEU D 1022 -24.82 3.77 40.46
N ALA D 1023 -25.64 3.07 39.67
CA ALA D 1023 -26.92 2.59 40.16
C ALA D 1023 -26.75 1.55 41.24
N ALA D 1024 -25.77 0.64 41.09
CA ALA D 1024 -25.51 -0.36 42.12
C ALA D 1024 -25.03 0.28 43.40
N THR D 1025 -24.14 1.27 43.30
CA THR D 1025 -23.68 1.97 44.49
C THR D 1025 -24.84 2.70 45.16
N LYS D 1026 -25.71 3.34 44.36
CA LYS D 1026 -26.86 4.02 44.91
C LYS D 1026 -27.80 3.04 45.61
N MET D 1027 -28.03 1.88 44.99
CA MET D 1027 -28.87 0.87 45.62
C MET D 1027 -28.28 0.42 46.95
N SER D 1028 -26.98 0.08 46.95
CA SER D 1028 -26.35 -0.40 48.17
C SER D 1028 -26.41 0.64 49.28
N GLU D 1029 -26.14 1.90 48.95
CA GLU D 1029 -26.06 2.92 49.98
C GLU D 1029 -27.43 3.39 50.44
N CYS D 1030 -28.27 3.86 49.50
CA CYS D 1030 -29.54 4.45 49.87
C CYS D 1030 -30.58 3.41 50.24
N VAL D 1031 -30.56 2.23 49.60
CA VAL D 1031 -31.57 1.22 49.89
C VAL D 1031 -31.21 0.43 51.14
N LEU D 1032 -30.03 -0.19 51.14
CA LEU D 1032 -29.60 -0.99 52.28
C LEU D 1032 -28.96 -0.12 53.35
N GLY D 1033 -29.62 0.98 53.71
CA GLY D 1033 -29.07 1.88 54.70
C GLY D 1033 -29.36 3.34 54.42
N GLN D 1034 -28.95 4.23 55.32
CA GLN D 1034 -29.06 5.66 55.10
C GLN D 1034 -27.69 6.21 54.76
N SER D 1035 -27.63 6.99 53.69
CA SER D 1035 -26.36 7.48 53.14
C SER D 1035 -26.13 8.92 53.59
N LYS D 1036 -24.99 9.16 54.25
CA LYS D 1036 -24.74 10.46 54.84
C LYS D 1036 -24.37 11.51 53.80
N ARG D 1037 -23.74 11.11 52.70
CA ARG D 1037 -23.35 12.06 51.67
C ARG D 1037 -24.58 12.74 51.10
N VAL D 1038 -24.59 14.08 51.13
CA VAL D 1038 -25.79 14.82 50.75
C VAL D 1038 -25.93 14.88 49.24
N ASP D 1039 -27.15 15.13 48.79
CA ASP D 1039 -27.52 15.28 47.39
C ASP D 1039 -27.17 14.04 46.56
N PHE D 1040 -26.91 12.91 47.21
CA PHE D 1040 -26.65 11.66 46.52
C PHE D 1040 -27.92 10.83 46.37
N CYS D 1041 -28.63 10.59 47.46
CA CYS D 1041 -29.89 9.86 47.44
C CYS D 1041 -31.06 10.85 47.45
N GLY D 1042 -31.13 11.67 46.41
CA GLY D 1042 -32.17 12.66 46.29
C GLY D 1042 -31.83 13.97 46.98
N LYS D 1043 -32.53 15.02 46.58
CA LYS D 1043 -32.33 16.34 47.18
C LYS D 1043 -32.81 16.34 48.62
N GLY D 1044 -32.01 16.90 49.51
CA GLY D 1044 -32.35 16.98 50.92
C GLY D 1044 -31.69 15.89 51.73
N TYR D 1045 -32.04 15.88 53.01
CA TYR D 1045 -31.52 14.85 53.92
C TYR D 1045 -32.18 13.52 53.61
N HIS D 1046 -31.35 12.54 53.23
CA HIS D 1046 -31.87 11.25 52.79
C HIS D 1046 -32.45 10.47 53.96
N LEU D 1047 -33.64 9.88 53.74
CA LEU D 1047 -34.29 9.05 54.74
C LEU D 1047 -34.35 7.60 54.30
N MET D 1048 -34.97 7.33 53.14
CA MET D 1048 -35.01 5.99 52.58
C MET D 1048 -34.94 6.10 51.07
N SER D 1049 -34.98 4.95 50.40
CA SER D 1049 -35.05 4.90 48.95
C SER D 1049 -35.57 3.53 48.56
N PHE D 1050 -36.71 3.51 47.86
CA PHE D 1050 -37.31 2.25 47.44
C PHE D 1050 -37.08 2.05 45.95
N PRO D 1051 -36.27 1.07 45.56
CA PRO D 1051 -36.07 0.82 44.13
C PRO D 1051 -37.29 0.17 43.49
N GLN D 1052 -37.47 0.47 42.21
CA GLN D 1052 -38.49 -0.16 41.38
C GLN D 1052 -37.90 -0.49 40.03
N SER D 1053 -38.23 -1.67 39.51
CA SER D 1053 -37.67 -2.11 38.24
C SER D 1053 -38.24 -1.30 37.08
N ALA D 1054 -37.44 -1.18 36.02
CA ALA D 1054 -37.82 -0.41 34.85
C ALA D 1054 -37.30 -1.14 33.62
N PRO D 1055 -37.91 -0.94 32.45
CA PRO D 1055 -37.39 -1.56 31.23
C PRO D 1055 -35.96 -1.13 30.92
N HIS D 1056 -35.03 -2.08 31.02
CA HIS D 1056 -33.60 -1.82 30.78
C HIS D 1056 -33.09 -0.69 31.67
N GLY D 1057 -33.48 -0.71 32.94
CA GLY D 1057 -33.03 0.31 33.87
C GLY D 1057 -33.71 0.13 35.21
N VAL D 1058 -33.42 1.07 36.11
CA VAL D 1058 -33.99 1.07 37.45
C VAL D 1058 -34.39 2.50 37.81
N VAL D 1059 -35.32 2.60 38.76
CA VAL D 1059 -35.75 3.88 39.30
C VAL D 1059 -35.67 3.81 40.82
N PHE D 1060 -35.31 4.93 41.44
CA PHE D 1060 -35.22 5.01 42.90
C PHE D 1060 -36.22 6.04 43.40
N LEU D 1061 -37.01 5.67 44.40
CA LEU D 1061 -37.95 6.58 45.04
C LEU D 1061 -37.29 7.08 46.32
N HIS D 1062 -36.52 8.15 46.19
CA HIS D 1062 -35.75 8.69 47.31
C HIS D 1062 -36.69 9.41 48.28
N VAL D 1063 -36.91 8.80 49.44
CA VAL D 1063 -37.66 9.44 50.51
C VAL D 1063 -36.68 10.31 51.29
N THR D 1064 -36.91 11.62 51.26
CA THR D 1064 -35.97 12.59 51.81
C THR D 1064 -36.66 13.49 52.81
N TYR D 1065 -35.89 13.95 53.79
CA TYR D 1065 -36.36 14.88 54.81
C TYR D 1065 -35.94 16.28 54.40
N VAL D 1066 -36.91 17.18 54.28
CA VAL D 1066 -36.68 18.55 53.83
C VAL D 1066 -37.24 19.49 54.90
N PRO D 1067 -36.47 20.48 55.36
CA PRO D 1067 -36.99 21.42 56.36
C PRO D 1067 -38.16 22.23 55.81
N ALA D 1068 -38.69 23.08 56.67
CA ALA D 1068 -39.90 23.85 56.38
C ALA D 1068 -39.77 25.21 57.04
N GLN D 1069 -40.91 25.90 57.19
CA GLN D 1069 -40.98 27.28 57.66
C GLN D 1069 -40.05 27.53 58.84
N GLU D 1070 -39.12 28.47 58.67
CA GLU D 1070 -38.11 28.80 59.65
C GLU D 1070 -38.34 30.20 60.20
N LYS D 1071 -37.69 30.48 61.34
CA LYS D 1071 -37.80 31.78 62.00
C LYS D 1071 -36.43 32.20 62.53
N ASN D 1072 -36.06 33.45 62.26
CA ASN D 1072 -34.92 34.03 62.96
C ASN D 1072 -35.25 34.15 64.44
N PHE D 1073 -34.38 33.65 65.32
CA PHE D 1073 -34.58 33.89 66.75
C PHE D 1073 -33.43 34.70 67.35
N THR D 1074 -32.24 34.09 67.51
CA THR D 1074 -31.00 34.70 68.00
C THR D 1074 -30.01 33.54 68.13
N THR D 1075 -28.71 33.81 68.18
CA THR D 1075 -27.78 32.74 68.54
C THR D 1075 -26.60 33.31 69.30
N ALA D 1076 -25.98 32.46 70.11
CA ALA D 1076 -24.78 32.79 70.86
C ALA D 1076 -23.86 31.57 70.79
N PRO D 1077 -22.57 31.77 70.52
CA PRO D 1077 -21.65 30.61 70.50
C PRO D 1077 -21.63 29.85 71.82
N ALA D 1078 -21.76 30.54 72.95
CA ALA D 1078 -21.71 29.90 74.25
C ALA D 1078 -22.49 30.76 75.25
N ILE D 1079 -22.77 30.17 76.40
CA ILE D 1079 -23.48 30.84 77.48
C ILE D 1079 -22.59 30.80 78.72
N CYS D 1080 -22.38 31.97 79.33
CA CYS D 1080 -21.53 32.11 80.51
C CYS D 1080 -22.40 32.14 81.75
N HIS D 1081 -22.25 31.14 82.61
CA HIS D 1081 -23.02 31.07 83.85
C HIS D 1081 -22.25 31.65 85.04
N ASP D 1082 -21.12 31.02 85.38
CA ASP D 1082 -20.28 31.47 86.51
C ASP D 1082 -18.84 31.44 86.01
N GLY D 1083 -18.42 32.53 85.36
CA GLY D 1083 -17.05 32.64 84.87
C GLY D 1083 -16.63 31.55 83.92
N LYS D 1084 -17.58 30.73 83.48
CA LYS D 1084 -17.29 29.57 82.64
C LYS D 1084 -18.19 29.58 81.40
N ALA D 1085 -17.61 29.22 80.26
CA ALA D 1085 -18.39 29.11 79.03
C ALA D 1085 -19.07 27.76 78.96
N HIS D 1086 -20.34 27.77 78.54
CA HIS D 1086 -21.12 26.56 78.36
C HIS D 1086 -21.46 26.39 76.89
N PHE D 1087 -21.11 25.24 76.33
CA PHE D 1087 -21.41 24.92 74.95
C PHE D 1087 -22.40 23.75 74.89
N PRO D 1088 -23.36 23.78 73.98
CA PRO D 1088 -24.34 22.68 73.92
C PRO D 1088 -23.67 21.37 73.53
N ARG D 1089 -24.17 20.28 74.12
CA ARG D 1089 -23.71 18.95 73.73
C ARG D 1089 -24.07 18.67 72.27
N GLU D 1090 -25.26 19.10 71.85
CA GLU D 1090 -25.67 19.04 70.46
C GLU D 1090 -26.58 20.22 70.18
N GLY D 1091 -26.65 20.61 68.92
CA GLY D 1091 -27.48 21.73 68.52
C GLY D 1091 -26.83 23.07 68.85
N VAL D 1092 -27.67 24.11 68.81
CA VAL D 1092 -27.24 25.49 69.02
C VAL D 1092 -28.04 26.09 70.16
N PHE D 1093 -27.52 27.17 70.71
CA PHE D 1093 -28.23 27.96 71.72
C PHE D 1093 -29.08 29.01 71.00
N VAL D 1094 -30.38 28.95 71.21
CA VAL D 1094 -31.33 29.78 70.48
C VAL D 1094 -32.18 30.55 71.48
N SER D 1095 -32.32 31.85 71.24
CA SER D 1095 -33.10 32.73 72.11
C SER D 1095 -34.40 33.10 71.41
N ASN D 1096 -35.53 32.84 72.07
CA ASN D 1096 -36.82 33.35 71.62
C ASN D 1096 -36.75 34.84 71.32
N GLY D 1097 -35.95 35.57 72.08
CA GLY D 1097 -35.90 37.02 72.05
C GLY D 1097 -35.78 37.56 73.46
N THR D 1098 -36.27 36.79 74.43
CA THR D 1098 -36.20 37.16 75.84
C THR D 1098 -35.42 36.16 76.70
N HIS D 1099 -35.69 34.86 76.55
CA HIS D 1099 -35.03 33.83 77.35
C HIS D 1099 -34.38 32.80 76.45
N TRP D 1100 -33.13 32.46 76.75
CA TRP D 1100 -32.36 31.56 75.90
C TRP D 1100 -32.86 30.12 76.04
N PHE D 1101 -32.60 29.34 75.00
CA PHE D 1101 -33.02 27.94 74.94
C PHE D 1101 -31.99 27.15 74.13
N VAL D 1102 -32.02 25.84 74.31
CA VAL D 1102 -31.19 24.92 73.54
C VAL D 1102 -32.12 24.02 72.72
N THR D 1103 -31.73 23.76 71.47
CA THR D 1103 -32.54 22.99 70.54
C THR D 1103 -31.63 22.12 69.69
N GLN D 1104 -32.25 21.27 68.86
CA GLN D 1104 -31.52 20.36 67.99
C GLN D 1104 -31.00 21.12 66.77
N ARG D 1105 -30.46 20.37 65.80
CA ARG D 1105 -29.83 21.01 64.65
C ARG D 1105 -30.85 21.45 63.61
N ASN D 1106 -31.71 20.54 63.15
CA ASN D 1106 -32.61 20.81 62.04
C ASN D 1106 -34.08 20.74 62.45
N PHE D 1107 -34.38 21.10 63.70
CA PHE D 1107 -35.75 21.20 64.15
C PHE D 1107 -35.80 22.12 65.36
N TYR D 1108 -36.88 22.89 65.47
CA TYR D 1108 -37.06 23.82 66.59
C TYR D 1108 -37.75 23.09 67.73
N GLU D 1109 -36.95 22.59 68.67
CA GLU D 1109 -37.44 21.96 69.89
C GLU D 1109 -36.74 22.62 71.06
N PRO D 1110 -37.14 23.84 71.42
CA PRO D 1110 -36.47 24.54 72.52
C PRO D 1110 -36.60 23.79 73.83
N GLN D 1111 -35.52 23.81 74.61
CA GLN D 1111 -35.46 23.10 75.88
C GLN D 1111 -34.81 24.01 76.92
N ILE D 1112 -35.14 23.74 78.19
CA ILE D 1112 -34.53 24.50 79.28
C ILE D 1112 -33.06 24.12 79.37
N ILE D 1113 -32.20 25.13 79.42
CA ILE D 1113 -30.75 24.91 79.42
C ILE D 1113 -30.32 24.36 80.77
N THR D 1114 -30.03 23.07 80.82
CA THR D 1114 -29.55 22.41 82.02
C THR D 1114 -28.11 21.95 81.82
N THR D 1115 -27.49 21.52 82.93
CA THR D 1115 -26.13 21.03 82.86
C THR D 1115 -25.99 19.73 82.09
N ASP D 1116 -27.09 19.03 81.84
CA ASP D 1116 -27.04 17.84 80.99
C ASP D 1116 -26.97 18.20 79.52
N ASN D 1117 -27.66 19.29 79.13
CA ASN D 1117 -27.70 19.68 77.72
C ASN D 1117 -26.38 20.31 77.27
N THR D 1118 -25.63 20.91 78.19
CA THR D 1118 -24.41 21.63 77.83
C THR D 1118 -23.23 21.10 78.64
N PHE D 1119 -22.05 21.18 78.04
CA PHE D 1119 -20.80 20.83 78.69
C PHE D 1119 -19.97 22.09 78.88
N VAL D 1120 -19.33 22.21 80.05
CA VAL D 1120 -18.65 23.43 80.47
C VAL D 1120 -17.16 23.26 80.23
N SER D 1121 -16.58 24.19 79.47
CA SER D 1121 -15.14 24.24 79.26
C SER D 1121 -14.78 25.63 78.76
N GLY D 1122 -14.08 26.41 79.58
CA GLY D 1122 -13.69 27.74 79.20
C GLY D 1122 -13.52 28.62 80.42
N ASN D 1123 -13.28 29.91 80.16
CA ASN D 1123 -13.07 30.89 81.22
C ASN D 1123 -13.83 32.19 80.98
N CYS D 1124 -14.83 32.18 80.10
CA CYS D 1124 -15.73 33.32 79.87
C CYS D 1124 -15.00 34.55 79.32
N ASP D 1125 -13.82 34.37 78.73
CA ASP D 1125 -13.12 35.48 78.10
C ASP D 1125 -12.52 35.15 76.74
N VAL D 1126 -12.42 33.88 76.36
CA VAL D 1126 -11.86 33.52 75.06
C VAL D 1126 -12.92 33.36 73.98
N VAL D 1127 -14.19 33.20 74.35
CA VAL D 1127 -15.25 33.05 73.36
C VAL D 1127 -15.73 34.42 72.92
N ILE D 1128 -15.82 34.62 71.61
CA ILE D 1128 -16.27 35.88 71.02
C ILE D 1128 -17.76 35.74 70.72
N GLY D 1129 -18.56 36.62 71.31
CA GLY D 1129 -20.00 36.58 71.14
C GLY D 1129 -20.75 35.81 72.22
N ILE D 1130 -20.07 35.42 73.29
CA ILE D 1130 -20.73 34.70 74.37
C ILE D 1130 -21.72 35.62 75.07
N VAL D 1131 -22.87 35.07 75.45
CA VAL D 1131 -23.98 35.86 75.99
C VAL D 1131 -24.29 35.37 77.40
N ASN D 1132 -24.42 36.31 78.33
CA ASN D 1132 -24.74 35.99 79.71
C ASN D 1132 -26.11 35.34 79.82
N ASN D 1133 -26.21 34.33 80.66
CA ASN D 1133 -27.47 33.68 81.00
C ASN D 1133 -27.23 32.79 82.21
N THR D 1134 -28.27 32.08 82.63
CA THR D 1134 -28.20 31.18 83.79
C THR D 1134 -28.59 29.79 83.34
N VAL D 1135 -27.64 28.86 83.35
CA VAL D 1135 -27.91 27.45 83.08
C VAL D 1135 -28.19 26.74 84.39
N TYR D 1136 -29.27 25.96 84.41
CA TYR D 1136 -29.73 25.29 85.61
C TYR D 1136 -29.11 23.90 85.71
N ASP D 1137 -29.31 23.26 86.85
CA ASP D 1137 -28.85 21.90 87.07
C ASP D 1137 -29.83 21.17 87.97
N PRO D 1138 -29.95 19.85 87.80
CA PRO D 1138 -30.83 19.05 88.69
C PRO D 1138 -30.15 18.49 89.92
N LEU D 1139 -28.91 18.89 90.21
CA LEU D 1139 -28.17 18.35 91.34
C LEU D 1139 -28.31 19.21 92.59
N GLN D 1140 -28.17 20.53 92.45
CA GLN D 1140 -28.18 21.40 93.62
C GLN D 1140 -29.57 21.53 94.23
N LEU D 1141 -30.62 21.26 93.45
CA LEU D 1141 -31.98 21.39 93.96
C LEU D 1141 -32.25 20.40 95.09
N GLU D 1142 -31.78 19.17 94.94
CA GLU D 1142 -31.98 18.15 95.96
C GLU D 1142 -30.71 17.93 96.79
C1 NAG E . 9.36 42.81 8.18
C2 NAG E . 10.20 43.08 9.43
C3 NAG E . 9.79 44.40 10.07
C4 NAG E . 9.84 45.53 9.05
C5 NAG E . 9.05 45.16 7.79
C6 NAG E . 9.18 46.16 6.68
C7 NAG E . 11.11 41.24 10.78
C8 NAG E . 12.44 41.57 10.18
N2 NAG E . 10.08 41.99 10.38
O3 NAG E . 10.68 44.69 11.16
O4 NAG E . 9.26 46.71 9.62
O5 NAG E . 9.51 43.90 7.28
O6 NAG E . 10.53 46.59 6.54
O7 NAG E . 10.98 40.32 11.59
C1 BMA E . 10.26 47.73 9.77
C2 BMA E . 9.54 49.09 9.73
C3 BMA E . 10.52 50.23 10.06
C4 BMA E . 11.34 49.93 11.31
C5 BMA E . 12.02 48.55 11.17
C6 BMA E . 12.82 48.16 12.39
O2 BMA E . 8.51 49.14 10.70
O3 BMA E . 9.84 51.47 10.22
O4 BMA E . 12.32 50.93 11.50
O5 BMA E . 11.00 47.57 10.97
O6 BMA E . 13.41 46.89 12.15
C1 NAG F . -6.05 -2.57 91.46
C2 NAG F . -5.03 -3.71 91.37
C3 NAG F . -5.66 -5.01 91.85
C4 NAG F . -6.27 -4.84 93.23
C5 NAG F . -7.22 -3.66 93.24
C6 NAG F . -7.77 -3.35 94.62
C7 NAG F . -3.46 -3.16 89.57
C8 NAG F . -3.06 -3.43 88.14
N2 NAG F . -4.52 -3.85 90.02
O3 NAG F . -4.67 -6.03 91.86
O4 NAG F . -6.98 -6.01 93.60
O5 NAG F . -6.55 -2.48 92.79
O6 NAG F . -8.01 -1.96 94.78
O7 NAG F . -2.85 -2.37 90.27
C1 BMA F . -6.22 -6.73 94.60
C2 BMA F . -7.21 -7.58 95.44
C3 BMA F . -6.45 -8.50 96.40
C4 BMA F . -5.33 -9.27 95.67
C5 BMA F . -4.42 -8.29 94.92
C6 BMA F . -3.32 -8.98 94.15
O2 BMA F . -8.00 -8.41 94.62
O3 BMA F . -7.32 -9.40 97.06
O4 BMA F . -4.56 -10.00 96.60
O5 BMA F . -5.24 -7.56 93.99
O6 BMA F . -2.48 -7.98 93.57
C1 NAG G . -8.88 40.46 53.22
C2 NAG G . -8.71 41.85 53.83
C3 NAG G . -8.30 42.85 52.75
C4 NAG G . -7.08 42.35 51.99
C5 NAG G . -7.35 40.96 51.44
C6 NAG G . -6.16 40.34 50.74
C7 NAG G . -10.28 41.91 55.71
C8 NAG G . -11.58 42.47 56.23
N2 NAG G . -9.94 42.29 54.48
O3 NAG G . -8.01 44.11 53.35
O4 NAG G . -6.77 43.24 50.92
O5 NAG G . -7.70 40.08 52.52
O6 NAG G . -6.21 40.54 49.34
O7 NAG G . -9.58 41.16 56.39
C1 BMA G . -5.45 43.81 51.14
C2 BMA G . -4.58 43.49 49.91
C3 BMA G . -3.21 44.16 50.05
C4 BMA G . -3.36 45.65 50.41
C5 BMA G . -4.27 45.81 51.64
C6 BMA G . -4.50 47.26 52.02
O2 BMA G . -5.17 43.99 48.72
O3 BMA G . -2.43 44.02 48.87
O4 BMA G . -2.09 46.22 50.67
O5 BMA G . -5.54 45.21 51.35
O6 BMA G . -5.41 47.29 53.11
C1 NAG H . -0.52 25.89 67.60
C2 NAG H . 0.09 26.72 68.74
C3 NAG H . -0.05 28.21 68.44
C4 NAG H . 0.53 28.54 67.07
C5 NAG H . -0.11 27.64 66.01
C6 NAG H . 0.49 27.83 64.63
C7 NAG H . 0.02 25.54 70.89
C8 NAG H . -0.75 25.32 72.15
N2 NAG H . -0.53 26.39 70.02
O3 NAG H . 0.63 28.95 69.44
O4 NAG H . 0.27 29.90 66.75
O5 NAG H . 0.08 26.26 66.36
O6 NAG H . 0.14 26.76 63.77
O7 NAG H . 1.08 24.96 70.66
C1 BMA H . 1.52 30.62 66.71
C2 BMA H . 1.58 31.40 65.38
C3 BMA H . 2.81 32.33 65.36
C4 BMA H . 2.89 33.16 66.64
C5 BMA H . 2.86 32.24 67.87
C6 BMA H . 2.93 32.98 69.18
O2 BMA H . 0.44 32.22 65.21
O3 BMA H . 2.78 33.19 64.23
O4 BMA H . 4.11 33.91 66.66
O5 BMA H . 1.63 31.50 67.83
O6 BMA H . 3.21 32.04 70.21
C1 NAG I . -0.20 15.21 85.83
C2 NAG I . 1.02 15.98 85.41
C3 NAG I . 1.22 17.13 86.39
C4 NAG I . -0.06 17.91 86.65
C5 NAG I . -1.33 17.04 86.70
C6 NAG I . -2.59 17.83 86.49
C7 NAG I . 2.95 15.00 84.28
C8 NAG I . 4.13 14.07 84.40
N2 NAG I . 2.19 15.13 85.37
O3 NAG I . 2.23 18.01 85.87
O4 NAG I . 0.05 18.48 87.95
O5 NAG I . -1.32 16.01 85.70
O6 NAG I . -3.35 17.92 87.69
O7 NAG I . 2.70 15.59 83.23
C1 BMA I . 0.06 19.92 87.98
C2 BMA I . -1.22 20.34 88.76
C3 BMA I . -1.12 21.78 89.29
C4 BMA I . 0.24 22.05 89.92
C5 BMA I . 1.33 21.76 88.89
C6 BMA I . 2.72 22.06 89.41
O2 BMA I . -1.40 19.50 89.89
O3 BMA I . -2.15 22.06 90.23
O4 BMA I . 0.33 23.41 90.34
O5 BMA I . 1.26 20.36 88.57
O6 BMA I . 3.66 21.71 88.40
C1 NAG J . -31.91 2.52 -38.07
C2 NAG J . -33.23 3.16 -38.50
C3 NAG J . -34.36 2.14 -38.42
C4 NAG J . -34.00 0.87 -39.20
C5 NAG J . -32.63 0.35 -38.76
C6 NAG J . -32.15 -0.82 -39.61
C7 NAG J . -33.53 5.57 -38.15
C8 NAG J . -33.88 6.65 -37.17
N2 NAG J . -33.54 4.32 -37.68
O3 NAG J . -35.55 2.71 -38.94
O4 NAG J . -34.97 -0.13 -38.95
O5 NAG J . -31.64 1.38 -38.89
O6 NAG J . -32.90 -1.99 -39.35
O7 NAG J . -33.24 5.83 -39.31
C1 BMA J . -35.78 -0.37 -40.12
C2 BMA J . -36.96 -1.28 -39.69
C3 BMA J . -37.99 -1.40 -40.83
C4 BMA J . -38.34 -0.02 -41.41
C5 BMA J . -37.06 0.70 -41.84
C6 BMA J . -37.32 2.07 -42.43
O2 BMA J . -37.63 -0.74 -38.57
O3 BMA J . -39.17 -2.05 -40.38
O4 BMA J . -39.21 -0.17 -42.53
O5 BMA J . -36.23 0.86 -40.68
O6 BMA J . -36.08 2.59 -42.92
C1 NAG K . 11.10 -35.46 20.88
C2 NAG K . 10.55 -36.35 22.01
C3 NAG K . 11.60 -36.51 23.11
C4 NAG K . 12.91 -37.01 22.52
C5 NAG K . 13.36 -36.10 21.37
C6 NAG K . 14.59 -36.61 20.66
C7 NAG K . 8.11 -36.33 22.33
C8 NAG K . 8.08 -37.55 21.47
N2 NAG K . 9.32 -35.80 22.56
O3 NAG K . 11.12 -37.44 24.08
O4 NAG K . 13.92 -37.01 23.53
O5 NAG K . 12.31 -36.03 20.39
O6 NAG K . 14.33 -37.82 19.96
O7 NAG K . 7.09 -35.84 22.81
C1 BMA K . 14.37 -38.37 23.74
C2 BMA K . 15.80 -38.31 24.35
C3 BMA K . 16.27 -39.72 24.69
C4 BMA K . 15.22 -40.50 25.50
C5 BMA K . 13.85 -40.46 24.78
C6 BMA K . 12.75 -41.14 25.55
O2 BMA K . 15.78 -37.57 25.57
O3 BMA K . 17.51 -39.70 25.41
O4 BMA K . 15.62 -41.86 25.64
O5 BMA K . 13.49 -39.08 24.60
O6 BMA K . 11.52 -40.91 24.88
C1 NAG L . -50.35 3.37 82.27
C2 NAG L . -51.65 3.18 81.48
C3 NAG L . -52.55 4.40 81.68
C4 NAG L . -52.77 4.68 83.15
C5 NAG L . -51.43 4.80 83.88
C6 NAG L . -51.57 4.94 85.37
C7 NAG L . -51.24 1.74 79.54
C8 NAG L . -50.97 1.69 78.07
N2 NAG L . -51.38 2.95 80.08
O3 NAG L . -53.80 4.17 81.03
O4 NAG L . -53.49 5.89 83.32
O5 NAG L . -50.65 3.61 83.65
O6 NAG L . -50.91 6.10 85.84
O7 NAG L . -51.33 0.72 80.23
C1 BMA L . -54.81 5.61 83.83
C2 BMA L . -55.50 6.96 84.18
C3 BMA L . -56.96 6.70 84.58
C4 BMA L . -57.68 5.80 83.59
C5 BMA L . -56.88 4.51 83.37
C6 BMA L . -57.51 3.58 82.34
O2 BMA L . -55.54 7.80 83.04
O3 BMA L . -57.67 7.93 84.74
O4 BMA L . -58.98 5.47 84.07
O5 BMA L . -55.57 4.87 82.90
O6 BMA L . -56.58 2.54 82.04
C1 NAG M . 0.47 -16.19 63.18
C2 NAG M . 1.18 -17.10 64.20
C3 NAG M . 2.25 -17.94 63.52
C4 NAG M . 1.67 -18.69 62.33
C5 NAG M . 1.00 -17.70 61.38
C6 NAG M . 0.31 -18.37 60.21
C7 NAG M . 1.08 -16.05 66.42
C8 NAG M . 1.83 -15.24 67.43
N2 NAG M . 1.75 -16.32 65.29
O3 NAG M . 2.81 -18.86 64.45
O4 NAG M . 2.69 -19.39 61.64
O5 NAG M . -0.02 -16.98 62.09
O6 NAG M . 1.20 -18.52 59.11
O7 NAG M . -0.05 -16.45 66.62
C1 BMA M . 2.49 -20.81 61.86
C2 BMA M . 2.17 -21.48 60.50
C3 BMA M . 2.02 -22.99 60.69
C4 BMA M . 3.22 -23.58 61.47
C5 BMA M . 3.45 -22.79 62.77
C6 BMA M . 4.66 -23.26 63.54
O2 BMA M . 3.23 -21.29 59.58
O3 BMA M . 1.86 -23.67 59.45
O4 BMA M . 2.95 -24.94 61.79
O5 BMA M . 3.63 -21.41 62.44
O6 BMA M . 5.00 -22.27 64.50
C1 NAG N . -20.45 -16.10 69.73
C2 NAG N . -20.41 -17.01 70.96
C3 NAG N . -19.02 -17.61 71.13
C4 NAG N . -18.57 -18.29 69.84
C5 NAG N . -18.67 -17.32 68.67
C6 NAG N . -18.35 -17.96 67.34
C7 NAG N . -21.99 -16.51 72.78
C8 NAG N . -22.24 -15.69 74.00
N2 NAG N . -20.81 -16.29 72.16
O3 NAG N . -19.03 -18.53 72.20
O4 NAG N . -17.23 -18.75 69.97
O5 NAG N . -20.01 -16.81 68.57
O6 NAG N . -18.21 -16.98 66.31
O7 NAG N . -22.80 -17.33 72.36
C1 BMA N . -17.24 -20.19 70.04
C2 BMA N . -16.09 -20.74 69.17
C3 BMA N . -16.01 -22.26 69.33
C4 BMA N . -16.00 -22.68 70.81
C5 BMA N . -17.19 -22.05 71.54
C6 BMA N . -17.21 -22.37 73.02
O2 BMA N . -14.84 -20.21 69.60
O3 BMA N . -14.86 -22.78 68.67
O4 BMA N . -16.06 -24.09 70.91
O5 BMA N . -17.11 -20.63 71.40
O6 BMA N . -18.30 -21.68 73.61
C1 NAG O . -36.22 -10.60 82.50
C2 NAG O . -36.06 -12.07 82.23
C3 NAG O . -35.57 -12.76 83.49
C4 NAG O . -34.41 -12.01 84.15
C5 NAG O . -34.49 -10.49 84.04
C6 NAG O . -33.16 -9.80 84.23
C7 NAG O . -37.41 -13.32 80.60
C8 NAG O . -38.76 -13.87 80.28
N2 NAG O . -37.30 -12.67 81.77
O3 NAG O . -35.17 -14.09 83.18
O4 NAG O . -34.47 -12.28 85.55
O5 NAG O . -34.98 -10.05 82.76
O6 NAG O . -33.11 -9.08 85.45
O7 NAG O . -36.45 -13.46 79.84
C1 BMA O . -33.32 -12.97 86.08
C2 BMA O . -32.68 -12.01 87.10
C3 BMA O . -31.69 -12.74 88.02
C4 BMA O . -32.28 -14.04 88.54
C5 BMA O . -32.71 -14.91 87.36
C6 BMA O . -33.29 -16.24 87.80
O2 BMA O . -33.68 -11.45 87.95
O3 BMA O . -31.28 -11.91 89.10
O4 BMA O . -31.32 -14.73 89.32
O5 BMA O . -33.72 -14.20 86.64
O6 BMA O . -33.99 -16.81 86.70
C1 NAG P . 15.39 17.24 -31.81
C2 NAG P . 16.76 17.87 -32.09
C3 NAG P . 16.61 19.38 -32.25
C4 NAG P . 15.53 19.72 -33.28
C5 NAG P . 14.23 18.97 -32.97
C6 NAG P . 13.18 19.15 -34.03
C7 NAG P . 18.63 16.60 -31.16
C8 NAG P . 19.55 16.42 -29.97
N2 NAG P . 17.71 17.56 -31.05
O3 NAG P . 17.86 19.94 -32.65
O4 NAG P . 15.26 21.12 -33.24
O5 NAG P . 14.49 17.57 -32.85
O6 NAG P . 12.65 20.46 -34.03
O7 NAG P . 18.75 15.92 -32.18
C1 BMA P . 15.69 21.75 -34.46
C2 BMA P . 15.15 23.20 -34.45
C3 BMA P . 15.72 23.99 -35.63
C4 BMA P . 17.24 23.81 -35.75
C5 BMA P . 17.59 22.32 -35.79
C6 BMA P . 19.08 22.06 -35.87
O2 BMA P . 15.57 23.88 -33.27
O3 BMA P . 15.40 25.38 -35.53
O4 BMA P . 17.72 24.45 -36.93
O5 BMA P . 17.10 21.72 -34.59
O6 BMA P . 19.29 20.67 -36.02
C1 NAG Q . -57.16 0.41 2.75
C2 NAG Q . -58.00 1.49 3.40
C3 NAG Q . -59.06 0.85 4.31
C4 NAG Q . -59.86 -0.19 3.54
C5 NAG Q . -58.94 -1.19 2.85
C6 NAG Q . -59.66 -2.15 1.95
C7 NAG Q . -57.11 3.72 3.88
C8 NAG Q . -57.94 4.21 2.74
N2 NAG Q . -57.18 2.42 4.16
O3 NAG Q . -59.93 1.87 4.80
O4 NAG Q . -60.71 -0.89 4.45
O5 NAG Q . -57.99 -0.50 2.02
O6 NAG Q . -60.59 -1.48 1.10
O7 NAG Q . -56.40 4.48 4.54
C1 BMA Q . -62.09 -0.70 4.08
C2 BMA Q . -62.82 -2.04 4.28
C3 BMA Q . -64.32 -1.87 4.04
C4 BMA Q . -64.88 -0.67 4.83
C5 BMA Q . -64.06 0.59 4.52
C6 BMA Q . -64.53 1.81 5.29
O2 BMA Q . -62.66 -2.52 5.61
O3 BMA Q . -65.04 -3.05 4.38
O4 BMA Q . -66.24 -0.46 4.48
O5 BMA Q . -62.69 0.32 4.87
O6 BMA Q . -63.83 2.94 4.79
C1 NAG R . -21.83 39.07 82.25
C2 NAG R . -21.35 40.44 81.77
C3 NAG R . -20.01 40.77 82.39
C4 NAG R . -20.07 40.65 83.90
C5 NAG R . -20.63 39.29 84.31
C6 NAG R . -20.86 39.15 85.79
C7 NAG R . -22.27 40.94 79.54
C8 NAG R . -22.02 40.92 78.07
N2 NAG R . -21.28 40.48 80.32
O3 NAG R . -19.64 42.09 82.01
O4 NAG R . -18.78 40.80 84.47
O5 NAG R . -21.90 39.06 83.67
O6 NAG R . -22.08 38.48 86.08
O7 NAG R . -23.33 41.36 80.02
C1 BMA R . -18.63 42.14 85.00
C2 BMA R . -17.84 42.05 86.33
C3 BMA R . -17.49 43.46 86.82
C4 BMA R . -16.89 44.33 85.71
C5 BMA R . -17.81 44.33 84.48
C6 BMA R . -17.26 45.12 83.32
O2 BMA R . -16.60 41.38 86.13
O3 BMA R . -16.62 43.42 87.94
O4 BMA R . -16.72 45.66 86.17
O5 BMA R . -17.98 42.97 84.05
O6 BMA R . -17.93 44.72 82.14
C1 NAG S . -53.12 2.63 50.47
C2 NAG S . -54.55 2.56 51.02
C3 NAG S . -55.49 1.94 49.98
C4 NAG S . -55.39 2.67 48.65
C5 NAG S . -53.94 2.70 48.20
C6 NAG S . -53.71 3.49 46.92
C7 NAG S . -54.39 2.37 53.46
C8 NAG S . -54.47 1.45 54.63
N2 NAG S . -54.60 1.82 52.25
O3 NAG S . -56.84 2.00 50.47
O4 NAG S . -56.19 2.03 47.67
O5 NAG S . -53.12 3.32 49.21
O6 NAG S . -53.80 2.66 45.78
O7 NAG S . -54.15 3.58 53.58
C1 BMA S . -57.29 2.88 47.33
C2 BMA S . -57.13 3.36 45.85
C3 BMA S . -58.35 4.16 45.42
C4 BMA S . -59.65 3.40 45.72
C5 BMA S . -59.69 3.01 47.20
C6 BMA S . -60.93 2.22 47.58
O2 BMA S . -57.02 2.25 44.98
O3 BMA S . -58.29 4.48 44.04
O4 BMA S . -60.77 4.21 45.41
O5 BMA S . -58.54 2.20 47.50
O6 BMA S . -61.03 2.21 49.00
C1 NAG T . -46.20 21.43 59.58
C2 NAG T . -47.36 21.72 60.54
C3 NAG T . -48.52 20.75 60.28
C4 NAG T . -48.92 20.80 58.81
C5 NAG T . -47.70 20.53 57.93
C6 NAG T . -48.00 20.64 56.46
C7 NAG T . -46.46 22.67 62.61
C8 NAG T . -46.05 22.39 64.03
N2 NAG T . -46.93 21.62 61.93
O3 NAG T . -49.63 21.11 61.10
O4 NAG T . -49.92 19.82 58.55
O5 NAG T . -46.67 21.48 58.22
O6 NAG T . -46.91 20.17 55.67
O7 NAG T . -46.35 23.78 62.11
C1 BMA T . -51.15 20.49 58.17
C2 BMA T . -51.76 19.73 56.96
C3 BMA T . -53.12 20.30 56.60
C4 BMA T . -54.02 20.43 57.85
C5 BMA T . -53.29 21.24 58.93
C6 BMA T . -54.10 21.38 60.21
O2 BMA T . -51.95 18.36 57.27
O3 BMA T . -53.79 19.51 55.61
O4 BMA T . -55.24 21.09 57.51
O5 BMA T . -52.07 20.54 59.25
O6 BMA T . -53.44 22.33 61.04
C1 NAG U . -39.67 33.23 75.25
C2 NAG U . -40.82 33.76 74.43
C3 NAG U . -42.09 33.69 75.27
C4 NAG U . -42.21 32.40 76.07
C5 NAG U . -40.90 31.67 76.41
C6 NAG U . -41.07 30.18 76.52
C7 NAG U . -41.05 35.62 72.85
C8 NAG U . -40.69 37.04 72.55
N2 NAG U . -40.56 35.11 73.99
O3 NAG U . -43.22 33.84 74.40
O4 NAG U . -42.76 32.76 77.34
O5 NAG U . -39.86 31.90 75.45
O6 NAG U . -40.60 29.69 77.78
O7 NAG U . -41.76 34.96 72.10
C1 BMA U . -44.05 32.24 77.63
C2 BMA U . -43.90 31.33 78.87
C3 BMA U . -45.22 31.09 79.59
C4 BMA U . -46.03 32.39 79.72
C5 BMA U . -46.23 32.98 78.33
C6 BMA U . -47.07 34.24 78.36
O2 BMA U . -43.02 31.94 79.82
O3 BMA U . -45.02 30.53 80.88
O4 BMA U . -47.28 32.12 80.33
O5 BMA U . -44.95 33.31 77.81
O6 BMA U . -47.04 34.82 77.07
ZN ZN V . 58.44 -18.30 -58.67
CL CL W . 70.10 -17.02 -79.38
C1 NAG X . 57.87 -38.70 -47.38
C2 NAG X . 56.39 -38.86 -47.76
C3 NAG X . 55.94 -40.30 -47.59
C4 NAG X . 56.87 -41.24 -48.34
C5 NAG X . 58.32 -41.00 -47.92
C6 NAG X . 59.31 -41.84 -48.69
C7 NAG X . 54.82 -36.99 -47.52
C8 NAG X . 54.01 -36.17 -46.55
N2 NAG X . 55.56 -37.96 -46.97
O3 NAG X . 54.61 -40.44 -48.07
O4 NAG X . 56.52 -42.60 -48.06
O5 NAG X . 58.66 -39.63 -48.14
O6 NAG X . 60.63 -41.68 -48.19
O7 NAG X . 54.78 -36.79 -48.73
C1 NAG Y . 26.02 -12.04 -62.56
C2 NAG Y . 24.61 -11.83 -62.02
C3 NAG Y . 24.67 -11.23 -60.62
C4 NAG Y . 25.54 -12.08 -59.71
C5 NAG Y . 26.91 -12.29 -60.35
C6 NAG Y . 27.81 -13.21 -59.56
C7 NAG Y . 22.84 -11.43 -63.68
C8 NAG Y . 22.15 -10.41 -64.53
N2 NAG Y . 23.84 -10.97 -62.90
O3 NAG Y . 23.35 -11.13 -60.08
O4 NAG Y . 25.70 -11.45 -58.45
O5 NAG Y . 26.76 -12.86 -61.66
O6 NAG Y . 27.26 -14.52 -59.48
O7 NAG Y . 22.53 -12.62 -63.70
C1 NAG Z . 80.32 -8.47 -38.04
C2 NAG Z . 81.02 -7.42 -37.14
C3 NAG Z . 81.87 -8.04 -36.03
C4 NAG Z . 82.74 -9.20 -36.50
C5 NAG Z . 81.98 -10.19 -37.37
C6 NAG Z . 80.99 -11.05 -36.60
C7 NAG Z . 82.66 -6.62 -38.86
C8 NAG Z . 83.27 -5.39 -39.47
N2 NAG Z . 81.75 -6.40 -37.89
O3 NAG Z . 81.03 -8.44 -34.95
O4 NAG Z . 83.87 -8.72 -37.21
O5 NAG Z . 81.26 -9.52 -38.41
O6 NAG Z . 80.16 -11.79 -37.48
O7 NAG Z . 82.99 -7.74 -39.21
C1 NAG AA . 78.85 11.97 -56.29
C2 NAG AA . 79.43 13.25 -56.88
C3 NAG AA . 80.90 13.41 -56.48
C4 NAG AA . 81.05 13.30 -54.97
C5 NAG AA . 80.40 12.02 -54.46
C6 NAG AA . 80.41 11.90 -52.95
C7 NAG AA . 79.82 12.39 -59.18
C8 NAG AA . 79.54 12.62 -60.63
N2 NAG AA . 79.28 13.29 -58.34
O3 NAG AA . 81.37 14.67 -56.93
O4 NAG AA . 82.43 13.31 -54.62
O5 NAG AA . 79.02 11.97 -54.87
O6 NAG AA . 80.77 10.59 -52.54
O7 NAG AA . 80.49 11.44 -58.78
C1 NAG BA . 57.75 2.37 -40.64
C2 NAG BA . 59.24 2.48 -40.93
C3 NAG BA . 60.03 1.64 -39.93
C4 NAG BA . 59.66 2.02 -38.50
C5 NAG BA . 58.15 1.94 -38.32
C6 NAG BA . 57.70 2.43 -36.96
C7 NAG BA . 60.22 2.82 -43.17
C8 NAG BA . 60.66 4.17 -42.67
N2 NAG BA . 59.54 2.06 -42.29
O3 NAG BA . 61.42 1.84 -40.14
O4 NAG BA . 60.29 1.13 -37.58
O5 NAG BA . 57.49 2.78 -39.29
O6 NAG BA . 58.78 2.93 -36.20
O7 NAG BA . 60.45 2.45 -44.31
C1 NAG CA . 29.49 39.88 -20.83
C2 NAG CA . 30.00 40.57 -22.09
C3 NAG CA . 28.85 41.22 -22.86
C4 NAG CA . 27.74 40.19 -23.12
C5 NAG CA . 27.33 39.52 -21.80
C6 NAG CA . 26.34 38.41 -22.01
C7 NAG CA . 30.86 42.63 -21.02
C8 NAG CA . 32.05 43.51 -20.84
N2 NAG CA . 31.04 41.55 -21.80
O3 NAG CA . 29.32 41.75 -24.08
O4 NAG CA . 26.61 40.84 -23.69
O5 NAG CA . 28.48 38.93 -21.17
O6 NAG CA . 25.99 38.26 -23.38
O7 NAG CA . 29.78 42.87 -20.47
C1 NAG DA . 36.03 15.22 9.47
C2 NAG DA . 35.36 14.46 10.61
C3 NAG DA . 36.33 14.28 11.77
C4 NAG DA . 37.63 13.64 11.28
C5 NAG DA . 38.20 14.43 10.11
C6 NAG DA . 39.42 13.79 9.49
C7 NAG DA . 32.96 14.56 11.10
C8 NAG DA . 31.83 15.41 11.58
N2 NAG DA . 34.16 15.14 11.06
O3 NAG DA . 35.74 13.46 12.77
O4 NAG DA . 38.58 13.61 12.34
O5 NAG DA . 37.22 14.54 9.06
O6 NAG DA . 39.64 14.25 8.17
O7 NAG DA . 32.79 13.39 10.75
C1 NAG EA . 28.45 15.59 -30.16
C2 NAG EA . 29.38 15.01 -31.22
C3 NAG EA . 28.72 13.82 -31.90
C4 NAG EA . 28.25 12.80 -30.87
C5 NAG EA . 27.37 13.48 -29.83
C6 NAG EA . 26.97 12.56 -28.70
C7 NAG EA . 30.99 16.55 -32.24
C8 NAG EA . 31.97 16.07 -31.22
N2 NAG EA . 29.78 16.01 -32.19
O3 NAG EA . 29.65 13.21 -32.79
O4 NAG EA . 27.52 11.76 -31.51
O5 NAG EA . 28.06 14.58 -29.24
O6 NAG EA . 27.73 11.35 -28.73
O7 NAG EA . 31.30 17.40 -33.08
C1 NAG FA . 25.42 8.75 -15.30
C2 NAG FA . 24.69 7.44 -15.55
C3 NAG FA . 25.02 6.44 -14.45
C4 NAG FA . 26.52 6.29 -14.28
C5 NAG FA . 27.18 7.65 -14.10
C6 NAG FA . 28.68 7.59 -14.07
C7 NAG FA . 22.64 7.93 -16.80
C8 NAG FA . 21.14 8.12 -16.72
N2 NAG FA . 23.25 7.64 -15.66
O3 NAG FA . 24.43 5.18 -14.76
O4 NAG FA . 26.81 5.48 -13.15
O5 NAG FA . 26.83 8.52 -15.20
O6 NAG FA . 29.26 8.50 -15.00
O7 NAG FA . 23.25 8.06 -17.87
C1 NAG GA . 25.88 -30.42 -1.21
C2 NAG GA . 26.19 -31.62 -0.32
C3 NAG GA . 27.70 -31.74 -0.10
C4 NAG GA . 28.42 -31.77 -1.44
C5 NAG GA . 28.01 -30.57 -2.29
C6 NAG GA . 28.60 -30.60 -3.69
C7 NAG GA . 24.27 -32.03 1.16
C8 NAG GA . 23.72 -31.85 2.54
N2 NAG GA . 25.50 -31.53 0.95
O3 NAG GA . 27.99 -32.92 0.64
O4 NAG GA . 29.83 -31.74 -1.23
O5 NAG GA . 26.58 -30.54 -2.44
O6 NAG GA . 28.76 -31.94 -4.15
O7 NAG GA . 23.65 -32.60 0.27
C1 NAG HA . 21.00 -9.67 28.97
C2 NAG HA . 21.36 -11.15 29.01
C3 NAG HA . 22.86 -11.33 28.91
C4 NAG HA . 23.57 -10.59 30.04
C5 NAG HA . 23.07 -9.15 30.25
C6 NAG HA . 23.76 -8.13 29.36
C7 NAG HA . 19.57 -12.06 30.44
C8 NAG HA . 19.24 -12.69 31.76
N2 NAG HA . 20.86 -11.77 30.24
O3 NAG HA . 23.30 -10.83 27.65
O4 NAG HA . 23.40 -11.30 31.26
O5 NAG HA . 21.65 -8.99 30.06
O6 NAG HA . 23.87 -8.55 28.01
O7 NAG HA . 18.71 -11.84 29.59
C1 NAG IA . 26.81 3.39 45.45
C2 NAG IA . 26.30 2.35 46.45
C3 NAG IA . 26.92 0.98 46.16
C4 NAG IA . 26.69 0.60 44.70
C5 NAG IA . 27.19 1.69 43.78
C6 NAG IA . 26.90 1.43 42.32
C7 NAG IA . 25.66 2.76 48.78
C8 NAG IA . 26.13 3.20 50.14
N2 NAG IA . 26.58 2.75 47.82
O3 NAG IA . 26.35 0.00 47.01
O4 NAG IA . 27.37 -0.61 44.40
O5 NAG IA . 26.55 2.93 44.10
O6 NAG IA . 25.78 2.18 41.86
O7 NAG IA . 24.50 2.42 48.57
C1 NAG JA . 3.04 -6.27 74.95
C2 NAG JA . 4.56 -6.18 74.95
C3 NAG JA . 5.16 -7.50 74.48
C4 NAG JA . 4.62 -8.65 75.33
C5 NAG JA . 3.09 -8.64 75.33
C6 NAG JA . 2.49 -9.67 76.25
C7 NAG JA . 5.25 -3.86 74.57
C8 NAG JA . 5.73 -2.86 73.56
N2 NAG JA . 5.02 -5.09 74.11
O3 NAG JA . 6.57 -7.45 74.60
O4 NAG JA . 5.08 -9.90 74.80
O5 NAG JA . 2.62 -7.36 75.78
O6 NAG JA . 2.08 -9.10 77.48
O7 NAG JA . 5.08 -3.56 75.75
C1 NAG KA . 7.22 8.27 71.10
C2 NAG KA . 7.80 9.56 70.49
C3 NAG KA . 8.87 9.20 69.44
C4 NAG KA . 9.93 8.30 70.06
C5 NAG KA . 9.27 7.07 70.66
C6 NAG KA . 10.25 6.16 71.37
C7 NAG KA . 6.67 11.69 70.06
C8 NAG KA . 7.70 12.32 70.95
N2 NAG KA . 6.76 10.38 69.89
O3 NAG KA . 9.48 10.40 68.97
O4 NAG KA . 10.87 7.90 69.06
O5 NAG KA . 8.29 7.46 71.62
O6 NAG KA . 11.59 6.45 71.01
O7 NAG KA . 5.78 12.36 69.54
C1 NAG LA . 19.37 -35.46 -33.23
C2 NAG LA . 18.94 -35.98 -34.60
C3 NAG LA . 19.31 -37.46 -34.74
C4 NAG LA . 20.78 -37.67 -34.44
C5 NAG LA . 21.14 -37.06 -33.08
C6 NAG LA . 22.61 -37.13 -32.77
C7 NAG LA . 16.99 -35.27 -35.92
C8 NAG LA . 17.96 -34.88 -36.99
N2 NAG LA . 17.51 -35.79 -34.80
O3 NAG LA . 19.01 -37.90 -36.06
O4 NAG LA . 21.09 -39.06 -34.43
O5 NAG LA . 20.77 -35.68 -33.05
O6 NAG LA . 23.41 -36.90 -33.93
O7 NAG LA . 15.77 -35.13 -36.06
C1 NAG MA . 34.38 -34.72 -24.44
C2 NAG MA . 35.47 -33.70 -24.10
C3 NAG MA . 36.79 -34.41 -23.79
C4 NAG MA . 36.58 -35.46 -22.71
C5 NAG MA . 35.46 -36.42 -23.11
C6 NAG MA . 35.13 -37.42 -22.04
C7 NAG MA . 35.87 -31.44 -24.97
C8 NAG MA . 36.02 -30.60 -26.21
N2 NAG MA . 35.65 -32.74 -25.18
O3 NAG MA . 37.75 -33.45 -23.36
O4 NAG MA . 37.79 -36.20 -22.52
O5 NAG MA . 34.27 -35.68 -23.37
O6 NAG MA . 33.77 -37.35 -21.65
O7 NAG MA . 35.92 -30.96 -23.85
C1 NAG NA . 10.82 -52.31 -11.01
C2 NAG NA . 11.61 -53.25 -11.90
C3 NAG NA . 12.81 -52.54 -12.51
C4 NAG NA . 12.35 -51.26 -13.23
C5 NAG NA . 11.53 -50.40 -12.28
C6 NAG NA . 10.94 -49.18 -12.96
C7 NAG NA . 12.86 -54.43 -10.11
C8 NAG NA . 13.18 -55.77 -9.51
N2 NAG NA . 12.05 -54.44 -11.17
O3 NAG NA . 13.47 -53.39 -13.44
O4 NAG NA . 13.47 -50.53 -13.69
O5 NAG NA . 10.42 -51.16 -11.76
O6 NAG NA . 11.90 -48.53 -13.77
O7 NAG NA . 13.31 -53.38 -9.64
C1 NAG OA . -22.62 -45.15 6.06
C2 NAG OA . -23.61 -44.50 7.02
C3 NAG OA . -24.24 -45.57 7.92
C4 NAG OA . -24.84 -46.68 7.08
C5 NAG OA . -23.80 -47.23 6.10
C6 NAG OA . -24.36 -48.27 5.15
C7 NAG OA . -23.58 -42.35 8.19
C8 NAG OA . -22.77 -41.40 9.01
N2 NAG OA . -22.97 -43.48 7.82
O3 NAG OA . -25.25 -44.97 8.73
O4 NAG OA . -25.28 -47.74 7.92
O5 NAG OA . -23.28 -46.17 5.30
O6 NAG OA . -25.17 -47.67 4.15
O7 NAG OA . -24.75 -42.11 7.88
C1 NAG PA . -0.77 -38.20 -30.50
C2 NAG PA . -1.47 -39.52 -30.93
C3 NAG PA . -2.39 -39.28 -32.12
C4 NAG PA . -3.41 -38.19 -31.79
C5 NAG PA . -2.66 -36.90 -31.44
C6 NAG PA . -3.59 -35.79 -31.04
C7 NAG PA . -0.77 -41.87 -31.09
C8 NAG PA . 0.33 -42.81 -31.48
N2 NAG PA . -0.52 -40.57 -31.26
O3 NAG PA . -3.06 -40.46 -32.50
O4 NAG PA . -4.27 -37.97 -32.90
O5 NAG PA . -1.78 -37.13 -30.33
O6 NAG PA . -4.83 -35.89 -31.73
O7 NAG PA . -1.83 -42.27 -30.63
C1 NAG QA . -13.44 -34.23 -17.32
C2 NAG QA . -14.21 -35.52 -17.54
C3 NAG QA . -15.71 -35.25 -17.51
C4 NAG QA . -16.10 -34.53 -16.24
C5 NAG QA . -15.25 -33.27 -16.06
C6 NAG QA . -15.50 -32.57 -14.74
C7 NAG QA . -13.83 -37.46 -19.00
C8 NAG QA . -13.40 -37.93 -20.35
N2 NAG QA . -13.82 -36.15 -18.79
O3 NAG QA . -16.43 -36.48 -17.61
O4 NAG QA . -17.47 -34.15 -16.28
O5 NAG QA . -13.85 -33.63 -16.07
O6 NAG QA . -16.86 -32.18 -14.62
O7 NAG QA . -14.16 -38.25 -18.12
C1 NAG RA . -44.00 -19.99 18.13
C2 NAG RA . -45.23 -19.50 17.38
C3 NAG RA . -46.03 -20.70 16.88
C4 NAG RA . -46.44 -21.60 18.04
C5 NAG RA . -45.30 -21.91 19.02
C6 NAG RA . -44.45 -23.10 18.63
C7 NAG RA . -45.95 -17.31 18.21
C8 NAG RA . -46.88 -16.58 19.14
N2 NAG RA . -46.05 -18.65 18.21
O3 NAG RA . -45.26 -21.43 15.94
O4 NAG RA . -47.52 -21.02 18.75
O5 NAG RA . -44.40 -20.79 19.25
O6 NAG RA . -44.09 -23.08 17.26
O7 NAG RA . -45.15 -16.72 17.49
C1 NAG SA . -43.07 -30.28 36.94
C2 NAG SA . -44.09 -29.25 37.43
C3 NAG SA . -45.32 -29.24 36.53
C4 NAG SA . -44.91 -29.04 35.08
C5 NAG SA . -43.86 -30.07 34.67
C6 NAG SA . -43.33 -29.85 33.28
C7 NAG SA . -44.19 -28.67 39.82
C8 NAG SA . -44.66 -29.09 41.18
N2 NAG SA . -44.47 -29.51 38.82
O3 NAG SA . -46.21 -28.20 36.94
O4 NAG SA . -46.04 -29.15 34.23
O5 NAG SA . -42.73 -30.01 35.56
O6 NAG SA . -42.50 -30.93 32.87
O7 NAG SA . -43.60 -27.61 39.64
C1 NAG TA . -50.93 -3.85 64.50
C2 NAG TA . -51.61 -5.19 64.31
C3 NAG TA . -52.82 -5.05 63.38
C4 NAG TA . -53.75 -3.95 63.87
C5 NAG TA . -52.97 -2.66 64.07
C6 NAG TA . -53.80 -1.55 64.66
C7 NAG TA . -49.93 -6.95 64.60
C8 NAG TA . -49.03 -7.94 63.90
N2 NAG TA . -50.69 -6.20 63.81
O3 NAG TA . -53.52 -6.30 63.33
O4 NAG TA . -54.79 -3.74 62.93
O5 NAG TA . -51.87 -2.87 64.96
O6 NAG TA . -53.91 -1.68 66.07
O7 NAG TA . -49.95 -6.84 65.82
C1 NAG UA . -39.33 -14.50 65.55
C2 NAG UA . -38.25 -15.57 65.33
C3 NAG UA . -38.54 -16.37 64.07
C4 NAG UA . -39.93 -16.96 64.12
C5 NAG UA . -40.95 -15.85 64.35
C6 NAG UA . -42.36 -16.36 64.54
C7 NAG UA . -35.91 -15.33 66.06
C8 NAG UA . -36.21 -16.41 67.06
N2 NAG UA . -36.92 -14.97 65.27
O3 NAG UA . -37.57 -17.42 63.94
O4 NAG UA . -40.23 -17.62 62.90
O5 NAG UA . -40.62 -15.13 65.55
O6 NAG UA . -42.43 -17.28 65.63
O7 NAG UA . -34.80 -14.81 65.98
C1 NAG VA . -25.83 -9.28 -44.14
C2 NAG VA . -25.72 -8.58 -45.49
C3 NAG VA . -25.15 -9.55 -46.53
C4 NAG VA . -23.83 -10.13 -46.06
C5 NAG VA . -24.01 -10.77 -44.67
C6 NAG VA . -22.71 -11.26 -44.08
C7 NAG VA . -27.19 -6.82 -46.34
C8 NAG VA . -28.59 -6.45 -46.74
N2 NAG VA . -27.01 -8.08 -45.92
O3 NAG VA . -24.95 -8.85 -47.76
O4 NAG VA . -23.37 -11.12 -46.97
O5 NAG VA . -24.54 -9.79 -43.76
O6 NAG VA . -22.31 -10.47 -42.97
O7 NAG VA . -26.27 -6.01 -46.38
C1 NAG WA . -48.28 -15.30 -20.59
C2 NAG WA . -49.11 -16.00 -19.52
C3 NAG WA . -49.92 -14.99 -18.72
C4 NAG WA . -50.47 -13.87 -19.60
C5 NAG WA . -49.36 -13.21 -20.41
C6 NAG WA . -49.08 -11.79 -19.99
C7 NAG WA . -49.74 -18.33 -20.00
C8 NAG WA . -48.52 -18.73 -19.23
N2 NAG WA . -49.97 -17.01 -20.10
O3 NAG WA . -49.13 -14.44 -17.68
O4 NAG WA . -51.46 -14.39 -20.48
O5 NAG WA . -48.14 -13.93 -20.25
O6 NAG WA . -49.70 -11.49 -18.75
O7 NAG WA . -50.49 -19.16 -20.51
C1 NAG XA . -59.12 7.78 -32.51
C2 NAG XA . -59.96 7.47 -33.75
C3 NAG XA . -59.84 5.99 -34.11
C4 NAG XA . -58.38 5.60 -34.27
C5 NAG XA . -57.58 6.00 -33.03
C6 NAG XA . -56.10 5.77 -33.19
C7 NAG XA . -62.17 7.34 -32.63
C8 NAG XA . -63.57 7.88 -32.61
N2 NAG XA . -61.36 7.85 -33.56
O3 NAG XA . -60.55 5.74 -35.32
O4 NAG XA . -58.26 4.20 -34.48
O5 NAG XA . -57.76 7.40 -32.76
O6 NAG XA . -55.84 4.53 -33.83
O7 NAG XA . -61.78 6.48 -31.83
C1 NAG YA . -45.49 34.35 -8.16
C2 NAG YA . -44.42 34.61 -7.11
C3 NAG YA . -44.61 35.99 -6.48
C4 NAG YA . -44.67 37.06 -7.56
C5 NAG YA . -45.74 36.69 -8.60
C6 NAG YA . -45.78 37.66 -9.77
C7 NAG YA . -43.33 33.23 -5.40
C8 NAG YA . -43.51 32.15 -4.37
N2 NAG YA . -44.42 33.58 -6.08
O3 NAG YA . -43.53 36.26 -5.60
O4 NAG YA . -44.99 38.32 -6.98
O5 NAG YA . -45.47 35.39 -9.13
O6 NAG YA . -45.03 37.16 -10.87
O7 NAG YA . -42.24 33.75 -5.59
C1 NAG ZA . -34.80 10.28 -44.62
C2 NAG ZA . -35.37 11.52 -45.33
C3 NAG ZA . -34.45 11.93 -46.49
C4 NAG ZA . -33.02 12.08 -46.02
C5 NAG ZA . -32.56 10.81 -45.33
C6 NAG ZA . -31.16 10.91 -44.76
C7 NAG ZA . -37.59 12.21 -46.11
C8 NAG ZA . -38.92 11.76 -46.61
N2 NAG ZA . -36.71 11.25 -45.82
O3 NAG ZA . -34.91 13.16 -47.05
O4 NAG ZA . -32.17 12.35 -47.13
O5 NAG ZA . -33.43 10.53 -44.24
O6 NAG ZA . -30.71 12.26 -44.70
O7 NAG ZA . -37.32 13.40 -45.96
C1 NAG AB . -31.20 20.50 -28.36
C2 NAG AB . -31.84 21.82 -28.80
C3 NAG AB . -30.92 22.98 -28.42
C4 NAG AB . -30.57 22.93 -26.94
C5 NAG AB . -30.00 21.55 -26.58
C6 NAG AB . -29.73 21.40 -25.11
C7 NAG AB . -32.97 22.65 -30.81
C8 NAG AB . -33.13 22.49 -32.29
N2 NAG AB . -32.11 21.81 -30.23
O3 NAG AB . -31.57 24.22 -28.72
O4 NAG AB . -29.60 23.92 -26.64
O5 NAG AB . -30.94 20.53 -26.95
O6 NAG AB . -28.54 22.06 -24.72
O7 NAG AB . -33.60 23.49 -30.17
C1 NAG BB . -19.24 41.41 14.05
C2 NAG BB . -17.94 42.10 13.73
C3 NAG BB . -18.19 43.29 12.81
C4 NAG BB . -19.17 44.27 13.43
C5 NAG BB . -20.40 43.61 14.07
C6 NAG BB . -21.56 43.40 13.12
C7 NAG BB . -16.06 42.09 15.31
C8 NAG BB . -15.52 42.64 16.58
N2 NAG BB . -17.27 42.54 14.94
O3 NAG BB . -18.71 42.81 11.57
O4 NAG BB . -18.51 45.06 14.41
O5 NAG BB . -20.14 42.33 14.70
O6 NAG BB . -21.15 42.83 11.89
O7 NAG BB . -15.44 41.27 14.64
C1 NAG CB . -34.82 46.36 27.29
C2 NAG CB . -33.92 46.97 28.37
C3 NAG CB . -32.95 47.97 27.76
C4 NAG CB . -32.16 47.32 26.62
C5 NAG CB . -33.12 46.71 25.61
C6 NAG CB . -32.41 45.95 24.50
C7 NAG CB . -34.92 47.06 30.62
C8 NAG CB . -35.77 47.86 31.56
N2 NAG CB . -34.72 47.61 29.41
O3 NAG CB . -32.05 48.44 28.75
O4 NAG CB . -31.36 48.30 25.98
O5 NAG CB . -33.99 45.76 26.26
O6 NAG CB . -33.16 44.83 24.07
O7 NAG CB . -34.43 45.98 30.93
C1 NAG DB . -20.44 42.02 63.62
C2 NAG DB . -21.10 43.17 62.86
C3 NAG DB . -20.06 44.03 62.18
C4 NAG DB . -19.02 44.50 63.19
C5 NAG DB . -18.44 43.31 63.94
C6 NAG DB . -17.50 43.71 65.05
C7 NAG DB . -23.37 42.55 62.16
C8 NAG DB . -24.22 42.02 61.04
N2 NAG DB . -22.07 42.66 61.90
O3 NAG DB . -20.68 45.15 61.57
O4 NAG DB . -17.97 45.19 62.52
O5 NAG DB . -19.50 42.55 64.56
O6 NAG DB . -17.94 43.23 66.31
O7 NAG DB . -23.85 42.86 63.24
C1 NAG EB . -34.72 37.09 58.98
C2 NAG EB . -36.10 36.85 58.38
C3 NAG EB . -36.16 37.42 56.96
C4 NAG EB . -35.77 38.88 56.96
C5 NAG EB . -34.40 39.05 57.60
C6 NAG EB . -33.98 40.50 57.73
C7 NAG EB . -37.59 34.94 58.84
C8 NAG EB . -38.54 35.95 59.40
N2 NAG EB . -36.43 35.43 58.37
O3 NAG EB . -37.48 37.26 56.44
O4 NAG EB . -35.73 39.37 55.62
O5 NAG EB . -34.39 38.49 58.92
O6 NAG EB . -35.01 41.38 57.31
O7 NAG EB . -37.83 33.74 58.82
C1 NAG FB . 5.02 17.73 -42.16
C2 NAG FB . 5.94 17.26 -43.28
C3 NAG FB . 5.22 17.31 -44.62
C4 NAG FB . 3.92 16.54 -44.55
C5 NAG FB . 3.08 17.02 -43.38
C6 NAG FB . 1.81 16.23 -43.18
C7 NAG FB . 8.38 17.56 -43.14
C8 NAG FB . 9.52 18.53 -43.22
N2 NAG FB . 7.16 18.07 -43.33
O3 NAG FB . 6.06 16.78 -45.64
O4 NAG FB . 3.18 16.70 -45.76
O5 NAG FB . 3.82 16.93 -42.16
O6 NAG FB . 1.92 15.35 -42.06
O7 NAG FB . 8.56 16.36 -42.92
C1 NAG GB . 1.15 41.34 -20.55
C2 NAG GB . 0.50 42.05 -19.36
C3 NAG GB . 1.40 41.99 -18.14
C4 NAG GB . 2.87 42.18 -18.49
C5 NAG GB . 3.32 41.19 -19.56
C6 NAG GB . 4.29 40.16 -19.05
C7 NAG GB . -0.97 44.03 -19.40
C8 NAG GB . -1.98 43.18 -18.67
N2 NAG GB . 0.19 43.43 -19.70
O3 NAG GB . 1.22 40.74 -17.47
O4 NAG GB . 3.09 43.51 -18.96
O5 NAG GB . 2.19 40.47 -20.07
O6 NAG GB . 4.61 40.39 -17.68
O7 NAG GB . -1.21 45.19 -19.70
#